data_2LVM
#
_entry.id   2LVM
#
loop_
_entity.id
_entity.type
_entity.pdbx_description
1 polymer 'Tumor suppressor p53-binding protein 1'
2 polymer 'Histone H4'
#
loop_
_entity_poly.entity_id
_entity_poly.type
_entity_poly.pdbx_seq_one_letter_code
_entity_poly.pdbx_strand_id
1 'polypeptide(L)'
;GHMNSFVGLRVVAKWSSNGYFYSGKITRDVGAGKYKLLFDDGYECDVLGKDILLCDPIPLDTEVTALSEDEYFSAGVVKG
HRKESGELYYSIEKEGQRKWYKRMAVILSLEQGNRLREQYGLG
;
A
2 'polypeptide(L)' GAKRHR(MLY)VLRDNIQ B
#
# COMPACT_ATOMS: atom_id res chain seq x y z
N GLY A 1 8.64 21.81 3.78
CA GLY A 1 9.33 20.51 3.77
C GLY A 1 10.29 20.37 2.57
N HIS A 2 10.56 19.14 2.15
CA HIS A 2 11.43 18.82 1.02
C HIS A 2 10.95 17.50 0.39
N MET A 3 11.16 17.33 -0.91
CA MET A 3 10.78 16.16 -1.70
C MET A 3 11.79 15.99 -2.84
N ASN A 4 11.74 14.85 -3.52
CA ASN A 4 12.46 14.55 -4.75
C ASN A 4 11.49 13.91 -5.73
N SER A 5 11.71 14.12 -7.02
CA SER A 5 10.90 13.58 -8.09
C SER A 5 10.91 12.06 -8.07
N PHE A 6 9.83 11.46 -7.55
CA PHE A 6 9.52 10.03 -7.51
C PHE A 6 10.51 9.21 -6.69
N VAL A 7 11.77 9.15 -7.09
CA VAL A 7 12.76 8.28 -6.48
C VAL A 7 12.95 8.67 -5.01
N GLY A 8 12.68 7.74 -4.10
CA GLY A 8 12.77 7.88 -2.65
C GLY A 8 11.40 7.92 -1.97
N LEU A 9 10.34 8.34 -2.68
CA LEU A 9 9.02 8.56 -2.09
C LEU A 9 8.34 7.25 -1.71
N ARG A 10 7.73 7.21 -0.51
CA ARG A 10 6.82 6.11 -0.13
C ARG A 10 5.51 6.42 -0.83
N VAL A 11 4.95 5.43 -1.49
CA VAL A 11 3.77 5.50 -2.33
C VAL A 11 3.03 4.15 -2.18
N VAL A 12 1.90 3.97 -2.83
CA VAL A 12 1.23 2.68 -2.93
C VAL A 12 1.30 2.30 -4.41
N ALA A 13 1.53 1.04 -4.73
CA ALA A 13 1.84 0.57 -6.06
C ALA A 13 1.11 -0.73 -6.29
N LYS A 14 0.73 -1.04 -7.54
CA LYS A 14 0.05 -2.30 -7.82
C LYS A 14 1.13 -3.34 -7.99
N TRP A 15 0.92 -4.50 -7.37
CA TRP A 15 1.74 -5.67 -7.62
C TRP A 15 1.35 -6.19 -9.01
N SER A 16 2.25 -6.06 -9.97
CA SER A 16 2.06 -6.26 -11.40
C SER A 16 1.51 -7.63 -11.83
N SER A 17 1.53 -8.66 -10.97
CA SER A 17 0.89 -9.96 -11.22
C SER A 17 -0.63 -9.88 -11.04
N ASN A 18 -1.26 -8.87 -11.67
CA ASN A 18 -2.65 -8.43 -11.54
C ASN A 18 -3.19 -8.50 -10.11
N GLY A 19 -2.44 -7.94 -9.16
CA GLY A 19 -2.78 -7.96 -7.74
C GLY A 19 -3.33 -6.63 -7.25
N TYR A 20 -3.36 -6.47 -5.94
CA TYR A 20 -3.80 -5.26 -5.24
C TYR A 20 -2.68 -4.21 -5.18
N PHE A 21 -2.98 -3.07 -4.54
CA PHE A 21 -2.05 -2.00 -4.31
C PHE A 21 -1.46 -2.14 -2.91
N TYR A 22 -0.13 -2.10 -2.78
CA TYR A 22 0.64 -2.28 -1.54
C TYR A 22 1.64 -1.12 -1.41
N SER A 23 2.06 -0.80 -0.19
CA SER A 23 2.99 0.27 0.07
C SER A 23 4.39 -0.07 -0.45
N GLY A 24 5.11 0.90 -0.99
CA GLY A 24 6.50 0.71 -1.37
C GLY A 24 7.23 2.02 -1.59
N LYS A 25 8.55 1.96 -1.67
CA LYS A 25 9.41 3.11 -1.90
C LYS A 25 9.88 3.02 -3.34
N ILE A 26 9.78 4.09 -4.11
CA ILE A 26 10.27 4.10 -5.48
C ILE A 26 11.79 4.05 -5.39
N THR A 27 12.40 3.00 -5.90
CA THR A 27 13.84 2.82 -5.83
C THR A 27 14.49 3.59 -6.97
N ARG A 28 13.82 3.66 -8.13
CA ARG A 28 14.40 4.17 -9.37
C ARG A 28 13.34 4.31 -10.45
N ASP A 29 13.41 5.36 -11.26
CA ASP A 29 12.62 5.44 -12.49
C ASP A 29 13.31 4.45 -13.41
N VAL A 30 12.64 3.35 -13.76
CA VAL A 30 13.20 2.32 -14.63
C VAL A 30 13.41 2.95 -16.01
N GLY A 31 12.35 3.53 -16.56
CA GLY A 31 12.33 4.16 -17.87
C GLY A 31 10.95 3.96 -18.48
N ALA A 32 10.62 4.73 -19.52
CA ALA A 32 9.38 4.64 -20.29
C ALA A 32 8.07 4.75 -19.49
N GLY A 33 8.15 5.14 -18.22
CA GLY A 33 7.04 5.30 -17.31
C GLY A 33 7.04 4.22 -16.23
N LYS A 34 7.87 3.17 -16.35
CA LYS A 34 8.04 2.23 -15.25
C LYS A 34 8.90 2.89 -14.19
N TYR A 35 8.54 2.66 -12.93
CA TYR A 35 9.33 3.00 -11.76
C TYR A 35 9.44 1.69 -10.95
N LYS A 36 10.63 1.33 -10.49
CA LYS A 36 10.82 0.17 -9.66
C LYS A 36 10.51 0.54 -8.22
N LEU A 37 9.88 -0.39 -7.53
CA LEU A 37 9.29 -0.19 -6.23
C LEU A 37 9.80 -1.28 -5.32
N LEU A 38 10.51 -0.89 -4.27
CA LEU A 38 10.90 -1.73 -3.15
C LEU A 38 9.68 -1.65 -2.26
N PHE A 39 8.76 -2.59 -2.42
CA PHE A 39 7.61 -2.74 -1.55
C PHE A 39 8.10 -2.85 -0.11
N ASP A 40 7.30 -2.41 0.86
CA ASP A 40 7.71 -2.43 2.27
C ASP A 40 7.81 -3.86 2.81
N ASP A 41 7.22 -4.83 2.10
CA ASP A 41 7.41 -6.25 2.35
C ASP A 41 8.77 -6.77 1.83
N GLY A 42 9.55 -5.94 1.15
CA GLY A 42 10.90 -6.26 0.70
C GLY A 42 10.92 -6.83 -0.72
N TYR A 43 9.77 -7.07 -1.36
CA TYR A 43 9.74 -7.39 -2.78
C TYR A 43 10.23 -6.17 -3.58
N GLU A 44 10.77 -6.34 -4.79
CA GLU A 44 11.27 -5.25 -5.64
C GLU A 44 10.88 -5.55 -7.08
N CYS A 45 10.06 -4.68 -7.66
CA CYS A 45 9.43 -4.96 -8.95
C CYS A 45 9.20 -3.64 -9.71
N ASP A 46 9.30 -3.67 -11.03
CA ASP A 46 8.88 -2.55 -11.87
C ASP A 46 7.35 -2.48 -11.82
N VAL A 47 6.83 -1.25 -11.78
CA VAL A 47 5.41 -0.93 -11.81
C VAL A 47 5.29 0.29 -12.73
N LEU A 48 4.31 0.31 -13.64
CA LEU A 48 4.10 1.43 -14.55
C LEU A 48 3.50 2.62 -13.79
N GLY A 49 3.75 3.86 -14.24
CA GLY A 49 3.33 5.09 -13.57
C GLY A 49 1.84 5.14 -13.28
N LYS A 50 1.01 4.69 -14.22
CA LYS A 50 -0.45 4.67 -13.99
C LYS A 50 -0.84 3.76 -12.81
N ASP A 51 0.02 2.82 -12.42
CA ASP A 51 -0.24 1.81 -11.39
C ASP A 51 0.38 2.20 -10.04
N ILE A 52 0.77 3.46 -9.84
CA ILE A 52 1.39 3.93 -8.59
C ILE A 52 0.65 5.20 -8.16
N LEU A 53 0.40 5.31 -6.86
CA LEU A 53 -0.43 6.27 -6.17
C LEU A 53 0.51 6.94 -5.18
N LEU A 54 0.87 8.21 -5.38
CA LEU A 54 1.97 8.81 -4.59
C LEU A 54 1.58 9.78 -3.50
N CYS A 55 0.30 10.10 -3.37
CA CYS A 55 -0.21 11.03 -2.39
C CYS A 55 -1.42 10.34 -1.76
N ASP A 56 -1.19 9.11 -1.30
CA ASP A 56 -2.24 8.18 -0.91
C ASP A 56 -2.22 7.69 0.55
N PRO A 57 -2.16 8.57 1.56
CA PRO A 57 -2.44 8.14 2.92
C PRO A 57 -3.95 7.82 2.85
N ILE A 58 -4.38 6.60 3.21
CA ILE A 58 -5.74 6.16 2.93
C ILE A 58 -6.76 7.13 3.59
N PRO A 59 -7.68 7.74 2.82
CA PRO A 59 -8.75 8.53 3.41
C PRO A 59 -9.68 7.65 4.23
N LEU A 60 -10.14 8.22 5.33
CA LEU A 60 -11.04 7.56 6.24
C LEU A 60 -12.37 7.30 5.50
N ASP A 61 -13.08 6.24 5.89
CA ASP A 61 -14.27 5.69 5.22
C ASP A 61 -13.96 4.93 3.93
N THR A 62 -12.72 4.96 3.42
CA THR A 62 -12.32 4.09 2.31
C THR A 62 -12.31 2.64 2.80
N GLU A 63 -12.81 1.75 1.96
CA GLU A 63 -12.79 0.32 2.19
C GLU A 63 -11.43 -0.20 1.73
N VAL A 64 -10.84 -1.09 2.52
CA VAL A 64 -9.50 -1.61 2.31
C VAL A 64 -9.45 -3.05 2.79
N THR A 65 -8.46 -3.79 2.30
CA THR A 65 -8.13 -5.11 2.80
C THR A 65 -7.07 -4.89 3.90
N ALA A 66 -7.01 -5.80 4.88
CA ALA A 66 -6.15 -5.73 6.04
C ALA A 66 -5.50 -7.10 6.22
N LEU A 67 -4.19 -7.15 6.51
CA LEU A 67 -3.44 -8.40 6.67
C LEU A 67 -2.74 -8.38 8.03
N SER A 68 -3.10 -9.29 8.93
CA SER A 68 -2.36 -9.51 10.15
C SER A 68 -0.97 -10.07 9.82
N GLU A 69 0.00 -9.86 10.72
CA GLU A 69 1.37 -10.34 10.54
C GLU A 69 1.40 -11.88 10.53
N ASP A 70 0.48 -12.52 11.26
CA ASP A 70 0.25 -13.96 11.25
C ASP A 70 -0.56 -14.41 10.01
N GLU A 71 -0.44 -13.63 8.93
CA GLU A 71 -1.02 -13.79 7.62
C GLU A 71 -2.48 -14.27 7.59
N TYR A 72 -3.36 -13.47 8.20
CA TYR A 72 -4.82 -13.60 8.08
C TYR A 72 -5.29 -12.39 7.28
N PHE A 73 -6.23 -12.59 6.36
CA PHE A 73 -6.71 -11.58 5.41
C PHE A 73 -8.18 -11.30 5.75
N SER A 74 -8.57 -10.03 5.72
CA SER A 74 -9.96 -9.58 5.79
C SER A 74 -10.09 -8.25 5.05
N ALA A 75 -11.31 -7.71 4.94
CA ALA A 75 -11.54 -6.36 4.45
C ALA A 75 -12.47 -5.63 5.41
N GLY A 76 -12.32 -4.32 5.47
CA GLY A 76 -12.96 -3.42 6.43
C GLY A 76 -12.75 -1.99 5.96
N VAL A 77 -12.90 -1.01 6.85
CA VAL A 77 -12.88 0.40 6.47
C VAL A 77 -11.99 1.17 7.41
N VAL A 78 -11.22 2.12 6.89
CA VAL A 78 -10.43 3.03 7.69
C VAL A 78 -11.37 3.89 8.54
N LYS A 79 -11.15 3.98 9.85
CA LYS A 79 -11.90 4.90 10.73
C LYS A 79 -10.96 5.71 11.64
N GLY A 80 -9.65 5.67 11.41
CA GLY A 80 -8.72 6.51 12.13
C GLY A 80 -7.28 6.22 11.70
N HIS A 81 -6.35 6.89 12.39
CA HIS A 81 -4.94 6.97 12.07
C HIS A 81 -4.11 6.95 13.35
N ARG A 82 -2.86 6.48 13.24
CA ARG A 82 -1.88 6.54 14.31
C ARG A 82 -0.51 6.72 13.67
N LYS A 83 0.45 7.22 14.45
CA LYS A 83 1.86 7.26 14.11
C LYS A 83 2.60 6.64 15.29
N GLU A 84 3.49 5.69 15.02
CA GLU A 84 4.23 4.95 16.03
C GLU A 84 5.58 4.59 15.42
N SER A 85 6.67 4.85 16.15
CA SER A 85 8.04 4.50 15.76
C SER A 85 8.39 4.95 14.33
N GLY A 86 7.84 6.08 13.88
CA GLY A 86 8.10 6.63 12.56
C GLY A 86 7.43 5.82 11.45
N GLU A 87 6.31 5.15 11.72
CA GLU A 87 5.54 4.38 10.76
C GLU A 87 4.08 4.80 10.93
N LEU A 88 3.32 4.68 9.84
CA LEU A 88 1.99 5.22 9.69
C LEU A 88 0.99 4.07 9.73
N TYR A 89 -0.04 4.24 10.57
CA TYR A 89 -1.01 3.21 10.94
C TYR A 89 -2.42 3.71 10.68
N TYR A 90 -3.35 2.78 10.55
CA TYR A 90 -4.76 3.02 10.34
C TYR A 90 -5.53 2.10 11.25
N SER A 91 -6.56 2.61 11.90
CA SER A 91 -7.49 1.78 12.64
C SER A 91 -8.55 1.36 11.62
N ILE A 92 -8.47 0.11 11.16
CA ILE A 92 -9.44 -0.47 10.26
C ILE A 92 -10.56 -0.99 11.13
N GLU A 93 -11.74 -0.39 11.03
CA GLU A 93 -12.93 -0.94 11.65
C GLU A 93 -13.33 -2.17 10.84
N LYS A 94 -13.61 -3.26 11.53
CA LYS A 94 -14.21 -4.47 10.98
C LYS A 94 -15.11 -5.03 12.07
N GLU A 95 -16.26 -5.61 11.70
CA GLU A 95 -17.24 -6.16 12.65
C GLU A 95 -17.61 -5.15 13.75
N GLY A 96 -17.63 -3.85 13.40
CA GLY A 96 -18.06 -2.79 14.31
C GLY A 96 -17.06 -2.52 15.45
N GLN A 97 -15.80 -2.92 15.31
CA GLN A 97 -14.74 -2.62 16.27
C GLN A 97 -13.45 -2.27 15.52
N ARG A 98 -12.61 -1.41 16.11
CA ARG A 98 -11.38 -0.93 15.45
C ARG A 98 -10.26 -1.95 15.67
N LYS A 99 -9.46 -2.16 14.63
CA LYS A 99 -8.26 -3.02 14.66
C LYS A 99 -7.14 -2.21 14.03
N TRP A 100 -5.99 -2.08 14.70
CA TRP A 100 -4.88 -1.31 14.16
C TRP A 100 -4.11 -2.14 13.14
N TYR A 101 -3.83 -1.56 11.97
CA TYR A 101 -2.98 -2.13 10.94
C TYR A 101 -2.02 -1.06 10.42
N LYS A 102 -0.91 -1.48 9.82
CA LYS A 102 0.17 -0.59 9.32
C LYS A 102 0.02 -0.39 7.82
N ARG A 103 0.58 0.68 7.23
CA ARG A 103 0.42 0.96 5.79
C ARG A 103 0.59 -0.28 4.91
N MET A 104 1.68 -1.05 5.05
CA MET A 104 1.90 -2.20 4.17
C MET A 104 0.86 -3.31 4.33
N ALA A 105 0.16 -3.36 5.47
CA ALA A 105 -0.89 -4.32 5.78
C ALA A 105 -2.26 -3.79 5.37
N VAL A 106 -2.42 -2.48 5.18
CA VAL A 106 -3.66 -1.87 4.76
C VAL A 106 -3.54 -1.74 3.24
N ILE A 107 -3.98 -2.79 2.55
CA ILE A 107 -3.76 -2.94 1.14
C ILE A 107 -5.06 -2.53 0.47
N LEU A 108 -4.96 -1.85 -0.66
CA LEU A 108 -6.13 -1.33 -1.33
C LEU A 108 -6.45 -2.35 -2.40
N SER A 109 -7.59 -3.03 -2.26
CA SER A 109 -8.12 -3.96 -3.24
C SER A 109 -8.18 -3.22 -4.58
N LEU A 110 -7.99 -3.89 -5.71
CA LEU A 110 -7.80 -3.19 -6.99
C LEU A 110 -8.93 -2.25 -7.40
N GLU A 111 -10.18 -2.53 -7.05
CA GLU A 111 -11.29 -1.64 -7.38
C GLU A 111 -11.33 -0.44 -6.41
N GLN A 112 -10.78 -0.59 -5.20
CA GLN A 112 -10.60 0.51 -4.26
C GLN A 112 -9.50 1.42 -4.83
N GLY A 113 -8.32 0.85 -5.13
CA GLY A 113 -7.16 1.60 -5.62
C GLY A 113 -7.46 2.35 -6.89
N ASN A 114 -8.33 1.81 -7.76
CA ASN A 114 -8.77 2.48 -8.98
C ASN A 114 -9.36 3.87 -8.67
N ARG A 115 -10.20 3.97 -7.63
CA ARG A 115 -10.81 5.25 -7.24
C ARG A 115 -9.76 6.29 -6.83
N LEU A 116 -8.57 5.87 -6.42
CA LEU A 116 -7.48 6.78 -6.12
C LEU A 116 -6.63 7.04 -7.36
N ARG A 117 -6.55 6.10 -8.31
CA ARG A 117 -5.71 6.22 -9.51
C ARG A 117 -6.02 7.49 -10.29
N GLU A 118 -7.30 7.81 -10.40
CA GLU A 118 -7.76 9.00 -11.12
C GLU A 118 -7.22 10.32 -10.52
N GLN A 119 -6.78 10.34 -9.25
CA GLN A 119 -6.31 11.55 -8.58
C GLN A 119 -4.80 11.47 -8.27
N TYR A 120 -4.34 10.32 -7.77
CA TYR A 120 -3.01 10.11 -7.21
C TYR A 120 -2.06 9.36 -8.16
N GLY A 121 -2.59 8.86 -9.28
CA GLY A 121 -1.83 8.13 -10.28
C GLY A 121 -0.67 8.97 -10.80
N LEU A 122 0.53 8.40 -10.93
CA LEU A 122 1.66 9.15 -11.49
C LEU A 122 1.41 9.48 -12.96
N GLY A 123 0.89 8.48 -13.69
CA GLY A 123 0.75 8.54 -15.13
C GLY A 123 -0.18 9.68 -15.53
N GLY B 1 -11.35 -20.86 8.35
CA GLY B 1 -12.04 -19.59 8.02
C GLY B 1 -11.41 -18.90 6.81
N ALA B 2 -10.36 -18.09 7.03
CA ALA B 2 -9.65 -17.35 5.98
C ALA B 2 -8.15 -17.32 6.31
N LYS B 3 -7.30 -16.94 5.34
CA LYS B 3 -5.85 -16.80 5.50
C LYS B 3 -5.32 -15.93 4.37
N ARG B 4 -4.08 -15.41 4.45
CA ARG B 4 -3.50 -14.55 3.39
C ARG B 4 -3.85 -15.10 2.02
N HIS B 5 -4.45 -14.23 1.21
CA HIS B 5 -5.08 -14.58 -0.06
C HIS B 5 -4.27 -14.22 -1.30
N ARG B 6 -3.29 -13.33 -1.16
CA ARG B 6 -2.44 -12.77 -2.24
C ARG B 6 -1.03 -12.64 -1.68
N VAL B 8 1.83 -10.81 -0.19
CA VAL B 8 2.18 -9.72 0.70
C VAL B 8 3.35 -10.28 1.55
N LEU B 9 3.92 -9.44 2.44
CA LEU B 9 4.92 -9.71 3.49
C LEU B 9 6.15 -10.57 3.11
N ARG B 10 7.18 -10.58 3.96
CA ARG B 10 8.38 -11.41 3.82
C ARG B 10 9.13 -11.36 5.16
N ASP B 11 10.32 -11.97 5.25
CA ASP B 11 11.12 -12.07 6.47
C ASP B 11 12.61 -12.08 6.11
N ASN B 12 13.46 -11.63 7.03
CA ASN B 12 14.92 -11.55 6.88
C ASN B 12 15.39 -10.51 5.87
N ILE B 13 14.54 -9.49 5.63
CA ILE B 13 14.74 -8.54 4.55
C ILE B 13 15.44 -7.26 5.04
N GLN B 14 15.95 -7.31 6.28
CA GLN B 14 16.44 -6.17 7.02
C GLN B 14 17.83 -6.50 7.54
N GLY A 1 10.35 22.32 -4.63
CA GLY A 1 9.83 20.98 -4.27
C GLY A 1 10.39 20.50 -2.93
N HIS A 2 9.52 19.98 -2.04
CA HIS A 2 9.93 19.52 -0.71
C HIS A 2 10.82 18.27 -0.78
N MET A 3 10.65 17.45 -1.82
CA MET A 3 11.36 16.19 -2.02
C MET A 3 11.77 16.05 -3.49
N ASN A 4 12.66 15.10 -3.77
CA ASN A 4 13.08 14.74 -5.12
C ASN A 4 11.91 14.20 -5.93
N SER A 5 11.93 14.37 -7.25
CA SER A 5 10.95 13.81 -8.16
C SER A 5 10.93 12.29 -8.07
N PHE A 6 9.82 11.73 -7.55
CA PHE A 6 9.49 10.31 -7.47
C PHE A 6 10.46 9.48 -6.63
N VAL A 7 11.69 9.34 -7.08
CA VAL A 7 12.70 8.48 -6.53
C VAL A 7 12.98 8.91 -5.08
N GLY A 8 12.59 8.05 -4.12
CA GLY A 8 12.74 8.24 -2.69
C GLY A 8 11.39 8.36 -1.97
N LEU A 9 10.30 8.69 -2.67
CA LEU A 9 8.99 8.94 -2.05
C LEU A 9 8.35 7.63 -1.63
N ARG A 10 7.74 7.63 -0.44
CA ARG A 10 6.88 6.55 0.02
C ARG A 10 5.53 6.78 -0.64
N VAL A 11 5.03 5.76 -1.32
CA VAL A 11 3.83 5.78 -2.14
C VAL A 11 3.13 4.42 -1.94
N VAL A 12 2.11 4.11 -2.75
CA VAL A 12 1.51 2.80 -2.83
C VAL A 12 1.57 2.43 -4.31
N ALA A 13 1.64 1.15 -4.66
CA ALA A 13 1.91 0.69 -6.01
C ALA A 13 1.16 -0.61 -6.23
N LYS A 14 0.71 -0.91 -7.46
CA LYS A 14 0.04 -2.17 -7.72
C LYS A 14 1.13 -3.20 -7.95
N TRP A 15 0.95 -4.35 -7.34
CA TRP A 15 1.76 -5.51 -7.62
C TRP A 15 1.36 -6.01 -9.02
N SER A 16 2.27 -5.86 -9.97
CA SER A 16 2.06 -6.06 -11.40
C SER A 16 1.57 -7.46 -11.81
N SER A 17 1.72 -8.48 -10.96
CA SER A 17 1.15 -9.82 -11.16
C SER A 17 -0.37 -9.84 -10.87
N ASN A 18 -1.08 -8.84 -11.41
CA ASN A 18 -2.50 -8.51 -11.21
C ASN A 18 -2.97 -8.71 -9.76
N GLY A 19 -2.28 -8.09 -8.80
CA GLY A 19 -2.66 -8.09 -7.40
C GLY A 19 -3.12 -6.72 -6.94
N TYR A 20 -3.10 -6.50 -5.62
CA TYR A 20 -3.56 -5.29 -4.97
C TYR A 20 -2.49 -4.20 -4.98
N PHE A 21 -2.81 -3.07 -4.35
CA PHE A 21 -1.93 -1.93 -4.19
C PHE A 21 -1.30 -2.04 -2.79
N TYR A 22 0.04 -2.02 -2.70
CA TYR A 22 0.81 -2.19 -1.47
C TYR A 22 1.72 -0.97 -1.32
N SER A 23 2.05 -0.60 -0.07
CA SER A 23 2.95 0.52 0.19
C SER A 23 4.36 0.22 -0.31
N GLY A 24 5.10 1.23 -0.78
CA GLY A 24 6.47 1.05 -1.21
C GLY A 24 7.19 2.37 -1.44
N LYS A 25 8.51 2.29 -1.58
CA LYS A 25 9.39 3.43 -1.84
C LYS A 25 9.87 3.34 -3.28
N ILE A 26 9.81 4.42 -4.04
CA ILE A 26 10.26 4.42 -5.42
C ILE A 26 11.79 4.36 -5.39
N THR A 27 12.39 3.28 -5.90
CA THR A 27 13.82 3.07 -5.83
C THR A 27 14.52 3.79 -6.98
N ARG A 28 13.89 3.79 -8.17
CA ARG A 28 14.48 4.32 -9.41
C ARG A 28 13.41 4.38 -10.50
N ASP A 29 13.37 5.47 -11.27
CA ASP A 29 12.57 5.57 -12.50
C ASP A 29 13.22 4.64 -13.51
N VAL A 30 12.60 3.49 -13.77
CA VAL A 30 13.13 2.45 -14.65
C VAL A 30 13.30 3.07 -16.05
N GLY A 31 12.22 3.63 -16.59
CA GLY A 31 12.16 4.25 -17.90
C GLY A 31 10.76 4.06 -18.45
N ALA A 32 10.42 4.81 -19.50
CA ALA A 32 9.15 4.73 -20.23
C ALA A 32 7.89 4.90 -19.38
N GLY A 33 8.01 5.30 -18.11
CA GLY A 33 6.93 5.49 -17.17
C GLY A 33 6.94 4.41 -16.10
N LYS A 34 7.75 3.36 -16.22
CA LYS A 34 7.94 2.40 -15.15
C LYS A 34 8.83 3.04 -14.09
N TYR A 35 8.50 2.80 -12.83
CA TYR A 35 9.33 3.13 -11.68
C TYR A 35 9.42 1.84 -10.88
N LYS A 36 10.61 1.48 -10.41
CA LYS A 36 10.78 0.31 -9.56
C LYS A 36 10.49 0.72 -8.12
N LEU A 37 9.89 -0.20 -7.39
CA LEU A 37 9.34 0.06 -6.08
C LEU A 37 9.87 -0.99 -5.12
N LEU A 38 10.59 -0.55 -4.09
CA LEU A 38 10.98 -1.35 -2.95
C LEU A 38 9.77 -1.26 -2.05
N PHE A 39 8.86 -2.20 -2.24
CA PHE A 39 7.67 -2.33 -1.41
C PHE A 39 8.09 -2.37 0.05
N ASP A 40 7.26 -1.83 0.94
CA ASP A 40 7.47 -1.94 2.39
C ASP A 40 7.33 -3.40 2.83
N ASP A 41 6.60 -4.19 2.03
CA ASP A 41 6.51 -5.64 2.11
C ASP A 41 7.83 -6.34 1.75
N GLY A 42 8.83 -5.60 1.29
CA GLY A 42 10.20 -6.08 1.10
C GLY A 42 10.49 -6.57 -0.32
N TYR A 43 9.50 -6.62 -1.20
CA TYR A 43 9.72 -6.95 -2.61
C TYR A 43 10.30 -5.76 -3.39
N GLU A 44 10.87 -6.01 -4.57
CA GLU A 44 11.36 -4.97 -5.50
C GLU A 44 11.04 -5.40 -6.93
N CYS A 45 10.08 -4.73 -7.57
CA CYS A 45 9.72 -4.94 -8.98
C CYS A 45 9.35 -3.59 -9.60
N ASP A 46 9.36 -3.52 -10.92
CA ASP A 46 8.85 -2.41 -11.70
C ASP A 46 7.32 -2.35 -11.60
N VAL A 47 6.79 -1.13 -11.62
CA VAL A 47 5.37 -0.82 -11.70
C VAL A 47 5.25 0.38 -12.64
N LEU A 48 4.21 0.42 -13.48
CA LEU A 48 3.98 1.53 -14.42
C LEU A 48 3.38 2.74 -13.70
N GLY A 49 3.62 3.95 -14.20
CA GLY A 49 3.27 5.21 -13.56
C GLY A 49 1.79 5.30 -13.18
N LYS A 50 0.89 4.84 -14.07
CA LYS A 50 -0.55 4.89 -13.77
C LYS A 50 -0.90 4.09 -12.50
N ASP A 51 -0.08 3.08 -12.16
CA ASP A 51 -0.33 2.12 -11.11
C ASP A 51 0.41 2.45 -9.81
N ILE A 52 0.94 3.68 -9.66
CA ILE A 52 1.64 4.12 -8.46
C ILE A 52 0.87 5.35 -7.97
N LEU A 53 0.49 5.33 -6.70
CA LEU A 53 -0.40 6.27 -6.04
C LEU A 53 0.47 7.02 -5.04
N LEU A 54 0.67 8.33 -5.22
CA LEU A 54 1.65 9.09 -4.43
C LEU A 54 1.04 10.17 -3.53
N CYS A 55 -0.30 10.25 -3.49
CA CYS A 55 -1.08 11.11 -2.60
C CYS A 55 -1.96 10.15 -1.78
N ASP A 56 -1.32 9.07 -1.33
CA ASP A 56 -1.91 7.87 -0.76
C ASP A 56 -2.24 7.71 0.73
N PRO A 57 -2.12 8.68 1.68
CA PRO A 57 -2.70 8.47 3.01
C PRO A 57 -4.18 8.12 2.82
N ILE A 58 -4.60 6.92 3.23
CA ILE A 58 -5.92 6.38 2.89
C ILE A 58 -7.01 7.33 3.42
N PRO A 59 -7.90 7.86 2.58
CA PRO A 59 -9.03 8.64 3.07
C PRO A 59 -9.98 7.74 3.85
N LEU A 60 -10.48 8.28 4.95
CA LEU A 60 -11.37 7.58 5.84
C LEU A 60 -12.66 7.24 5.07
N ASP A 61 -13.29 6.12 5.44
CA ASP A 61 -14.44 5.48 4.76
C ASP A 61 -14.04 4.67 3.53
N THR A 62 -12.79 4.72 3.06
CA THR A 62 -12.31 3.83 2.00
C THR A 62 -12.25 2.41 2.55
N GLU A 63 -12.67 1.44 1.74
CA GLU A 63 -12.52 0.03 2.05
C GLU A 63 -11.07 -0.35 1.76
N VAL A 64 -10.51 -1.20 2.61
CA VAL A 64 -9.14 -1.66 2.50
C VAL A 64 -9.08 -3.10 2.99
N THR A 65 -8.10 -3.82 2.49
CA THR A 65 -7.74 -5.13 2.98
C THR A 65 -6.68 -4.87 4.06
N ALA A 66 -6.61 -5.77 5.05
CA ALA A 66 -5.83 -5.62 6.26
C ALA A 66 -5.12 -6.95 6.49
N LEU A 67 -3.82 -6.95 6.74
CA LEU A 67 -3.04 -8.17 7.04
C LEU A 67 -2.44 -7.97 8.43
N SER A 68 -2.77 -8.85 9.37
CA SER A 68 -2.09 -8.90 10.66
C SER A 68 -0.62 -9.25 10.44
N GLU A 69 0.22 -8.96 11.44
CA GLU A 69 1.66 -9.22 11.35
C GLU A 69 1.93 -10.74 11.36
N ASP A 70 0.97 -11.54 11.85
CA ASP A 70 0.96 -13.01 11.76
C ASP A 70 0.27 -13.50 10.47
N GLU A 71 0.19 -12.60 9.48
CA GLU A 71 -0.35 -12.77 8.13
C GLU A 71 -1.86 -13.08 8.04
N TYR A 72 -2.67 -13.00 9.10
CA TYR A 72 -4.11 -13.20 8.93
C TYR A 72 -4.69 -12.08 8.06
N PHE A 73 -5.43 -12.45 7.01
CA PHE A 73 -5.99 -11.51 6.04
C PHE A 73 -7.43 -11.20 6.43
N SER A 74 -7.85 -9.95 6.26
CA SER A 74 -9.20 -9.46 6.48
C SER A 74 -9.45 -8.27 5.57
N ALA A 75 -10.69 -7.76 5.51
CA ALA A 75 -11.00 -6.50 4.86
C ALA A 75 -12.06 -5.75 5.67
N GLY A 76 -11.98 -4.42 5.65
CA GLY A 76 -12.77 -3.51 6.47
C GLY A 76 -12.61 -2.10 5.91
N VAL A 77 -12.86 -1.07 6.72
CA VAL A 77 -12.89 0.31 6.25
C VAL A 77 -12.08 1.16 7.21
N VAL A 78 -11.33 2.13 6.69
CA VAL A 78 -10.60 3.09 7.51
C VAL A 78 -11.62 3.94 8.26
N LYS A 79 -11.48 4.08 9.58
CA LYS A 79 -12.28 5.01 10.39
C LYS A 79 -11.41 5.86 11.33
N GLY A 80 -10.09 5.86 11.14
CA GLY A 80 -9.20 6.76 11.83
C GLY A 80 -7.75 6.49 11.46
N HIS A 81 -6.85 7.19 12.15
CA HIS A 81 -5.42 7.31 11.87
C HIS A 81 -4.64 7.37 13.18
N ARG A 82 -3.37 6.97 13.12
CA ARG A 82 -2.40 7.15 14.21
C ARG A 82 -1.01 7.26 13.58
N LYS A 83 -0.07 7.83 14.32
CA LYS A 83 1.35 7.84 14.00
C LYS A 83 2.06 7.26 15.21
N GLU A 84 2.88 6.24 15.00
CA GLU A 84 3.58 5.54 16.07
C GLU A 84 4.88 5.01 15.48
N SER A 85 5.98 5.05 16.24
CA SER A 85 7.31 4.67 15.78
C SER A 85 7.74 5.38 14.47
N GLY A 86 7.19 6.58 14.21
CA GLY A 86 7.43 7.32 12.98
C GLY A 86 6.88 6.61 11.75
N GLU A 87 5.76 5.89 11.88
CA GLU A 87 5.15 5.09 10.83
C GLU A 87 3.64 5.29 10.94
N LEU A 88 2.93 5.06 9.84
CA LEU A 88 1.51 5.36 9.72
C LEU A 88 0.68 4.16 10.11
N TYR A 89 -0.42 4.44 10.81
CA TYR A 89 -1.42 3.48 11.24
C TYR A 89 -2.80 3.99 10.89
N TYR A 90 -3.72 3.05 10.72
CA TYR A 90 -5.11 3.28 10.40
C TYR A 90 -5.92 2.37 11.31
N SER A 91 -6.97 2.90 11.93
CA SER A 91 -7.92 2.08 12.66
C SER A 91 -8.93 1.59 11.62
N ILE A 92 -8.80 0.32 11.23
CA ILE A 92 -9.67 -0.31 10.26
C ILE A 92 -10.84 -0.87 11.06
N GLU A 93 -12.03 -0.33 10.85
CA GLU A 93 -13.26 -0.91 11.36
C GLU A 93 -13.46 -2.21 10.57
N LYS A 94 -13.51 -3.34 11.27
CA LYS A 94 -13.53 -4.67 10.69
C LYS A 94 -14.46 -5.46 11.62
N GLU A 95 -15.45 -6.15 11.07
CA GLU A 95 -16.54 -6.76 11.83
C GLU A 95 -17.22 -5.75 12.78
N GLY A 96 -17.30 -4.48 12.36
CA GLY A 96 -18.01 -3.43 13.11
C GLY A 96 -17.30 -2.97 14.37
N GLN A 97 -16.00 -3.27 14.53
CA GLN A 97 -15.17 -2.85 15.66
C GLN A 97 -13.81 -2.40 15.12
N ARG A 98 -13.11 -1.48 15.77
CA ARG A 98 -11.89 -0.90 15.20
C ARG A 98 -10.70 -1.77 15.56
N LYS A 99 -9.77 -1.93 14.61
CA LYS A 99 -8.56 -2.73 14.74
C LYS A 99 -7.44 -1.90 14.13
N TRP A 100 -6.34 -1.71 14.83
CA TRP A 100 -5.23 -0.90 14.31
C TRP A 100 -4.41 -1.74 13.35
N TYR A 101 -4.12 -1.20 12.16
CA TYR A 101 -3.20 -1.78 11.19
C TYR A 101 -2.23 -0.69 10.70
N LYS A 102 -1.07 -1.09 10.16
CA LYS A 102 -0.02 -0.16 9.70
C LYS A 102 -0.10 0.02 8.18
N ARG A 103 0.46 1.09 7.59
CA ARG A 103 0.30 1.34 6.15
C ARG A 103 0.60 0.12 5.27
N MET A 104 1.67 -0.64 5.54
CA MET A 104 2.00 -1.82 4.71
C MET A 104 1.00 -2.98 4.88
N ALA A 105 0.29 -3.04 6.00
CA ALA A 105 -0.77 -4.00 6.25
C ALA A 105 -2.09 -3.55 5.62
N VAL A 106 -2.26 -2.25 5.39
CA VAL A 106 -3.49 -1.69 4.88
C VAL A 106 -3.27 -1.62 3.38
N ILE A 107 -3.64 -2.71 2.70
CA ILE A 107 -3.41 -2.88 1.28
C ILE A 107 -4.73 -2.50 0.63
N LEU A 108 -4.66 -1.80 -0.51
CA LEU A 108 -5.84 -1.27 -1.15
C LEU A 108 -6.24 -2.30 -2.18
N SER A 109 -7.39 -2.93 -1.96
CA SER A 109 -7.97 -3.91 -2.87
C SER A 109 -8.10 -3.24 -4.24
N LEU A 110 -7.87 -3.96 -5.34
CA LEU A 110 -7.73 -3.36 -6.68
C LEU A 110 -8.92 -2.50 -7.14
N GLU A 111 -10.15 -2.84 -6.77
CA GLU A 111 -11.31 -2.00 -7.15
C GLU A 111 -11.29 -0.69 -6.37
N GLN A 112 -10.78 -0.71 -5.13
CA GLN A 112 -10.66 0.47 -4.28
C GLN A 112 -9.54 1.33 -4.83
N GLY A 113 -8.34 0.77 -5.02
CA GLY A 113 -7.16 1.48 -5.52
C GLY A 113 -7.37 2.02 -6.94
N ASN A 114 -8.24 1.41 -7.75
CA ASN A 114 -8.60 1.94 -9.06
C ASN A 114 -9.16 3.36 -8.93
N ARG A 115 -10.07 3.57 -7.99
CA ARG A 115 -10.69 4.88 -7.73
C ARG A 115 -9.64 5.90 -7.31
N LEU A 116 -8.49 5.46 -6.82
CA LEU A 116 -7.41 6.32 -6.40
C LEU A 116 -6.46 6.58 -7.58
N ARG A 117 -6.30 5.67 -8.56
CA ARG A 117 -5.42 5.92 -9.72
C ARG A 117 -5.77 7.23 -10.41
N GLU A 118 -7.07 7.51 -10.57
CA GLU A 118 -7.52 8.69 -11.29
C GLU A 118 -7.13 10.02 -10.61
N GLN A 119 -6.75 10.01 -9.32
CA GLN A 119 -6.34 11.23 -8.60
C GLN A 119 -4.86 11.16 -8.21
N TYR A 120 -4.40 10.02 -7.70
CA TYR A 120 -3.09 9.85 -7.09
C TYR A 120 -2.08 9.20 -8.04
N GLY A 121 -2.57 8.62 -9.15
CA GLY A 121 -1.74 7.95 -10.14
C GLY A 121 -0.65 8.89 -10.67
N LEU A 122 0.57 8.40 -10.85
CA LEU A 122 1.63 9.23 -11.40
C LEU A 122 1.35 9.56 -12.88
N GLY A 123 0.84 8.56 -13.59
CA GLY A 123 0.67 8.60 -15.04
C GLY A 123 -0.31 9.72 -15.42
N GLY B 1 -7.88 -21.14 9.85
CA GLY B 1 -8.55 -19.87 9.47
C GLY B 1 -8.20 -19.42 8.05
N ALA B 2 -8.56 -18.17 7.71
CA ALA B 2 -8.49 -17.66 6.34
C ALA B 2 -7.04 -17.54 5.83
N LYS B 3 -6.19 -16.87 6.62
CA LYS B 3 -4.77 -16.58 6.36
C LYS B 3 -4.49 -15.79 5.06
N ARG B 4 -3.30 -15.16 5.00
CA ARG B 4 -2.79 -14.40 3.85
C ARG B 4 -3.22 -15.06 2.54
N HIS B 5 -3.80 -14.23 1.67
CA HIS B 5 -4.54 -14.63 0.48
C HIS B 5 -3.95 -14.15 -0.86
N ARG B 6 -2.85 -13.40 -0.83
CA ARG B 6 -2.06 -12.85 -1.94
C ARG B 6 -0.62 -12.91 -1.43
N VAL B 8 2.26 -11.04 0.06
CA VAL B 8 2.61 -9.86 0.82
C VAL B 8 3.82 -10.33 1.63
N LEU B 9 4.51 -9.37 2.24
CA LEU B 9 5.57 -9.43 3.23
C LEU B 9 6.78 -10.34 2.90
N ARG B 10 7.91 -10.14 3.59
CA ARG B 10 9.12 -10.92 3.34
C ARG B 10 10.01 -10.91 4.58
N ASP B 11 11.00 -11.78 4.62
CA ASP B 11 12.00 -11.93 5.68
C ASP B 11 13.31 -12.37 5.01
N ASN B 12 14.42 -12.45 5.76
CA ASN B 12 15.76 -12.65 5.21
C ASN B 12 16.03 -13.97 4.51
N ILE B 13 15.04 -14.86 4.49
CA ILE B 13 15.18 -16.23 4.07
C ILE B 13 14.17 -16.56 2.95
N GLN B 14 13.55 -15.52 2.40
CA GLN B 14 12.42 -15.60 1.52
C GLN B 14 12.71 -14.80 0.25
N GLY A 1 11.96 25.45 -3.23
CA GLY A 1 12.19 24.16 -2.55
C GLY A 1 11.37 23.03 -3.18
N HIS A 2 11.92 21.81 -3.18
CA HIS A 2 11.28 20.59 -3.69
C HIS A 2 11.79 19.41 -2.85
N MET A 3 10.92 18.43 -2.59
CA MET A 3 11.32 17.18 -1.93
C MET A 3 12.06 16.34 -2.98
N ASN A 4 11.30 15.76 -3.90
CA ASN A 4 11.72 15.08 -5.13
C ASN A 4 10.43 14.86 -5.92
N SER A 5 10.54 14.69 -7.23
CA SER A 5 9.41 14.42 -8.09
C SER A 5 8.75 13.08 -7.80
N PHE A 6 9.56 12.05 -7.60
CA PHE A 6 9.09 10.66 -7.51
C PHE A 6 10.05 9.87 -6.65
N VAL A 7 11.33 9.94 -6.98
CA VAL A 7 12.36 9.09 -6.42
C VAL A 7 12.52 9.42 -4.93
N GLY A 8 12.14 8.47 -4.08
CA GLY A 8 12.25 8.57 -2.63
C GLY A 8 10.89 8.71 -1.95
N LEU A 9 9.82 9.03 -2.70
CA LEU A 9 8.49 9.25 -2.13
C LEU A 9 7.91 7.92 -1.68
N ARG A 10 7.33 7.91 -0.48
CA ARG A 10 6.53 6.78 0.02
C ARG A 10 5.19 6.88 -0.71
N VAL A 11 4.81 5.81 -1.39
CA VAL A 11 3.64 5.76 -2.27
C VAL A 11 3.01 4.37 -2.09
N VAL A 12 1.97 4.06 -2.85
CA VAL A 12 1.40 2.72 -2.94
C VAL A 12 1.48 2.34 -4.42
N ALA A 13 1.63 1.07 -4.76
CA ALA A 13 1.90 0.64 -6.13
C ALA A 13 1.24 -0.71 -6.37
N LYS A 14 0.82 -1.02 -7.60
CA LYS A 14 0.22 -2.33 -7.89
C LYS A 14 1.37 -3.27 -8.11
N TRP A 15 1.27 -4.44 -7.48
CA TRP A 15 2.17 -5.53 -7.78
C TRP A 15 1.76 -6.08 -9.14
N SER A 16 2.65 -5.94 -10.13
CA SER A 16 2.39 -6.19 -11.54
C SER A 16 1.83 -7.56 -11.93
N SER A 17 2.02 -8.60 -11.10
CA SER A 17 1.48 -9.95 -11.33
C SER A 17 -0.03 -10.00 -10.99
N ASN A 18 -0.80 -9.11 -11.61
CA ASN A 18 -2.21 -8.81 -11.37
C ASN A 18 -2.61 -8.81 -9.89
N GLY A 19 -1.81 -8.14 -9.05
CA GLY A 19 -1.95 -8.12 -7.61
C GLY A 19 -2.72 -6.92 -7.09
N TYR A 20 -2.76 -6.83 -5.76
CA TYR A 20 -3.25 -5.67 -5.04
C TYR A 20 -2.18 -4.57 -5.06
N PHE A 21 -2.51 -3.45 -4.43
CA PHE A 21 -1.68 -2.28 -4.38
C PHE A 21 -1.07 -2.25 -2.98
N TYR A 22 0.26 -2.36 -2.90
CA TYR A 22 1.00 -2.48 -1.66
C TYR A 22 1.84 -1.22 -1.49
N SER A 23 2.12 -0.85 -0.25
CA SER A 23 2.96 0.28 0.10
C SER A 23 4.39 0.07 -0.40
N GLY A 24 5.05 1.15 -0.83
CA GLY A 24 6.46 1.11 -1.19
C GLY A 24 7.06 2.50 -1.25
N LYS A 25 8.31 2.61 -1.70
CA LYS A 25 8.95 3.88 -2.02
C LYS A 25 9.51 3.74 -3.44
N ILE A 26 9.45 4.81 -4.22
CA ILE A 26 10.01 4.79 -5.57
C ILE A 26 11.53 4.81 -5.40
N THR A 27 12.22 3.81 -5.91
CA THR A 27 13.66 3.70 -5.77
C THR A 27 14.37 4.49 -6.87
N ARG A 28 13.82 4.47 -8.08
CA ARG A 28 14.40 5.10 -9.28
C ARG A 28 13.34 5.13 -10.39
N ASP A 29 13.24 6.24 -11.13
CA ASP A 29 12.43 6.30 -12.35
C ASP A 29 13.19 5.48 -13.40
N VAL A 30 12.67 4.29 -13.73
CA VAL A 30 13.33 3.34 -14.63
C VAL A 30 13.47 4.02 -16.00
N GLY A 31 12.35 4.48 -16.54
CA GLY A 31 12.25 5.13 -17.84
C GLY A 31 10.95 4.70 -18.49
N ALA A 32 10.56 5.36 -19.58
CA ALA A 32 9.39 5.03 -20.41
C ALA A 32 8.04 4.99 -19.67
N GLY A 33 7.99 5.42 -18.41
CA GLY A 33 6.80 5.40 -17.56
C GLY A 33 6.92 4.34 -16.48
N LYS A 34 7.94 3.47 -16.50
CA LYS A 34 8.23 2.58 -15.40
C LYS A 34 8.97 3.36 -14.33
N TYR A 35 8.64 3.10 -13.07
CA TYR A 35 9.35 3.56 -11.89
C TYR A 35 9.56 2.29 -11.05
N LYS A 36 10.75 2.05 -10.53
CA LYS A 36 11.00 0.88 -9.70
C LYS A 36 10.58 1.21 -8.29
N LEU A 37 10.00 0.22 -7.62
CA LEU A 37 9.32 0.40 -6.36
C LEU A 37 9.87 -0.62 -5.38
N LEU A 38 10.50 -0.13 -4.32
CA LEU A 38 10.88 -0.93 -3.17
C LEU A 38 9.62 -0.95 -2.35
N PHE A 39 8.84 -2.00 -2.52
CA PHE A 39 7.71 -2.27 -1.66
C PHE A 39 8.23 -2.41 -0.23
N ASP A 40 7.38 -2.07 0.74
CA ASP A 40 7.76 -2.11 2.16
C ASP A 40 8.03 -3.55 2.63
N ASP A 41 7.54 -4.55 1.88
CA ASP A 41 7.82 -5.96 2.09
C ASP A 41 9.14 -6.43 1.45
N GLY A 42 9.92 -5.50 0.88
CA GLY A 42 11.27 -5.76 0.43
C GLY A 42 11.34 -6.21 -1.03
N TYR A 43 10.20 -6.40 -1.71
CA TYR A 43 10.20 -6.62 -3.15
C TYR A 43 10.69 -5.33 -3.84
N GLU A 44 11.37 -5.46 -4.97
CA GLU A 44 11.84 -4.34 -5.77
C GLU A 44 11.64 -4.72 -7.24
N CYS A 45 10.65 -4.11 -7.89
CA CYS A 45 10.29 -4.37 -9.28
C CYS A 45 9.82 -3.07 -9.92
N ASP A 46 9.86 -3.02 -11.24
CA ASP A 46 9.27 -1.94 -12.01
C ASP A 46 7.74 -2.01 -11.91
N VAL A 47 7.13 -0.82 -11.89
CA VAL A 47 5.69 -0.61 -11.96
C VAL A 47 5.49 0.63 -12.84
N LEU A 48 4.48 0.64 -13.70
CA LEU A 48 4.22 1.78 -14.58
C LEU A 48 3.47 2.88 -13.85
N GLY A 49 3.61 4.13 -14.31
CA GLY A 49 3.12 5.33 -13.63
C GLY A 49 1.65 5.27 -13.24
N LYS A 50 0.79 4.71 -14.10
CA LYS A 50 -0.65 4.67 -13.76
C LYS A 50 -0.83 3.93 -12.45
N ASP A 51 -0.10 2.83 -12.30
CA ASP A 51 -0.22 1.87 -11.20
C ASP A 51 0.51 2.32 -9.93
N ILE A 52 0.87 3.59 -9.76
CA ILE A 52 1.54 4.08 -8.54
C ILE A 52 0.76 5.30 -8.08
N LEU A 53 0.46 5.36 -6.77
CA LEU A 53 -0.44 6.30 -6.13
C LEU A 53 0.39 7.08 -5.14
N LEU A 54 0.60 8.39 -5.37
CA LEU A 54 1.58 9.18 -4.59
C LEU A 54 1.00 10.28 -3.70
N CYS A 55 -0.32 10.42 -3.70
CA CYS A 55 -1.07 11.33 -2.84
C CYS A 55 -2.03 10.44 -2.05
N ASP A 56 -1.53 9.28 -1.57
CA ASP A 56 -2.40 8.22 -1.05
C ASP A 56 -2.31 7.85 0.43
N PRO A 57 -2.33 8.81 1.38
CA PRO A 57 -2.57 8.43 2.77
C PRO A 57 -4.04 7.99 2.66
N ILE A 58 -4.39 6.75 3.04
CA ILE A 58 -5.70 6.19 2.71
C ILE A 58 -6.82 7.09 3.28
N PRO A 59 -7.73 7.61 2.43
CA PRO A 59 -8.85 8.40 2.91
C PRO A 59 -9.78 7.54 3.76
N LEU A 60 -10.31 8.17 4.80
CA LEU A 60 -11.21 7.53 5.73
C LEU A 60 -12.50 7.18 4.98
N ASP A 61 -13.15 6.09 5.38
CA ASP A 61 -14.28 5.41 4.74
C ASP A 61 -13.89 4.57 3.51
N THR A 62 -12.64 4.62 3.05
CA THR A 62 -12.16 3.73 2.00
C THR A 62 -12.03 2.32 2.56
N GLU A 63 -12.51 1.34 1.78
CA GLU A 63 -12.33 -0.06 2.08
C GLU A 63 -10.88 -0.42 1.78
N VAL A 64 -10.28 -1.25 2.63
CA VAL A 64 -8.91 -1.71 2.51
C VAL A 64 -8.80 -3.14 3.02
N THR A 65 -7.79 -3.86 2.55
CA THR A 65 -7.40 -5.14 3.09
C THR A 65 -6.36 -4.85 4.18
N ALA A 66 -6.36 -5.65 5.24
CA ALA A 66 -5.57 -5.46 6.44
C ALA A 66 -4.88 -6.79 6.75
N LEU A 67 -3.61 -6.73 7.17
CA LEU A 67 -2.76 -7.89 7.42
C LEU A 67 -2.22 -7.81 8.85
N SER A 68 -2.61 -8.76 9.70
CA SER A 68 -2.12 -8.86 11.07
C SER A 68 -0.67 -9.34 11.11
N GLU A 69 0.03 -9.08 12.22
CA GLU A 69 1.41 -9.55 12.43
C GLU A 69 1.46 -11.08 12.53
N ASP A 70 0.36 -11.71 12.98
CA ASP A 70 0.20 -13.17 13.00
C ASP A 70 -0.27 -13.69 11.62
N GLU A 71 -0.10 -12.86 10.59
CA GLU A 71 -0.36 -13.08 9.18
C GLU A 71 -1.72 -13.67 8.81
N TYR A 72 -2.78 -12.98 9.22
CA TYR A 72 -4.13 -13.26 8.76
C TYR A 72 -4.54 -12.10 7.85
N PHE A 73 -5.44 -12.37 6.89
CA PHE A 73 -5.81 -11.48 5.80
C PHE A 73 -7.31 -11.29 5.89
N SER A 74 -7.75 -10.03 5.95
CA SER A 74 -9.16 -9.64 5.96
C SER A 74 -9.31 -8.28 5.29
N ALA A 75 -10.55 -7.81 5.10
CA ALA A 75 -10.80 -6.45 4.63
C ALA A 75 -11.85 -5.78 5.51
N GLY A 76 -11.76 -4.45 5.57
CA GLY A 76 -12.53 -3.58 6.45
C GLY A 76 -12.38 -2.16 5.92
N VAL A 77 -12.64 -1.14 6.74
CA VAL A 77 -12.68 0.26 6.28
C VAL A 77 -11.87 1.13 7.21
N VAL A 78 -11.09 2.05 6.66
CA VAL A 78 -10.40 3.06 7.45
C VAL A 78 -11.44 3.92 8.16
N LYS A 79 -11.32 4.15 9.47
CA LYS A 79 -12.14 5.12 10.19
C LYS A 79 -11.30 6.03 11.10
N GLY A 80 -9.97 6.02 10.96
CA GLY A 80 -9.09 6.93 11.67
C GLY A 80 -7.63 6.68 11.31
N HIS A 81 -6.75 7.40 11.99
CA HIS A 81 -5.32 7.51 11.72
C HIS A 81 -4.54 7.60 13.03
N ARG A 82 -3.27 7.18 12.99
CA ARG A 82 -2.30 7.36 14.08
C ARG A 82 -0.93 7.54 13.44
N LYS A 83 -0.01 8.13 14.19
CA LYS A 83 1.40 8.23 13.87
C LYS A 83 2.13 7.68 15.10
N GLU A 84 3.07 6.76 14.89
CA GLU A 84 3.85 6.12 15.95
C GLU A 84 5.20 5.77 15.35
N SER A 85 6.28 5.98 16.11
CA SER A 85 7.65 5.66 15.71
C SER A 85 8.02 6.22 14.31
N GLY A 86 7.40 7.33 13.90
CA GLY A 86 7.64 7.95 12.61
C GLY A 86 7.11 7.09 11.45
N GLU A 87 6.03 6.32 11.63
CA GLU A 87 5.35 5.64 10.54
C GLU A 87 3.84 5.80 10.73
N LEU A 88 3.08 5.52 9.67
CA LEU A 88 1.66 5.82 9.58
C LEU A 88 0.81 4.60 9.87
N TYR A 89 -0.28 4.82 10.62
CA TYR A 89 -1.22 3.81 11.06
C TYR A 89 -2.63 4.25 10.69
N TYR A 90 -3.52 3.28 10.58
CA TYR A 90 -4.91 3.46 10.22
C TYR A 90 -5.71 2.56 11.16
N SER A 91 -6.77 3.08 11.76
CA SER A 91 -7.71 2.27 12.51
C SER A 91 -8.70 1.73 11.48
N ILE A 92 -8.54 0.46 11.13
CA ILE A 92 -9.42 -0.22 10.18
C ILE A 92 -10.54 -0.80 11.04
N GLU A 93 -11.77 -0.33 10.85
CA GLU A 93 -12.93 -0.97 11.45
C GLU A 93 -13.20 -2.26 10.67
N LYS A 94 -13.45 -3.34 11.41
CA LYS A 94 -13.95 -4.60 10.88
C LYS A 94 -14.88 -5.17 11.95
N GLU A 95 -15.96 -5.83 11.56
CA GLU A 95 -16.96 -6.38 12.49
C GLU A 95 -17.46 -5.34 13.50
N GLY A 96 -17.52 -4.06 13.10
CA GLY A 96 -18.00 -2.96 13.92
C GLY A 96 -17.11 -2.65 15.13
N GLN A 97 -15.84 -3.04 15.10
CA GLN A 97 -14.83 -2.66 16.10
C GLN A 97 -13.58 -2.19 15.39
N ARG A 98 -12.84 -1.24 15.96
CA ARG A 98 -11.68 -0.64 15.32
C ARG A 98 -10.45 -1.47 15.67
N LYS A 99 -9.56 -1.66 14.69
CA LYS A 99 -8.34 -2.43 14.83
C LYS A 99 -7.23 -1.60 14.19
N TRP A 100 -6.11 -1.37 14.89
CA TRP A 100 -5.01 -0.59 14.32
C TRP A 100 -4.17 -1.46 13.39
N TYR A 101 -3.87 -0.94 12.21
CA TYR A 101 -2.95 -1.52 11.23
C TYR A 101 -2.00 -0.43 10.72
N LYS A 102 -0.85 -0.84 10.16
CA LYS A 102 0.21 0.06 9.70
C LYS A 102 0.17 0.19 8.18
N ARG A 103 0.76 1.23 7.58
CA ARG A 103 0.70 1.46 6.12
C ARG A 103 0.90 0.18 5.31
N MET A 104 2.00 -0.55 5.52
CA MET A 104 2.31 -1.71 4.69
C MET A 104 1.34 -2.87 4.93
N ALA A 105 0.66 -2.87 6.07
CA ALA A 105 -0.36 -3.86 6.40
C ALA A 105 -1.71 -3.50 5.78
N VAL A 106 -1.92 -2.23 5.42
CA VAL A 106 -3.16 -1.73 4.87
C VAL A 106 -2.94 -1.66 3.36
N ILE A 107 -3.29 -2.75 2.68
CA ILE A 107 -3.08 -2.89 1.25
C ILE A 107 -4.44 -2.63 0.60
N LEU A 108 -4.44 -2.00 -0.57
CA LEU A 108 -5.67 -1.67 -1.26
C LEU A 108 -5.85 -2.76 -2.30
N SER A 109 -6.93 -3.53 -2.18
CA SER A 109 -7.36 -4.45 -3.21
C SER A 109 -7.53 -3.67 -4.51
N LEU A 110 -7.28 -4.28 -5.67
CA LEU A 110 -7.20 -3.57 -6.95
C LEU A 110 -8.44 -2.73 -7.28
N GLU A 111 -9.64 -3.17 -6.92
CA GLU A 111 -10.86 -2.39 -7.17
C GLU A 111 -10.88 -1.15 -6.26
N GLN A 112 -10.46 -1.30 -5.00
CA GLN A 112 -10.37 -0.20 -4.04
C GLN A 112 -9.34 0.80 -4.56
N GLY A 113 -8.15 0.31 -4.94
CA GLY A 113 -7.05 1.09 -5.45
C GLY A 113 -7.42 1.85 -6.72
N ASN A 114 -8.26 1.26 -7.58
CA ASN A 114 -8.72 1.90 -8.82
C ASN A 114 -9.39 3.25 -8.50
N ARG A 115 -10.22 3.32 -7.44
CA ARG A 115 -10.89 4.57 -7.06
C ARG A 115 -9.89 5.66 -6.74
N LEU A 116 -8.68 5.32 -6.30
CA LEU A 116 -7.64 6.30 -6.05
C LEU A 116 -6.83 6.59 -7.30
N ARG A 117 -6.70 5.65 -8.23
CA ARG A 117 -5.86 5.81 -9.41
C ARG A 117 -6.22 7.04 -10.22
N GLU A 118 -7.52 7.33 -10.36
CA GLU A 118 -8.01 8.47 -11.12
C GLU A 118 -7.55 9.82 -10.55
N GLN A 119 -7.11 9.91 -9.28
CA GLN A 119 -6.64 11.15 -8.67
C GLN A 119 -5.14 11.09 -8.36
N TYR A 120 -4.67 9.97 -7.81
CA TYR A 120 -3.33 9.82 -7.25
C TYR A 120 -2.34 9.13 -8.19
N GLY A 121 -2.83 8.54 -9.28
CA GLY A 121 -2.00 7.88 -10.28
C GLY A 121 -0.92 8.83 -10.79
N LEU A 122 0.33 8.38 -10.93
CA LEU A 122 1.40 9.21 -11.47
C LEU A 122 1.10 9.57 -12.93
N GLY A 123 0.61 8.57 -13.67
CA GLY A 123 0.46 8.64 -15.11
C GLY A 123 -0.75 9.51 -15.46
N GLY B 1 -8.27 -22.34 7.77
CA GLY B 1 -9.04 -21.15 7.33
C GLY B 1 -8.20 -20.23 6.42
N ALA B 2 -8.54 -18.94 6.40
CA ALA B 2 -7.79 -17.92 5.66
C ALA B 2 -6.40 -17.73 6.28
N LYS B 3 -5.46 -17.18 5.51
CA LYS B 3 -4.14 -16.74 5.98
C LYS B 3 -3.58 -15.72 5.00
N ARG B 4 -2.58 -14.93 5.40
CA ARG B 4 -1.92 -13.90 4.58
C ARG B 4 -1.78 -14.38 3.15
N HIS B 5 -2.56 -13.75 2.29
CA HIS B 5 -2.77 -14.16 0.92
C HIS B 5 -1.79 -13.44 0.00
N ARG B 6 -1.85 -13.68 -1.32
CA ARG B 6 -1.05 -12.97 -2.33
C ARG B 6 0.42 -13.02 -1.87
N VAL B 8 3.31 -10.31 0.49
CA VAL B 8 3.37 -9.17 1.41
C VAL B 8 4.60 -9.28 2.33
N LEU B 9 5.51 -10.23 2.05
CA LEU B 9 6.57 -10.61 2.95
C LEU B 9 7.69 -11.24 2.15
N ARG B 10 8.92 -11.25 2.68
CA ARG B 10 10.06 -11.85 1.98
C ARG B 10 11.01 -12.49 2.99
N ASP B 11 10.45 -13.13 4.02
CA ASP B 11 11.20 -13.68 5.16
C ASP B 11 10.60 -14.98 5.68
N ASN B 12 9.26 -15.08 5.81
CA ASN B 12 8.58 -16.26 6.34
C ASN B 12 8.33 -17.32 5.27
N ILE B 13 9.22 -17.36 4.28
CA ILE B 13 9.01 -18.12 3.07
C ILE B 13 9.68 -19.50 3.12
N GLN B 14 10.18 -19.86 4.30
CA GLN B 14 11.03 -21.00 4.54
C GLN B 14 10.43 -21.85 5.65
N GLY A 1 15.25 23.13 0.16
CA GLY A 1 14.80 22.56 -1.13
C GLY A 1 13.32 22.15 -1.08
N HIS A 2 12.94 21.12 -1.82
CA HIS A 2 11.58 20.56 -1.88
C HIS A 2 11.68 19.06 -2.17
N MET A 3 10.54 18.37 -2.32
CA MET A 3 10.48 16.95 -2.63
C MET A 3 11.17 16.69 -3.98
N ASN A 4 11.94 15.59 -4.06
CA ASN A 4 12.50 15.12 -5.31
C ASN A 4 11.39 14.59 -6.23
N SER A 5 11.62 14.59 -7.53
CA SER A 5 10.71 14.00 -8.49
C SER A 5 10.75 12.48 -8.33
N PHE A 6 9.67 11.89 -7.78
CA PHE A 6 9.39 10.46 -7.70
C PHE A 6 10.36 9.68 -6.83
N VAL A 7 11.61 9.56 -7.27
CA VAL A 7 12.61 8.69 -6.69
C VAL A 7 12.86 9.11 -5.23
N GLY A 8 12.47 8.24 -4.30
CA GLY A 8 12.61 8.42 -2.85
C GLY A 8 11.27 8.54 -2.14
N LEU A 9 10.18 8.86 -2.86
CA LEU A 9 8.87 9.14 -2.26
C LEU A 9 8.22 7.84 -1.82
N ARG A 10 7.63 7.83 -0.61
CA ARG A 10 6.78 6.76 -0.13
C ARG A 10 5.44 6.94 -0.84
N VAL A 11 4.94 5.88 -1.46
CA VAL A 11 3.76 5.88 -2.30
C VAL A 11 3.10 4.50 -2.13
N VAL A 12 1.94 4.27 -2.71
CA VAL A 12 1.34 2.96 -2.81
C VAL A 12 1.43 2.60 -4.30
N ALA A 13 1.51 1.33 -4.67
CA ALA A 13 1.72 0.92 -6.05
C ALA A 13 1.05 -0.42 -6.26
N LYS A 14 0.60 -0.72 -7.48
CA LYS A 14 -0.05 -2.00 -7.75
C LYS A 14 1.06 -3.00 -8.01
N TRP A 15 0.93 -4.18 -7.41
CA TRP A 15 1.77 -5.31 -7.74
C TRP A 15 1.33 -5.80 -9.12
N SER A 16 2.21 -5.65 -10.11
CA SER A 16 1.96 -5.83 -11.53
C SER A 16 1.42 -7.20 -11.95
N SER A 17 1.57 -8.25 -11.14
CA SER A 17 1.01 -9.58 -11.39
C SER A 17 -0.50 -9.62 -11.09
N ASN A 18 -1.24 -8.64 -11.62
CA ASN A 18 -2.64 -8.31 -11.39
C ASN A 18 -3.08 -8.48 -9.93
N GLY A 19 -2.32 -7.89 -9.00
CA GLY A 19 -2.58 -7.97 -7.56
C GLY A 19 -3.10 -6.66 -7.01
N TYR A 20 -3.03 -6.53 -5.69
CA TYR A 20 -3.48 -5.37 -4.93
C TYR A 20 -2.41 -4.27 -4.94
N PHE A 21 -2.66 -3.22 -4.17
CA PHE A 21 -1.86 -2.03 -4.11
C PHE A 21 -1.20 -2.01 -2.73
N TYR A 22 0.15 -1.91 -2.70
CA TYR A 22 0.98 -2.08 -1.52
C TYR A 22 1.88 -0.86 -1.37
N SER A 23 2.26 -0.52 -0.15
CA SER A 23 3.15 0.59 0.13
C SER A 23 4.56 0.29 -0.40
N GLY A 24 5.27 1.32 -0.87
CA GLY A 24 6.67 1.20 -1.24
C GLY A 24 7.33 2.55 -1.40
N LYS A 25 8.63 2.54 -1.69
CA LYS A 25 9.39 3.76 -2.02
C LYS A 25 9.81 3.59 -3.47
N ILE A 26 9.72 4.65 -4.27
CA ILE A 26 10.18 4.61 -5.65
C ILE A 26 11.71 4.56 -5.59
N THR A 27 12.31 3.48 -6.03
CA THR A 27 13.75 3.27 -5.91
C THR A 27 14.49 3.98 -7.03
N ARG A 28 13.91 3.94 -8.25
CA ARG A 28 14.52 4.48 -9.47
C ARG A 28 13.46 4.53 -10.57
N ASP A 29 13.40 5.63 -11.33
CA ASP A 29 12.61 5.72 -12.54
C ASP A 29 13.28 4.80 -13.57
N VAL A 30 12.67 3.66 -13.85
CA VAL A 30 13.24 2.63 -14.72
C VAL A 30 13.41 3.22 -16.12
N GLY A 31 12.33 3.77 -16.66
CA GLY A 31 12.26 4.41 -17.96
C GLY A 31 10.92 4.07 -18.60
N ALA A 32 10.57 4.77 -19.68
CA ALA A 32 9.38 4.52 -20.50
C ALA A 32 8.04 4.55 -19.77
N GLY A 33 8.00 4.98 -18.50
CA GLY A 33 6.81 5.05 -17.67
C GLY A 33 6.88 4.03 -16.55
N LYS A 34 7.84 3.10 -16.55
CA LYS A 34 8.08 2.23 -15.41
C LYS A 34 8.90 3.00 -14.37
N TYR A 35 8.56 2.82 -13.11
CA TYR A 35 9.31 3.27 -11.95
C TYR A 35 9.42 2.03 -11.06
N LYS A 36 10.60 1.69 -10.56
CA LYS A 36 10.76 0.52 -9.70
C LYS A 36 10.42 0.92 -8.28
N LEU A 37 9.83 -0.02 -7.56
CA LEU A 37 9.23 0.20 -6.26
C LEU A 37 9.79 -0.85 -5.33
N LEU A 38 10.52 -0.41 -4.30
CA LEU A 38 10.90 -1.26 -3.20
C LEU A 38 9.69 -1.15 -2.31
N PHE A 39 8.81 -2.14 -2.46
CA PHE A 39 7.68 -2.24 -1.57
C PHE A 39 8.22 -2.42 -0.15
N ASP A 40 7.48 -1.90 0.82
CA ASP A 40 7.72 -2.16 2.25
C ASP A 40 7.49 -3.64 2.54
N ASP A 41 6.76 -4.27 1.63
CA ASP A 41 6.53 -5.67 1.48
C ASP A 41 7.85 -6.44 1.43
N GLY A 42 8.94 -5.74 1.08
CA GLY A 42 10.28 -6.28 0.91
C GLY A 42 10.53 -6.70 -0.54
N TYR A 43 9.46 -6.81 -1.34
CA TYR A 43 9.51 -7.07 -2.76
C TYR A 43 10.03 -5.84 -3.52
N GLU A 44 10.60 -6.05 -4.71
CA GLU A 44 11.06 -4.99 -5.61
C GLU A 44 10.70 -5.43 -7.03
N CYS A 45 9.90 -4.64 -7.74
CA CYS A 45 9.61 -4.80 -9.17
C CYS A 45 9.30 -3.43 -9.78
N ASP A 46 9.33 -3.37 -11.10
CA ASP A 46 8.84 -2.24 -11.88
C ASP A 46 7.31 -2.16 -11.76
N VAL A 47 6.80 -0.93 -11.79
CA VAL A 47 5.39 -0.62 -11.86
C VAL A 47 5.25 0.58 -12.80
N LEU A 48 4.21 0.61 -13.63
CA LEU A 48 4.00 1.72 -14.56
C LEU A 48 3.35 2.90 -13.85
N GLY A 49 3.57 4.11 -14.35
CA GLY A 49 3.22 5.37 -13.69
C GLY A 49 1.77 5.44 -13.26
N LYS A 50 0.85 4.94 -14.09
CA LYS A 50 -0.58 5.02 -13.74
C LYS A 50 -0.82 4.32 -12.42
N ASP A 51 -0.17 3.18 -12.25
CA ASP A 51 -0.37 2.24 -11.16
C ASP A 51 0.43 2.60 -9.89
N ILE A 52 0.91 3.84 -9.74
CA ILE A 52 1.62 4.28 -8.54
C ILE A 52 0.84 5.50 -8.04
N LEU A 53 0.46 5.49 -6.77
CA LEU A 53 -0.44 6.40 -6.11
C LEU A 53 0.41 7.19 -5.11
N LEU A 54 0.68 8.47 -5.38
CA LEU A 54 1.68 9.23 -4.61
C LEU A 54 1.11 10.31 -3.68
N CYS A 55 -0.22 10.44 -3.65
CA CYS A 55 -0.95 11.37 -2.80
C CYS A 55 -1.96 10.49 -2.03
N ASP A 56 -1.50 9.34 -1.53
CA ASP A 56 -2.40 8.31 -1.02
C ASP A 56 -2.34 7.93 0.47
N PRO A 57 -2.44 8.88 1.43
CA PRO A 57 -2.71 8.49 2.80
C PRO A 57 -4.16 7.99 2.70
N ILE A 58 -4.48 6.76 3.12
CA ILE A 58 -5.78 6.16 2.81
C ILE A 58 -6.92 7.04 3.37
N PRO A 59 -7.83 7.56 2.53
CA PRO A 59 -8.95 8.34 3.01
C PRO A 59 -9.90 7.48 3.81
N LEU A 60 -10.44 8.07 4.87
CA LEU A 60 -11.33 7.41 5.80
C LEU A 60 -12.62 7.07 5.03
N ASP A 61 -13.23 5.93 5.36
CA ASP A 61 -14.37 5.28 4.70
C ASP A 61 -13.97 4.44 3.47
N THR A 62 -12.72 4.50 3.02
CA THR A 62 -12.23 3.62 1.95
C THR A 62 -12.16 2.19 2.50
N GLU A 63 -12.63 1.24 1.70
CA GLU A 63 -12.46 -0.17 1.96
C GLU A 63 -11.00 -0.52 1.68
N VAL A 64 -10.42 -1.34 2.54
CA VAL A 64 -9.05 -1.81 2.41
C VAL A 64 -8.97 -3.22 2.96
N THR A 65 -7.95 -3.94 2.51
CA THR A 65 -7.57 -5.22 3.07
C THR A 65 -6.55 -4.92 4.18
N ALA A 66 -6.52 -5.75 5.22
CA ALA A 66 -5.67 -5.60 6.38
C ALA A 66 -4.98 -6.95 6.61
N LEU A 67 -3.67 -6.95 6.87
CA LEU A 67 -2.89 -8.16 7.17
C LEU A 67 -2.30 -8.04 8.57
N SER A 68 -2.67 -8.96 9.47
CA SER A 68 -2.07 -9.08 10.79
C SER A 68 -0.58 -9.48 10.71
N GLU A 69 0.14 -9.34 11.83
CA GLU A 69 1.54 -9.75 11.93
C GLU A 69 1.65 -11.27 11.69
N ASP A 70 0.66 -12.04 12.15
CA ASP A 70 0.54 -13.48 11.85
C ASP A 70 -0.24 -13.69 10.56
N GLU A 71 -0.04 -12.79 9.60
CA GLU A 71 -0.48 -12.85 8.21
C GLU A 71 -1.99 -13.05 7.95
N TYR A 72 -2.85 -13.09 8.96
CA TYR A 72 -4.28 -13.26 8.72
C TYR A 72 -4.78 -12.08 7.89
N PHE A 73 -5.52 -12.41 6.82
CA PHE A 73 -5.95 -11.51 5.77
C PHE A 73 -7.47 -11.33 5.95
N SER A 74 -7.92 -10.08 5.95
CA SER A 74 -9.34 -9.73 5.95
C SER A 74 -9.51 -8.38 5.23
N ALA A 75 -10.75 -7.95 4.99
CA ALA A 75 -11.03 -6.60 4.50
C ALA A 75 -12.03 -5.92 5.44
N GLY A 76 -11.98 -4.58 5.46
CA GLY A 76 -12.71 -3.71 6.36
C GLY A 76 -12.54 -2.29 5.86
N VAL A 77 -12.77 -1.28 6.71
CA VAL A 77 -12.79 0.11 6.27
C VAL A 77 -11.97 0.97 7.22
N VAL A 78 -11.20 1.92 6.67
CA VAL A 78 -10.52 2.92 7.47
C VAL A 78 -11.56 3.77 8.19
N LYS A 79 -11.43 3.99 9.51
CA LYS A 79 -12.24 4.96 10.25
C LYS A 79 -11.39 5.82 11.19
N GLY A 80 -10.07 5.81 11.05
CA GLY A 80 -9.19 6.72 11.77
C GLY A 80 -7.73 6.46 11.42
N HIS A 81 -6.85 7.18 12.11
CA HIS A 81 -5.41 7.29 11.85
C HIS A 81 -4.65 7.36 13.18
N ARG A 82 -3.38 6.94 13.15
CA ARG A 82 -2.44 7.11 14.25
C ARG A 82 -1.04 7.27 13.66
N LYS A 83 -0.15 7.87 14.44
CA LYS A 83 1.28 7.94 14.15
C LYS A 83 1.98 7.38 15.37
N GLU A 84 2.85 6.37 15.19
CA GLU A 84 3.52 5.67 16.26
C GLU A 84 4.86 5.20 15.73
N SER A 85 5.92 5.26 16.53
CA SER A 85 7.28 4.91 16.14
C SER A 85 7.75 5.60 14.84
N GLY A 86 7.21 6.78 14.52
CA GLY A 86 7.50 7.50 13.30
C GLY A 86 6.96 6.78 12.06
N GLU A 87 5.84 6.05 12.17
CA GLU A 87 5.26 5.23 11.14
C GLU A 87 3.74 5.43 11.20
N LEU A 88 3.06 5.24 10.07
CA LEU A 88 1.66 5.58 9.86
C LEU A 88 0.76 4.37 10.05
N TYR A 89 -0.34 4.59 10.78
CA TYR A 89 -1.30 3.58 11.16
C TYR A 89 -2.71 4.04 10.81
N TYR A 90 -3.60 3.08 10.64
CA TYR A 90 -5.01 3.29 10.33
C TYR A 90 -5.80 2.37 11.25
N SER A 91 -6.85 2.88 11.86
CA SER A 91 -7.79 2.07 12.59
C SER A 91 -8.79 1.55 11.55
N ILE A 92 -8.66 0.28 11.19
CA ILE A 92 -9.55 -0.38 10.25
C ILE A 92 -10.70 -0.90 11.10
N GLU A 93 -11.90 -0.33 10.95
CA GLU A 93 -13.08 -0.93 11.54
C GLU A 93 -13.42 -2.16 10.71
N LYS A 94 -13.65 -3.26 11.40
CA LYS A 94 -14.08 -4.51 10.81
C LYS A 94 -15.03 -5.16 11.81
N GLU A 95 -16.13 -5.74 11.34
CA GLU A 95 -17.16 -6.37 12.19
C GLU A 95 -17.63 -5.44 13.31
N GLY A 96 -17.67 -4.13 13.04
CA GLY A 96 -18.19 -3.13 13.97
C GLY A 96 -17.26 -2.84 15.15
N GLN A 97 -15.97 -3.18 15.05
CA GLN A 97 -14.97 -2.84 16.06
C GLN A 97 -13.69 -2.38 15.37
N ARG A 98 -12.94 -1.47 15.99
CA ARG A 98 -11.75 -0.86 15.38
C ARG A 98 -10.54 -1.74 15.69
N LYS A 99 -9.63 -1.89 14.72
CA LYS A 99 -8.41 -2.68 14.84
C LYS A 99 -7.30 -1.85 14.20
N TRP A 100 -6.19 -1.65 14.89
CA TRP A 100 -5.07 -0.88 14.35
C TRP A 100 -4.26 -1.74 13.38
N TYR A 101 -3.98 -1.20 12.19
CA TYR A 101 -3.05 -1.78 11.21
C TYR A 101 -2.12 -0.68 10.69
N LYS A 102 -0.98 -1.07 10.13
CA LYS A 102 0.07 -0.14 9.67
C LYS A 102 -0.04 0.03 8.16
N ARG A 103 0.46 1.14 7.58
CA ARG A 103 0.23 1.43 6.16
C ARG A 103 0.47 0.24 5.25
N MET A 104 1.58 -0.49 5.42
CA MET A 104 1.90 -1.56 4.48
C MET A 104 1.06 -2.82 4.73
N ALA A 105 0.47 -2.93 5.91
CA ALA A 105 -0.53 -3.95 6.21
C ALA A 105 -1.89 -3.55 5.65
N VAL A 106 -2.15 -2.25 5.47
CA VAL A 106 -3.40 -1.73 4.97
C VAL A 106 -3.21 -1.62 3.46
N ILE A 107 -3.53 -2.70 2.76
CA ILE A 107 -3.31 -2.81 1.35
C ILE A 107 -4.64 -2.48 0.68
N LEU A 108 -4.58 -1.84 -0.48
CA LEU A 108 -5.79 -1.40 -1.16
C LEU A 108 -6.11 -2.48 -2.15
N SER A 109 -7.24 -3.15 -1.93
CA SER A 109 -7.79 -4.15 -2.84
C SER A 109 -7.91 -3.49 -4.22
N LEU A 110 -7.71 -4.21 -5.32
CA LEU A 110 -7.56 -3.60 -6.65
C LEU A 110 -8.72 -2.72 -7.09
N GLU A 111 -9.97 -3.06 -6.76
CA GLU A 111 -11.12 -2.22 -7.09
C GLU A 111 -11.01 -0.88 -6.35
N GLN A 112 -10.46 -0.89 -5.14
CA GLN A 112 -10.36 0.29 -4.29
C GLN A 112 -9.18 1.13 -4.75
N GLY A 113 -8.01 0.51 -4.98
CA GLY A 113 -6.84 1.16 -5.57
C GLY A 113 -7.20 1.87 -6.87
N ASN A 114 -8.07 1.27 -7.70
CA ASN A 114 -8.54 1.87 -8.96
C ASN A 114 -9.15 3.25 -8.71
N ARG A 115 -10.01 3.37 -7.70
CA ARG A 115 -10.71 4.63 -7.40
C ARG A 115 -9.73 5.72 -7.00
N LEU A 116 -8.55 5.37 -6.47
CA LEU A 116 -7.53 6.35 -6.19
C LEU A 116 -6.70 6.64 -7.43
N ARG A 117 -6.53 5.68 -8.34
CA ARG A 117 -5.65 5.79 -9.51
C ARG A 117 -5.99 7.00 -10.36
N GLU A 118 -7.27 7.31 -10.51
CA GLU A 118 -7.72 8.46 -11.30
C GLU A 118 -7.27 9.82 -10.73
N GLN A 119 -6.86 9.90 -9.45
CA GLN A 119 -6.42 11.15 -8.84
C GLN A 119 -4.92 11.09 -8.51
N TYR A 120 -4.46 9.98 -7.94
CA TYR A 120 -3.13 9.83 -7.36
C TYR A 120 -2.15 9.12 -8.29
N GLY A 121 -2.64 8.49 -9.36
CA GLY A 121 -1.81 7.88 -10.38
C GLY A 121 -0.77 8.88 -10.88
N LEU A 122 0.51 8.48 -10.99
CA LEU A 122 1.55 9.36 -11.51
C LEU A 122 1.25 9.73 -12.97
N GLY A 123 0.76 8.74 -13.72
CA GLY A 123 0.58 8.84 -15.16
C GLY A 123 -0.35 9.99 -15.50
N GLY B 1 -7.87 -21.39 6.24
CA GLY B 1 -9.05 -20.51 6.48
C GLY B 1 -8.88 -19.13 5.82
N ALA B 2 -8.22 -18.18 6.52
CA ALA B 2 -8.15 -16.76 6.13
C ALA B 2 -6.73 -16.22 6.26
N LYS B 3 -5.72 -17.04 5.97
CA LYS B 3 -4.32 -16.62 6.00
C LYS B 3 -3.96 -15.84 4.73
N ARG B 4 -2.87 -15.08 4.79
CA ARG B 4 -2.27 -14.27 3.72
C ARG B 4 -2.57 -14.84 2.34
N HIS B 5 -3.17 -13.99 1.50
CA HIS B 5 -3.76 -14.38 0.24
C HIS B 5 -2.98 -13.92 -1.00
N ARG B 6 -2.25 -12.80 -0.91
CA ARG B 6 -1.60 -12.11 -2.02
C ARG B 6 -0.21 -11.67 -1.60
N VAL B 8 1.86 -10.67 0.57
CA VAL B 8 2.34 -9.50 1.33
C VAL B 8 3.55 -9.86 2.18
N LEU B 9 4.30 -8.86 2.65
CA LEU B 9 5.47 -8.96 3.48
C LEU B 9 6.53 -9.98 2.97
N ARG B 10 7.58 -10.27 3.75
CA ARG B 10 8.53 -11.34 3.44
C ARG B 10 9.03 -11.99 4.74
N ASP B 11 9.53 -13.23 4.64
CA ASP B 11 9.85 -14.07 5.80
C ASP B 11 10.94 -15.11 5.51
N ASN B 12 11.25 -15.39 4.24
CA ASN B 12 12.27 -16.37 3.82
C ASN B 12 13.61 -15.69 3.62
N ILE B 13 13.90 -14.79 4.54
CA ILE B 13 14.99 -13.85 4.40
C ILE B 13 16.28 -14.33 5.05
N GLN B 14 16.28 -15.57 5.54
CA GLN B 14 17.32 -16.13 6.38
C GLN B 14 17.78 -17.44 5.77
N GLY A 1 19.03 13.75 3.43
CA GLY A 1 18.23 13.22 2.31
C GLY A 1 16.93 14.03 2.09
N HIS A 2 16.45 14.08 0.85
CA HIS A 2 15.21 14.77 0.47
C HIS A 2 14.57 14.03 -0.71
N MET A 3 13.32 14.37 -1.01
CA MET A 3 12.59 13.86 -2.17
C MET A 3 13.29 14.28 -3.47
N ASN A 4 13.09 13.49 -4.54
CA ASN A 4 13.69 13.72 -5.86
C ASN A 4 12.70 13.30 -6.95
N SER A 5 11.60 14.06 -7.05
CA SER A 5 10.54 13.97 -8.06
C SER A 5 9.65 12.73 -7.92
N PHE A 6 10.26 11.55 -7.97
CA PHE A 6 9.61 10.26 -7.85
C PHE A 6 10.52 9.37 -7.03
N VAL A 7 11.79 9.28 -7.42
CA VAL A 7 12.79 8.49 -6.74
C VAL A 7 12.86 8.91 -5.27
N GLY A 8 12.58 7.97 -4.36
CA GLY A 8 12.68 8.14 -2.91
C GLY A 8 11.33 8.37 -2.24
N LEU A 9 10.26 8.73 -2.99
CA LEU A 9 8.94 8.96 -2.40
C LEU A 9 8.34 7.62 -1.95
N ARG A 10 7.73 7.62 -0.75
CA ARG A 10 6.90 6.52 -0.28
C ARG A 10 5.56 6.73 -0.97
N VAL A 11 5.07 5.70 -1.65
CA VAL A 11 3.89 5.74 -2.49
C VAL A 11 3.19 4.39 -2.33
N VAL A 12 2.09 4.17 -3.05
CA VAL A 12 1.44 2.87 -3.15
C VAL A 12 1.52 2.49 -4.63
N ALA A 13 1.61 1.21 -4.96
CA ALA A 13 1.85 0.74 -6.31
C ALA A 13 1.07 -0.55 -6.50
N LYS A 14 0.57 -0.81 -7.71
CA LYS A 14 -0.14 -2.06 -7.98
C LYS A 14 0.92 -3.08 -8.28
N TRP A 15 0.73 -4.26 -7.71
CA TRP A 15 1.50 -5.42 -8.03
C TRP A 15 1.05 -5.93 -9.41
N SER A 16 1.93 -5.81 -10.39
CA SER A 16 1.67 -6.01 -11.81
C SER A 16 1.11 -7.40 -12.20
N SER A 17 1.21 -8.42 -11.33
CA SER A 17 0.60 -9.73 -11.51
C SER A 17 -0.92 -9.69 -11.27
N ASN A 18 -1.59 -8.68 -11.84
CA ASN A 18 -2.99 -8.28 -11.62
C ASN A 18 -3.44 -8.41 -10.16
N GLY A 19 -2.65 -7.85 -9.24
CA GLY A 19 -2.90 -7.92 -7.81
C GLY A 19 -3.39 -6.60 -7.23
N TYR A 20 -3.30 -6.48 -5.91
CA TYR A 20 -3.69 -5.31 -5.14
C TYR A 20 -2.60 -4.24 -5.17
N PHE A 21 -2.81 -3.18 -4.39
CA PHE A 21 -1.95 -2.02 -4.32
C PHE A 21 -1.25 -2.06 -2.96
N TYR A 22 0.08 -2.00 -2.95
CA TYR A 22 0.90 -2.20 -1.76
C TYR A 22 1.84 -1.01 -1.62
N SER A 23 2.21 -0.68 -0.38
CA SER A 23 3.10 0.42 -0.08
C SER A 23 4.51 0.13 -0.61
N GLY A 24 5.22 1.14 -1.09
CA GLY A 24 6.60 0.97 -1.54
C GLY A 24 7.29 2.30 -1.77
N LYS A 25 8.60 2.24 -1.96
CA LYS A 25 9.45 3.40 -2.19
C LYS A 25 9.95 3.30 -3.61
N ILE A 26 9.85 4.38 -4.38
CA ILE A 26 10.31 4.38 -5.76
C ILE A 26 11.84 4.32 -5.72
N THR A 27 12.42 3.24 -6.20
CA THR A 27 13.86 3.04 -6.13
C THR A 27 14.57 3.80 -7.26
N ARG A 28 13.94 3.83 -8.45
CA ARG A 28 14.50 4.41 -9.66
C ARG A 28 13.42 4.50 -10.75
N ASP A 29 13.39 5.61 -11.51
CA ASP A 29 12.57 5.73 -12.72
C ASP A 29 13.24 4.84 -13.77
N VAL A 30 12.63 3.68 -14.06
CA VAL A 30 13.18 2.67 -14.95
C VAL A 30 13.36 3.30 -16.34
N GLY A 31 12.27 3.87 -16.87
CA GLY A 31 12.23 4.49 -18.18
C GLY A 31 10.85 4.26 -18.77
N ALA A 32 10.51 5.00 -19.82
CA ALA A 32 9.26 4.87 -20.59
C ALA A 32 7.97 5.00 -19.77
N GLY A 33 8.05 5.40 -18.50
CA GLY A 33 6.93 5.57 -17.58
C GLY A 33 6.98 4.51 -16.49
N LYS A 34 7.81 3.47 -16.60
CA LYS A 34 8.00 2.52 -15.51
C LYS A 34 8.85 3.17 -14.44
N TYR A 35 8.52 2.89 -13.18
CA TYR A 35 9.33 3.23 -12.02
C TYR A 35 9.44 1.93 -11.22
N LYS A 36 10.63 1.57 -10.75
CA LYS A 36 10.81 0.40 -9.93
C LYS A 36 10.52 0.76 -8.50
N LEU A 37 9.92 -0.17 -7.77
CA LEU A 37 9.35 0.05 -6.46
C LEU A 37 9.87 -1.00 -5.52
N LEU A 38 10.58 -0.58 -4.48
CA LEU A 38 10.97 -1.39 -3.34
C LEU A 38 9.74 -1.32 -2.46
N PHE A 39 8.83 -2.27 -2.67
CA PHE A 39 7.70 -2.46 -1.81
C PHE A 39 8.22 -2.61 -0.37
N ASP A 40 7.43 -2.20 0.62
CA ASP A 40 7.76 -2.44 2.03
C ASP A 40 7.80 -3.92 2.35
N ASP A 41 7.18 -4.68 1.47
CA ASP A 41 7.19 -6.13 1.35
C ASP A 41 8.61 -6.66 1.20
N GLY A 42 9.57 -5.80 0.82
CA GLY A 42 10.94 -6.15 0.48
C GLY A 42 11.10 -6.58 -0.97
N TYR A 43 9.98 -6.77 -1.69
CA TYR A 43 9.95 -7.03 -3.12
C TYR A 43 10.42 -5.79 -3.89
N GLU A 44 10.98 -5.97 -5.09
CA GLU A 44 11.46 -4.90 -5.96
C GLU A 44 11.15 -5.28 -7.41
N CYS A 45 10.17 -4.60 -8.02
CA CYS A 45 9.78 -4.83 -9.40
C CYS A 45 9.40 -3.48 -10.04
N ASP A 46 9.42 -3.43 -11.37
CA ASP A 46 8.89 -2.31 -12.14
C ASP A 46 7.37 -2.28 -12.01
N VAL A 47 6.82 -1.07 -12.01
CA VAL A 47 5.40 -0.78 -12.09
C VAL A 47 5.28 0.43 -13.02
N LEU A 48 4.27 0.46 -13.90
CA LEU A 48 4.06 1.58 -14.83
C LEU A 48 3.46 2.77 -14.09
N GLY A 49 3.71 3.99 -14.54
CA GLY A 49 3.35 5.23 -13.85
C GLY A 49 1.87 5.32 -13.51
N LYS A 50 0.98 4.87 -14.43
CA LYS A 50 -0.45 4.91 -14.14
C LYS A 50 -0.82 4.08 -12.90
N ASP A 51 -0.01 3.08 -12.56
CA ASP A 51 -0.28 2.11 -11.49
C ASP A 51 0.43 2.48 -10.17
N ILE A 52 0.91 3.73 -10.00
CA ILE A 52 1.61 4.16 -8.79
C ILE A 52 0.89 5.42 -8.31
N LEU A 53 0.56 5.47 -7.02
CA LEU A 53 -0.29 6.45 -6.37
C LEU A 53 0.61 7.14 -5.37
N LEU A 54 0.90 8.43 -5.53
CA LEU A 54 1.96 9.08 -4.74
C LEU A 54 1.50 10.12 -3.72
N CYS A 55 0.20 10.35 -3.58
CA CYS A 55 -0.38 11.27 -2.60
C CYS A 55 -1.52 10.49 -1.94
N ASP A 56 -1.22 9.27 -1.47
CA ASP A 56 -2.24 8.31 -1.05
C ASP A 56 -2.18 7.83 0.41
N PRO A 57 -2.19 8.73 1.42
CA PRO A 57 -2.45 8.29 2.78
C PRO A 57 -3.93 7.85 2.73
N ILE A 58 -4.26 6.63 3.15
CA ILE A 58 -5.60 6.08 2.89
C ILE A 58 -6.67 6.99 3.50
N PRO A 59 -7.60 7.56 2.70
CA PRO A 59 -8.68 8.36 3.25
C PRO A 59 -9.62 7.48 4.06
N LEU A 60 -10.10 8.04 5.15
CA LEU A 60 -10.98 7.37 6.09
C LEU A 60 -12.29 7.08 5.36
N ASP A 61 -12.89 5.92 5.66
CA ASP A 61 -14.07 5.30 5.03
C ASP A 61 -13.72 4.48 3.78
N THR A 62 -12.48 4.55 3.27
CA THR A 62 -12.04 3.68 2.20
C THR A 62 -11.94 2.24 2.72
N GLU A 63 -12.44 1.30 1.92
CA GLU A 63 -12.27 -0.13 2.17
C GLU A 63 -10.83 -0.49 1.84
N VAL A 64 -10.24 -1.36 2.65
CA VAL A 64 -8.88 -1.85 2.49
C VAL A 64 -8.80 -3.28 2.99
N THR A 65 -7.82 -4.00 2.51
CA THR A 65 -7.46 -5.29 3.03
C THR A 65 -6.40 -5.00 4.10
N ALA A 66 -6.33 -5.84 5.13
CA ALA A 66 -5.45 -5.71 6.26
C ALA A 66 -4.74 -7.06 6.43
N LEU A 67 -3.46 -7.06 6.79
CA LEU A 67 -2.73 -8.29 7.14
C LEU A 67 -2.09 -8.17 8.51
N SER A 68 -2.31 -9.17 9.34
CA SER A 68 -1.65 -9.32 10.62
C SER A 68 -0.17 -9.62 10.43
N GLU A 69 0.62 -9.50 11.50
CA GLU A 69 2.05 -9.81 11.46
C GLU A 69 2.26 -11.32 11.24
N ASP A 70 1.30 -12.15 11.69
CA ASP A 70 1.23 -13.59 11.36
C ASP A 70 0.45 -13.81 10.06
N GLU A 71 0.40 -12.80 9.21
CA GLU A 71 -0.07 -12.80 7.83
C GLU A 71 -1.56 -13.04 7.63
N TYR A 72 -2.37 -13.30 8.66
CA TYR A 72 -3.81 -13.49 8.47
C TYR A 72 -4.41 -12.28 7.75
N PHE A 73 -5.22 -12.53 6.73
CA PHE A 73 -5.72 -11.56 5.77
C PHE A 73 -7.21 -11.34 6.07
N SER A 74 -7.67 -10.09 6.03
CA SER A 74 -9.08 -9.74 6.07
C SER A 74 -9.31 -8.43 5.32
N ALA A 75 -10.55 -7.98 5.14
CA ALA A 75 -10.85 -6.65 4.64
C ALA A 75 -11.84 -5.95 5.56
N GLY A 76 -11.78 -4.63 5.56
CA GLY A 76 -12.49 -3.75 6.47
C GLY A 76 -12.30 -2.31 5.99
N VAL A 77 -12.53 -1.33 6.85
CA VAL A 77 -12.54 0.09 6.44
C VAL A 77 -11.70 0.92 7.40
N VAL A 78 -10.93 1.86 6.85
CA VAL A 78 -10.21 2.82 7.66
C VAL A 78 -11.23 3.68 8.42
N LYS A 79 -11.09 3.83 9.74
CA LYS A 79 -11.89 4.80 10.51
C LYS A 79 -11.01 5.63 11.45
N GLY A 80 -9.68 5.61 11.28
CA GLY A 80 -8.78 6.49 12.00
C GLY A 80 -7.33 6.22 11.63
N HIS A 81 -6.43 6.92 12.33
CA HIS A 81 -5.00 7.01 12.04
C HIS A 81 -4.20 7.02 13.34
N ARG A 82 -2.95 6.55 13.28
CA ARG A 82 -1.99 6.62 14.37
C ARG A 82 -0.60 6.79 13.76
N LYS A 83 0.34 7.28 14.55
CA LYS A 83 1.75 7.32 14.23
C LYS A 83 2.46 6.64 15.41
N GLU A 84 3.27 5.62 15.12
CA GLU A 84 3.94 4.81 16.12
C GLU A 84 5.24 4.33 15.51
N SER A 85 6.32 4.29 16.29
CA SER A 85 7.67 3.95 15.82
C SER A 85 8.10 4.76 14.59
N GLY A 86 7.57 5.99 14.43
CA GLY A 86 7.83 6.85 13.28
C GLY A 86 7.28 6.25 11.99
N GLU A 87 6.17 5.50 12.04
CA GLU A 87 5.57 4.80 10.92
C GLU A 87 4.06 5.00 11.02
N LEU A 88 3.36 4.89 9.90
CA LEU A 88 1.96 5.26 9.78
C LEU A 88 1.08 4.04 10.00
N TYR A 89 0.01 4.25 10.75
CA TYR A 89 -0.97 3.23 11.12
C TYR A 89 -2.36 3.75 10.80
N TYR A 90 -3.26 2.80 10.58
CA TYR A 90 -4.67 3.04 10.31
C TYR A 90 -5.45 2.11 11.22
N SER A 91 -6.46 2.62 11.90
CA SER A 91 -7.40 1.80 12.63
C SER A 91 -8.41 1.31 11.60
N ILE A 92 -8.29 0.05 11.20
CA ILE A 92 -9.21 -0.58 10.27
C ILE A 92 -10.35 -1.11 11.14
N GLU A 93 -11.52 -0.48 11.07
CA GLU A 93 -12.71 -1.03 11.67
C GLU A 93 -13.09 -2.25 10.85
N LYS A 94 -13.36 -3.35 11.54
CA LYS A 94 -13.81 -4.58 10.95
C LYS A 94 -14.79 -5.19 11.94
N GLU A 95 -15.94 -5.68 11.46
CA GLU A 95 -16.98 -6.31 12.27
C GLU A 95 -17.40 -5.44 13.48
N GLY A 96 -17.38 -4.11 13.30
CA GLY A 96 -17.90 -3.16 14.28
C GLY A 96 -16.90 -2.83 15.39
N GLN A 97 -15.61 -3.17 15.22
CA GLN A 97 -14.57 -2.86 16.21
C GLN A 97 -13.28 -2.45 15.49
N ARG A 98 -12.51 -1.55 16.10
CA ARG A 98 -11.28 -1.01 15.49
C ARG A 98 -10.14 -1.98 15.73
N LYS A 99 -9.25 -2.13 14.75
CA LYS A 99 -8.04 -2.95 14.82
C LYS A 99 -6.93 -2.12 14.18
N TRP A 100 -5.78 -1.96 14.84
CA TRP A 100 -4.68 -1.19 14.28
C TRP A 100 -3.90 -2.05 13.29
N TYR A 101 -3.62 -1.49 12.11
CA TYR A 101 -2.72 -2.07 11.11
C TYR A 101 -1.79 -0.97 10.59
N LYS A 102 -0.66 -1.38 10.01
CA LYS A 102 0.40 -0.45 9.55
C LYS A 102 0.31 -0.25 8.06
N ARG A 103 0.86 0.83 7.48
CA ARG A 103 0.67 1.14 6.05
C ARG A 103 0.85 -0.07 5.14
N MET A 104 1.93 -0.84 5.30
CA MET A 104 2.19 -1.94 4.35
C MET A 104 1.28 -3.14 4.57
N ALA A 105 0.68 -3.28 5.76
CA ALA A 105 -0.35 -4.27 6.04
C ALA A 105 -1.71 -3.81 5.50
N VAL A 106 -1.92 -2.50 5.37
CA VAL A 106 -3.16 -1.93 4.88
C VAL A 106 -2.99 -1.82 3.37
N ILE A 107 -3.36 -2.88 2.68
CA ILE A 107 -3.19 -2.99 1.25
C ILE A 107 -4.52 -2.62 0.63
N LEU A 108 -4.49 -1.97 -0.51
CA LEU A 108 -5.70 -1.46 -1.12
C LEU A 108 -6.13 -2.50 -2.14
N SER A 109 -7.27 -3.12 -1.88
CA SER A 109 -7.92 -4.05 -2.80
C SER A 109 -8.05 -3.32 -4.14
N LEU A 110 -7.89 -4.02 -5.27
CA LEU A 110 -7.74 -3.37 -6.58
C LEU A 110 -8.84 -2.40 -7.00
N GLU A 111 -10.10 -2.62 -6.64
CA GLU A 111 -11.15 -1.63 -6.98
C GLU A 111 -10.96 -0.36 -6.13
N GLN A 112 -10.51 -0.53 -4.89
CA GLN A 112 -10.32 0.57 -3.94
C GLN A 112 -9.11 1.40 -4.37
N GLY A 113 -8.00 0.74 -4.70
CA GLY A 113 -6.83 1.36 -5.32
C GLY A 113 -7.21 2.14 -6.57
N ASN A 114 -8.10 1.58 -7.40
CA ASN A 114 -8.53 2.19 -8.65
C ASN A 114 -9.20 3.54 -8.40
N ARG A 115 -10.13 3.60 -7.45
CA ARG A 115 -10.84 4.85 -7.10
C ARG A 115 -9.89 5.95 -6.60
N LEU A 116 -8.64 5.62 -6.30
CA LEU A 116 -7.62 6.54 -5.83
C LEU A 116 -6.63 6.81 -6.96
N ARG A 117 -6.44 5.84 -7.87
CA ARG A 117 -5.56 5.93 -9.04
C ARG A 117 -5.97 7.10 -9.92
N GLU A 118 -7.26 7.33 -10.09
CA GLU A 118 -7.80 8.41 -10.91
C GLU A 118 -7.32 9.80 -10.48
N GLN A 119 -6.85 9.98 -9.24
CA GLN A 119 -6.33 11.26 -8.74
C GLN A 119 -4.83 11.19 -8.46
N TYR A 120 -4.37 10.09 -7.86
CA TYR A 120 -3.02 9.95 -7.33
C TYR A 120 -2.04 9.24 -8.26
N GLY A 121 -2.57 8.55 -9.28
CA GLY A 121 -1.80 7.94 -10.36
C GLY A 121 -0.76 8.91 -10.92
N LEU A 122 0.50 8.48 -11.06
CA LEU A 122 1.53 9.33 -11.66
C LEU A 122 1.17 9.59 -13.12
N GLY A 123 0.76 8.53 -13.82
CA GLY A 123 0.45 8.56 -15.23
C GLY A 123 -0.86 9.31 -15.43
N GLY B 1 -7.47 -21.45 7.92
CA GLY B 1 -8.51 -20.41 7.73
C GLY B 1 -8.03 -19.26 6.84
N ALA B 2 -8.29 -18.01 7.25
CA ALA B 2 -8.07 -16.79 6.46
C ALA B 2 -6.60 -16.34 6.44
N LYS B 3 -5.66 -17.25 6.16
CA LYS B 3 -4.26 -16.90 5.99
C LYS B 3 -4.07 -16.05 4.73
N ARG B 4 -2.95 -15.30 4.69
CA ARG B 4 -2.46 -14.52 3.57
C ARG B 4 -2.88 -15.10 2.22
N HIS B 5 -3.51 -14.27 1.42
CA HIS B 5 -4.21 -14.65 0.20
C HIS B 5 -3.45 -14.31 -1.08
N ARG B 6 -2.46 -13.41 -1.01
CA ARG B 6 -1.65 -12.89 -2.11
C ARG B 6 -0.24 -12.71 -1.58
N VAL B 8 2.48 -10.52 -0.28
CA VAL B 8 2.64 -9.27 0.44
C VAL B 8 4.12 -9.34 0.84
N LEU B 9 4.43 -9.36 2.14
CA LEU B 9 5.74 -9.64 2.69
C LEU B 9 6.47 -10.80 1.99
N ARG B 10 7.80 -10.86 2.15
CA ARG B 10 8.58 -12.00 1.70
C ARG B 10 8.69 -13.03 2.80
N ASP B 11 8.94 -12.64 4.06
CA ASP B 11 9.08 -13.56 5.18
C ASP B 11 8.63 -12.87 6.48
N ASN B 12 8.35 -13.65 7.52
CA ASN B 12 7.70 -13.18 8.75
C ASN B 12 8.67 -12.55 9.73
N ILE B 13 9.38 -11.53 9.26
CA ILE B 13 10.20 -10.63 10.06
C ILE B 13 9.90 -9.17 9.71
N GLN B 14 8.89 -8.98 8.86
CA GLN B 14 8.57 -7.74 8.19
C GLN B 14 7.21 -7.24 8.65
N GLY A 1 6.65 19.20 3.91
CA GLY A 1 7.44 17.96 3.67
C GLY A 1 8.20 18.03 2.36
N HIS A 2 9.54 17.98 2.42
CA HIS A 2 10.40 17.97 1.23
C HIS A 2 10.19 16.67 0.44
N MET A 3 10.45 16.72 -0.87
CA MET A 3 10.27 15.60 -1.80
C MET A 3 11.31 15.69 -2.92
N ASN A 4 11.45 14.60 -3.68
CA ASN A 4 12.23 14.49 -4.91
C ASN A 4 11.32 13.86 -5.95
N SER A 5 11.56 14.14 -7.23
CA SER A 5 10.80 13.64 -8.35
C SER A 5 10.80 12.11 -8.40
N PHE A 6 9.73 11.51 -7.88
CA PHE A 6 9.42 10.08 -7.83
C PHE A 6 10.42 9.26 -7.04
N VAL A 7 11.68 9.20 -7.45
CA VAL A 7 12.67 8.32 -6.86
C VAL A 7 12.89 8.72 -5.39
N GLY A 8 12.62 7.78 -4.48
CA GLY A 8 12.72 7.93 -3.03
C GLY A 8 11.35 7.98 -2.35
N LEU A 9 10.29 8.40 -3.05
CA LEU A 9 8.97 8.62 -2.44
C LEU A 9 8.32 7.31 -2.00
N ARG A 10 7.73 7.34 -0.80
CA ARG A 10 6.86 6.28 -0.30
C ARG A 10 5.51 6.52 -0.97
N VAL A 11 4.98 5.51 -1.63
CA VAL A 11 3.78 5.58 -2.45
C VAL A 11 3.05 4.24 -2.27
N VAL A 12 1.92 4.06 -2.94
CA VAL A 12 1.24 2.76 -3.02
C VAL A 12 1.26 2.42 -4.51
N ALA A 13 1.44 1.15 -4.87
CA ALA A 13 1.68 0.74 -6.24
C ALA A 13 1.00 -0.59 -6.46
N LYS A 14 0.57 -0.89 -7.69
CA LYS A 14 -0.06 -2.17 -7.96
C LYS A 14 1.05 -3.16 -8.18
N TRP A 15 0.88 -4.34 -7.61
CA TRP A 15 1.73 -5.47 -7.90
C TRP A 15 1.43 -5.91 -9.34
N SER A 16 2.36 -5.57 -10.23
CA SER A 16 2.26 -5.67 -11.67
C SER A 16 2.02 -7.08 -12.23
N SER A 17 2.32 -8.13 -11.47
CA SER A 17 1.96 -9.51 -11.83
C SER A 17 0.43 -9.69 -11.95
N ASN A 18 -0.34 -8.79 -11.32
CA ASN A 18 -1.80 -8.56 -11.39
C ASN A 18 -2.44 -8.81 -10.04
N GLY A 19 -2.12 -7.98 -9.05
CA GLY A 19 -2.69 -8.03 -7.71
C GLY A 19 -3.16 -6.66 -7.25
N TYR A 20 -3.22 -6.46 -5.94
CA TYR A 20 -3.69 -5.24 -5.31
C TYR A 20 -2.62 -4.14 -5.30
N PHE A 21 -2.94 -3.01 -4.69
CA PHE A 21 -2.01 -1.92 -4.45
C PHE A 21 -1.40 -2.09 -3.06
N TYR A 22 -0.08 -2.04 -2.97
CA TYR A 22 0.70 -2.23 -1.73
C TYR A 22 1.65 -1.05 -1.57
N SER A 23 2.02 -0.73 -0.33
CA SER A 23 2.99 0.33 -0.06
C SER A 23 4.37 -0.03 -0.61
N GLY A 24 5.11 0.95 -1.12
CA GLY A 24 6.49 0.76 -1.53
C GLY A 24 7.20 2.06 -1.74
N LYS A 25 8.52 2.00 -1.89
CA LYS A 25 9.39 3.14 -2.14
C LYS A 25 9.82 3.05 -3.59
N ILE A 26 9.70 4.14 -4.35
CA ILE A 26 10.16 4.15 -5.73
C ILE A 26 11.68 4.09 -5.69
N THR A 27 12.27 3.04 -6.24
CA THR A 27 13.72 2.86 -6.21
C THR A 27 14.37 3.61 -7.35
N ARG A 28 13.67 3.69 -8.50
CA ARG A 28 14.23 4.20 -9.74
C ARG A 28 13.16 4.34 -10.81
N ASP A 29 13.23 5.38 -11.63
CA ASP A 29 12.43 5.49 -12.85
C ASP A 29 13.11 4.48 -13.79
N VAL A 30 12.43 3.39 -14.12
CA VAL A 30 12.96 2.36 -15.00
C VAL A 30 13.15 2.98 -16.39
N GLY A 31 12.07 3.59 -16.92
CA GLY A 31 12.03 4.21 -18.23
C GLY A 31 10.62 4.05 -18.79
N ALA A 32 10.28 4.83 -19.81
CA ALA A 32 9.01 4.78 -20.54
C ALA A 32 7.74 4.95 -19.68
N GLY A 33 7.87 5.33 -18.41
CA GLY A 33 6.78 5.52 -17.47
C GLY A 33 6.78 4.41 -16.42
N LYS A 34 7.59 3.35 -16.56
CA LYS A 34 7.77 2.38 -15.49
C LYS A 34 8.66 3.01 -14.44
N TYR A 35 8.33 2.78 -13.18
CA TYR A 35 9.15 3.10 -12.02
C TYR A 35 9.23 1.80 -11.22
N LYS A 36 10.42 1.39 -10.80
CA LYS A 36 10.58 0.20 -9.97
C LYS A 36 10.32 0.57 -8.53
N LEU A 37 9.74 -0.38 -7.80
CA LEU A 37 9.21 -0.16 -6.47
C LEU A 37 9.75 -1.24 -5.57
N LEU A 38 10.49 -0.84 -4.54
CA LEU A 38 10.90 -1.68 -3.44
C LEU A 38 9.70 -1.59 -2.51
N PHE A 39 8.77 -2.52 -2.70
CA PHE A 39 7.63 -2.68 -1.84
C PHE A 39 8.14 -2.90 -0.42
N ASP A 40 7.32 -2.56 0.58
CA ASP A 40 7.74 -2.61 1.99
C ASP A 40 7.90 -4.04 2.47
N ASP A 41 7.27 -4.98 1.77
CA ASP A 41 7.47 -6.41 1.93
C ASP A 41 8.84 -6.89 1.42
N GLY A 42 9.65 -6.01 0.80
CA GLY A 42 10.97 -6.33 0.30
C GLY A 42 10.95 -6.87 -1.13
N TYR A 43 9.77 -7.11 -1.73
CA TYR A 43 9.68 -7.41 -3.15
C TYR A 43 10.14 -6.18 -3.97
N GLU A 44 10.59 -6.40 -5.20
CA GLU A 44 11.03 -5.35 -6.11
C GLU A 44 10.63 -5.75 -7.53
N CYS A 45 9.77 -4.96 -8.18
CA CYS A 45 9.41 -5.11 -9.59
C CYS A 45 9.10 -3.71 -10.15
N ASP A 46 9.08 -3.61 -11.47
CA ASP A 46 8.61 -2.45 -12.20
C ASP A 46 7.09 -2.33 -12.04
N VAL A 47 6.59 -1.10 -12.02
CA VAL A 47 5.17 -0.77 -12.05
C VAL A 47 5.05 0.45 -12.98
N LEU A 48 4.06 0.48 -13.86
CA LEU A 48 3.83 1.63 -14.77
C LEU A 48 3.26 2.81 -13.98
N GLY A 49 3.48 4.04 -14.44
CA GLY A 49 3.05 5.26 -13.77
C GLY A 49 1.57 5.29 -13.42
N LYS A 50 0.71 4.75 -14.31
CA LYS A 50 -0.73 4.71 -14.05
C LYS A 50 -1.03 3.93 -12.76
N ASP A 51 -0.21 2.93 -12.48
CA ASP A 51 -0.41 1.96 -11.41
C ASP A 51 0.26 2.37 -10.09
N ILE A 52 0.73 3.62 -9.94
CA ILE A 52 1.39 4.10 -8.73
C ILE A 52 0.63 5.34 -8.26
N LEU A 53 0.43 5.44 -6.96
CA LEU A 53 -0.43 6.37 -6.23
C LEU A 53 0.48 7.08 -5.24
N LEU A 54 0.77 8.37 -5.43
CA LEU A 54 1.81 9.05 -4.64
C LEU A 54 1.34 10.13 -3.67
N CYS A 55 0.03 10.38 -3.62
CA CYS A 55 -0.61 11.31 -2.68
C CYS A 55 -1.67 10.48 -1.95
N ASP A 56 -1.31 9.25 -1.53
CA ASP A 56 -2.27 8.26 -1.07
C ASP A 56 -2.20 7.80 0.40
N PRO A 57 -2.17 8.70 1.41
CA PRO A 57 -2.40 8.26 2.78
C PRO A 57 -3.90 7.88 2.74
N ILE A 58 -4.27 6.66 3.18
CA ILE A 58 -5.62 6.15 2.94
C ILE A 58 -6.66 7.09 3.56
N PRO A 59 -7.60 7.66 2.79
CA PRO A 59 -8.68 8.45 3.35
C PRO A 59 -9.59 7.57 4.18
N LEU A 60 -10.08 8.14 5.27
CA LEU A 60 -10.98 7.48 6.18
C LEU A 60 -12.29 7.20 5.44
N ASP A 61 -12.97 6.12 5.82
CA ASP A 61 -14.15 5.54 5.17
C ASP A 61 -13.81 4.75 3.87
N THR A 62 -12.57 4.80 3.39
CA THR A 62 -12.14 3.93 2.29
C THR A 62 -12.13 2.49 2.80
N GLU A 63 -12.64 1.57 1.98
CA GLU A 63 -12.61 0.15 2.23
C GLU A 63 -11.25 -0.34 1.78
N VAL A 64 -10.64 -1.23 2.56
CA VAL A 64 -9.29 -1.71 2.38
C VAL A 64 -9.20 -3.15 2.86
N THR A 65 -8.21 -3.87 2.37
CA THR A 65 -7.85 -5.17 2.87
C THR A 65 -6.77 -4.94 3.94
N ALA A 66 -6.68 -5.83 4.92
CA ALA A 66 -5.81 -5.74 6.08
C ALA A 66 -5.15 -7.11 6.27
N LEU A 67 -3.84 -7.15 6.52
CA LEU A 67 -3.08 -8.40 6.72
C LEU A 67 -2.44 -8.34 8.10
N SER A 68 -2.80 -9.27 8.98
CA SER A 68 -2.18 -9.44 10.29
C SER A 68 -0.71 -9.85 10.16
N GLU A 69 0.05 -9.73 11.25
CA GLU A 69 1.44 -10.16 11.30
C GLU A 69 1.54 -11.67 11.04
N ASP A 70 0.53 -12.44 11.50
CA ASP A 70 0.41 -13.88 11.21
C ASP A 70 -0.34 -14.11 9.89
N GLU A 71 -0.23 -13.15 8.98
CA GLU A 71 -0.67 -13.16 7.58
C GLU A 71 -2.12 -13.59 7.33
N TYR A 72 -3.01 -13.47 8.31
CA TYR A 72 -4.43 -13.63 8.05
C TYR A 72 -4.90 -12.40 7.28
N PHE A 73 -5.71 -12.62 6.25
CA PHE A 73 -6.20 -11.61 5.31
C PHE A 73 -7.68 -11.36 5.64
N SER A 74 -8.09 -10.10 5.69
CA SER A 74 -9.49 -9.70 5.83
C SER A 74 -9.69 -8.34 5.14
N ALA A 75 -10.92 -7.84 5.06
CA ALA A 75 -11.20 -6.48 4.59
C ALA A 75 -12.15 -5.78 5.54
N GLY A 76 -12.03 -4.45 5.58
CA GLY A 76 -12.72 -3.56 6.51
C GLY A 76 -12.54 -2.12 6.01
N VAL A 77 -12.72 -1.13 6.88
CA VAL A 77 -12.72 0.28 6.46
C VAL A 77 -11.85 1.09 7.41
N VAL A 78 -11.09 2.03 6.87
CA VAL A 78 -10.32 2.95 7.69
C VAL A 78 -11.30 3.80 8.50
N LYS A 79 -11.10 3.92 9.81
CA LYS A 79 -11.86 4.86 10.65
C LYS A 79 -10.94 5.69 11.56
N GLY A 80 -9.63 5.64 11.36
CA GLY A 80 -8.69 6.50 12.06
C GLY A 80 -7.26 6.20 11.64
N HIS A 81 -6.33 6.87 12.32
CA HIS A 81 -4.90 6.94 12.02
C HIS A 81 -4.10 6.92 13.32
N ARG A 82 -2.86 6.45 13.25
CA ARG A 82 -1.89 6.53 14.34
C ARG A 82 -0.51 6.68 13.71
N LYS A 83 0.43 7.23 14.48
CA LYS A 83 1.84 7.28 14.15
C LYS A 83 2.55 6.63 15.33
N GLU A 84 3.37 5.62 15.07
CA GLU A 84 4.05 4.83 16.10
C GLU A 84 5.37 4.35 15.50
N SER A 85 6.45 4.37 16.28
CA SER A 85 7.80 4.01 15.84
C SER A 85 8.23 4.75 14.55
N GLY A 86 7.72 5.97 14.34
CA GLY A 86 7.99 6.76 13.14
C GLY A 86 7.40 6.11 11.88
N GLU A 87 6.29 5.39 11.99
CA GLU A 87 5.66 4.64 10.93
C GLU A 87 4.13 4.85 11.03
N LEU A 88 3.43 4.71 9.91
CA LEU A 88 2.02 5.08 9.78
C LEU A 88 1.11 3.88 9.98
N TYR A 89 0.03 4.10 10.71
CA TYR A 89 -0.95 3.10 11.08
C TYR A 89 -2.35 3.64 10.79
N TYR A 90 -3.29 2.72 10.61
CA TYR A 90 -4.69 3.01 10.35
C TYR A 90 -5.49 2.07 11.26
N SER A 91 -6.51 2.60 11.92
CA SER A 91 -7.47 1.79 12.64
C SER A 91 -8.49 1.34 11.61
N ILE A 92 -8.41 0.09 11.20
CA ILE A 92 -9.34 -0.51 10.26
C ILE A 92 -10.48 -1.04 11.11
N GLU A 93 -11.65 -0.43 11.03
CA GLU A 93 -12.85 -0.97 11.62
C GLU A 93 -13.22 -2.21 10.83
N LYS A 94 -13.50 -3.30 11.53
CA LYS A 94 -14.01 -4.55 10.96
C LYS A 94 -14.98 -5.11 12.00
N GLU A 95 -16.11 -5.68 11.57
CA GLU A 95 -17.16 -6.18 12.46
C GLU A 95 -17.58 -5.15 13.53
N GLY A 96 -17.56 -3.85 13.18
CA GLY A 96 -18.01 -2.78 14.05
C GLY A 96 -17.08 -2.51 15.24
N GLN A 97 -15.82 -2.93 15.17
CA GLN A 97 -14.80 -2.65 16.17
C GLN A 97 -13.47 -2.32 15.49
N ARG A 98 -12.64 -1.48 16.11
CA ARG A 98 -11.39 -1.02 15.50
C ARG A 98 -10.31 -2.08 15.66
N LYS A 99 -9.46 -2.24 14.65
CA LYS A 99 -8.26 -3.09 14.68
C LYS A 99 -7.13 -2.26 14.07
N TRP A 100 -5.99 -2.14 14.75
CA TRP A 100 -4.88 -1.36 14.22
C TRP A 100 -4.11 -2.20 13.19
N TYR A 101 -3.80 -1.61 12.04
CA TYR A 101 -2.93 -2.17 11.01
C TYR A 101 -1.96 -1.10 10.52
N LYS A 102 -0.82 -1.51 9.96
CA LYS A 102 0.23 -0.60 9.49
C LYS A 102 0.05 -0.33 8.00
N ARG A 103 0.59 0.76 7.45
CA ARG A 103 0.35 1.12 6.04
C ARG A 103 0.54 -0.05 5.07
N MET A 104 1.63 -0.83 5.20
CA MET A 104 1.93 -1.90 4.24
C MET A 104 1.01 -3.12 4.42
N ALA A 105 0.36 -3.22 5.58
CA ALA A 105 -0.65 -4.23 5.86
C ALA A 105 -2.03 -3.77 5.38
N VAL A 106 -2.25 -2.46 5.24
CA VAL A 106 -3.50 -1.91 4.77
C VAL A 106 -3.34 -1.80 3.25
N ILE A 107 -3.73 -2.87 2.56
CA ILE A 107 -3.52 -2.99 1.14
C ILE A 107 -4.84 -2.61 0.48
N LEU A 108 -4.76 -1.92 -0.64
CA LEU A 108 -5.94 -1.38 -1.29
C LEU A 108 -6.31 -2.36 -2.36
N SER A 109 -7.47 -3.00 -2.19
CA SER A 109 -8.06 -3.89 -3.19
C SER A 109 -8.13 -3.13 -4.51
N LEU A 110 -8.00 -3.81 -5.66
CA LEU A 110 -7.81 -3.12 -6.95
C LEU A 110 -8.91 -2.13 -7.34
N GLU A 111 -10.16 -2.36 -6.97
CA GLU A 111 -11.22 -1.36 -7.25
C GLU A 111 -11.05 -0.13 -6.35
N GLN A 112 -10.62 -0.34 -5.10
CA GLN A 112 -10.37 0.73 -4.13
C GLN A 112 -9.24 1.63 -4.65
N GLY A 113 -8.11 1.02 -5.03
CA GLY A 113 -6.96 1.72 -5.59
C GLY A 113 -7.32 2.47 -6.86
N ASN A 114 -8.22 1.91 -7.67
CA ASN A 114 -8.68 2.55 -8.91
C ASN A 114 -9.34 3.88 -8.60
N ARG A 115 -10.26 3.91 -7.65
CA ARG A 115 -10.95 5.13 -7.22
C ARG A 115 -9.99 6.18 -6.64
N LEU A 116 -8.71 5.87 -6.50
CA LEU A 116 -7.68 6.74 -5.98
C LEU A 116 -6.70 7.08 -7.10
N ARG A 117 -6.54 6.20 -8.10
CA ARG A 117 -5.75 6.43 -9.31
C ARG A 117 -6.19 7.71 -10.03
N GLU A 118 -7.50 7.96 -10.06
CA GLU A 118 -8.07 9.14 -10.70
C GLU A 118 -7.51 10.47 -10.14
N GLN A 119 -6.97 10.49 -8.92
CA GLN A 119 -6.34 11.68 -8.34
C GLN A 119 -4.84 11.52 -8.14
N TYR A 120 -4.40 10.34 -7.69
CA TYR A 120 -3.04 10.08 -7.22
C TYR A 120 -2.15 9.37 -8.22
N GLY A 121 -2.73 8.87 -9.32
CA GLY A 121 -2.02 8.17 -10.38
C GLY A 121 -0.88 9.04 -10.93
N LEU A 122 0.34 8.50 -11.06
CA LEU A 122 1.45 9.27 -11.63
C LEU A 122 1.16 9.56 -13.09
N GLY A 123 0.62 8.56 -13.79
CA GLY A 123 0.42 8.57 -15.23
C GLY A 123 -0.99 9.06 -15.52
N GLY B 1 -8.16 -21.74 6.61
CA GLY B 1 -8.63 -20.66 5.69
C GLY B 1 -8.15 -19.26 6.12
N ALA B 2 -8.72 -18.21 5.51
CA ALA B 2 -8.49 -16.79 5.78
C ALA B 2 -7.03 -16.30 5.68
N LYS B 3 -6.11 -17.08 5.10
CA LYS B 3 -4.70 -16.70 5.01
C LYS B 3 -4.43 -15.83 3.77
N ARG B 4 -3.33 -15.07 3.83
CA ARG B 4 -2.72 -14.23 2.78
C ARG B 4 -3.11 -14.73 1.39
N HIS B 5 -4.11 -14.05 0.82
CA HIS B 5 -4.81 -14.44 -0.39
C HIS B 5 -4.09 -14.02 -1.68
N ARG B 6 -3.32 -12.94 -1.59
CA ARG B 6 -2.48 -12.30 -2.59
C ARG B 6 -1.24 -11.94 -1.78
N VAL B 8 1.97 -10.54 0.11
CA VAL B 8 2.47 -9.40 0.86
C VAL B 8 3.59 -10.01 1.72
N LEU B 9 4.28 -9.17 2.51
CA LEU B 9 5.38 -9.46 3.44
C LEU B 9 6.46 -10.42 2.90
N ARG B 10 7.49 -10.76 3.67
CA ARG B 10 8.44 -11.81 3.27
C ARG B 10 9.09 -12.44 4.50
N ASP B 11 9.91 -11.67 5.22
CA ASP B 11 10.67 -12.13 6.40
C ASP B 11 11.02 -10.89 7.22
N ASN B 12 11.34 -11.06 8.51
CA ASN B 12 11.71 -9.96 9.40
C ASN B 12 12.88 -10.25 10.32
N ILE B 13 13.47 -11.43 10.19
CA ILE B 13 14.50 -11.90 11.12
C ILE B 13 15.90 -11.60 10.57
N GLN B 14 15.96 -10.73 9.56
CA GLN B 14 17.11 -10.48 8.73
C GLN B 14 17.39 -8.98 8.74
N GLY A 1 8.69 24.21 0.61
CA GLY A 1 9.32 22.87 0.78
C GLY A 1 9.89 22.33 -0.53
N HIS A 2 10.31 21.06 -0.52
CA HIS A 2 10.86 20.35 -1.69
C HIS A 2 10.55 18.86 -1.57
N MET A 3 10.44 18.17 -2.71
CA MET A 3 10.32 16.73 -2.83
C MET A 3 11.07 16.32 -4.09
N ASN A 4 11.87 15.25 -4.03
CA ASN A 4 12.54 14.73 -5.23
C ASN A 4 11.50 14.13 -6.18
N SER A 5 11.76 14.22 -7.47
CA SER A 5 10.92 13.65 -8.52
C SER A 5 10.93 12.12 -8.43
N PHE A 6 9.86 11.55 -7.87
CA PHE A 6 9.52 10.13 -7.79
C PHE A 6 10.50 9.30 -6.97
N VAL A 7 11.76 9.23 -7.34
CA VAL A 7 12.73 8.34 -6.73
C VAL A 7 12.93 8.74 -5.27
N GLY A 8 12.68 7.78 -4.35
CA GLY A 8 12.79 7.96 -2.91
C GLY A 8 11.43 8.13 -2.21
N LEU A 9 10.37 8.52 -2.94
CA LEU A 9 9.05 8.79 -2.37
C LEU A 9 8.38 7.50 -1.93
N ARG A 10 7.79 7.52 -0.72
CA ARG A 10 6.91 6.46 -0.25
C ARG A 10 5.58 6.69 -0.94
N VAL A 11 5.02 5.65 -1.56
CA VAL A 11 3.83 5.71 -2.38
C VAL A 11 3.11 4.37 -2.21
N VAL A 12 1.95 4.20 -2.84
CA VAL A 12 1.29 2.91 -2.95
C VAL A 12 1.34 2.58 -4.43
N ALA A 13 1.47 1.30 -4.79
CA ALA A 13 1.68 0.85 -6.15
C ALA A 13 0.90 -0.43 -6.35
N LYS A 14 0.46 -0.73 -7.57
CA LYS A 14 -0.21 -1.99 -7.83
C LYS A 14 0.87 -3.03 -8.03
N TRP A 15 0.64 -4.22 -7.50
CA TRP A 15 1.46 -5.37 -7.78
C TRP A 15 0.95 -5.96 -9.11
N SER A 16 1.36 -5.37 -10.23
CA SER A 16 0.81 -5.66 -11.55
C SER A 16 0.92 -7.15 -11.95
N SER A 17 1.86 -7.89 -11.36
CA SER A 17 2.05 -9.31 -11.59
C SER A 17 0.86 -10.18 -11.14
N ASN A 18 -0.06 -9.68 -10.30
CA ASN A 18 -1.30 -10.39 -9.98
C ASN A 18 -2.47 -9.46 -9.65
N GLY A 19 -2.26 -8.43 -8.82
CA GLY A 19 -3.32 -7.53 -8.38
C GLY A 19 -3.03 -6.88 -7.03
N TYR A 20 -3.91 -5.94 -6.65
CA TYR A 20 -3.93 -5.19 -5.39
C TYR A 20 -2.78 -4.18 -5.28
N PHE A 21 -2.91 -3.25 -4.33
CA PHE A 21 -2.05 -2.09 -4.21
C PHE A 21 -1.40 -2.13 -2.83
N TYR A 22 -0.07 -1.98 -2.78
CA TYR A 22 0.73 -2.17 -1.56
C TYR A 22 1.69 -0.98 -1.44
N SER A 23 2.13 -0.69 -0.22
CA SER A 23 3.06 0.38 0.08
C SER A 23 4.46 0.05 -0.43
N GLY A 24 5.22 1.05 -0.86
CA GLY A 24 6.63 0.89 -1.21
C GLY A 24 7.30 2.24 -1.37
N LYS A 25 8.61 2.23 -1.65
CA LYS A 25 9.35 3.41 -2.05
C LYS A 25 9.71 3.23 -3.50
N ILE A 26 9.60 4.26 -4.32
CA ILE A 26 10.10 4.22 -5.69
C ILE A 26 11.62 4.13 -5.59
N THR A 27 12.23 3.10 -6.17
CA THR A 27 13.66 2.89 -6.08
C THR A 27 14.35 3.62 -7.23
N ARG A 28 13.66 3.70 -8.39
CA ARG A 28 14.25 4.20 -9.63
C ARG A 28 13.20 4.35 -10.71
N ASP A 29 13.29 5.38 -11.54
CA ASP A 29 12.50 5.47 -12.77
C ASP A 29 13.18 4.45 -13.68
N VAL A 30 12.49 3.37 -14.01
CA VAL A 30 13.03 2.32 -14.87
C VAL A 30 13.25 2.93 -16.27
N GLY A 31 12.18 3.54 -16.82
CA GLY A 31 12.17 4.16 -18.13
C GLY A 31 10.76 4.04 -18.68
N ALA A 32 10.45 4.81 -19.73
CA ALA A 32 9.18 4.79 -20.46
C ALA A 32 7.91 4.98 -19.62
N GLY A 33 8.04 5.36 -18.34
CA GLY A 33 6.95 5.58 -17.41
C GLY A 33 6.90 4.49 -16.37
N LYS A 34 7.69 3.41 -16.48
CA LYS A 34 7.84 2.44 -15.41
C LYS A 34 8.72 3.05 -14.35
N TYR A 35 8.37 2.80 -13.09
CA TYR A 35 9.19 3.11 -11.93
C TYR A 35 9.26 1.80 -11.14
N LYS A 36 10.45 1.40 -10.69
CA LYS A 36 10.61 0.22 -9.85
C LYS A 36 10.31 0.61 -8.42
N LEU A 37 9.69 -0.32 -7.71
CA LEU A 37 9.10 -0.10 -6.40
C LEU A 37 9.61 -1.17 -5.47
N LEU A 38 10.35 -0.76 -4.44
CA LEU A 38 10.73 -1.59 -3.32
C LEU A 38 9.53 -1.50 -2.40
N PHE A 39 8.62 -2.45 -2.57
CA PHE A 39 7.51 -2.62 -1.67
C PHE A 39 8.07 -2.82 -0.26
N ASP A 40 7.38 -2.27 0.74
CA ASP A 40 7.75 -2.42 2.15
C ASP A 40 7.55 -3.86 2.60
N ASP A 41 6.72 -4.59 1.85
CA ASP A 41 6.53 -6.03 1.96
C ASP A 41 7.79 -6.81 1.54
N GLY A 42 8.80 -6.13 1.01
CA GLY A 42 10.14 -6.64 0.74
C GLY A 42 10.36 -6.95 -0.73
N TYR A 43 9.29 -7.00 -1.53
CA TYR A 43 9.39 -7.27 -2.96
C TYR A 43 9.95 -6.07 -3.72
N GLU A 44 10.46 -6.29 -4.94
CA GLU A 44 10.91 -5.25 -5.87
C GLU A 44 10.51 -5.69 -7.27
N CYS A 45 9.70 -4.88 -7.96
CA CYS A 45 9.37 -5.04 -9.39
C CYS A 45 9.07 -3.66 -9.97
N ASP A 46 9.07 -3.59 -11.30
CA ASP A 46 8.59 -2.43 -12.05
C ASP A 46 7.07 -2.32 -11.93
N VAL A 47 6.58 -1.08 -11.94
CA VAL A 47 5.17 -0.73 -11.99
C VAL A 47 5.08 0.46 -12.94
N LEU A 48 4.09 0.50 -13.82
CA LEU A 48 3.89 1.62 -14.76
C LEU A 48 3.32 2.82 -14.00
N GLY A 49 3.59 4.05 -14.45
CA GLY A 49 3.23 5.28 -13.75
C GLY A 49 1.75 5.38 -13.41
N LYS A 50 0.86 4.94 -14.31
CA LYS A 50 -0.58 4.98 -14.02
C LYS A 50 -0.96 4.10 -12.82
N ASP A 51 -0.13 3.11 -12.47
CA ASP A 51 -0.39 2.13 -11.43
C ASP A 51 0.30 2.51 -10.10
N ILE A 52 0.75 3.77 -9.91
CA ILE A 52 1.43 4.21 -8.70
C ILE A 52 0.69 5.46 -8.22
N LEU A 53 0.46 5.53 -6.91
CA LEU A 53 -0.39 6.48 -6.21
C LEU A 53 0.52 7.19 -5.19
N LEU A 54 0.79 8.48 -5.37
CA LEU A 54 1.82 9.16 -4.57
C LEU A 54 1.32 10.24 -3.61
N CYS A 55 0.00 10.45 -3.55
CA CYS A 55 -0.67 11.35 -2.63
C CYS A 55 -1.70 10.49 -1.88
N ASP A 56 -1.28 9.30 -1.42
CA ASP A 56 -2.22 8.28 -0.94
C ASP A 56 -2.17 7.86 0.55
N PRO A 57 -2.25 8.78 1.52
CA PRO A 57 -2.51 8.37 2.89
C PRO A 57 -3.99 7.96 2.80
N ILE A 58 -4.37 6.73 3.19
CA ILE A 58 -5.71 6.22 2.89
C ILE A 58 -6.77 7.15 3.51
N PRO A 59 -7.68 7.75 2.70
CA PRO A 59 -8.77 8.54 3.25
C PRO A 59 -9.73 7.66 4.02
N LEU A 60 -10.22 8.22 5.12
CA LEU A 60 -11.12 7.52 6.02
C LEU A 60 -12.42 7.21 5.27
N ASP A 61 -13.06 6.09 5.66
CA ASP A 61 -14.23 5.50 5.03
C ASP A 61 -13.92 4.73 3.73
N THR A 62 -12.66 4.78 3.23
CA THR A 62 -12.24 3.93 2.12
C THR A 62 -12.19 2.49 2.61
N GLU A 63 -12.67 1.57 1.78
CA GLU A 63 -12.54 0.15 2.00
C GLU A 63 -11.10 -0.25 1.68
N VAL A 64 -10.54 -1.15 2.48
CA VAL A 64 -9.19 -1.65 2.32
C VAL A 64 -9.15 -3.09 2.81
N THR A 65 -8.18 -3.83 2.29
CA THR A 65 -7.84 -5.14 2.79
C THR A 65 -6.78 -4.91 3.87
N ALA A 66 -6.73 -5.76 4.88
CA ALA A 66 -5.87 -5.64 6.04
C ALA A 66 -5.20 -6.99 6.26
N LEU A 67 -3.93 -7.02 6.65
CA LEU A 67 -3.22 -8.25 6.98
C LEU A 67 -2.59 -8.15 8.36
N SER A 68 -2.90 -9.14 9.18
CA SER A 68 -2.39 -9.25 10.54
C SER A 68 -0.91 -9.56 10.53
N GLU A 69 -0.30 -9.41 11.72
CA GLU A 69 1.11 -9.67 11.95
C GLU A 69 1.42 -11.18 11.82
N ASP A 70 0.39 -12.03 11.97
CA ASP A 70 0.45 -13.47 11.65
C ASP A 70 -0.24 -13.73 10.30
N GLU A 71 -0.20 -12.72 9.43
CA GLU A 71 -0.57 -12.74 8.02
C GLU A 71 -2.07 -12.93 7.72
N TYR A 72 -2.93 -13.23 8.70
CA TYR A 72 -4.36 -13.43 8.46
C TYR A 72 -4.94 -12.21 7.73
N PHE A 73 -5.75 -12.44 6.70
CA PHE A 73 -6.23 -11.44 5.77
C PHE A 73 -7.71 -11.19 6.03
N SER A 74 -8.15 -9.95 5.93
CA SER A 74 -9.57 -9.58 5.93
C SER A 74 -9.74 -8.30 5.11
N ALA A 75 -10.97 -7.83 4.92
CA ALA A 75 -11.26 -6.52 4.35
C ALA A 75 -12.25 -5.80 5.25
N GLY A 76 -12.13 -4.47 5.31
CA GLY A 76 -12.82 -3.60 6.24
C GLY A 76 -12.62 -2.16 5.78
N VAL A 77 -12.79 -1.17 6.67
CA VAL A 77 -12.78 0.24 6.28
C VAL A 77 -11.92 1.03 7.25
N VAL A 78 -11.16 1.99 6.73
CA VAL A 78 -10.43 2.93 7.58
C VAL A 78 -11.45 3.76 8.36
N LYS A 79 -11.31 3.89 9.68
CA LYS A 79 -12.10 4.83 10.48
C LYS A 79 -11.22 5.68 11.39
N GLY A 80 -9.90 5.64 11.24
CA GLY A 80 -8.97 6.50 11.96
C GLY A 80 -7.54 6.22 11.57
N HIS A 81 -6.63 6.89 12.27
CA HIS A 81 -5.20 6.97 11.99
C HIS A 81 -4.42 6.98 13.29
N ARG A 82 -3.17 6.51 13.24
CA ARG A 82 -2.22 6.60 14.33
C ARG A 82 -0.84 6.79 13.72
N LYS A 83 0.09 7.32 14.51
CA LYS A 83 1.51 7.39 14.19
C LYS A 83 2.24 6.76 15.38
N GLU A 84 3.20 5.89 15.11
CA GLU A 84 3.96 5.20 16.14
C GLU A 84 5.36 5.01 15.58
N SER A 85 6.38 5.39 16.36
CA SER A 85 7.79 5.32 15.96
C SER A 85 8.07 5.94 14.57
N GLY A 86 7.32 6.98 14.20
CA GLY A 86 7.44 7.65 12.91
C GLY A 86 6.98 6.79 11.74
N GLU A 87 5.96 5.95 11.94
CA GLU A 87 5.42 5.04 10.95
C GLU A 87 3.90 5.11 11.04
N LEU A 88 3.21 4.85 9.93
CA LEU A 88 1.78 5.10 9.76
C LEU A 88 0.94 3.87 10.11
N TYR A 89 -0.18 4.14 10.78
CA TYR A 89 -1.19 3.16 11.15
C TYR A 89 -2.57 3.70 10.80
N TYR A 90 -3.51 2.78 10.60
CA TYR A 90 -4.90 3.05 10.29
C TYR A 90 -5.70 2.11 11.18
N SER A 91 -6.72 2.61 11.85
CA SER A 91 -7.66 1.77 12.57
C SER A 91 -8.68 1.31 11.54
N ILE A 92 -8.57 0.05 11.13
CA ILE A 92 -9.48 -0.55 10.17
C ILE A 92 -10.61 -1.12 11.02
N GLU A 93 -11.81 -0.56 10.87
CA GLU A 93 -13.02 -1.12 11.43
C GLU A 93 -13.38 -2.34 10.60
N LYS A 94 -13.71 -3.43 11.28
CA LYS A 94 -14.28 -4.62 10.68
C LYS A 94 -15.26 -5.18 11.70
N GLU A 95 -16.41 -5.68 11.28
CA GLU A 95 -17.45 -6.24 12.17
C GLU A 95 -17.83 -5.28 13.32
N GLY A 96 -17.79 -3.97 13.06
CA GLY A 96 -18.20 -2.95 14.03
C GLY A 96 -17.25 -2.84 15.22
N GLN A 97 -15.98 -3.24 15.05
CA GLN A 97 -14.91 -3.05 16.04
C GLN A 97 -13.66 -2.64 15.28
N ARG A 98 -12.70 -1.99 15.94
CA ARG A 98 -11.56 -1.36 15.25
C ARG A 98 -10.27 -2.09 15.59
N LYS A 99 -9.46 -2.32 14.56
CA LYS A 99 -8.20 -3.06 14.66
C LYS A 99 -7.13 -2.18 14.03
N TRP A 100 -5.99 -1.98 14.71
CA TRP A 100 -4.91 -1.18 14.18
C TRP A 100 -4.10 -2.02 13.18
N TYR A 101 -3.88 -1.46 11.99
CA TYR A 101 -3.01 -2.05 10.99
C TYR A 101 -2.05 -0.97 10.49
N LYS A 102 -0.91 -1.39 9.93
CA LYS A 102 0.15 -0.48 9.47
C LYS A 102 0.07 -0.30 7.97
N ARG A 103 0.65 0.77 7.40
CA ARG A 103 0.44 1.09 5.97
C ARG A 103 0.63 -0.11 5.03
N MET A 104 1.73 -0.87 5.18
CA MET A 104 2.01 -2.00 4.28
C MET A 104 1.03 -3.17 4.45
N ALA A 105 0.34 -3.22 5.60
CA ALA A 105 -0.68 -4.21 5.90
C ALA A 105 -2.05 -3.74 5.43
N VAL A 106 -2.25 -2.43 5.25
CA VAL A 106 -3.48 -1.87 4.75
C VAL A 106 -3.28 -1.76 3.25
N ILE A 107 -3.66 -2.82 2.57
CA ILE A 107 -3.46 -2.95 1.14
C ILE A 107 -4.77 -2.50 0.53
N LEU A 108 -4.70 -1.83 -0.62
CA LEU A 108 -5.89 -1.31 -1.27
C LEU A 108 -6.27 -2.35 -2.29
N SER A 109 -7.46 -2.92 -2.12
CA SER A 109 -8.04 -3.83 -3.08
C SER A 109 -8.13 -3.10 -4.42
N LEU A 110 -8.04 -3.80 -5.56
CA LEU A 110 -7.86 -3.15 -6.88
C LEU A 110 -8.98 -2.19 -7.28
N GLU A 111 -10.22 -2.43 -6.89
CA GLU A 111 -11.31 -1.48 -7.15
C GLU A 111 -11.10 -0.19 -6.34
N GLN A 112 -10.57 -0.31 -5.12
CA GLN A 112 -10.37 0.80 -4.21
C GLN A 112 -9.17 1.62 -4.66
N GLY A 113 -8.05 0.97 -5.02
CA GLY A 113 -6.88 1.65 -5.59
C GLY A 113 -7.24 2.38 -6.87
N ASN A 114 -8.16 1.82 -7.67
CA ASN A 114 -8.62 2.44 -8.92
C ASN A 114 -9.28 3.79 -8.65
N ARG A 115 -10.21 3.85 -7.70
CA ARG A 115 -10.90 5.09 -7.32
C ARG A 115 -9.95 6.16 -6.80
N LEU A 116 -8.70 5.80 -6.50
CA LEU A 116 -7.68 6.70 -6.00
C LEU A 116 -6.70 7.05 -7.13
N ARG A 117 -6.53 6.16 -8.13
CA ARG A 117 -5.73 6.41 -9.33
C ARG A 117 -6.13 7.70 -10.03
N GLU A 118 -7.42 7.98 -10.09
CA GLU A 118 -7.94 9.18 -10.74
C GLU A 118 -7.45 10.49 -10.09
N GLN A 119 -6.95 10.47 -8.85
CA GLN A 119 -6.43 11.65 -8.16
C GLN A 119 -4.92 11.54 -7.93
N TYR A 120 -4.44 10.35 -7.55
CA TYR A 120 -3.07 10.12 -7.06
C TYR A 120 -2.15 9.48 -8.09
N GLY A 121 -2.71 8.98 -9.19
CA GLY A 121 -1.97 8.28 -10.23
C GLY A 121 -0.87 9.16 -10.81
N LEU A 122 0.37 8.67 -10.89
CA LEU A 122 1.44 9.46 -11.50
C LEU A 122 1.14 9.71 -12.97
N GLY A 123 0.76 8.61 -13.63
CA GLY A 123 0.63 8.51 -15.07
C GLY A 123 1.83 9.13 -15.78
N GLY B 1 -11.29 -20.58 6.83
CA GLY B 1 -9.88 -20.24 6.52
C GLY B 1 -9.74 -18.79 6.05
N ALA B 2 -8.85 -18.01 6.70
CA ALA B 2 -8.64 -16.59 6.44
C ALA B 2 -7.16 -16.21 6.44
N LYS B 3 -6.25 -17.15 6.22
CA LYS B 3 -4.81 -16.85 6.09
C LYS B 3 -4.54 -16.01 4.85
N ARG B 4 -3.40 -15.30 4.87
CA ARG B 4 -2.85 -14.50 3.77
C ARG B 4 -3.23 -15.07 2.41
N HIS B 5 -3.70 -14.18 1.55
CA HIS B 5 -4.35 -14.55 0.30
C HIS B 5 -3.65 -13.99 -0.96
N ARG B 6 -2.52 -13.29 -0.79
CA ARG B 6 -1.67 -12.69 -1.83
C ARG B 6 -0.24 -12.83 -1.28
N VAL B 8 1.99 -11.05 -0.08
CA VAL B 8 2.46 -9.99 0.81
C VAL B 8 3.56 -10.53 1.74
N LEU B 9 4.36 -9.58 2.21
CA LEU B 9 5.46 -9.70 3.14
C LEU B 9 6.56 -10.69 2.71
N ARG B 10 7.72 -10.67 3.38
CA ARG B 10 8.79 -11.61 3.06
C ARG B 10 9.71 -11.79 4.25
N ASP B 11 10.29 -10.68 4.74
CA ASP B 11 11.09 -10.57 5.97
C ASP B 11 12.02 -11.79 6.21
N ASN B 12 12.72 -12.21 5.15
CA ASN B 12 13.63 -13.36 5.17
C ASN B 12 15.04 -12.97 5.57
N ILE B 13 15.13 -11.94 6.40
CA ILE B 13 16.38 -11.27 6.70
C ILE B 13 17.05 -11.82 7.95
N GLN B 14 16.50 -12.91 8.50
CA GLN B 14 16.83 -13.46 9.79
C GLN B 14 17.26 -14.92 9.61
N GLY A 1 13.57 21.31 -4.32
CA GLY A 1 13.35 21.50 -2.86
C GLY A 1 13.92 20.33 -2.05
N HIS A 2 13.27 20.00 -0.92
CA HIS A 2 13.67 18.85 -0.10
C HIS A 2 13.38 17.53 -0.83
N MET A 3 12.22 17.46 -1.50
CA MET A 3 11.85 16.34 -2.37
C MET A 3 12.45 16.56 -3.76
N ASN A 4 12.44 15.49 -4.56
CA ASN A 4 12.81 15.44 -5.97
C ASN A 4 11.80 14.54 -6.68
N SER A 5 11.74 14.65 -8.00
CA SER A 5 10.76 13.97 -8.83
C SER A 5 10.84 12.46 -8.63
N PHE A 6 9.74 11.87 -8.14
CA PHE A 6 9.44 10.45 -8.03
C PHE A 6 10.43 9.65 -7.18
N VAL A 7 11.66 9.51 -7.65
CA VAL A 7 12.67 8.64 -7.09
C VAL A 7 12.95 9.03 -5.63
N GLY A 8 12.51 8.19 -4.69
CA GLY A 8 12.69 8.36 -3.25
C GLY A 8 11.36 8.57 -2.52
N LEU A 9 10.27 8.94 -3.22
CA LEU A 9 8.97 9.20 -2.60
C LEU A 9 8.34 7.89 -2.14
N ARG A 10 7.78 7.90 -0.93
CA ARG A 10 6.94 6.82 -0.43
C ARG A 10 5.58 7.00 -1.09
N VAL A 11 5.07 5.94 -1.70
CA VAL A 11 3.85 5.93 -2.51
C VAL A 11 3.20 4.57 -2.29
N VAL A 12 2.06 4.33 -2.92
CA VAL A 12 1.44 3.00 -2.98
C VAL A 12 1.47 2.66 -4.47
N ALA A 13 1.55 1.39 -4.85
CA ALA A 13 1.75 0.98 -6.23
C ALA A 13 1.05 -0.34 -6.46
N LYS A 14 0.62 -0.64 -7.68
CA LYS A 14 -0.05 -1.92 -7.94
C LYS A 14 1.02 -2.95 -8.12
N TRP A 15 0.78 -4.13 -7.60
CA TRP A 15 1.59 -5.29 -7.86
C TRP A 15 1.08 -5.90 -9.17
N SER A 16 1.45 -5.31 -10.31
CA SER A 16 0.90 -5.63 -11.62
C SER A 16 1.08 -7.12 -12.01
N SER A 17 2.04 -7.81 -11.39
CA SER A 17 2.26 -9.24 -11.56
C SER A 17 1.05 -10.10 -11.15
N ASN A 18 0.14 -9.61 -10.30
CA ASN A 18 -1.11 -10.33 -9.98
C ASN A 18 -2.27 -9.41 -9.63
N GLY A 19 -2.07 -8.39 -8.77
CA GLY A 19 -3.13 -7.48 -8.35
C GLY A 19 -2.87 -6.84 -7.00
N TYR A 20 -3.75 -5.91 -6.61
CA TYR A 20 -3.76 -5.12 -5.37
C TYR A 20 -2.62 -4.11 -5.31
N PHE A 21 -2.72 -3.13 -4.40
CA PHE A 21 -1.80 -2.02 -4.28
C PHE A 21 -1.16 -2.06 -2.90
N TYR A 22 0.16 -1.86 -2.84
CA TYR A 22 0.98 -2.04 -1.65
C TYR A 22 1.90 -0.84 -1.53
N SER A 23 2.29 -0.50 -0.30
CA SER A 23 3.19 0.61 0.01
C SER A 23 4.59 0.33 -0.56
N GLY A 24 5.31 1.37 -1.00
CA GLY A 24 6.70 1.22 -1.43
C GLY A 24 7.37 2.58 -1.63
N LYS A 25 8.65 2.57 -1.97
CA LYS A 25 9.39 3.78 -2.37
C LYS A 25 9.81 3.59 -3.81
N ILE A 26 9.70 4.64 -4.62
CA ILE A 26 10.17 4.59 -6.00
C ILE A 26 11.69 4.51 -5.94
N THR A 27 12.29 3.44 -6.43
CA THR A 27 13.73 3.23 -6.32
C THR A 27 14.44 3.94 -7.48
N ARG A 28 13.82 3.91 -8.67
CA ARG A 28 14.39 4.45 -9.90
C ARG A 28 13.31 4.51 -10.98
N ASP A 29 13.27 5.59 -11.76
CA ASP A 29 12.45 5.68 -12.96
C ASP A 29 13.09 4.77 -13.99
N VAL A 30 12.49 3.61 -14.25
CA VAL A 30 13.04 2.59 -15.14
C VAL A 30 13.19 3.19 -16.54
N GLY A 31 12.08 3.73 -17.06
CA GLY A 31 12.00 4.38 -18.36
C GLY A 31 10.64 4.07 -18.96
N ALA A 32 10.27 4.79 -20.02
CA ALA A 32 9.05 4.58 -20.81
C ALA A 32 7.72 4.63 -20.03
N GLY A 33 7.76 5.05 -18.76
CA GLY A 33 6.60 5.13 -17.87
C GLY A 33 6.68 4.09 -16.77
N LYS A 34 7.62 3.13 -16.83
CA LYS A 34 7.89 2.24 -15.71
C LYS A 34 8.72 2.98 -14.67
N TYR A 35 8.40 2.79 -13.40
CA TYR A 35 9.18 3.21 -12.25
C TYR A 35 9.30 1.96 -11.37
N LYS A 36 10.50 1.61 -10.90
CA LYS A 36 10.68 0.47 -10.03
C LYS A 36 10.36 0.88 -8.61
N LEU A 37 9.76 -0.05 -7.86
CA LEU A 37 9.17 0.20 -6.57
C LEU A 37 9.70 -0.84 -5.60
N LEU A 38 10.42 -0.39 -4.58
CA LEU A 38 10.82 -1.17 -3.44
C LEU A 38 9.61 -1.11 -2.52
N PHE A 39 8.74 -2.10 -2.66
CA PHE A 39 7.63 -2.29 -1.78
C PHE A 39 8.16 -2.45 -0.35
N ASP A 40 7.41 -1.94 0.62
CA ASP A 40 7.76 -2.06 2.05
C ASP A 40 7.67 -3.51 2.51
N ASP A 41 6.88 -4.31 1.78
CA ASP A 41 6.82 -5.77 1.91
C ASP A 41 8.10 -6.48 1.47
N GLY A 42 9.08 -5.74 0.93
CA GLY A 42 10.42 -6.19 0.66
C GLY A 42 10.69 -6.40 -0.84
N TYR A 43 9.65 -6.49 -1.65
CA TYR A 43 9.77 -6.80 -3.08
C TYR A 43 10.25 -5.58 -3.88
N GLU A 44 10.81 -5.81 -5.07
CA GLU A 44 11.28 -4.77 -5.98
C GLU A 44 10.95 -5.21 -7.41
N CYS A 45 9.97 -4.55 -8.04
CA CYS A 45 9.58 -4.77 -9.43
C CYS A 45 9.21 -3.42 -10.07
N ASP A 46 9.21 -3.39 -11.39
CA ASP A 46 8.69 -2.27 -12.17
C ASP A 46 7.16 -2.20 -12.03
N VAL A 47 6.65 -0.97 -12.08
CA VAL A 47 5.23 -0.64 -12.13
C VAL A 47 5.09 0.57 -13.04
N LEU A 48 4.04 0.64 -13.84
CA LEU A 48 3.84 1.77 -14.75
C LEU A 48 3.18 2.94 -14.03
N GLY A 49 3.41 4.16 -14.52
CA GLY A 49 3.05 5.41 -13.85
C GLY A 49 1.60 5.49 -13.42
N LYS A 50 0.66 4.99 -14.24
CA LYS A 50 -0.77 5.11 -13.87
C LYS A 50 -0.97 4.44 -12.51
N ASP A 51 -0.37 3.28 -12.35
CA ASP A 51 -0.57 2.36 -11.24
C ASP A 51 0.26 2.72 -10.01
N ILE A 52 0.79 3.94 -9.88
CA ILE A 52 1.53 4.38 -8.71
C ILE A 52 0.79 5.60 -8.18
N LEU A 53 0.42 5.56 -6.90
CA LEU A 53 -0.45 6.47 -6.19
C LEU A 53 0.46 7.23 -5.23
N LEU A 54 0.76 8.50 -5.51
CA LEU A 54 1.81 9.21 -4.77
C LEU A 54 1.37 10.24 -3.73
N CYS A 55 0.06 10.46 -3.59
CA CYS A 55 -0.50 11.35 -2.58
C CYS A 55 -1.59 10.52 -1.90
N ASP A 56 -1.21 9.32 -1.42
CA ASP A 56 -2.17 8.31 -0.98
C ASP A 56 -2.10 7.83 0.48
N PRO A 57 -2.09 8.73 1.49
CA PRO A 57 -2.32 8.29 2.86
C PRO A 57 -3.80 7.84 2.79
N ILE A 58 -4.13 6.62 3.21
CA ILE A 58 -5.47 6.06 2.94
C ILE A 58 -6.55 6.98 3.54
N PRO A 59 -7.46 7.56 2.73
CA PRO A 59 -8.53 8.36 3.25
C PRO A 59 -9.50 7.49 4.05
N LEU A 60 -10.00 8.06 5.14
CA LEU A 60 -10.89 7.39 6.05
C LEU A 60 -12.20 7.12 5.30
N ASP A 61 -12.82 5.97 5.58
CA ASP A 61 -13.99 5.37 4.93
C ASP A 61 -13.62 4.54 3.67
N THR A 62 -12.37 4.59 3.20
CA THR A 62 -11.92 3.72 2.12
C THR A 62 -11.87 2.28 2.63
N GLU A 63 -12.38 1.36 1.82
CA GLU A 63 -12.24 -0.07 2.05
C GLU A 63 -10.79 -0.44 1.75
N VAL A 64 -10.23 -1.30 2.58
CA VAL A 64 -8.87 -1.80 2.44
C VAL A 64 -8.80 -3.23 2.93
N THR A 65 -7.80 -3.96 2.46
CA THR A 65 -7.45 -5.26 2.98
C THR A 65 -6.41 -5.00 4.08
N ALA A 66 -6.38 -5.86 5.10
CA ALA A 66 -5.53 -5.75 6.26
C ALA A 66 -4.86 -7.11 6.48
N LEU A 67 -3.55 -7.12 6.75
CA LEU A 67 -2.77 -8.35 6.97
C LEU A 67 -2.13 -8.27 8.35
N SER A 68 -2.49 -9.20 9.24
CA SER A 68 -1.88 -9.34 10.55
C SER A 68 -0.40 -9.75 10.43
N GLU A 69 0.35 -9.60 11.53
CA GLU A 69 1.76 -10.02 11.60
C GLU A 69 1.88 -11.54 11.38
N ASP A 70 0.86 -12.30 11.80
CA ASP A 70 0.78 -13.76 11.57
C ASP A 70 0.08 -14.10 10.24
N GLU A 71 0.05 -13.11 9.33
CA GLU A 71 -0.38 -13.19 7.94
C GLU A 71 -1.89 -13.37 7.74
N TYR A 72 -2.76 -13.37 8.76
CA TYR A 72 -4.19 -13.48 8.49
C TYR A 72 -4.67 -12.28 7.65
N PHE A 73 -5.50 -12.54 6.64
CA PHE A 73 -5.96 -11.61 5.63
C PHE A 73 -7.46 -11.36 5.87
N SER A 74 -7.88 -10.10 5.87
CA SER A 74 -9.29 -9.72 5.87
C SER A 74 -9.44 -8.39 5.15
N ALA A 75 -10.67 -7.94 4.89
CA ALA A 75 -10.94 -6.59 4.41
C ALA A 75 -11.92 -5.89 5.34
N GLY A 76 -11.83 -4.58 5.40
CA GLY A 76 -12.52 -3.70 6.34
C GLY A 76 -12.33 -2.27 5.89
N VAL A 77 -12.53 -1.29 6.76
CA VAL A 77 -12.52 0.13 6.37
C VAL A 77 -11.68 0.94 7.35
N VAL A 78 -10.89 1.88 6.82
CA VAL A 78 -10.17 2.85 7.63
C VAL A 78 -11.18 3.71 8.36
N LYS A 79 -11.08 3.88 9.68
CA LYS A 79 -11.87 4.87 10.42
C LYS A 79 -11.00 5.68 11.39
N GLY A 80 -9.67 5.64 11.24
CA GLY A 80 -8.77 6.50 11.99
C GLY A 80 -7.31 6.22 11.63
N HIS A 81 -6.41 6.90 12.33
CA HIS A 81 -4.98 6.99 12.06
C HIS A 81 -4.21 7.01 13.37
N ARG A 82 -2.96 6.56 13.32
CA ARG A 82 -2.00 6.65 14.43
C ARG A 82 -0.62 6.85 13.82
N LYS A 83 0.29 7.39 14.62
CA LYS A 83 1.71 7.48 14.32
C LYS A 83 2.42 6.87 15.53
N GLU A 84 3.34 5.95 15.29
CA GLU A 84 4.08 5.24 16.33
C GLU A 84 5.46 4.95 15.80
N SER A 85 6.52 5.27 16.57
CA SER A 85 7.92 5.05 16.21
C SER A 85 8.28 5.55 14.80
N GLY A 86 7.65 6.65 14.37
CA GLY A 86 7.89 7.24 13.06
C GLY A 86 7.33 6.39 11.92
N GLU A 87 6.26 5.63 12.15
CA GLU A 87 5.61 4.78 11.17
C GLU A 87 4.10 5.06 11.27
N LEU A 88 3.39 4.88 10.15
CA LEU A 88 2.01 5.28 9.97
C LEU A 88 1.10 4.07 10.13
N TYR A 89 0.00 4.28 10.84
CA TYR A 89 -0.96 3.26 11.21
C TYR A 89 -2.36 3.75 10.88
N TYR A 90 -3.26 2.79 10.69
CA TYR A 90 -4.65 3.03 10.36
C TYR A 90 -5.46 2.10 11.27
N SER A 91 -6.48 2.62 11.94
CA SER A 91 -7.43 1.79 12.64
C SER A 91 -8.43 1.32 11.60
N ILE A 92 -8.35 0.04 11.25
CA ILE A 92 -9.26 -0.59 10.30
C ILE A 92 -10.42 -1.12 11.14
N GLU A 93 -11.60 -0.53 11.02
CA GLU A 93 -12.81 -1.09 11.59
C GLU A 93 -13.18 -2.28 10.72
N LYS A 94 -13.51 -3.39 11.37
CA LYS A 94 -14.01 -4.59 10.72
C LYS A 94 -15.03 -5.19 11.68
N GLU A 95 -16.19 -5.62 11.19
CA GLU A 95 -17.25 -6.23 11.99
C GLU A 95 -17.63 -5.39 13.23
N GLY A 96 -17.58 -4.05 13.08
CA GLY A 96 -18.01 -3.12 14.10
C GLY A 96 -17.06 -3.04 15.29
N GLN A 97 -15.78 -3.41 15.10
CA GLN A 97 -14.72 -3.23 16.11
C GLN A 97 -13.47 -2.77 15.37
N ARG A 98 -12.54 -2.11 16.07
CA ARG A 98 -11.41 -1.43 15.42
C ARG A 98 -10.11 -2.13 15.75
N LYS A 99 -9.26 -2.26 14.72
CA LYS A 99 -8.03 -3.04 14.79
C LYS A 99 -6.94 -2.19 14.16
N TRP A 100 -5.82 -1.99 14.85
CA TRP A 100 -4.72 -1.19 14.33
C TRP A 100 -3.91 -2.03 13.35
N TYR A 101 -3.67 -1.48 12.15
CA TYR A 101 -2.76 -2.06 11.15
C TYR A 101 -1.82 -0.97 10.66
N LYS A 102 -0.67 -1.39 10.13
CA LYS A 102 0.43 -0.50 9.70
C LYS A 102 0.36 -0.26 8.19
N ARG A 103 0.95 0.81 7.66
CA ARG A 103 0.77 1.17 6.24
C ARG A 103 0.94 -0.02 5.29
N MET A 104 2.03 -0.79 5.41
CA MET A 104 2.30 -1.87 4.46
C MET A 104 1.36 -3.07 4.65
N ALA A 105 0.70 -3.17 5.80
CA ALA A 105 -0.30 -4.18 6.09
C ALA A 105 -1.67 -3.75 5.57
N VAL A 106 -1.91 -2.45 5.37
CA VAL A 106 -3.15 -1.91 4.89
C VAL A 106 -2.96 -1.79 3.38
N ILE A 107 -3.32 -2.86 2.69
CA ILE A 107 -3.12 -2.99 1.26
C ILE A 107 -4.46 -2.62 0.64
N LEU A 108 -4.42 -1.97 -0.51
CA LEU A 108 -5.62 -1.46 -1.15
C LEU A 108 -6.02 -2.50 -2.16
N SER A 109 -7.18 -3.10 -1.94
CA SER A 109 -7.83 -4.00 -2.87
C SER A 109 -7.95 -3.28 -4.21
N LEU A 110 -7.86 -3.99 -5.34
CA LEU A 110 -7.70 -3.35 -6.66
C LEU A 110 -8.80 -2.36 -7.04
N GLU A 111 -10.05 -2.61 -6.69
CA GLU A 111 -11.14 -1.66 -6.98
C GLU A 111 -10.90 -0.35 -6.23
N GLN A 112 -10.40 -0.45 -4.99
CA GLN A 112 -10.25 0.70 -4.10
C GLN A 112 -9.04 1.51 -4.56
N GLY A 113 -7.93 0.84 -4.85
CA GLY A 113 -6.76 1.45 -5.50
C GLY A 113 -7.14 2.15 -6.80
N ASN A 114 -8.05 1.57 -7.59
CA ASN A 114 -8.50 2.15 -8.85
C ASN A 114 -9.18 3.48 -8.61
N ARG A 115 -10.12 3.53 -7.66
CA ARG A 115 -10.82 4.76 -7.29
C ARG A 115 -9.89 5.85 -6.77
N LEU A 116 -8.64 5.52 -6.45
CA LEU A 116 -7.63 6.47 -6.01
C LEU A 116 -6.71 6.81 -7.19
N ARG A 117 -6.51 5.88 -8.12
CA ARG A 117 -5.68 6.02 -9.33
C ARG A 117 -6.10 7.22 -10.16
N GLU A 118 -7.41 7.45 -10.27
CA GLU A 118 -7.96 8.57 -11.02
C GLU A 118 -7.49 9.94 -10.50
N GLN A 119 -6.99 10.04 -9.25
CA GLN A 119 -6.50 11.29 -8.67
C GLN A 119 -4.99 11.24 -8.42
N TYR A 120 -4.50 10.11 -7.89
CA TYR A 120 -3.14 9.96 -7.37
C TYR A 120 -2.18 9.27 -8.33
N GLY A 121 -2.69 8.67 -9.40
CA GLY A 121 -1.89 8.04 -10.45
C GLY A 121 -0.85 9.03 -10.97
N LEU A 122 0.42 8.62 -11.10
CA LEU A 122 1.44 9.48 -11.68
C LEU A 122 1.09 9.80 -13.14
N GLY A 123 0.62 8.77 -13.84
CA GLY A 123 0.35 8.81 -15.26
C GLY A 123 -0.94 9.61 -15.49
N GLY B 1 -7.84 -21.50 7.16
CA GLY B 1 -8.88 -20.46 7.00
C GLY B 1 -8.37 -19.24 6.25
N ALA B 2 -8.65 -18.03 6.78
CA ALA B 2 -8.43 -16.74 6.13
C ALA B 2 -6.96 -16.28 6.16
N LYS B 3 -6.00 -17.15 5.84
CA LYS B 3 -4.59 -16.78 5.73
C LYS B 3 -4.36 -15.92 4.47
N ARG B 4 -3.27 -15.14 4.51
CA ARG B 4 -2.67 -14.36 3.41
C ARG B 4 -3.03 -14.98 2.05
N HIS B 5 -3.73 -14.19 1.24
CA HIS B 5 -4.38 -14.61 0.01
C HIS B 5 -3.62 -14.28 -1.28
N ARG B 6 -2.58 -13.46 -1.18
CA ARG B 6 -1.74 -12.92 -2.26
C ARG B 6 -0.32 -12.89 -1.68
N VAL B 8 2.70 -10.84 -0.10
CA VAL B 8 2.80 -9.59 0.65
C VAL B 8 4.27 -9.53 1.12
N LEU B 9 4.48 -9.55 2.45
CA LEU B 9 5.74 -9.65 3.17
C LEU B 9 6.76 -10.64 2.61
N ARG B 10 8.00 -10.54 3.08
CA ARG B 10 9.05 -11.53 2.84
C ARG B 10 10.06 -11.47 4.00
N ASP B 11 10.86 -12.53 4.16
CA ASP B 11 12.04 -12.68 5.02
C ASP B 11 11.81 -12.59 6.54
N ASN B 12 11.16 -11.54 7.04
CA ASN B 12 10.96 -11.28 8.48
C ASN B 12 9.66 -11.90 8.97
N ILE B 13 9.31 -13.06 8.39
CA ILE B 13 8.01 -13.66 8.57
C ILE B 13 8.01 -14.75 9.65
N GLN B 14 9.12 -14.83 10.39
CA GLN B 14 9.44 -15.89 11.31
C GLN B 14 9.82 -15.29 12.65
N GLY A 1 16.78 18.89 2.45
CA GLY A 1 15.58 18.03 2.50
C GLY A 1 14.58 18.40 1.40
N HIS A 2 13.36 18.77 1.80
CA HIS A 2 12.20 19.02 0.92
C HIS A 2 11.81 17.79 0.08
N MET A 3 10.74 17.91 -0.71
CA MET A 3 10.28 16.90 -1.66
C MET A 3 11.32 16.70 -2.77
N ASN A 4 11.17 15.59 -3.51
CA ASN A 4 11.97 15.25 -4.68
C ASN A 4 11.05 14.64 -5.74
N SER A 5 11.46 14.66 -7.00
CA SER A 5 10.71 14.07 -8.09
C SER A 5 10.77 12.56 -8.00
N PHE A 6 9.71 11.96 -7.42
CA PHE A 6 9.43 10.52 -7.39
C PHE A 6 10.43 9.71 -6.58
N VAL A 7 11.66 9.60 -7.02
CA VAL A 7 12.68 8.75 -6.44
C VAL A 7 12.88 9.14 -4.97
N GLY A 8 12.55 8.21 -4.07
CA GLY A 8 12.68 8.35 -2.62
C GLY A 8 11.32 8.43 -1.91
N LEU A 9 10.24 8.78 -2.62
CA LEU A 9 8.94 9.03 -2.01
C LEU A 9 8.26 7.72 -1.64
N ARG A 10 7.67 7.67 -0.45
CA ARG A 10 6.78 6.58 -0.06
C ARG A 10 5.46 6.84 -0.79
N VAL A 11 4.94 5.81 -1.44
CA VAL A 11 3.73 5.82 -2.25
C VAL A 11 3.08 4.44 -2.07
N VAL A 12 2.02 4.15 -2.82
CA VAL A 12 1.45 2.81 -2.93
C VAL A 12 1.58 2.46 -4.40
N ALA A 13 1.72 1.19 -4.74
CA ALA A 13 1.95 0.74 -6.10
C ALA A 13 1.21 -0.56 -6.28
N LYS A 14 0.73 -0.86 -7.48
CA LYS A 14 0.08 -2.14 -7.74
C LYS A 14 1.19 -3.13 -8.02
N TRP A 15 1.08 -4.30 -7.41
CA TRP A 15 1.92 -5.43 -7.73
C TRP A 15 1.50 -5.95 -9.12
N SER A 16 2.40 -5.76 -10.09
CA SER A 16 2.16 -5.98 -11.52
C SER A 16 1.67 -7.38 -11.91
N SER A 17 1.91 -8.41 -11.08
CA SER A 17 1.39 -9.76 -11.27
C SER A 17 -0.11 -9.84 -10.89
N ASN A 18 -0.89 -8.89 -11.41
CA ASN A 18 -2.31 -8.62 -11.14
C ASN A 18 -2.72 -8.85 -9.69
N GLY A 19 -2.02 -8.18 -8.75
CA GLY A 19 -2.35 -8.19 -7.33
C GLY A 19 -2.82 -6.81 -6.87
N TYR A 20 -2.77 -6.60 -5.55
CA TYR A 20 -3.31 -5.40 -4.91
C TYR A 20 -2.27 -4.28 -4.91
N PHE A 21 -2.57 -3.23 -4.16
CA PHE A 21 -1.85 -1.98 -4.13
C PHE A 21 -1.19 -1.92 -2.76
N TYR A 22 0.15 -1.91 -2.73
CA TYR A 22 0.96 -2.06 -1.52
C TYR A 22 1.89 -0.88 -1.37
N SER A 23 2.21 -0.50 -0.14
CA SER A 23 3.13 0.59 0.14
C SER A 23 4.53 0.28 -0.36
N GLY A 24 5.23 1.27 -0.90
CA GLY A 24 6.61 1.12 -1.33
C GLY A 24 7.28 2.46 -1.55
N LYS A 25 8.59 2.44 -1.71
CA LYS A 25 9.41 3.62 -1.94
C LYS A 25 9.93 3.55 -3.36
N ILE A 26 9.85 4.63 -4.11
CA ILE A 26 10.29 4.64 -5.50
C ILE A 26 11.81 4.60 -5.47
N THR A 27 12.41 3.50 -5.93
CA THR A 27 13.84 3.31 -5.86
C THR A 27 14.54 4.07 -6.98
N ARG A 28 13.92 4.07 -8.17
CA ARG A 28 14.50 4.64 -9.39
C ARG A 28 13.44 4.68 -10.49
N ASP A 29 13.40 5.78 -11.25
CA ASP A 29 12.60 5.88 -12.48
C ASP A 29 13.28 4.98 -13.51
N VAL A 30 12.67 3.82 -13.80
CA VAL A 30 13.23 2.81 -14.68
C VAL A 30 13.41 3.43 -16.07
N GLY A 31 12.32 3.99 -16.62
CA GLY A 31 12.27 4.58 -17.95
C GLY A 31 10.91 4.31 -18.55
N ALA A 32 10.55 5.03 -19.61
CA ALA A 32 9.31 4.87 -20.37
C ALA A 32 8.02 5.01 -19.55
N GLY A 33 8.12 5.45 -18.28
CA GLY A 33 7.01 5.64 -17.37
C GLY A 33 7.04 4.58 -16.26
N LYS A 34 7.88 3.55 -16.35
CA LYS A 34 8.06 2.60 -15.26
C LYS A 34 8.91 3.27 -14.19
N TYR A 35 8.56 3.02 -12.94
CA TYR A 35 9.36 3.37 -11.77
C TYR A 35 9.48 2.08 -10.96
N LYS A 36 10.68 1.74 -10.49
CA LYS A 36 10.88 0.57 -9.64
C LYS A 36 10.56 0.97 -8.22
N LEU A 37 9.94 0.04 -7.50
CA LEU A 37 9.36 0.27 -6.20
C LEU A 37 9.88 -0.79 -5.25
N LEU A 38 10.57 -0.35 -4.20
CA LEU A 38 10.96 -1.16 -3.06
C LEU A 38 9.73 -1.12 -2.18
N PHE A 39 8.88 -2.13 -2.36
CA PHE A 39 7.75 -2.35 -1.48
C PHE A 39 8.26 -2.42 -0.04
N ASP A 40 7.42 -2.03 0.92
CA ASP A 40 7.78 -2.13 2.35
C ASP A 40 7.96 -3.60 2.76
N ASP A 41 7.44 -4.50 1.92
CA ASP A 41 7.60 -5.93 1.99
C ASP A 41 9.07 -6.33 1.85
N GLY A 42 9.89 -5.46 1.24
CA GLY A 42 11.26 -5.76 0.83
C GLY A 42 11.34 -6.23 -0.62
N TYR A 43 10.21 -6.54 -1.27
CA TYR A 43 10.15 -6.82 -2.69
C TYR A 43 10.55 -5.59 -3.51
N GLU A 44 11.08 -5.78 -4.73
CA GLU A 44 11.51 -4.72 -5.63
C GLU A 44 11.21 -5.15 -7.07
N CYS A 45 10.23 -4.49 -7.71
CA CYS A 45 9.88 -4.70 -9.11
C CYS A 45 9.51 -3.35 -9.74
N ASP A 46 9.54 -3.30 -11.07
CA ASP A 46 9.02 -2.19 -11.84
C ASP A 46 7.49 -2.16 -11.74
N VAL A 47 6.94 -0.95 -11.74
CA VAL A 47 5.51 -0.68 -11.84
C VAL A 47 5.38 0.52 -12.77
N LEU A 48 4.37 0.54 -13.66
CA LEU A 48 4.14 1.65 -14.57
C LEU A 48 3.53 2.82 -13.82
N GLY A 49 3.81 4.07 -14.24
CA GLY A 49 3.46 5.28 -13.50
C GLY A 49 1.98 5.39 -13.18
N LYS A 50 1.10 4.97 -14.09
CA LYS A 50 -0.34 5.02 -13.81
C LYS A 50 -0.69 4.21 -12.56
N ASP A 51 0.04 3.11 -12.30
CA ASP A 51 -0.24 2.14 -11.24
C ASP A 51 0.44 2.49 -9.91
N ILE A 52 0.90 3.73 -9.72
CA ILE A 52 1.60 4.14 -8.49
C ILE A 52 0.83 5.32 -7.93
N LEU A 53 0.16 5.10 -6.79
CA LEU A 53 -0.64 6.10 -6.10
C LEU A 53 0.31 6.88 -5.20
N LEU A 54 0.51 8.18 -5.40
CA LEU A 54 1.47 8.98 -4.62
C LEU A 54 0.84 10.03 -3.70
N CYS A 55 -0.50 10.06 -3.69
CA CYS A 55 -1.31 10.95 -2.86
C CYS A 55 -2.14 10.01 -1.96
N ASP A 56 -1.46 8.99 -1.46
CA ASP A 56 -2.00 7.81 -0.80
C ASP A 56 -2.29 7.71 0.70
N PRO A 57 -2.17 8.73 1.59
CA PRO A 57 -2.71 8.56 2.95
C PRO A 57 -4.20 8.19 2.78
N ILE A 58 -4.60 7.01 3.26
CA ILE A 58 -5.92 6.44 2.93
C ILE A 58 -6.99 7.39 3.47
N PRO A 59 -7.97 7.83 2.64
CA PRO A 59 -9.10 8.57 3.13
C PRO A 59 -9.88 7.73 4.13
N LEU A 60 -10.33 8.37 5.22
CA LEU A 60 -11.26 7.75 6.14
C LEU A 60 -12.53 7.37 5.35
N ASP A 61 -13.19 6.28 5.74
CA ASP A 61 -14.34 5.64 5.09
C ASP A 61 -13.98 4.85 3.82
N THR A 62 -12.72 4.87 3.38
CA THR A 62 -12.27 4.01 2.29
C THR A 62 -12.22 2.57 2.81
N GLU A 63 -12.72 1.64 1.99
CA GLU A 63 -12.60 0.22 2.23
C GLU A 63 -11.17 -0.18 1.90
N VAL A 64 -10.58 -1.05 2.71
CA VAL A 64 -9.21 -1.51 2.58
C VAL A 64 -9.10 -2.94 3.07
N THR A 65 -8.08 -3.64 2.59
CA THR A 65 -7.67 -4.93 3.11
C THR A 65 -6.63 -4.64 4.20
N ALA A 66 -6.55 -5.50 5.22
CA ALA A 66 -5.67 -5.36 6.36
C ALA A 66 -4.93 -6.69 6.54
N LEU A 67 -3.61 -6.65 6.74
CA LEU A 67 -2.77 -7.84 6.96
C LEU A 67 -2.15 -7.73 8.34
N SER A 68 -2.52 -8.62 9.26
CA SER A 68 -1.83 -8.76 10.54
C SER A 68 -0.38 -9.16 10.30
N GLU A 69 0.52 -8.80 11.21
CA GLU A 69 1.95 -9.07 11.07
C GLU A 69 2.23 -10.57 11.17
N ASP A 70 1.33 -11.34 11.80
CA ASP A 70 1.31 -12.80 11.81
C ASP A 70 0.68 -13.39 10.53
N GLU A 71 0.66 -12.58 9.45
CA GLU A 71 0.13 -12.84 8.11
C GLU A 71 -1.25 -13.51 8.05
N TYR A 72 -2.25 -12.80 8.56
CA TYR A 72 -3.68 -13.09 8.41
C TYR A 72 -4.29 -11.91 7.67
N PHE A 73 -5.29 -12.14 6.81
CA PHE A 73 -5.82 -11.14 5.88
C PHE A 73 -7.33 -10.99 6.13
N SER A 74 -7.84 -9.77 6.08
CA SER A 74 -9.26 -9.45 6.09
C SER A 74 -9.48 -8.15 5.31
N ALA A 75 -10.72 -7.70 5.14
CA ALA A 75 -11.03 -6.38 4.62
C ALA A 75 -12.09 -5.70 5.49
N GLY A 76 -12.01 -4.37 5.58
CA GLY A 76 -12.78 -3.52 6.47
C GLY A 76 -12.65 -2.07 5.98
N VAL A 77 -12.87 -1.09 6.85
CA VAL A 77 -12.87 0.33 6.46
C VAL A 77 -12.03 1.13 7.42
N VAL A 78 -11.27 2.07 6.89
CA VAL A 78 -10.57 3.06 7.68
C VAL A 78 -11.61 3.92 8.41
N LYS A 79 -11.54 4.03 9.73
CA LYS A 79 -12.34 4.99 10.51
C LYS A 79 -11.49 5.86 11.46
N GLY A 80 -10.16 5.85 11.30
CA GLY A 80 -9.29 6.80 12.00
C GLY A 80 -7.85 6.68 11.51
N HIS A 81 -7.04 7.68 11.86
CA HIS A 81 -5.61 7.79 11.58
C HIS A 81 -4.84 7.84 12.90
N ARG A 82 -3.56 7.45 12.88
CA ARG A 82 -2.63 7.60 13.98
C ARG A 82 -1.23 7.72 13.39
N LYS A 83 -0.29 8.26 14.15
CA LYS A 83 1.13 8.28 13.81
C LYS A 83 1.86 7.67 15.00
N GLU A 84 2.63 6.61 14.78
CA GLU A 84 3.27 5.84 15.83
C GLU A 84 4.55 5.26 15.26
N SER A 85 5.63 5.23 16.04
CA SER A 85 6.92 4.65 15.63
C SER A 85 7.43 5.18 14.27
N GLY A 86 7.06 6.41 13.89
CA GLY A 86 7.43 7.00 12.61
C GLY A 86 6.77 6.29 11.43
N GLU A 87 5.54 5.77 11.58
CA GLU A 87 4.79 5.11 10.55
C GLU A 87 3.34 5.59 10.73
N LEU A 88 2.60 5.52 9.63
CA LEU A 88 1.23 5.95 9.53
C LEU A 88 0.33 4.76 9.79
N TYR A 89 -0.59 4.91 10.73
CA TYR A 89 -1.52 3.89 11.17
C TYR A 89 -2.94 4.30 10.85
N TYR A 90 -3.80 3.29 10.74
CA TYR A 90 -5.20 3.44 10.42
C TYR A 90 -5.98 2.50 11.33
N SER A 91 -7.06 3.02 11.92
CA SER A 91 -8.02 2.20 12.62
C SER A 91 -8.87 1.63 11.50
N ILE A 92 -8.70 0.33 11.22
CA ILE A 92 -9.57 -0.37 10.31
C ILE A 92 -10.67 -0.96 11.20
N GLU A 93 -11.88 -0.42 11.10
CA GLU A 93 -13.02 -1.04 11.72
C GLU A 93 -13.38 -2.25 10.87
N LYS A 94 -13.60 -3.38 11.52
CA LYS A 94 -14.08 -4.61 10.89
C LYS A 94 -15.00 -5.28 11.89
N GLU A 95 -16.09 -5.89 11.45
CA GLU A 95 -17.08 -6.55 12.31
C GLU A 95 -17.55 -5.65 13.48
N GLY A 96 -17.58 -4.33 13.26
CA GLY A 96 -18.05 -3.37 14.24
C GLY A 96 -17.11 -3.20 15.43
N GLN A 97 -15.81 -3.53 15.27
CA GLN A 97 -14.77 -3.25 16.25
C GLN A 97 -13.56 -2.67 15.54
N ARG A 98 -12.77 -1.86 16.23
CA ARG A 98 -11.70 -1.04 15.66
C ARG A 98 -10.36 -1.68 15.94
N LYS A 99 -9.52 -1.80 14.90
CA LYS A 99 -8.27 -2.54 14.95
C LYS A 99 -7.22 -1.69 14.26
N TRP A 100 -6.09 -1.42 14.93
CA TRP A 100 -5.03 -0.61 14.34
C TRP A 100 -4.19 -1.46 13.40
N TYR A 101 -3.96 -0.95 12.20
CA TYR A 101 -3.04 -1.51 11.21
C TYR A 101 -2.15 -0.39 10.68
N LYS A 102 -1.00 -0.75 10.10
CA LYS A 102 0.02 0.20 9.61
C LYS A 102 -0.09 0.35 8.10
N ARG A 103 0.41 1.43 7.50
CA ARG A 103 0.26 1.70 6.06
C ARG A 103 0.57 0.46 5.22
N MET A 104 1.72 -0.21 5.43
CA MET A 104 2.05 -1.36 4.58
C MET A 104 1.12 -2.56 4.76
N ALA A 105 0.44 -2.63 5.91
CA ALA A 105 -0.55 -3.65 6.21
C ALA A 105 -1.92 -3.23 5.67
N VAL A 106 -2.16 -1.95 5.45
CA VAL A 106 -3.42 -1.41 4.98
C VAL A 106 -3.25 -1.31 3.47
N ILE A 107 -3.61 -2.40 2.80
CA ILE A 107 -3.41 -2.55 1.38
C ILE A 107 -4.76 -2.28 0.74
N LEU A 108 -4.75 -1.69 -0.44
CA LEU A 108 -5.99 -1.39 -1.14
C LEU A 108 -6.15 -2.52 -2.14
N SER A 109 -7.26 -3.27 -2.07
CA SER A 109 -7.53 -4.29 -3.07
C SER A 109 -7.65 -3.60 -4.44
N LEU A 110 -7.47 -4.36 -5.51
CA LEU A 110 -7.34 -3.77 -6.84
C LEU A 110 -8.49 -2.85 -7.26
N GLU A 111 -9.73 -3.13 -6.90
CA GLU A 111 -10.83 -2.24 -7.26
C GLU A 111 -10.79 -0.96 -6.40
N GLN A 112 -10.42 -1.09 -5.12
CA GLN A 112 -10.29 0.03 -4.20
C GLN A 112 -9.18 0.97 -4.71
N GLY A 113 -8.01 0.39 -5.05
CA GLY A 113 -6.87 1.10 -5.64
C GLY A 113 -7.25 1.77 -6.95
N ASN A 114 -8.09 1.13 -7.76
CA ASN A 114 -8.51 1.62 -9.08
C ASN A 114 -9.24 2.94 -8.93
N ARG A 115 -10.22 3.00 -8.03
CA ARG A 115 -11.02 4.21 -7.76
C ARG A 115 -10.15 5.39 -7.32
N LEU A 116 -8.91 5.12 -6.92
CA LEU A 116 -7.96 6.13 -6.46
C LEU A 116 -6.93 6.40 -7.54
N ARG A 117 -6.65 5.43 -8.43
CA ARG A 117 -5.68 5.55 -9.51
C ARG A 117 -5.99 6.73 -10.42
N GLU A 118 -7.28 6.96 -10.69
CA GLU A 118 -7.75 8.08 -11.48
C GLU A 118 -7.34 9.45 -10.92
N GLN A 119 -6.99 9.56 -9.63
CA GLN A 119 -6.58 10.81 -9.00
C GLN A 119 -5.11 10.78 -8.58
N TYR A 120 -4.68 9.68 -7.96
CA TYR A 120 -3.38 9.54 -7.30
C TYR A 120 -2.32 8.88 -8.16
N GLY A 121 -2.71 8.24 -9.27
CA GLY A 121 -1.77 7.63 -10.20
C GLY A 121 -0.79 8.70 -10.68
N LEU A 122 0.52 8.39 -10.72
CA LEU A 122 1.50 9.36 -11.22
C LEU A 122 1.19 9.68 -12.68
N GLY A 123 0.85 8.63 -13.44
CA GLY A 123 0.55 8.69 -14.85
C GLY A 123 -0.88 9.19 -15.03
N GLY B 1 -9.02 -21.19 9.16
CA GLY B 1 -9.77 -20.04 8.62
C GLY B 1 -8.98 -19.31 7.53
N ALA B 2 -9.06 -17.97 7.52
CA ALA B 2 -8.31 -17.13 6.59
C ALA B 2 -6.80 -17.20 6.87
N LYS B 3 -5.99 -16.73 5.92
CA LYS B 3 -4.54 -16.51 6.06
C LYS B 3 -4.10 -15.58 4.94
N ARG B 4 -2.90 -14.98 5.01
CA ARG B 4 -2.36 -14.14 3.92
C ARG B 4 -2.68 -14.75 2.56
N HIS B 5 -3.26 -13.89 1.72
CA HIS B 5 -3.91 -14.21 0.46
C HIS B 5 -3.12 -13.82 -0.80
N ARG B 6 -2.06 -13.03 -0.66
CA ARG B 6 -1.21 -12.47 -1.73
C ARG B 6 0.20 -12.43 -1.14
N VAL B 8 2.37 -10.55 0.05
CA VAL B 8 2.78 -9.47 0.93
C VAL B 8 3.87 -9.89 1.91
N LEU B 9 4.57 -8.88 2.45
CA LEU B 9 5.70 -8.99 3.36
C LEU B 9 6.80 -9.96 2.87
N ARG B 10 7.84 -10.21 3.67
CA ARG B 10 8.81 -11.25 3.39
C ARG B 10 9.48 -11.70 4.69
N ASP B 11 9.88 -12.95 4.78
CA ASP B 11 10.72 -13.51 5.84
C ASP B 11 11.62 -14.59 5.23
N ASN B 12 12.65 -15.04 5.95
CA ASN B 12 13.74 -15.88 5.45
C ASN B 12 13.40 -17.27 4.93
N ILE B 13 12.18 -17.71 5.14
CA ILE B 13 11.79 -19.07 4.82
C ILE B 13 11.42 -19.23 3.33
N GLN B 14 11.48 -18.13 2.60
CA GLN B 14 10.99 -17.97 1.24
C GLN B 14 12.18 -17.96 0.28
N GLY A 1 15.99 16.72 4.98
CA GLY A 1 15.82 16.42 3.53
C GLY A 1 14.83 17.36 2.85
N HIS A 2 14.46 17.06 1.61
CA HIS A 2 13.50 17.80 0.80
C HIS A 2 12.82 16.86 -0.18
N MET A 3 11.73 17.33 -0.82
CA MET A 3 10.97 16.58 -1.80
C MET A 3 11.78 16.28 -3.07
N ASN A 4 11.24 15.38 -3.88
CA ASN A 4 11.73 14.96 -5.20
C ASN A 4 10.49 14.71 -6.06
N SER A 5 10.65 14.59 -7.37
CA SER A 5 9.58 14.22 -8.28
C SER A 5 8.94 12.88 -7.94
N PHE A 6 9.78 11.86 -7.73
CA PHE A 6 9.32 10.49 -7.60
C PHE A 6 10.30 9.70 -6.74
N VAL A 7 11.57 9.72 -7.10
CA VAL A 7 12.59 8.89 -6.51
C VAL A 7 12.78 9.28 -5.04
N GLY A 8 12.39 8.38 -4.14
CA GLY A 8 12.51 8.56 -2.69
C GLY A 8 11.14 8.66 -2.00
N LEU A 9 10.07 8.93 -2.75
CA LEU A 9 8.75 9.18 -2.19
C LEU A 9 8.13 7.86 -1.74
N ARG A 10 7.55 7.86 -0.54
CA ARG A 10 6.72 6.76 -0.07
C ARG A 10 5.38 6.90 -0.78
N VAL A 11 4.92 5.85 -1.43
CA VAL A 11 3.74 5.83 -2.29
C VAL A 11 3.08 4.45 -2.12
N VAL A 12 1.97 4.21 -2.82
CA VAL A 12 1.34 2.90 -2.88
C VAL A 12 1.39 2.50 -4.35
N ALA A 13 1.62 1.23 -4.66
CA ALA A 13 1.90 0.77 -6.01
C ALA A 13 1.20 -0.56 -6.24
N LYS A 14 0.79 -0.89 -7.46
CA LYS A 14 0.10 -2.16 -7.70
C LYS A 14 1.17 -3.23 -7.83
N TRP A 15 0.88 -4.38 -7.24
CA TRP A 15 1.67 -5.56 -7.45
C TRP A 15 1.05 -6.33 -8.62
N SER A 16 1.78 -6.46 -9.72
CA SER A 16 1.26 -6.97 -10.97
C SER A 16 0.81 -8.44 -10.91
N SER A 17 1.55 -9.30 -10.18
CA SER A 17 1.35 -10.75 -10.25
C SER A 17 0.09 -11.26 -9.54
N ASN A 18 -0.47 -10.52 -8.58
CA ASN A 18 -1.67 -10.93 -7.83
C ASN A 18 -2.69 -9.80 -7.64
N GLY A 19 -2.37 -8.58 -8.10
CA GLY A 19 -3.21 -7.41 -7.90
C GLY A 19 -3.08 -6.86 -6.48
N TYR A 20 -3.85 -5.80 -6.24
CA TYR A 20 -3.89 -4.95 -5.04
C TYR A 20 -2.68 -4.00 -5.02
N PHE A 21 -2.79 -2.95 -4.21
CA PHE A 21 -1.82 -1.89 -4.13
C PHE A 21 -1.20 -1.91 -2.73
N TYR A 22 0.13 -1.84 -2.66
CA TYR A 22 0.92 -2.02 -1.44
C TYR A 22 1.87 -0.85 -1.31
N SER A 23 2.22 -0.49 -0.08
CA SER A 23 3.11 0.61 0.21
C SER A 23 4.53 0.29 -0.28
N GLY A 24 5.25 1.31 -0.77
CA GLY A 24 6.65 1.16 -1.14
C GLY A 24 7.29 2.52 -1.30
N LYS A 25 8.59 2.56 -1.57
CA LYS A 25 9.31 3.79 -1.90
C LYS A 25 9.79 3.63 -3.33
N ILE A 26 9.67 4.67 -4.15
CA ILE A 26 10.20 4.65 -5.50
C ILE A 26 11.71 4.66 -5.36
N THR A 27 12.38 3.61 -5.83
CA THR A 27 13.82 3.47 -5.68
C THR A 27 14.54 4.20 -6.80
N ARG A 28 13.96 4.15 -8.02
CA ARG A 28 14.55 4.72 -9.22
C ARG A 28 13.48 4.76 -10.33
N ASP A 29 13.41 5.84 -11.09
CA ASP A 29 12.60 5.90 -12.31
C ASP A 29 13.33 5.02 -13.33
N VAL A 30 12.79 3.83 -13.60
CA VAL A 30 13.42 2.84 -14.47
C VAL A 30 13.58 3.46 -15.86
N GLY A 31 12.49 3.98 -16.40
CA GLY A 31 12.41 4.63 -17.70
C GLY A 31 11.11 4.22 -18.36
N ALA A 32 10.75 4.87 -19.46
CA ALA A 32 9.59 4.56 -20.31
C ALA A 32 8.22 4.54 -19.60
N GLY A 33 8.15 4.99 -18.34
CA GLY A 33 6.95 5.01 -17.53
C GLY A 33 7.04 4.00 -16.39
N LYS A 34 8.02 3.10 -16.39
CA LYS A 34 8.29 2.22 -15.25
C LYS A 34 9.05 3.02 -14.21
N TYR A 35 8.70 2.80 -12.95
CA TYR A 35 9.42 3.26 -11.76
C TYR A 35 9.58 2.01 -10.90
N LYS A 36 10.78 1.76 -10.38
CA LYS A 36 10.99 0.61 -9.52
C LYS A 36 10.60 0.99 -8.12
N LEU A 37 9.99 0.04 -7.42
CA LEU A 37 9.35 0.25 -6.16
C LEU A 37 9.90 -0.79 -5.19
N LEU A 38 10.56 -0.32 -4.15
CA LEU A 38 10.95 -1.13 -3.01
C LEU A 38 9.70 -1.11 -2.15
N PHE A 39 8.87 -2.14 -2.31
CA PHE A 39 7.76 -2.35 -1.42
C PHE A 39 8.30 -2.47 0.00
N ASP A 40 7.49 -2.08 0.98
CA ASP A 40 7.85 -2.24 2.40
C ASP A 40 7.99 -3.72 2.75
N ASP A 41 7.43 -4.58 1.89
CA ASP A 41 7.52 -6.01 1.90
C ASP A 41 8.97 -6.48 1.77
N GLY A 42 9.83 -5.65 1.19
CA GLY A 42 11.19 -5.99 0.80
C GLY A 42 11.29 -6.44 -0.66
N TYR A 43 10.16 -6.63 -1.35
CA TYR A 43 10.15 -6.85 -2.81
C TYR A 43 10.64 -5.58 -3.51
N GLU A 44 11.25 -5.71 -4.69
CA GLU A 44 11.74 -4.60 -5.50
C GLU A 44 11.48 -4.97 -6.96
N CYS A 45 10.50 -4.31 -7.58
CA CYS A 45 10.08 -4.61 -8.94
C CYS A 45 9.68 -3.31 -9.63
N ASP A 46 9.72 -3.30 -10.97
CA ASP A 46 9.18 -2.22 -11.77
C ASP A 46 7.64 -2.23 -11.67
N VAL A 47 7.07 -1.03 -11.70
CA VAL A 47 5.63 -0.77 -11.76
C VAL A 47 5.47 0.46 -12.67
N LEU A 48 4.43 0.49 -13.50
CA LEU A 48 4.22 1.59 -14.43
C LEU A 48 3.52 2.76 -13.74
N GLY A 49 3.69 3.98 -14.26
CA GLY A 49 3.27 5.22 -13.59
C GLY A 49 1.79 5.23 -13.21
N LYS A 50 0.92 4.67 -14.05
CA LYS A 50 -0.51 4.68 -13.75
C LYS A 50 -0.78 3.88 -12.49
N ASP A 51 0.00 2.82 -12.29
CA ASP A 51 -0.17 1.85 -11.22
C ASP A 51 0.47 2.31 -9.91
N ILE A 52 0.87 3.58 -9.77
CA ILE A 52 1.49 4.09 -8.54
C ILE A 52 0.71 5.35 -8.12
N LEU A 53 0.43 5.44 -6.83
CA LEU A 53 -0.45 6.39 -6.16
C LEU A 53 0.46 7.12 -5.19
N LEU A 54 0.77 8.40 -5.43
CA LEU A 54 1.83 9.08 -4.66
C LEU A 54 1.37 10.09 -3.63
N CYS A 55 0.08 10.35 -3.55
CA CYS A 55 -0.50 11.32 -2.63
C CYS A 55 -1.72 10.62 -2.02
N ASP A 56 -1.47 9.39 -1.53
CA ASP A 56 -2.51 8.45 -1.15
C ASP A 56 -2.50 8.01 0.34
N PRO A 57 -2.52 8.94 1.32
CA PRO A 57 -2.81 8.54 2.69
C PRO A 57 -4.28 8.10 2.60
N ILE A 58 -4.62 6.88 3.06
CA ILE A 58 -5.94 6.31 2.76
C ILE A 58 -7.03 7.22 3.32
N PRO A 59 -7.95 7.77 2.50
CA PRO A 59 -9.05 8.56 3.01
C PRO A 59 -10.01 7.66 3.80
N LEU A 60 -10.53 8.24 4.87
CA LEU A 60 -11.43 7.57 5.77
C LEU A 60 -12.72 7.24 4.99
N ASP A 61 -13.31 6.08 5.29
CA ASP A 61 -14.45 5.43 4.61
C ASP A 61 -14.04 4.58 3.41
N THR A 62 -12.77 4.64 2.96
CA THR A 62 -12.28 3.76 1.91
C THR A 62 -12.20 2.33 2.47
N GLU A 63 -12.66 1.36 1.68
CA GLU A 63 -12.49 -0.05 1.96
C GLU A 63 -11.03 -0.39 1.74
N VAL A 64 -10.47 -1.22 2.59
CA VAL A 64 -9.11 -1.69 2.50
C VAL A 64 -9.04 -3.12 3.02
N THR A 65 -8.03 -3.84 2.53
CA THR A 65 -7.65 -5.13 3.07
C THR A 65 -6.60 -4.82 4.14
N ALA A 66 -6.50 -5.68 5.15
CA ALA A 66 -5.68 -5.53 6.32
C ALA A 66 -4.92 -6.85 6.50
N LEU A 67 -3.66 -6.81 6.92
CA LEU A 67 -2.91 -8.01 7.28
C LEU A 67 -2.28 -7.83 8.65
N SER A 68 -2.47 -8.83 9.51
CA SER A 68 -1.82 -8.93 10.81
C SER A 68 -0.33 -9.23 10.64
N GLU A 69 0.45 -9.08 11.71
CA GLU A 69 1.88 -9.43 11.72
C GLU A 69 2.05 -10.95 11.47
N ASP A 70 1.09 -11.76 11.92
CA ASP A 70 1.03 -13.21 11.64
C ASP A 70 0.34 -13.49 10.29
N GLU A 71 0.25 -12.46 9.44
CA GLU A 71 -0.18 -12.49 8.04
C GLU A 71 -1.67 -12.77 7.83
N TYR A 72 -2.49 -13.00 8.87
CA TYR A 72 -3.92 -13.21 8.67
C TYR A 72 -4.51 -12.02 7.90
N PHE A 73 -5.33 -12.33 6.88
CA PHE A 73 -5.83 -11.39 5.89
C PHE A 73 -7.29 -11.11 6.23
N SER A 74 -7.71 -9.85 6.10
CA SER A 74 -9.05 -9.37 6.43
C SER A 74 -9.37 -8.17 5.55
N ALA A 75 -10.62 -7.72 5.53
CA ALA A 75 -10.99 -6.47 4.85
C ALA A 75 -12.06 -5.74 5.66
N GLY A 76 -11.99 -4.42 5.63
CA GLY A 76 -12.78 -3.51 6.44
C GLY A 76 -12.61 -2.10 5.88
N VAL A 77 -12.85 -1.07 6.69
CA VAL A 77 -12.85 0.32 6.24
C VAL A 77 -12.06 1.17 7.19
N VAL A 78 -11.30 2.12 6.65
CA VAL A 78 -10.60 3.11 7.44
C VAL A 78 -11.62 3.98 8.16
N LYS A 79 -11.51 4.13 9.48
CA LYS A 79 -12.33 5.09 10.24
C LYS A 79 -11.47 5.93 11.22
N GLY A 80 -10.15 5.94 11.08
CA GLY A 80 -9.29 6.83 11.84
C GLY A 80 -7.82 6.62 11.48
N HIS A 81 -6.94 7.42 12.09
CA HIS A 81 -5.51 7.51 11.80
C HIS A 81 -4.73 7.56 13.10
N ARG A 82 -3.48 7.10 13.08
CA ARG A 82 -2.54 7.22 14.18
C ARG A 82 -1.15 7.38 13.58
N LYS A 83 -0.24 7.94 14.37
CA LYS A 83 1.18 8.00 14.07
C LYS A 83 1.88 7.45 15.31
N GLU A 84 2.77 6.47 15.13
CA GLU A 84 3.49 5.80 16.21
C GLU A 84 4.87 5.46 15.67
N SER A 85 5.92 5.76 16.44
CA SER A 85 7.31 5.51 16.08
C SER A 85 7.68 6.01 14.67
N GLY A 86 7.05 7.11 14.23
CA GLY A 86 7.28 7.70 12.93
C GLY A 86 6.75 6.84 11.79
N GLU A 87 5.69 6.05 12.01
CA GLU A 87 5.06 5.19 11.03
C GLU A 87 3.55 5.46 11.09
N LEU A 88 2.87 5.26 9.96
CA LEU A 88 1.48 5.65 9.77
C LEU A 88 0.56 4.46 9.97
N TYR A 89 -0.52 4.69 10.70
CA TYR A 89 -1.48 3.69 11.10
C TYR A 89 -2.88 4.15 10.75
N TYR A 90 -3.77 3.19 10.58
CA TYR A 90 -5.17 3.40 10.24
C TYR A 90 -5.98 2.50 11.16
N SER A 91 -7.05 3.04 11.72
CA SER A 91 -8.03 2.24 12.43
C SER A 91 -8.89 1.66 11.32
N ILE A 92 -8.77 0.36 11.10
CA ILE A 92 -9.63 -0.34 10.16
C ILE A 92 -10.75 -0.91 11.02
N GLU A 93 -11.96 -0.37 10.86
CA GLU A 93 -13.14 -0.99 11.45
C GLU A 93 -13.39 -2.24 10.60
N LYS A 94 -13.41 -3.39 11.25
CA LYS A 94 -13.41 -4.70 10.61
C LYS A 94 -14.32 -5.57 11.47
N GLU A 95 -15.32 -6.23 10.89
CA GLU A 95 -16.37 -6.95 11.61
C GLU A 95 -16.98 -6.09 12.74
N GLY A 96 -17.16 -4.80 12.46
CA GLY A 96 -17.87 -3.87 13.35
C GLY A 96 -17.08 -3.48 14.60
N GLN A 97 -15.76 -3.69 14.62
CA GLN A 97 -14.88 -3.27 15.72
C GLN A 97 -13.60 -2.69 15.14
N ARG A 98 -12.98 -1.75 15.85
CA ARG A 98 -11.87 -0.93 15.34
C ARG A 98 -10.55 -1.60 15.69
N LYS A 99 -9.68 -1.76 14.69
CA LYS A 99 -8.43 -2.51 14.80
C LYS A 99 -7.33 -1.68 14.13
N TRP A 100 -6.22 -1.44 14.80
CA TRP A 100 -5.13 -0.67 14.23
C TRP A 100 -4.29 -1.56 13.30
N TYR A 101 -4.06 -1.08 12.08
CA TYR A 101 -3.12 -1.66 11.12
C TYR A 101 -2.22 -0.55 10.58
N LYS A 102 -1.04 -0.93 10.07
CA LYS A 102 -0.01 0.02 9.60
C LYS A 102 -0.07 0.15 8.08
N ARG A 103 0.45 1.23 7.49
CA ARG A 103 0.34 1.48 6.04
C ARG A 103 0.58 0.23 5.20
N MET A 104 1.69 -0.50 5.40
CA MET A 104 1.99 -1.62 4.51
C MET A 104 1.06 -2.84 4.73
N ALA A 105 0.42 -2.94 5.90
CA ALA A 105 -0.60 -3.93 6.18
C ALA A 105 -1.97 -3.50 5.64
N VAL A 106 -2.20 -2.20 5.45
CA VAL A 106 -3.44 -1.64 4.95
C VAL A 106 -3.25 -1.55 3.43
N ILE A 107 -3.60 -2.62 2.75
CA ILE A 107 -3.39 -2.78 1.33
C ILE A 107 -4.71 -2.45 0.66
N LEU A 108 -4.66 -1.81 -0.50
CA LEU A 108 -5.85 -1.32 -1.16
C LEU A 108 -6.23 -2.38 -2.16
N SER A 109 -7.43 -2.94 -1.98
CA SER A 109 -8.05 -3.85 -2.93
C SER A 109 -8.08 -3.13 -4.28
N LEU A 110 -7.93 -3.86 -5.39
CA LEU A 110 -7.69 -3.24 -6.71
C LEU A 110 -8.78 -2.27 -7.18
N GLU A 111 -10.05 -2.51 -6.86
CA GLU A 111 -11.12 -1.57 -7.16
C GLU A 111 -10.90 -0.24 -6.41
N GLN A 112 -10.45 -0.34 -5.16
CA GLN A 112 -10.31 0.81 -4.28
C GLN A 112 -9.09 1.62 -4.72
N GLY A 113 -7.95 0.95 -4.98
CA GLY A 113 -6.78 1.58 -5.58
C GLY A 113 -7.13 2.29 -6.88
N ASN A 114 -8.01 1.69 -7.69
CA ASN A 114 -8.44 2.26 -8.97
C ASN A 114 -9.17 3.58 -8.74
N ARG A 115 -10.14 3.60 -7.82
CA ARG A 115 -10.87 4.81 -7.44
C ARG A 115 -9.96 5.91 -6.88
N LEU A 116 -8.69 5.62 -6.61
CA LEU A 116 -7.73 6.57 -6.12
C LEU A 116 -6.75 6.94 -7.25
N ARG A 117 -6.50 6.01 -8.20
CA ARG A 117 -5.65 6.22 -9.37
C ARG A 117 -6.09 7.42 -10.18
N GLU A 118 -7.41 7.61 -10.32
CA GLU A 118 -7.98 8.73 -11.05
C GLU A 118 -7.51 10.10 -10.54
N GLN A 119 -7.04 10.20 -9.28
CA GLN A 119 -6.53 11.44 -8.70
C GLN A 119 -5.02 11.38 -8.42
N TYR A 120 -4.53 10.24 -7.91
CA TYR A 120 -3.19 10.08 -7.37
C TYR A 120 -2.21 9.34 -8.27
N GLY A 121 -2.70 8.78 -9.38
CA GLY A 121 -1.88 8.07 -10.35
C GLY A 121 -0.75 8.97 -10.85
N LEU A 122 0.48 8.44 -10.96
CA LEU A 122 1.59 9.22 -11.48
C LEU A 122 1.33 9.59 -12.95
N GLY A 123 0.84 8.60 -13.71
CA GLY A 123 0.68 8.69 -15.14
C GLY A 123 -0.44 9.67 -15.47
N GLY B 1 -7.97 -21.13 7.84
CA GLY B 1 -8.95 -20.03 7.68
C GLY B 1 -8.41 -18.89 6.83
N ALA B 2 -8.72 -17.63 7.19
CA ALA B 2 -8.41 -16.41 6.44
C ALA B 2 -6.93 -16.00 6.59
N LYS B 3 -5.98 -16.89 6.31
CA LYS B 3 -4.56 -16.55 6.28
C LYS B 3 -4.24 -15.77 4.99
N ARG B 4 -3.09 -15.08 4.96
CA ARG B 4 -2.58 -14.31 3.82
C ARG B 4 -2.99 -14.94 2.48
N HIS B 5 -3.64 -14.12 1.65
CA HIS B 5 -4.31 -14.55 0.43
C HIS B 5 -3.56 -14.22 -0.86
N ARG B 6 -2.54 -13.35 -0.77
CA ARG B 6 -1.75 -12.83 -1.89
C ARG B 6 -0.31 -12.72 -1.40
N VAL B 8 2.42 -10.74 -0.07
CA VAL B 8 2.72 -9.57 0.74
C VAL B 8 3.98 -10.00 1.50
N LEU B 9 4.61 -9.05 2.18
CA LEU B 9 5.74 -9.18 3.11
C LEU B 9 6.91 -10.05 2.58
N ARG B 10 7.92 -10.34 3.42
CA ARG B 10 8.99 -11.31 3.14
C ARG B 10 9.42 -11.93 4.46
N ASP B 11 10.07 -13.10 4.40
CA ASP B 11 10.74 -13.76 5.51
C ASP B 11 11.96 -14.52 4.97
N ASN B 12 12.89 -14.93 5.84
CA ASN B 12 14.22 -15.45 5.45
C ASN B 12 14.28 -16.72 4.61
N ILE B 13 13.20 -17.48 4.58
CA ILE B 13 13.20 -18.81 4.00
C ILE B 13 12.97 -18.80 2.48
N GLN B 14 12.86 -17.61 1.91
CA GLN B 14 12.41 -17.33 0.56
C GLN B 14 13.62 -16.94 -0.30
N GLY A 1 14.77 22.28 -2.50
CA GLY A 1 13.46 21.58 -2.42
C GLY A 1 13.61 20.20 -1.77
N HIS A 2 12.68 19.85 -0.86
CA HIS A 2 12.70 18.55 -0.16
C HIS A 2 12.34 17.40 -1.10
N MET A 3 11.43 17.65 -2.06
CA MET A 3 10.92 16.64 -2.98
C MET A 3 11.98 16.30 -4.04
N ASN A 4 11.84 15.12 -4.66
CA ASN A 4 12.75 14.61 -5.69
C ASN A 4 11.94 13.95 -6.82
N SER A 5 10.78 14.53 -7.13
CA SER A 5 9.82 14.13 -8.14
C SER A 5 9.14 12.78 -7.87
N PHE A 6 9.90 11.69 -7.90
CA PHE A 6 9.39 10.35 -7.76
C PHE A 6 10.38 9.52 -6.97
N VAL A 7 11.63 9.47 -7.42
CA VAL A 7 12.66 8.61 -6.85
C VAL A 7 12.88 8.98 -5.37
N GLY A 8 12.47 8.09 -4.46
CA GLY A 8 12.63 8.23 -3.01
C GLY A 8 11.31 8.44 -2.28
N LEU A 9 10.22 8.79 -2.98
CA LEU A 9 8.91 9.05 -2.37
C LEU A 9 8.29 7.72 -1.95
N ARG A 10 7.74 7.70 -0.73
CA ARG A 10 6.89 6.60 -0.27
C ARG A 10 5.54 6.80 -0.95
N VAL A 11 5.03 5.75 -1.58
CA VAL A 11 3.84 5.77 -2.42
C VAL A 11 3.16 4.40 -2.25
N VAL A 12 2.10 4.13 -3.00
CA VAL A 12 1.48 2.81 -3.10
C VAL A 12 1.52 2.48 -4.59
N ALA A 13 1.63 1.22 -4.96
CA ALA A 13 1.83 0.78 -6.33
C ALA A 13 1.07 -0.51 -6.53
N LYS A 14 0.62 -0.80 -7.76
CA LYS A 14 -0.08 -2.05 -8.02
C LYS A 14 0.99 -3.10 -8.25
N TRP A 15 0.75 -4.30 -7.72
CA TRP A 15 1.55 -5.45 -8.03
C TRP A 15 1.00 -6.06 -9.31
N SER A 16 1.52 -5.63 -10.46
CA SER A 16 0.98 -5.95 -11.78
C SER A 16 0.86 -7.46 -12.04
N SER A 17 1.74 -8.27 -11.44
CA SER A 17 1.83 -9.70 -11.68
C SER A 17 0.61 -10.49 -11.15
N ASN A 18 -0.26 -9.89 -10.34
CA ASN A 18 -1.54 -10.50 -9.96
C ASN A 18 -2.63 -9.45 -9.75
N GLY A 19 -2.35 -8.41 -8.96
CA GLY A 19 -3.32 -7.42 -8.55
C GLY A 19 -2.97 -6.84 -7.18
N TYR A 20 -3.81 -5.92 -6.72
CA TYR A 20 -3.77 -5.21 -5.43
C TYR A 20 -2.63 -4.20 -5.38
N PHE A 21 -2.71 -3.28 -4.42
CA PHE A 21 -1.88 -2.11 -4.32
C PHE A 21 -1.20 -2.14 -2.94
N TYR A 22 0.13 -2.06 -2.93
CA TYR A 22 0.97 -2.25 -1.76
C TYR A 22 1.89 -1.04 -1.60
N SER A 23 2.23 -0.69 -0.37
CA SER A 23 3.10 0.43 -0.05
C SER A 23 4.52 0.16 -0.58
N GLY A 24 5.28 1.20 -0.93
CA GLY A 24 6.67 1.07 -1.37
C GLY A 24 7.34 2.41 -1.55
N LYS A 25 8.64 2.40 -1.88
CA LYS A 25 9.40 3.60 -2.23
C LYS A 25 9.80 3.44 -3.69
N ILE A 26 9.69 4.51 -4.48
CA ILE A 26 10.14 4.49 -5.86
C ILE A 26 11.67 4.43 -5.82
N THR A 27 12.26 3.37 -6.37
CA THR A 27 13.69 3.16 -6.30
C THR A 27 14.39 3.91 -7.43
N ARG A 28 13.77 3.94 -8.62
CA ARG A 28 14.34 4.53 -9.84
C ARG A 28 13.27 4.61 -10.93
N ASP A 29 13.21 5.72 -11.67
CA ASP A 29 12.40 5.85 -12.88
C ASP A 29 13.06 4.96 -13.93
N VAL A 30 12.45 3.80 -14.22
CA VAL A 30 12.99 2.79 -15.12
C VAL A 30 13.14 3.44 -16.51
N GLY A 31 12.05 4.02 -17.01
CA GLY A 31 12.00 4.69 -18.29
C GLY A 31 10.60 4.50 -18.88
N ALA A 32 10.26 5.31 -19.88
CA ALA A 32 9.00 5.23 -20.63
C ALA A 32 7.72 5.33 -19.77
N GLY A 33 7.84 5.69 -18.49
CA GLY A 33 6.75 5.83 -17.56
C GLY A 33 6.79 4.74 -16.51
N LYS A 34 7.61 3.70 -16.66
CA LYS A 34 7.81 2.72 -15.60
C LYS A 34 8.69 3.33 -14.53
N TYR A 35 8.36 3.05 -13.27
CA TYR A 35 9.19 3.36 -12.11
C TYR A 35 9.30 2.06 -11.34
N LYS A 36 10.50 1.68 -10.91
CA LYS A 36 10.70 0.51 -10.09
C LYS A 36 10.38 0.87 -8.66
N LEU A 37 9.79 -0.09 -7.94
CA LEU A 37 9.21 0.12 -6.64
C LEU A 37 9.73 -0.95 -5.70
N LEU A 38 10.46 -0.52 -4.67
CA LEU A 38 10.84 -1.35 -3.56
C LEU A 38 9.63 -1.27 -2.65
N PHE A 39 8.75 -2.25 -2.78
CA PHE A 39 7.62 -2.40 -1.90
C PHE A 39 8.13 -2.51 -0.46
N ASP A 40 7.36 -1.99 0.50
CA ASP A 40 7.61 -2.22 1.93
C ASP A 40 7.42 -3.70 2.23
N ASP A 41 6.56 -4.33 1.42
CA ASP A 41 6.33 -5.75 1.31
C ASP A 41 7.61 -6.52 0.95
N GLY A 42 8.65 -5.82 0.48
CA GLY A 42 10.00 -6.34 0.30
C GLY A 42 10.33 -6.72 -1.14
N TYR A 43 9.36 -6.69 -2.04
CA TYR A 43 9.59 -6.99 -3.45
C TYR A 43 10.16 -5.76 -4.18
N GLU A 44 10.81 -5.96 -5.34
CA GLU A 44 11.30 -4.89 -6.20
C GLU A 44 11.00 -5.28 -7.65
N CYS A 45 10.03 -4.59 -8.26
CA CYS A 45 9.61 -4.80 -9.64
C CYS A 45 9.27 -3.43 -10.25
N ASP A 46 9.28 -3.35 -11.58
CA ASP A 46 8.77 -2.21 -12.32
C ASP A 46 7.25 -2.16 -12.16
N VAL A 47 6.72 -0.94 -12.13
CA VAL A 47 5.29 -0.64 -12.17
C VAL A 47 5.15 0.58 -13.09
N LEU A 48 4.12 0.63 -13.92
CA LEU A 48 3.88 1.76 -14.83
C LEU A 48 3.32 2.95 -14.05
N GLY A 49 3.56 4.17 -14.52
CA GLY A 49 3.19 5.39 -13.81
C GLY A 49 1.71 5.46 -13.45
N LYS A 50 0.82 5.04 -14.35
CA LYS A 50 -0.61 5.07 -14.02
C LYS A 50 -0.99 4.06 -12.92
N ASP A 51 -0.08 3.18 -12.50
CA ASP A 51 -0.32 2.16 -11.49
C ASP A 51 0.41 2.49 -10.18
N ILE A 52 0.82 3.76 -9.97
CA ILE A 52 1.49 4.20 -8.75
C ILE A 52 0.71 5.42 -8.25
N LEU A 53 0.47 5.48 -6.95
CA LEU A 53 -0.42 6.40 -6.25
C LEU A 53 0.46 7.12 -5.24
N LEU A 54 0.62 8.45 -5.34
CA LEU A 54 1.63 9.19 -4.54
C LEU A 54 1.06 10.28 -3.62
N CYS A 55 -0.27 10.40 -3.58
CA CYS A 55 -1.02 11.25 -2.64
C CYS A 55 -1.91 10.30 -1.83
N ASP A 56 -1.31 9.17 -1.47
CA ASP A 56 -1.87 7.96 -0.92
C ASP A 56 -2.10 7.72 0.58
N PRO A 57 -1.90 8.63 1.57
CA PRO A 57 -2.40 8.35 2.92
C PRO A 57 -3.89 8.02 2.80
N ILE A 58 -4.30 6.82 3.22
CA ILE A 58 -5.64 6.30 2.92
C ILE A 58 -6.70 7.26 3.52
N PRO A 59 -7.62 7.82 2.72
CA PRO A 59 -8.72 8.61 3.24
C PRO A 59 -9.67 7.72 4.05
N LEU A 60 -10.17 8.30 5.12
CA LEU A 60 -11.08 7.64 6.03
C LEU A 60 -12.38 7.33 5.26
N ASP A 61 -13.05 6.24 5.63
CA ASP A 61 -14.21 5.63 4.95
C ASP A 61 -13.83 4.82 3.70
N THR A 62 -12.56 4.86 3.24
CA THR A 62 -12.10 3.96 2.19
C THR A 62 -12.07 2.54 2.74
N GLU A 63 -12.52 1.59 1.91
CA GLU A 63 -12.47 0.17 2.21
C GLU A 63 -11.09 -0.32 1.78
N VAL A 64 -10.51 -1.21 2.56
CA VAL A 64 -9.14 -1.68 2.42
C VAL A 64 -9.05 -3.12 2.88
N THR A 65 -8.05 -3.81 2.39
CA THR A 65 -7.68 -5.13 2.89
C THR A 65 -6.65 -4.85 3.99
N ALA A 66 -6.61 -5.69 5.01
CA ALA A 66 -5.80 -5.55 6.20
C ALA A 66 -5.13 -6.92 6.42
N LEU A 67 -3.85 -6.95 6.81
CA LEU A 67 -3.18 -8.19 7.20
C LEU A 67 -2.68 -8.09 8.63
N SER A 68 -3.06 -9.09 9.44
CA SER A 68 -2.63 -9.21 10.82
C SER A 68 -1.14 -9.56 10.89
N GLU A 69 -0.58 -9.42 12.10
CA GLU A 69 0.80 -9.75 12.39
C GLU A 69 1.06 -11.26 12.21
N ASP A 70 0.01 -12.09 12.34
CA ASP A 70 0.03 -13.53 11.98
C ASP A 70 -0.52 -13.74 10.57
N GLU A 71 -0.37 -12.74 9.70
CA GLU A 71 -0.65 -12.76 8.28
C GLU A 71 -2.11 -12.96 7.88
N TYR A 72 -3.06 -13.10 8.81
CA TYR A 72 -4.46 -13.32 8.43
C TYR A 72 -4.97 -12.15 7.59
N PHE A 73 -5.58 -12.47 6.45
CA PHE A 73 -6.02 -11.56 5.42
C PHE A 73 -7.51 -11.30 5.69
N SER A 74 -7.88 -10.02 5.71
CA SER A 74 -9.22 -9.54 6.05
C SER A 74 -9.46 -8.23 5.29
N ALA A 75 -10.69 -7.70 5.32
CA ALA A 75 -10.99 -6.38 4.75
C ALA A 75 -12.02 -5.66 5.60
N GLY A 76 -11.93 -4.33 5.61
CA GLY A 76 -12.68 -3.44 6.48
C GLY A 76 -12.49 -2.01 5.99
N VAL A 77 -12.75 -1.00 6.82
CA VAL A 77 -12.74 0.41 6.41
C VAL A 77 -11.91 1.22 7.38
N VAL A 78 -11.11 2.15 6.85
CA VAL A 78 -10.38 3.11 7.65
C VAL A 78 -11.39 3.98 8.39
N LYS A 79 -11.27 4.13 9.71
CA LYS A 79 -12.06 5.11 10.48
C LYS A 79 -11.17 5.94 11.42
N GLY A 80 -9.85 5.91 11.25
CA GLY A 80 -8.94 6.76 11.98
C GLY A 80 -7.49 6.46 11.62
N HIS A 81 -6.58 7.13 12.32
CA HIS A 81 -5.14 7.19 12.03
C HIS A 81 -4.33 7.21 13.33
N ARG A 82 -3.09 6.71 13.27
CA ARG A 82 -2.08 6.78 14.33
C ARG A 82 -0.73 6.95 13.67
N LYS A 83 0.25 7.44 14.42
CA LYS A 83 1.65 7.56 14.00
C LYS A 83 2.50 7.07 15.17
N GLU A 84 3.47 6.20 14.89
CA GLU A 84 4.33 5.63 15.91
C GLU A 84 5.68 5.30 15.27
N SER A 85 6.77 5.76 15.87
CA SER A 85 8.15 5.40 15.54
C SER A 85 8.46 5.36 14.03
N GLY A 86 7.94 6.34 13.28
CA GLY A 86 8.23 6.47 11.85
C GLY A 86 7.40 5.52 10.97
N GLU A 87 6.19 5.16 11.40
CA GLU A 87 5.26 4.33 10.65
C GLU A 87 3.88 4.94 10.84
N LEU A 88 3.05 4.79 9.81
CA LEU A 88 1.71 5.33 9.72
C LEU A 88 0.75 4.16 9.90
N TYR A 89 -0.26 4.37 10.73
CA TYR A 89 -1.23 3.38 11.12
C TYR A 89 -2.62 3.88 10.81
N TYR A 90 -3.53 2.94 10.64
CA TYR A 90 -4.92 3.17 10.31
C TYR A 90 -5.74 2.27 11.21
N SER A 91 -6.74 2.81 11.89
CA SER A 91 -7.69 2.02 12.65
C SER A 91 -8.72 1.53 11.64
N ILE A 92 -8.62 0.26 11.25
CA ILE A 92 -9.52 -0.35 10.29
C ILE A 92 -10.65 -0.96 11.13
N GLU A 93 -11.87 -0.45 10.95
CA GLU A 93 -13.05 -1.08 11.49
C GLU A 93 -13.29 -2.32 10.64
N LYS A 94 -13.35 -3.48 11.27
CA LYS A 94 -13.37 -4.79 10.63
C LYS A 94 -14.28 -5.64 11.48
N GLU A 95 -15.29 -6.29 10.88
CA GLU A 95 -16.37 -6.97 11.60
C GLU A 95 -16.97 -6.11 12.73
N GLY A 96 -17.10 -4.80 12.46
CA GLY A 96 -17.81 -3.88 13.33
C GLY A 96 -17.04 -3.51 14.62
N GLN A 97 -15.72 -3.75 14.66
CA GLN A 97 -14.84 -3.36 15.76
C GLN A 97 -13.54 -2.83 15.18
N ARG A 98 -12.83 -1.94 15.88
CA ARG A 98 -11.70 -1.22 15.31
C ARG A 98 -10.40 -1.92 15.68
N LYS A 99 -9.49 -2.04 14.71
CA LYS A 99 -8.24 -2.78 14.82
C LYS A 99 -7.17 -1.93 14.17
N TRP A 100 -6.03 -1.72 14.82
CA TRP A 100 -4.94 -0.95 14.25
C TRP A 100 -4.16 -1.81 13.26
N TYR A 101 -3.93 -1.29 12.05
CA TYR A 101 -3.06 -1.90 11.05
C TYR A 101 -2.09 -0.84 10.54
N LYS A 102 -0.94 -1.28 10.04
CA LYS A 102 0.15 -0.39 9.60
C LYS A 102 0.11 -0.20 8.10
N ARG A 103 0.74 0.83 7.53
CA ARG A 103 0.60 1.17 6.10
C ARG A 103 0.75 -0.05 5.20
N MET A 104 1.81 -0.84 5.39
CA MET A 104 2.12 -1.94 4.47
C MET A 104 1.18 -3.12 4.65
N ALA A 105 0.44 -3.18 5.76
CA ALA A 105 -0.58 -4.18 6.04
C ALA A 105 -1.95 -3.71 5.54
N VAL A 106 -2.15 -2.39 5.35
CA VAL A 106 -3.37 -1.82 4.84
C VAL A 106 -3.16 -1.72 3.34
N ILE A 107 -3.52 -2.78 2.64
CA ILE A 107 -3.32 -2.90 1.21
C ILE A 107 -4.65 -2.54 0.57
N LEU A 108 -4.61 -1.90 -0.59
CA LEU A 108 -5.82 -1.45 -1.26
C LEU A 108 -6.12 -2.54 -2.27
N SER A 109 -7.25 -3.21 -2.10
CA SER A 109 -7.78 -4.13 -3.10
C SER A 109 -7.95 -3.35 -4.40
N LEU A 110 -7.86 -3.99 -5.56
CA LEU A 110 -7.78 -3.27 -6.85
C LEU A 110 -8.99 -2.39 -7.16
N GLU A 111 -10.17 -2.75 -6.68
CA GLU A 111 -11.37 -1.94 -6.84
C GLU A 111 -11.23 -0.63 -6.06
N GLN A 112 -10.58 -0.69 -4.89
CA GLN A 112 -10.31 0.46 -4.03
C GLN A 112 -9.23 1.32 -4.70
N GLY A 113 -8.09 0.70 -5.05
CA GLY A 113 -6.95 1.37 -5.67
C GLY A 113 -7.36 2.15 -6.91
N ASN A 114 -8.30 1.61 -7.69
CA ASN A 114 -8.83 2.30 -8.87
C ASN A 114 -9.41 3.67 -8.52
N ARG A 115 -10.24 3.75 -7.47
CA ARG A 115 -10.83 5.01 -7.02
C ARG A 115 -9.77 6.03 -6.60
N LEU A 116 -8.58 5.58 -6.19
CA LEU A 116 -7.49 6.48 -5.86
C LEU A 116 -6.72 6.85 -7.13
N ARG A 117 -6.63 5.96 -8.12
CA ARG A 117 -5.84 6.15 -9.34
C ARG A 117 -6.25 7.40 -10.09
N GLU A 118 -7.55 7.68 -10.15
CA GLU A 118 -8.07 8.84 -10.87
C GLU A 118 -7.59 10.19 -10.29
N GLN A 119 -7.11 10.23 -9.04
CA GLN A 119 -6.62 11.46 -8.41
C GLN A 119 -5.11 11.40 -8.15
N TYR A 120 -4.63 10.25 -7.66
CA TYR A 120 -3.27 10.07 -7.14
C TYR A 120 -2.33 9.38 -8.13
N GLY A 121 -2.86 8.82 -9.21
CA GLY A 121 -2.10 8.11 -10.22
C GLY A 121 -1.04 9.01 -10.84
N LEU A 122 0.22 8.57 -10.95
CA LEU A 122 1.27 9.42 -11.52
C LEU A 122 0.98 9.70 -12.99
N GLY A 123 0.71 8.61 -13.72
CA GLY A 123 0.63 8.57 -15.15
C GLY A 123 1.83 9.29 -15.78
N GLY B 1 -12.76 -14.43 6.50
CA GLY B 1 -11.31 -14.29 6.79
C GLY B 1 -10.56 -15.60 6.62
N ALA B 2 -9.33 -15.55 6.10
CA ALA B 2 -8.44 -16.70 5.96
C ALA B 2 -7.00 -16.21 6.06
N LYS B 3 -6.00 -17.07 5.86
CA LYS B 3 -4.60 -16.64 5.88
C LYS B 3 -4.26 -15.83 4.64
N ARG B 4 -3.17 -15.05 4.71
CA ARG B 4 -2.53 -14.31 3.62
C ARG B 4 -2.80 -14.91 2.25
N HIS B 5 -3.47 -14.14 1.40
CA HIS B 5 -4.03 -14.59 0.13
C HIS B 5 -3.15 -14.19 -1.07
N ARG B 6 -2.34 -13.14 -0.89
CA ARG B 6 -1.40 -12.52 -1.82
C ARG B 6 -0.24 -12.11 -0.91
N VAL B 8 2.85 -10.12 0.98
CA VAL B 8 2.93 -8.76 1.54
C VAL B 8 4.21 -8.58 2.36
N LEU B 9 5.13 -9.53 2.30
CA LEU B 9 6.26 -9.62 3.19
C LEU B 9 7.30 -10.49 2.52
N ARG B 10 8.55 -10.46 3.02
CA ARG B 10 9.61 -11.26 2.41
C ARG B 10 10.67 -11.73 3.42
N ASP B 11 10.55 -11.35 4.69
CA ASP B 11 11.48 -11.77 5.74
C ASP B 11 11.28 -13.26 6.04
N ASN B 12 12.37 -13.94 6.44
CA ASN B 12 12.34 -15.34 6.88
C ASN B 12 13.40 -15.64 7.91
N ILE B 13 13.83 -14.59 8.61
CA ILE B 13 14.99 -14.64 9.48
C ILE B 13 14.61 -15.00 10.92
N GLN B 14 13.30 -15.14 11.14
CA GLN B 14 12.64 -15.23 12.42
C GLN B 14 12.14 -16.66 12.63
N GLY A 1 13.07 19.18 6.30
CA GLY A 1 12.22 18.80 5.16
C GLY A 1 12.98 18.81 3.84
N HIS A 2 12.75 17.81 2.99
CA HIS A 2 13.37 17.65 1.67
C HIS A 2 12.41 16.88 0.76
N MET A 3 12.61 16.96 -0.56
CA MET A 3 11.83 16.24 -1.57
C MET A 3 12.74 15.98 -2.77
N ASN A 4 12.54 14.85 -3.45
CA ASN A 4 13.17 14.50 -4.71
C ASN A 4 12.12 13.91 -5.62
N SER A 5 12.21 14.16 -6.92
CA SER A 5 11.22 13.71 -7.86
C SER A 5 11.13 12.19 -7.88
N PHE A 6 10.01 11.64 -7.41
CA PHE A 6 9.62 10.22 -7.40
C PHE A 6 10.56 9.36 -6.57
N VAL A 7 11.79 9.19 -7.00
CA VAL A 7 12.78 8.30 -6.43
C VAL A 7 13.01 8.67 -4.96
N GLY A 8 12.56 7.78 -4.07
CA GLY A 8 12.67 7.90 -2.62
C GLY A 8 11.32 8.04 -1.92
N LEU A 9 10.26 8.42 -2.63
CA LEU A 9 8.93 8.67 -2.03
C LEU A 9 8.26 7.36 -1.63
N ARG A 10 7.65 7.36 -0.44
CA ARG A 10 6.75 6.30 0.00
C ARG A 10 5.42 6.57 -0.72
N VAL A 11 4.93 5.57 -1.43
CA VAL A 11 3.75 5.63 -2.27
C VAL A 11 3.04 4.28 -2.15
N VAL A 12 1.99 4.06 -2.92
CA VAL A 12 1.34 2.76 -3.06
C VAL A 12 1.47 2.43 -4.55
N ALA A 13 1.53 1.16 -4.93
CA ALA A 13 1.77 0.76 -6.30
C ALA A 13 1.02 -0.51 -6.57
N LYS A 14 0.61 -0.76 -7.82
CA LYS A 14 -0.12 -1.99 -8.13
C LYS A 14 0.89 -3.08 -8.33
N TRP A 15 0.58 -4.23 -7.79
CA TRP A 15 1.31 -5.44 -8.06
C TRP A 15 0.64 -6.07 -9.28
N SER A 16 1.11 -5.70 -10.47
CA SER A 16 0.49 -6.06 -11.75
C SER A 16 0.32 -7.57 -11.92
N SER A 17 1.20 -8.36 -11.31
CA SER A 17 1.20 -9.81 -11.40
C SER A 17 0.00 -10.48 -10.69
N ASN A 18 -0.81 -9.74 -9.90
CA ASN A 18 -2.09 -10.29 -9.39
C ASN A 18 -3.21 -9.25 -9.32
N GLY A 19 -2.99 -8.04 -8.77
CA GLY A 19 -4.04 -7.02 -8.83
C GLY A 19 -4.00 -5.88 -7.81
N TYR A 20 -3.73 -6.15 -6.53
CA TYR A 20 -3.90 -5.18 -5.46
C TYR A 20 -2.81 -4.11 -5.47
N PHE A 21 -3.00 -3.05 -4.69
CA PHE A 21 -2.07 -1.96 -4.52
C PHE A 21 -1.42 -2.11 -3.15
N TYR A 22 -0.08 -2.12 -3.10
CA TYR A 22 0.71 -2.35 -1.89
C TYR A 22 1.62 -1.15 -1.68
N SER A 23 1.90 -0.81 -0.42
CA SER A 23 2.81 0.25 -0.06
C SER A 23 4.22 -0.06 -0.56
N GLY A 24 4.97 0.96 -0.99
CA GLY A 24 6.34 0.78 -1.44
C GLY A 24 7.05 2.10 -1.65
N LYS A 25 8.36 2.03 -1.87
CA LYS A 25 9.23 3.18 -2.06
C LYS A 25 9.76 3.13 -3.49
N ILE A 26 9.71 4.24 -4.21
CA ILE A 26 10.20 4.26 -5.59
C ILE A 26 11.72 4.17 -5.52
N THR A 27 12.30 3.09 -6.01
CA THR A 27 13.74 2.85 -5.91
C THR A 27 14.49 3.61 -6.99
N ARG A 28 13.92 3.66 -8.20
CA ARG A 28 14.53 4.22 -9.39
C ARG A 28 13.50 4.35 -10.51
N ASP A 29 13.49 5.47 -11.22
CA ASP A 29 12.71 5.62 -12.46
C ASP A 29 13.39 4.73 -13.50
N VAL A 30 12.79 3.60 -13.83
CA VAL A 30 13.35 2.60 -14.75
C VAL A 30 13.56 3.28 -16.10
N GLY A 31 12.48 3.87 -16.62
CA GLY A 31 12.45 4.62 -17.87
C GLY A 31 11.12 4.36 -18.55
N ALA A 32 10.79 5.14 -19.58
CA ALA A 32 9.61 4.98 -20.44
C ALA A 32 8.25 4.99 -19.71
N GLY A 33 8.21 5.34 -18.41
CA GLY A 33 7.02 5.37 -17.59
C GLY A 33 7.06 4.29 -16.53
N LYS A 34 7.99 3.33 -16.59
CA LYS A 34 8.20 2.37 -15.51
C LYS A 34 9.02 3.06 -14.42
N TYR A 35 8.66 2.82 -13.16
CA TYR A 35 9.42 3.18 -11.97
C TYR A 35 9.47 1.89 -11.16
N LYS A 36 10.64 1.50 -10.65
CA LYS A 36 10.78 0.31 -9.84
C LYS A 36 10.44 0.66 -8.41
N LEU A 37 9.79 -0.26 -7.72
CA LEU A 37 9.19 -0.06 -6.43
C LEU A 37 9.68 -1.15 -5.50
N LEU A 38 10.36 -0.74 -4.43
CA LEU A 38 10.71 -1.58 -3.31
C LEU A 38 9.44 -1.56 -2.48
N PHE A 39 8.55 -2.51 -2.73
CA PHE A 39 7.41 -2.73 -1.88
C PHE A 39 7.91 -2.89 -0.45
N ASP A 40 7.09 -2.50 0.52
CA ASP A 40 7.44 -2.69 1.93
C ASP A 40 7.57 -4.17 2.27
N ASP A 41 7.04 -5.02 1.40
CA ASP A 41 7.20 -6.45 1.46
C ASP A 41 8.66 -6.88 1.36
N GLY A 42 9.49 -6.05 0.72
CA GLY A 42 10.85 -6.38 0.32
C GLY A 42 10.92 -6.82 -1.14
N TYR A 43 9.79 -6.98 -1.85
CA TYR A 43 9.77 -7.20 -3.30
C TYR A 43 10.28 -5.93 -4.00
N GLU A 44 10.88 -6.07 -5.18
CA GLU A 44 11.38 -4.95 -5.99
C GLU A 44 11.08 -5.29 -7.45
N CYS A 45 10.10 -4.61 -8.05
CA CYS A 45 9.66 -4.84 -9.41
C CYS A 45 9.27 -3.51 -10.06
N ASP A 46 9.32 -3.45 -11.38
CA ASP A 46 8.83 -2.31 -12.15
C ASP A 46 7.30 -2.22 -12.06
N VAL A 47 6.80 -0.99 -12.07
CA VAL A 47 5.39 -0.65 -12.15
C VAL A 47 5.31 0.62 -13.01
N LEU A 48 4.26 0.76 -13.83
CA LEU A 48 4.12 1.93 -14.70
C LEU A 48 3.44 3.08 -13.96
N GLY A 49 3.70 4.32 -14.39
CA GLY A 49 3.33 5.55 -13.69
C GLY A 49 1.87 5.61 -13.28
N LYS A 50 0.93 5.17 -14.13
CA LYS A 50 -0.49 5.28 -13.76
C LYS A 50 -0.75 4.51 -12.47
N ASP A 51 -0.11 3.34 -12.36
CA ASP A 51 -0.34 2.38 -11.28
C ASP A 51 0.49 2.67 -10.04
N ILE A 52 1.02 3.89 -9.85
CA ILE A 52 1.75 4.28 -8.65
C ILE A 52 1.02 5.51 -8.12
N LEU A 53 0.59 5.46 -6.87
CA LEU A 53 -0.32 6.39 -6.22
C LEU A 53 0.52 7.10 -5.17
N LEU A 54 0.79 8.40 -5.35
CA LEU A 54 1.79 9.10 -4.51
C LEU A 54 1.23 10.17 -3.57
N CYS A 55 -0.08 10.41 -3.60
CA CYS A 55 -0.80 11.30 -2.69
C CYS A 55 -1.81 10.42 -1.95
N ASP A 56 -1.37 9.25 -1.46
CA ASP A 56 -2.29 8.22 -0.98
C ASP A 56 -2.23 7.79 0.50
N PRO A 57 -2.28 8.73 1.48
CA PRO A 57 -2.55 8.33 2.84
C PRO A 57 -4.03 7.90 2.75
N ILE A 58 -4.40 6.68 3.17
CA ILE A 58 -5.73 6.15 2.86
C ILE A 58 -6.83 7.09 3.42
N PRO A 59 -7.73 7.63 2.58
CA PRO A 59 -8.85 8.42 3.06
C PRO A 59 -9.82 7.54 3.83
N LEU A 60 -10.34 8.12 4.91
CA LEU A 60 -11.23 7.44 5.82
C LEU A 60 -12.53 7.13 5.07
N ASP A 61 -13.17 6.01 5.42
CA ASP A 61 -14.32 5.37 4.76
C ASP A 61 -13.94 4.54 3.54
N THR A 62 -12.69 4.59 3.06
CA THR A 62 -12.24 3.71 1.99
C THR A 62 -12.18 2.28 2.53
N GLU A 63 -12.69 1.34 1.74
CA GLU A 63 -12.54 -0.09 2.00
C GLU A 63 -11.10 -0.47 1.67
N VAL A 64 -10.52 -1.31 2.51
CA VAL A 64 -9.14 -1.78 2.38
C VAL A 64 -9.05 -3.20 2.89
N THR A 65 -8.04 -3.91 2.44
CA THR A 65 -7.66 -5.20 2.99
C THR A 65 -6.63 -4.89 4.09
N ALA A 66 -6.62 -5.70 5.15
CA ALA A 66 -5.77 -5.54 6.31
C ALA A 66 -5.09 -6.89 6.56
N LEU A 67 -3.80 -6.91 6.94
CA LEU A 67 -3.12 -8.13 7.37
C LEU A 67 -2.56 -7.96 8.77
N SER A 68 -2.80 -8.95 9.62
CA SER A 68 -2.21 -9.04 10.95
C SER A 68 -0.71 -9.34 10.85
N GLU A 69 0.03 -9.16 11.94
CA GLU A 69 1.47 -9.46 11.97
C GLU A 69 1.69 -10.98 11.87
N ASP A 70 0.69 -11.80 12.24
CA ASP A 70 0.66 -13.24 12.00
C ASP A 70 -0.02 -13.55 10.65
N GLU A 71 0.01 -12.58 9.73
CA GLU A 71 -0.37 -12.67 8.33
C GLU A 71 -1.85 -12.94 8.03
N TYR A 72 -2.73 -13.11 9.02
CA TYR A 72 -4.15 -13.33 8.73
C TYR A 72 -4.70 -12.13 7.95
N PHE A 73 -5.49 -12.40 6.91
CA PHE A 73 -5.95 -11.44 5.91
C PHE A 73 -7.45 -11.23 6.14
N SER A 74 -7.92 -9.98 6.05
CA SER A 74 -9.35 -9.64 6.03
C SER A 74 -9.54 -8.35 5.24
N ALA A 75 -10.78 -7.90 5.02
CA ALA A 75 -11.07 -6.59 4.46
C ALA A 75 -12.11 -5.89 5.34
N GLY A 76 -12.03 -4.57 5.39
CA GLY A 76 -12.77 -3.70 6.29
C GLY A 76 -12.60 -2.26 5.81
N VAL A 77 -12.84 -1.26 6.66
CA VAL A 77 -12.85 0.15 6.24
C VAL A 77 -12.02 0.98 7.20
N VAL A 78 -11.24 1.93 6.67
CA VAL A 78 -10.53 2.89 7.50
C VAL A 78 -11.57 3.76 8.21
N LYS A 79 -11.45 3.97 9.52
CA LYS A 79 -12.26 4.95 10.25
C LYS A 79 -11.41 5.81 11.19
N GLY A 80 -10.08 5.77 11.07
CA GLY A 80 -9.19 6.66 11.80
C GLY A 80 -7.73 6.36 11.46
N HIS A 81 -6.85 7.06 12.18
CA HIS A 81 -5.41 7.16 11.94
C HIS A 81 -4.68 7.21 13.27
N ARG A 82 -3.42 6.76 13.29
CA ARG A 82 -2.51 6.94 14.41
C ARG A 82 -1.12 7.17 13.84
N LYS A 83 -0.28 7.83 14.64
CA LYS A 83 1.14 7.98 14.39
C LYS A 83 1.84 7.50 15.66
N GLU A 84 2.78 6.60 15.52
CA GLU A 84 3.55 6.01 16.61
C GLU A 84 4.98 5.85 16.10
N SER A 85 5.98 6.29 16.87
CA SER A 85 7.40 6.23 16.47
C SER A 85 7.67 6.80 15.06
N GLY A 86 6.87 7.79 14.64
CA GLY A 86 7.00 8.42 13.33
C GLY A 86 6.60 7.48 12.18
N GLU A 87 5.63 6.58 12.40
CA GLU A 87 5.20 5.57 11.45
C GLU A 87 3.66 5.59 11.45
N LEU A 88 3.06 5.27 10.30
CA LEU A 88 1.63 5.44 10.05
C LEU A 88 0.83 4.19 10.38
N TYR A 89 -0.33 4.42 10.97
CA TYR A 89 -1.32 3.42 11.33
C TYR A 89 -2.70 3.90 10.92
N TYR A 90 -3.60 2.94 10.70
CA TYR A 90 -5.00 3.16 10.36
C TYR A 90 -5.83 2.27 11.25
N SER A 91 -6.89 2.79 11.84
CA SER A 91 -7.86 1.97 12.54
C SER A 91 -8.83 1.47 11.48
N ILE A 92 -8.73 0.18 11.15
CA ILE A 92 -9.62 -0.46 10.20
C ILE A 92 -10.76 -1.03 11.05
N GLU A 93 -11.99 -0.57 10.83
CA GLU A 93 -13.16 -1.18 11.40
C GLU A 93 -13.47 -2.44 10.59
N LYS A 94 -13.76 -3.53 11.29
CA LYS A 94 -14.27 -4.76 10.71
C LYS A 94 -15.24 -5.34 11.73
N GLU A 95 -16.35 -5.94 11.29
CA GLU A 95 -17.37 -6.52 12.17
C GLU A 95 -17.84 -5.55 13.26
N GLY A 96 -17.85 -4.24 12.95
CA GLY A 96 -18.34 -3.21 13.85
C GLY A 96 -17.42 -2.96 15.06
N GLN A 97 -16.14 -3.35 14.97
CA GLN A 97 -15.13 -3.06 15.99
C GLN A 97 -13.86 -2.59 15.29
N ARG A 98 -13.07 -1.73 15.93
CA ARG A 98 -11.96 -1.04 15.28
C ARG A 98 -10.65 -1.70 15.70
N LYS A 99 -9.77 -1.90 14.72
CA LYS A 99 -8.56 -2.70 14.86
C LYS A 99 -7.43 -1.90 14.22
N TRP A 100 -6.31 -1.71 14.92
CA TRP A 100 -5.20 -0.94 14.39
C TRP A 100 -4.38 -1.81 13.44
N TYR A 101 -4.08 -1.29 12.25
CA TYR A 101 -3.18 -1.89 11.29
C TYR A 101 -2.20 -0.84 10.78
N LYS A 102 -1.04 -1.29 10.29
CA LYS A 102 0.06 -0.40 9.87
C LYS A 102 -0.03 -0.13 8.36
N ARG A 103 0.57 0.94 7.84
CA ARG A 103 0.46 1.29 6.41
C ARG A 103 0.64 0.09 5.48
N MET A 104 1.71 -0.70 5.64
CA MET A 104 1.96 -1.80 4.70
C MET A 104 0.96 -2.96 4.83
N ALA A 105 0.33 -3.10 6.01
CA ALA A 105 -0.69 -4.10 6.26
C ALA A 105 -2.01 -3.68 5.61
N VAL A 106 -2.22 -2.37 5.43
CA VAL A 106 -3.42 -1.80 4.88
C VAL A 106 -3.18 -1.69 3.37
N ILE A 107 -3.54 -2.74 2.65
CA ILE A 107 -3.37 -2.83 1.21
C ILE A 107 -4.71 -2.48 0.58
N LEU A 108 -4.68 -1.83 -0.58
CA LEU A 108 -5.89 -1.37 -1.21
C LEU A 108 -6.26 -2.43 -2.22
N SER A 109 -7.41 -3.07 -1.98
CA SER A 109 -8.01 -4.00 -2.90
C SER A 109 -8.16 -3.29 -4.26
N LEU A 110 -7.98 -4.00 -5.37
CA LEU A 110 -7.85 -3.36 -6.69
C LEU A 110 -9.01 -2.46 -7.12
N GLU A 111 -10.25 -2.78 -6.78
CA GLU A 111 -11.38 -1.92 -7.13
C GLU A 111 -11.30 -0.61 -6.35
N GLN A 112 -10.82 -0.67 -5.11
CA GLN A 112 -10.73 0.48 -4.22
C GLN A 112 -9.57 1.36 -4.68
N GLY A 113 -8.39 0.77 -4.92
CA GLY A 113 -7.22 1.50 -5.39
C GLY A 113 -7.45 2.12 -6.77
N ASN A 114 -8.29 1.53 -7.62
CA ASN A 114 -8.63 2.10 -8.93
C ASN A 114 -9.24 3.49 -8.77
N ARG A 115 -10.21 3.62 -7.85
CA ARG A 115 -10.89 4.89 -7.57
C ARG A 115 -9.94 5.97 -7.05
N LEU A 116 -8.76 5.58 -6.57
CA LEU A 116 -7.73 6.49 -6.09
C LEU A 116 -6.70 6.75 -7.18
N ARG A 117 -6.50 5.79 -8.10
CA ARG A 117 -5.52 5.86 -9.19
C ARG A 117 -5.79 7.08 -10.06
N GLU A 118 -7.06 7.39 -10.32
CA GLU A 118 -7.47 8.53 -11.12
C GLU A 118 -7.02 9.89 -10.55
N GLN A 119 -6.65 9.98 -9.26
CA GLN A 119 -6.17 11.20 -8.64
C GLN A 119 -4.69 11.10 -8.27
N TYR A 120 -4.28 9.97 -7.70
CA TYR A 120 -2.99 9.79 -7.09
C TYR A 120 -1.96 9.16 -8.04
N GLY A 121 -2.43 8.51 -9.09
CA GLY A 121 -1.61 7.97 -10.18
C GLY A 121 -0.57 9.00 -10.64
N LEU A 122 0.69 8.59 -10.81
CA LEU A 122 1.71 9.48 -11.32
C LEU A 122 1.40 9.89 -12.76
N GLY A 123 0.90 8.92 -13.54
CA GLY A 123 0.68 9.05 -14.97
C GLY A 123 -0.33 10.17 -15.23
N GLY B 1 -8.03 -21.35 6.82
CA GLY B 1 -9.16 -20.41 7.04
C GLY B 1 -8.97 -19.08 6.29
N ALA B 2 -8.29 -18.11 6.92
CA ALA B 2 -8.19 -16.72 6.45
C ALA B 2 -6.75 -16.21 6.49
N LYS B 3 -5.77 -17.08 6.22
CA LYS B 3 -4.37 -16.65 6.11
C LYS B 3 -4.14 -15.81 4.86
N ARG B 4 -3.07 -15.00 4.89
CA ARG B 4 -2.48 -14.23 3.78
C ARG B 4 -2.82 -14.82 2.42
N HIS B 5 -3.60 -14.07 1.65
CA HIS B 5 -4.22 -14.51 0.42
C HIS B 5 -3.41 -14.12 -0.84
N ARG B 6 -2.60 -13.08 -0.71
CA ARG B 6 -1.72 -12.46 -1.71
C ARG B 6 -0.52 -12.03 -0.87
N VAL B 8 2.70 -10.15 0.93
CA VAL B 8 2.88 -8.78 1.45
C VAL B 8 4.22 -8.62 2.18
N LEU B 9 5.07 -9.65 2.12
CA LEU B 9 6.27 -9.75 2.92
C LEU B 9 7.20 -10.77 2.27
N ARG B 10 8.44 -10.86 2.76
CA ARG B 10 9.37 -11.93 2.39
C ARG B 10 9.97 -12.60 3.63
N ASP B 11 10.09 -11.88 4.74
CA ASP B 11 10.78 -12.28 5.98
C ASP B 11 12.28 -12.50 5.76
N ASN B 12 13.05 -12.56 6.86
CA ASN B 12 14.51 -12.52 6.89
C ASN B 12 15.25 -13.69 6.27
N ILE B 13 14.53 -14.72 5.90
CA ILE B 13 15.13 -15.96 5.44
C ILE B 13 15.53 -15.89 3.95
N GLN B 14 15.28 -14.74 3.33
CA GLN B 14 15.36 -14.52 1.90
C GLN B 14 16.36 -13.40 1.63
N GLY A 1 13.60 20.99 -2.44
CA GLY A 1 12.88 19.70 -2.49
C GLY A 1 13.47 18.69 -1.49
N HIS A 2 12.63 18.13 -0.60
CA HIS A 2 13.07 17.18 0.43
C HIS A 2 13.50 15.84 -0.18
N MET A 3 12.92 15.47 -1.33
CA MET A 3 13.21 14.25 -2.06
C MET A 3 13.26 14.55 -3.57
N ASN A 4 13.91 13.69 -4.34
CA ASN A 4 13.98 13.81 -5.80
C ASN A 4 12.65 13.41 -6.45
N SER A 5 12.41 13.91 -7.66
CA SER A 5 11.24 13.62 -8.48
C SER A 5 10.99 12.11 -8.53
N PHE A 6 9.90 11.67 -7.90
CA PHE A 6 9.48 10.27 -7.74
C PHE A 6 10.45 9.46 -6.89
N VAL A 7 11.70 9.35 -7.29
CA VAL A 7 12.71 8.52 -6.68
C VAL A 7 12.93 8.92 -5.21
N GLY A 8 12.52 8.03 -4.30
CA GLY A 8 12.65 8.19 -2.86
C GLY A 8 11.29 8.30 -2.15
N LEU A 9 10.24 8.72 -2.85
CA LEU A 9 8.93 8.99 -2.26
C LEU A 9 8.29 7.68 -1.80
N ARG A 10 7.71 7.70 -0.60
CA ARG A 10 6.86 6.62 -0.10
C ARG A 10 5.50 6.84 -0.79
N VAL A 11 5.01 5.83 -1.48
CA VAL A 11 3.81 5.86 -2.30
C VAL A 11 3.08 4.52 -2.11
N VAL A 12 2.00 4.30 -2.83
CA VAL A 12 1.33 3.00 -2.92
C VAL A 12 1.38 2.63 -4.41
N ALA A 13 1.52 1.35 -4.73
CA ALA A 13 1.78 0.89 -6.09
C ALA A 13 1.04 -0.43 -6.28
N LYS A 14 0.63 -0.76 -7.50
CA LYS A 14 -0.04 -2.04 -7.74
C LYS A 14 1.05 -3.07 -7.92
N TRP A 15 0.85 -4.25 -7.36
CA TRP A 15 1.68 -5.39 -7.62
C TRP A 15 1.16 -6.03 -8.92
N SER A 16 1.70 -5.62 -10.07
CA SER A 16 1.17 -5.99 -11.39
C SER A 16 1.09 -7.50 -11.63
N SER A 17 1.97 -8.29 -11.00
CA SER A 17 2.07 -9.73 -11.22
C SER A 17 0.88 -10.53 -10.69
N ASN A 18 -0.03 -9.92 -9.89
CA ASN A 18 -1.29 -10.55 -9.51
C ASN A 18 -2.41 -9.51 -9.37
N GLY A 19 -2.16 -8.45 -8.60
CA GLY A 19 -3.15 -7.46 -8.25
C GLY A 19 -2.86 -6.85 -6.88
N TYR A 20 -3.73 -5.90 -6.49
CA TYR A 20 -3.75 -5.16 -5.22
C TYR A 20 -2.62 -4.15 -5.15
N PHE A 21 -2.80 -3.18 -4.24
CA PHE A 21 -1.97 -1.99 -4.13
C PHE A 21 -1.33 -1.98 -2.75
N TYR A 22 -0.01 -1.83 -2.70
CA TYR A 22 0.78 -2.00 -1.49
C TYR A 22 1.72 -0.80 -1.35
N SER A 23 2.07 -0.45 -0.12
CA SER A 23 3.00 0.65 0.16
C SER A 23 4.39 0.30 -0.39
N GLY A 24 5.11 1.29 -0.93
CA GLY A 24 6.49 1.09 -1.35
C GLY A 24 7.18 2.42 -1.60
N LYS A 25 8.51 2.37 -1.69
CA LYS A 25 9.36 3.50 -1.99
C LYS A 25 9.82 3.38 -3.43
N ILE A 26 9.71 4.43 -4.22
CA ILE A 26 10.20 4.41 -5.60
C ILE A 26 11.72 4.34 -5.52
N THR A 27 12.32 3.28 -6.05
CA THR A 27 13.76 3.10 -6.00
C THR A 27 14.41 3.85 -7.16
N ARG A 28 13.70 3.92 -8.31
CA ARG A 28 14.27 4.41 -9.55
C ARG A 28 13.20 4.54 -10.63
N ASP A 29 13.26 5.58 -11.45
CA ASP A 29 12.46 5.65 -12.67
C ASP A 29 13.16 4.64 -13.59
N VAL A 30 12.50 3.54 -13.91
CA VAL A 30 13.05 2.50 -14.77
C VAL A 30 13.27 3.11 -16.17
N GLY A 31 12.19 3.70 -16.71
CA GLY A 31 12.16 4.31 -18.03
C GLY A 31 10.76 4.14 -18.61
N ALA A 32 10.44 4.90 -19.65
CA ALA A 32 9.17 4.84 -20.39
C ALA A 32 7.89 4.99 -19.55
N GLY A 33 8.02 5.39 -18.27
CA GLY A 33 6.91 5.58 -17.34
C GLY A 33 6.90 4.49 -16.29
N LYS A 34 7.72 3.44 -16.41
CA LYS A 34 7.89 2.47 -15.33
C LYS A 34 8.75 3.11 -14.26
N TYR A 35 8.40 2.88 -13.00
CA TYR A 35 9.21 3.20 -11.83
C TYR A 35 9.31 1.91 -11.03
N LYS A 36 10.51 1.54 -10.59
CA LYS A 36 10.70 0.37 -9.74
C LYS A 36 10.41 0.79 -8.31
N LEU A 37 9.80 -0.14 -7.57
CA LEU A 37 9.23 0.11 -6.26
C LEU A 37 9.74 -0.96 -5.32
N LEU A 38 10.46 -0.52 -4.29
CA LEU A 38 10.86 -1.31 -3.15
C LEU A 38 9.65 -1.22 -2.23
N PHE A 39 8.75 -2.18 -2.40
CA PHE A 39 7.60 -2.35 -1.54
C PHE A 39 8.08 -2.47 -0.08
N ASP A 40 7.24 -2.08 0.87
CA ASP A 40 7.63 -2.04 2.28
C ASP A 40 7.81 -3.44 2.87
N ASP A 41 7.29 -4.45 2.17
CA ASP A 41 7.53 -5.87 2.43
C ASP A 41 8.90 -6.34 1.92
N GLY A 42 9.67 -5.50 1.25
CA GLY A 42 11.00 -5.81 0.74
C GLY A 42 11.00 -6.39 -0.66
N TYR A 43 9.84 -6.64 -1.28
CA TYR A 43 9.77 -6.98 -2.70
C TYR A 43 10.22 -5.77 -3.55
N GLU A 44 10.72 -6.01 -4.76
CA GLU A 44 11.15 -4.98 -5.70
C GLU A 44 10.79 -5.44 -7.11
N CYS A 45 9.92 -4.70 -7.80
CA CYS A 45 9.57 -4.90 -9.19
C CYS A 45 9.24 -3.53 -9.80
N ASP A 46 9.22 -3.48 -11.14
CA ASP A 46 8.73 -2.34 -11.90
C ASP A 46 7.21 -2.25 -11.77
N VAL A 47 6.69 -1.03 -11.80
CA VAL A 47 5.28 -0.70 -11.86
C VAL A 47 5.16 0.49 -12.82
N LEU A 48 4.16 0.50 -13.70
CA LEU A 48 3.95 1.61 -14.63
C LEU A 48 3.35 2.80 -13.90
N GLY A 49 3.59 4.03 -14.36
CA GLY A 49 3.22 5.26 -13.66
C GLY A 49 1.74 5.35 -13.34
N LYS A 50 0.86 4.90 -14.25
CA LYS A 50 -0.57 4.91 -13.97
C LYS A 50 -0.95 4.04 -12.77
N ASP A 51 -0.10 3.08 -12.40
CA ASP A 51 -0.38 2.10 -11.35
C ASP A 51 0.31 2.49 -10.02
N ILE A 52 0.72 3.75 -9.85
CA ILE A 52 1.38 4.22 -8.64
C ILE A 52 0.62 5.47 -8.18
N LEU A 53 0.36 5.54 -6.88
CA LEU A 53 -0.47 6.52 -6.17
C LEU A 53 0.48 7.19 -5.20
N LEU A 54 0.78 8.48 -5.35
CA LEU A 54 1.88 9.09 -4.57
C LEU A 54 1.47 10.05 -3.48
N CYS A 55 0.18 10.32 -3.33
CA CYS A 55 -0.35 11.26 -2.35
C CYS A 55 -1.55 10.56 -1.72
N ASP A 56 -1.28 9.33 -1.24
CA ASP A 56 -2.32 8.39 -0.83
C ASP A 56 -2.34 7.97 0.65
N PRO A 57 -2.49 8.91 1.61
CA PRO A 57 -2.81 8.51 2.97
C PRO A 57 -4.26 8.03 2.82
N ILE A 58 -4.58 6.78 3.20
CA ILE A 58 -5.88 6.19 2.85
C ILE A 58 -7.01 7.06 3.42
N PRO A 59 -7.93 7.59 2.58
CA PRO A 59 -9.05 8.35 3.08
C PRO A 59 -9.99 7.46 3.88
N LEU A 60 -10.52 8.03 4.95
CA LEU A 60 -11.43 7.35 5.85
C LEU A 60 -12.71 7.03 5.06
N ASP A 61 -13.33 5.89 5.36
CA ASP A 61 -14.47 5.25 4.68
C ASP A 61 -14.05 4.45 3.44
N THR A 62 -12.79 4.54 2.99
CA THR A 62 -12.28 3.65 1.94
C THR A 62 -12.21 2.23 2.51
N GLU A 63 -12.67 1.26 1.71
CA GLU A 63 -12.50 -0.14 2.02
C GLU A 63 -11.06 -0.51 1.71
N VAL A 64 -10.48 -1.35 2.55
CA VAL A 64 -9.11 -1.81 2.42
C VAL A 64 -9.02 -3.23 2.95
N THR A 65 -8.01 -3.95 2.48
CA THR A 65 -7.64 -5.22 3.02
C THR A 65 -6.61 -4.93 4.12
N ALA A 66 -6.57 -5.77 5.16
CA ALA A 66 -5.76 -5.59 6.35
C ALA A 66 -5.08 -6.93 6.62
N LEU A 67 -3.78 -6.93 6.92
CA LEU A 67 -2.99 -8.14 7.17
C LEU A 67 -2.43 -8.06 8.58
N SER A 68 -2.83 -8.97 9.45
CA SER A 68 -2.23 -9.15 10.76
C SER A 68 -0.78 -9.63 10.60
N GLU A 69 0.06 -9.42 11.63
CA GLU A 69 1.46 -9.81 11.58
C GLU A 69 1.59 -11.34 11.61
N ASP A 70 0.58 -12.05 12.14
CA ASP A 70 0.46 -13.51 12.04
C ASP A 70 -0.24 -13.91 10.72
N GLU A 71 -0.01 -13.09 9.68
CA GLU A 71 -0.42 -13.26 8.29
C GLU A 71 -1.86 -13.72 8.04
N TYR A 72 -2.81 -13.26 8.86
CA TYR A 72 -4.23 -13.42 8.56
C TYR A 72 -4.65 -12.24 7.68
N PHE A 73 -5.56 -12.48 6.73
CA PHE A 73 -5.97 -11.61 5.64
C PHE A 73 -7.49 -11.42 5.79
N SER A 74 -7.93 -10.17 5.87
CA SER A 74 -9.35 -9.80 5.91
C SER A 74 -9.51 -8.43 5.27
N ALA A 75 -10.75 -7.96 5.07
CA ALA A 75 -11.01 -6.60 4.60
C ALA A 75 -12.01 -5.92 5.52
N GLY A 76 -11.97 -4.59 5.53
CA GLY A 76 -12.72 -3.71 6.40
C GLY A 76 -12.56 -2.29 5.88
N VAL A 77 -12.84 -1.28 6.70
CA VAL A 77 -12.87 0.12 6.26
C VAL A 77 -12.06 0.97 7.21
N VAL A 78 -11.29 1.92 6.67
CA VAL A 78 -10.59 2.91 7.47
C VAL A 78 -11.63 3.75 8.21
N LYS A 79 -11.55 3.86 9.53
CA LYS A 79 -12.36 4.80 10.31
C LYS A 79 -11.52 5.56 11.35
N GLY A 80 -10.23 5.75 11.07
CA GLY A 80 -9.37 6.61 11.86
C GLY A 80 -7.90 6.39 11.49
N HIS A 81 -7.02 7.11 12.20
CA HIS A 81 -5.59 7.22 11.92
C HIS A 81 -4.80 7.29 13.23
N ARG A 82 -3.54 6.86 13.17
CA ARG A 82 -2.56 7.00 14.25
C ARG A 82 -1.19 7.18 13.61
N LYS A 83 -0.24 7.71 14.38
CA LYS A 83 1.17 7.78 14.03
C LYS A 83 1.91 7.19 15.22
N GLU A 84 2.84 6.27 14.96
CA GLU A 84 3.62 5.61 15.99
C GLU A 84 4.97 5.24 15.39
N SER A 85 6.07 5.46 16.10
CA SER A 85 7.43 5.08 15.68
C SER A 85 7.79 5.53 14.25
N GLY A 86 7.25 6.67 13.79
CA GLY A 86 7.49 7.19 12.45
C GLY A 86 6.87 6.29 11.36
N GLU A 87 5.71 5.71 11.63
CA GLU A 87 4.98 4.84 10.73
C GLU A 87 3.51 5.26 10.84
N LEU A 88 2.77 5.06 9.77
CA LEU A 88 1.37 5.41 9.66
C LEU A 88 0.52 4.21 10.05
N TYR A 89 -0.56 4.49 10.76
CA TYR A 89 -1.51 3.50 11.20
C TYR A 89 -2.92 3.96 10.84
N TYR A 90 -3.80 3.00 10.65
CA TYR A 90 -5.19 3.21 10.29
C TYR A 90 -5.97 2.28 11.20
N SER A 91 -7.00 2.81 11.85
CA SER A 91 -7.93 1.98 12.59
C SER A 91 -8.93 1.46 11.57
N ILE A 92 -8.74 0.21 11.14
CA ILE A 92 -9.62 -0.44 10.20
C ILE A 92 -10.77 -0.97 11.05
N GLU A 93 -11.94 -0.36 10.93
CA GLU A 93 -13.15 -0.92 11.52
C GLU A 93 -13.47 -2.15 10.69
N LYS A 94 -13.69 -3.26 11.39
CA LYS A 94 -14.07 -4.53 10.83
C LYS A 94 -15.03 -5.16 11.82
N GLU A 95 -16.13 -5.73 11.33
CA GLU A 95 -17.14 -6.41 12.15
C GLU A 95 -17.65 -5.52 13.30
N GLY A 96 -17.68 -4.19 13.09
CA GLY A 96 -18.30 -3.25 14.01
C GLY A 96 -17.34 -2.79 15.12
N GLN A 97 -16.04 -3.07 15.01
CA GLN A 97 -15.04 -2.65 15.99
C GLN A 97 -13.76 -2.24 15.29
N ARG A 98 -13.03 -1.26 15.86
CA ARG A 98 -11.79 -0.76 15.28
C ARG A 98 -10.64 -1.71 15.62
N LYS A 99 -9.74 -1.91 14.67
CA LYS A 99 -8.52 -2.71 14.81
C LYS A 99 -7.40 -1.89 14.18
N TRP A 100 -6.28 -1.69 14.87
CA TRP A 100 -5.17 -0.92 14.34
C TRP A 100 -4.36 -1.79 13.37
N TYR A 101 -4.06 -1.23 12.19
CA TYR A 101 -3.14 -1.81 11.22
C TYR A 101 -2.21 -0.71 10.71
N LYS A 102 -1.05 -1.11 10.18
CA LYS A 102 0.02 -0.18 9.75
C LYS A 102 0.00 -0.01 8.25
N ARG A 103 0.57 1.06 7.69
CA ARG A 103 0.39 1.39 6.26
C ARG A 103 0.63 0.18 5.36
N MET A 104 1.75 -0.54 5.54
CA MET A 104 2.09 -1.65 4.64
C MET A 104 1.15 -2.84 4.81
N ALA A 105 0.46 -2.93 5.95
CA ALA A 105 -0.54 -3.94 6.25
C ALA A 105 -1.91 -3.54 5.71
N VAL A 106 -2.14 -2.27 5.40
CA VAL A 106 -3.41 -1.74 4.93
C VAL A 106 -3.25 -1.62 3.41
N ILE A 107 -3.65 -2.67 2.72
CA ILE A 107 -3.41 -2.83 1.30
C ILE A 107 -4.73 -2.53 0.61
N LEU A 108 -4.67 -1.87 -0.52
CA LEU A 108 -5.86 -1.38 -1.19
C LEU A 108 -6.20 -2.43 -2.23
N SER A 109 -7.38 -3.04 -2.10
CA SER A 109 -7.89 -3.98 -3.09
C SER A 109 -7.96 -3.24 -4.44
N LEU A 110 -7.85 -3.95 -5.58
CA LEU A 110 -7.67 -3.28 -6.88
C LEU A 110 -8.75 -2.28 -7.27
N GLU A 111 -10.02 -2.51 -6.96
CA GLU A 111 -11.05 -1.52 -7.28
C GLU A 111 -10.91 -0.30 -6.38
N GLN A 112 -10.40 -0.48 -5.15
CA GLN A 112 -10.16 0.61 -4.22
C GLN A 112 -9.02 1.45 -4.75
N GLY A 113 -7.88 0.83 -5.09
CA GLY A 113 -6.74 1.52 -5.71
C GLY A 113 -7.15 2.30 -6.95
N ASN A 114 -8.05 1.73 -7.77
CA ASN A 114 -8.57 2.39 -8.96
C ASN A 114 -9.23 3.73 -8.61
N ARG A 115 -10.09 3.74 -7.59
CA ARG A 115 -10.80 4.96 -7.18
C ARG A 115 -9.83 6.04 -6.71
N LEU A 116 -8.61 5.69 -6.28
CA LEU A 116 -7.59 6.68 -5.97
C LEU A 116 -6.79 7.07 -7.22
N ARG A 117 -6.65 6.18 -8.20
CA ARG A 117 -5.82 6.40 -9.40
C ARG A 117 -6.20 7.69 -10.10
N GLU A 118 -7.49 7.97 -10.21
CA GLU A 118 -8.01 9.14 -10.89
C GLU A 118 -7.54 10.47 -10.26
N GLN A 119 -7.08 10.47 -9.01
CA GLN A 119 -6.60 11.68 -8.33
C GLN A 119 -5.09 11.61 -8.05
N TYR A 120 -4.61 10.46 -7.58
CA TYR A 120 -3.25 10.28 -7.05
C TYR A 120 -2.30 9.59 -8.01
N GLY A 121 -2.82 9.06 -9.11
CA GLY A 121 -2.06 8.32 -10.10
C GLY A 121 -0.98 9.21 -10.72
N LEU A 122 0.26 8.72 -10.83
CA LEU A 122 1.32 9.51 -11.46
C LEU A 122 0.98 9.72 -12.94
N GLY A 123 0.62 8.60 -13.57
CA GLY A 123 0.47 8.47 -15.01
C GLY A 123 1.69 9.04 -15.73
N GLY B 1 -9.60 -21.02 7.26
CA GLY B 1 -8.51 -20.49 6.40
C GLY B 1 -8.13 -19.06 6.79
N ALA B 2 -8.55 -18.06 6.00
CA ALA B 2 -8.28 -16.63 6.18
C ALA B 2 -6.80 -16.23 6.21
N LYS B 3 -5.87 -17.10 5.82
CA LYS B 3 -4.43 -16.77 5.83
C LYS B 3 -4.03 -16.07 4.53
N ARG B 4 -2.91 -15.34 4.57
CA ARG B 4 -2.34 -14.47 3.54
C ARG B 4 -2.49 -15.05 2.11
N HIS B 5 -3.56 -14.57 1.48
CA HIS B 5 -4.03 -14.67 0.09
C HIS B 5 -3.07 -14.38 -1.09
N ARG B 6 -2.07 -13.53 -0.91
CA ARG B 6 -1.20 -12.94 -1.94
C ARG B 6 0.17 -12.74 -1.31
N VAL B 8 2.78 -10.43 0.44
CA VAL B 8 2.79 -9.20 1.20
C VAL B 8 4.20 -9.23 1.83
N LEU B 9 4.30 -8.98 3.14
CA LEU B 9 5.48 -9.15 4.00
C LEU B 9 6.55 -10.17 3.56
N ARG B 10 7.78 -9.95 4.02
CA ARG B 10 8.85 -10.94 3.88
C ARG B 10 9.89 -10.71 4.98
N ASP B 11 10.79 -11.68 5.16
CA ASP B 11 11.98 -11.58 6.00
C ASP B 11 13.09 -12.40 5.32
N ASN B 12 14.33 -12.35 5.80
CA ASN B 12 15.50 -12.91 5.09
C ASN B 12 15.47 -14.40 4.82
N ILE B 13 14.69 -15.13 5.62
CA ILE B 13 14.71 -16.58 5.63
C ILE B 13 13.65 -17.17 4.69
N GLN B 14 13.09 -16.34 3.82
CA GLN B 14 11.92 -16.62 3.01
C GLN B 14 12.25 -16.24 1.57
N GLY A 1 13.30 22.40 4.02
CA GLY A 1 12.12 21.59 3.68
C GLY A 1 11.97 21.43 2.17
N HIS A 2 12.41 20.30 1.62
CA HIS A 2 12.53 20.05 0.19
C HIS A 2 12.15 18.60 -0.12
N MET A 3 11.89 18.30 -1.39
CA MET A 3 11.53 16.96 -1.89
C MET A 3 12.23 16.75 -3.24
N ASN A 4 12.06 15.55 -3.82
CA ASN A 4 12.63 15.14 -5.11
C ASN A 4 11.53 14.52 -5.96
N SER A 5 11.66 14.60 -7.27
CA SER A 5 10.71 13.99 -8.20
C SER A 5 10.75 12.47 -8.09
N PHE A 6 9.68 11.87 -7.56
CA PHE A 6 9.41 10.44 -7.46
C PHE A 6 10.41 9.66 -6.61
N VAL A 7 11.67 9.58 -7.03
CA VAL A 7 12.68 8.74 -6.42
C VAL A 7 12.89 9.18 -4.97
N GLY A 8 12.50 8.29 -4.04
CA GLY A 8 12.62 8.48 -2.59
C GLY A 8 11.27 8.58 -1.89
N LEU A 9 10.18 8.88 -2.62
CA LEU A 9 8.86 9.11 -2.02
C LEU A 9 8.25 7.78 -1.61
N ARG A 10 7.67 7.75 -0.40
CA ARG A 10 6.86 6.64 0.06
C ARG A 10 5.52 6.80 -0.66
N VAL A 11 5.06 5.75 -1.32
CA VAL A 11 3.89 5.73 -2.18
C VAL A 11 3.28 4.33 -2.06
N VAL A 12 2.32 3.97 -2.91
CA VAL A 12 1.78 2.62 -3.01
C VAL A 12 1.88 2.26 -4.49
N ALA A 13 2.15 0.99 -4.82
CA ALA A 13 2.19 0.48 -6.18
C ALA A 13 1.32 -0.77 -6.23
N LYS A 14 0.79 -1.10 -7.41
CA LYS A 14 0.13 -2.38 -7.60
C LYS A 14 1.22 -3.38 -7.90
N TRP A 15 1.14 -4.52 -7.23
CA TRP A 15 1.96 -5.66 -7.56
C TRP A 15 1.42 -6.24 -8.87
N SER A 16 2.20 -6.14 -9.94
CA SER A 16 1.79 -6.43 -11.32
C SER A 16 1.20 -7.83 -11.53
N SER A 17 1.58 -8.83 -10.73
CA SER A 17 1.10 -10.21 -10.83
C SER A 17 -0.31 -10.33 -10.24
N ASN A 18 -1.30 -9.72 -10.90
CA ASN A 18 -2.72 -9.67 -10.55
C ASN A 18 -2.97 -9.33 -9.07
N GLY A 19 -2.14 -8.46 -8.49
CA GLY A 19 -2.13 -8.22 -7.06
C GLY A 19 -2.87 -6.96 -6.65
N TYR A 20 -2.85 -6.72 -5.34
CA TYR A 20 -3.31 -5.50 -4.72
C TYR A 20 -2.23 -4.43 -4.78
N PHE A 21 -2.49 -3.31 -4.11
CA PHE A 21 -1.64 -2.15 -4.04
C PHE A 21 -0.95 -2.20 -2.67
N TYR A 22 0.38 -2.33 -2.65
CA TYR A 22 1.19 -2.49 -1.43
C TYR A 22 2.06 -1.23 -1.30
N SER A 23 2.31 -0.82 -0.06
CA SER A 23 3.15 0.35 0.22
C SER A 23 4.61 0.07 -0.20
N GLY A 24 5.34 1.11 -0.59
CA GLY A 24 6.73 1.01 -0.97
C GLY A 24 7.34 2.38 -1.15
N LYS A 25 8.63 2.45 -1.52
CA LYS A 25 9.29 3.71 -1.85
C LYS A 25 9.85 3.56 -3.25
N ILE A 26 9.78 4.61 -4.06
CA ILE A 26 10.33 4.61 -5.41
C ILE A 26 11.85 4.57 -5.27
N THR A 27 12.49 3.53 -5.77
CA THR A 27 13.92 3.35 -5.66
C THR A 27 14.58 4.08 -6.83
N ARG A 28 13.90 4.12 -7.99
CA ARG A 28 14.46 4.65 -9.23
C ARG A 28 13.40 4.76 -10.31
N ASP A 29 13.43 5.82 -11.11
CA ASP A 29 12.65 5.89 -12.33
C ASP A 29 13.38 4.94 -13.27
N VAL A 30 12.78 3.83 -13.64
CA VAL A 30 13.41 2.84 -14.50
C VAL A 30 13.59 3.47 -15.88
N GLY A 31 12.49 3.99 -16.43
CA GLY A 31 12.43 4.66 -17.73
C GLY A 31 11.10 4.35 -18.37
N ALA A 32 10.72 5.08 -19.42
CA ALA A 32 9.55 4.85 -20.25
C ALA A 32 8.19 4.82 -19.50
N GLY A 33 8.16 5.20 -18.23
CA GLY A 33 6.98 5.20 -17.39
C GLY A 33 7.06 4.12 -16.32
N LYS A 34 8.05 3.21 -16.37
CA LYS A 34 8.31 2.30 -15.28
C LYS A 34 9.06 3.04 -14.19
N TYR A 35 8.70 2.80 -12.94
CA TYR A 35 9.41 3.24 -11.74
C TYR A 35 9.54 1.98 -10.91
N LYS A 36 10.73 1.70 -10.39
CA LYS A 36 10.96 0.55 -9.53
C LYS A 36 10.72 0.96 -8.11
N LEU A 37 10.17 0.04 -7.32
CA LEU A 37 9.74 0.33 -5.97
C LEU A 37 10.18 -0.78 -5.07
N LEU A 38 10.81 -0.38 -3.98
CA LEU A 38 11.14 -1.20 -2.84
C LEU A 38 9.86 -1.19 -2.02
N PHE A 39 9.04 -2.21 -2.22
CA PHE A 39 7.87 -2.43 -1.39
C PHE A 39 8.35 -2.62 0.06
N ASP A 40 7.49 -2.30 1.03
CA ASP A 40 7.83 -2.40 2.45
C ASP A 40 8.07 -3.86 2.86
N ASP A 41 7.61 -4.81 2.06
CA ASP A 41 7.84 -6.24 2.22
C ASP A 41 9.13 -6.75 1.57
N GLY A 42 9.98 -5.85 1.08
CA GLY A 42 11.34 -6.19 0.64
C GLY A 42 11.40 -6.64 -0.82
N TYR A 43 10.28 -6.63 -1.54
CA TYR A 43 10.29 -6.83 -2.98
C TYR A 43 10.82 -5.56 -3.65
N GLU A 44 11.48 -5.69 -4.79
CA GLU A 44 11.94 -4.58 -5.62
C GLU A 44 11.70 -4.98 -7.06
N CYS A 45 10.68 -4.38 -7.69
CA CYS A 45 10.27 -4.68 -9.07
C CYS A 45 9.81 -3.37 -9.71
N ASP A 46 9.84 -3.33 -11.04
CA ASP A 46 9.26 -2.26 -11.83
C ASP A 46 7.74 -2.30 -11.76
N VAL A 47 7.13 -1.13 -11.76
CA VAL A 47 5.69 -0.91 -11.89
C VAL A 47 5.53 0.33 -12.77
N LEU A 48 4.49 0.40 -13.60
CA LEU A 48 4.29 1.56 -14.49
C LEU A 48 3.55 2.68 -13.76
N GLY A 49 3.72 3.93 -14.19
CA GLY A 49 3.27 5.12 -13.48
C GLY A 49 1.78 5.14 -13.13
N LYS A 50 0.92 4.60 -14.00
CA LYS A 50 -0.52 4.59 -13.67
C LYS A 50 -0.74 3.79 -12.39
N ASP A 51 -0.01 2.69 -12.27
CA ASP A 51 -0.16 1.72 -11.18
C ASP A 51 0.55 2.17 -9.89
N ILE A 52 0.95 3.45 -9.74
CA ILE A 52 1.60 3.96 -8.54
C ILE A 52 0.82 5.17 -8.06
N LEU A 53 0.54 5.24 -6.76
CA LEU A 53 -0.34 6.18 -6.09
C LEU A 53 0.53 6.94 -5.09
N LEU A 54 0.67 8.27 -5.23
CA LEU A 54 1.65 9.05 -4.44
C LEU A 54 1.04 10.15 -3.55
N CYS A 55 -0.29 10.26 -3.53
CA CYS A 55 -1.06 11.11 -2.62
C CYS A 55 -1.93 10.13 -1.81
N ASP A 56 -1.30 9.05 -1.37
CA ASP A 56 -1.89 7.85 -0.82
C ASP A 56 -2.20 7.70 0.68
N PRO A 57 -2.09 8.69 1.61
CA PRO A 57 -2.66 8.49 2.95
C PRO A 57 -4.16 8.15 2.74
N ILE A 58 -4.57 6.95 3.17
CA ILE A 58 -5.89 6.41 2.81
C ILE A 58 -6.98 7.36 3.31
N PRO A 59 -7.88 7.87 2.45
CA PRO A 59 -9.03 8.63 2.91
C PRO A 59 -9.99 7.73 3.66
N LEU A 60 -10.58 8.31 4.70
CA LEU A 60 -11.52 7.62 5.57
C LEU A 60 -12.75 7.25 4.73
N ASP A 61 -13.39 6.14 5.09
CA ASP A 61 -14.50 5.47 4.37
C ASP A 61 -14.03 4.65 3.16
N THR A 62 -12.75 4.73 2.77
CA THR A 62 -12.20 3.82 1.76
C THR A 62 -12.14 2.41 2.35
N GLU A 63 -12.55 1.43 1.55
CA GLU A 63 -12.38 0.02 1.87
C GLU A 63 -10.93 -0.34 1.59
N VAL A 64 -10.37 -1.19 2.42
CA VAL A 64 -8.99 -1.63 2.33
C VAL A 64 -8.90 -3.06 2.87
N THR A 65 -7.86 -3.77 2.47
CA THR A 65 -7.50 -5.04 3.05
C THR A 65 -6.55 -4.71 4.20
N ALA A 66 -6.59 -5.49 5.27
CA ALA A 66 -5.83 -5.32 6.49
C ALA A 66 -5.20 -6.66 6.85
N LEU A 67 -3.92 -6.66 7.23
CA LEU A 67 -3.15 -7.87 7.54
C LEU A 67 -2.65 -7.78 8.98
N SER A 68 -3.09 -8.70 9.84
CA SER A 68 -2.61 -8.79 11.21
C SER A 68 -1.15 -9.27 11.24
N GLU A 69 -0.45 -9.00 12.35
CA GLU A 69 0.93 -9.44 12.52
C GLU A 69 1.01 -10.97 12.64
N ASP A 70 -0.09 -11.63 13.04
CA ASP A 70 -0.24 -13.09 13.05
C ASP A 70 -0.82 -13.59 11.70
N GLU A 71 -0.56 -12.80 10.64
CA GLU A 71 -0.85 -13.05 9.23
C GLU A 71 -2.27 -13.50 8.88
N TYR A 72 -3.29 -12.93 9.52
CA TYR A 72 -4.67 -13.13 9.07
C TYR A 72 -5.02 -11.96 8.15
N PHE A 73 -5.80 -12.26 7.10
CA PHE A 73 -6.13 -11.37 5.99
C PHE A 73 -7.63 -11.13 6.07
N SER A 74 -8.04 -9.87 6.02
CA SER A 74 -9.43 -9.47 5.94
C SER A 74 -9.54 -8.14 5.18
N ALA A 75 -10.76 -7.67 4.92
CA ALA A 75 -11.00 -6.34 4.40
C ALA A 75 -12.05 -5.66 5.27
N GLY A 76 -11.97 -4.34 5.34
CA GLY A 76 -12.74 -3.47 6.21
C GLY A 76 -12.55 -2.03 5.72
N VAL A 77 -12.90 -1.03 6.52
CA VAL A 77 -12.94 0.36 6.06
C VAL A 77 -12.20 1.23 7.05
N VAL A 78 -11.40 2.16 6.53
CA VAL A 78 -10.75 3.17 7.35
C VAL A 78 -11.83 4.02 8.01
N LYS A 79 -11.81 4.16 9.33
CA LYS A 79 -12.67 5.11 10.04
C LYS A 79 -11.88 5.98 11.04
N GLY A 80 -10.55 6.01 10.92
CA GLY A 80 -9.71 6.94 11.66
C GLY A 80 -8.23 6.70 11.37
N HIS A 81 -7.39 7.43 12.10
CA HIS A 81 -5.94 7.55 11.90
C HIS A 81 -5.24 7.63 13.25
N ARG A 82 -3.98 7.20 13.30
CA ARG A 82 -3.09 7.36 14.44
C ARG A 82 -1.67 7.55 13.91
N LYS A 83 -0.80 8.14 14.72
CA LYS A 83 0.62 8.23 14.47
C LYS A 83 1.29 7.70 15.73
N GLU A 84 2.20 6.74 15.59
CA GLU A 84 2.86 6.07 16.70
C GLU A 84 4.24 5.64 16.22
N SER A 85 5.26 5.83 17.06
CA SER A 85 6.66 5.51 16.75
C SER A 85 7.14 6.06 15.39
N GLY A 86 6.59 7.20 14.96
CA GLY A 86 6.92 7.81 13.68
C GLY A 86 6.44 6.97 12.50
N GLU A 87 5.33 6.25 12.63
CA GLU A 87 4.75 5.35 11.64
C GLU A 87 3.24 5.62 11.63
N LEU A 88 2.61 5.42 10.47
CA LEU A 88 1.23 5.83 10.23
C LEU A 88 0.31 4.63 10.41
N TYR A 89 -0.80 4.85 11.08
CA TYR A 89 -1.79 3.85 11.44
C TYR A 89 -3.17 4.31 10.99
N TYR A 90 -4.05 3.34 10.78
CA TYR A 90 -5.42 3.52 10.37
C TYR A 90 -6.26 2.61 11.26
N SER A 91 -7.34 3.12 11.81
CA SER A 91 -8.30 2.29 12.52
C SER A 91 -9.24 1.75 11.44
N ILE A 92 -9.02 0.50 11.05
CA ILE A 92 -9.85 -0.18 10.07
C ILE A 92 -11.01 -0.76 10.89
N GLU A 93 -12.22 -0.25 10.68
CA GLU A 93 -13.40 -0.86 11.23
C GLU A 93 -13.68 -2.13 10.43
N LYS A 94 -13.97 -3.21 11.15
CA LYS A 94 -14.47 -4.46 10.59
C LYS A 94 -15.46 -5.01 11.61
N GLU A 95 -16.54 -5.64 11.15
CA GLU A 95 -17.59 -6.22 12.00
C GLU A 95 -18.11 -5.24 13.07
N GLY A 96 -18.13 -3.93 12.76
CA GLY A 96 -18.72 -2.92 13.63
C GLY A 96 -17.81 -2.53 14.80
N GLN A 97 -16.51 -2.86 14.75
CA GLN A 97 -15.53 -2.48 15.77
C GLN A 97 -14.23 -2.03 15.10
N ARG A 98 -13.54 -1.06 15.69
CA ARG A 98 -12.30 -0.51 15.13
C ARG A 98 -11.13 -1.40 15.51
N LYS A 99 -10.20 -1.59 14.58
CA LYS A 99 -8.98 -2.38 14.77
C LYS A 99 -7.84 -1.56 14.17
N TRP A 100 -6.75 -1.35 14.90
CA TRP A 100 -5.62 -0.57 14.40
C TRP A 100 -4.75 -1.43 13.48
N TYR A 101 -4.39 -0.88 12.32
CA TYR A 101 -3.44 -1.46 11.38
C TYR A 101 -2.47 -0.38 10.90
N LYS A 102 -1.29 -0.76 10.41
CA LYS A 102 -0.23 0.18 10.01
C LYS A 102 -0.20 0.33 8.50
N ARG A 103 0.39 1.41 7.95
CA ARG A 103 0.29 1.68 6.49
C ARG A 103 0.64 0.49 5.62
N MET A 104 1.74 -0.23 5.90
CA MET A 104 2.13 -1.37 5.05
C MET A 104 1.20 -2.59 5.21
N ALA A 105 0.45 -2.68 6.32
CA ALA A 105 -0.54 -3.72 6.56
C ALA A 105 -1.89 -3.34 5.94
N VAL A 106 -2.13 -2.06 5.65
CA VAL A 106 -3.35 -1.57 5.07
C VAL A 106 -3.07 -1.51 3.57
N ILE A 107 -3.39 -2.60 2.88
CA ILE A 107 -3.12 -2.75 1.47
C ILE A 107 -4.43 -2.45 0.76
N LEU A 108 -4.39 -1.81 -0.40
CA LEU A 108 -5.60 -1.35 -1.05
C LEU A 108 -5.96 -2.43 -2.04
N SER A 109 -7.11 -3.08 -1.82
CA SER A 109 -7.69 -4.06 -2.72
C SER A 109 -7.85 -3.38 -4.09
N LEU A 110 -7.62 -4.09 -5.20
CA LEU A 110 -7.51 -3.47 -6.52
C LEU A 110 -8.72 -2.66 -6.96
N GLU A 111 -9.93 -3.06 -6.59
CA GLU A 111 -11.15 -2.29 -6.89
C GLU A 111 -11.12 -0.94 -6.18
N GLN A 112 -10.54 -0.89 -4.99
CA GLN A 112 -10.51 0.30 -4.15
C GLN A 112 -9.38 1.20 -4.63
N GLY A 113 -8.17 0.66 -4.78
CA GLY A 113 -7.00 1.37 -5.28
C GLY A 113 -7.27 2.00 -6.64
N ASN A 114 -8.12 1.39 -7.46
CA ASN A 114 -8.54 1.95 -8.75
C ASN A 114 -9.17 3.33 -8.57
N ARG A 115 -10.12 3.51 -7.65
CA ARG A 115 -10.74 4.84 -7.51
C ARG A 115 -9.81 5.87 -6.87
N LEU A 116 -8.64 5.44 -6.36
CA LEU A 116 -7.59 6.35 -5.94
C LEU A 116 -6.69 6.67 -7.14
N ARG A 117 -6.49 5.75 -8.10
CA ARG A 117 -5.64 5.95 -9.26
C ARG A 117 -6.03 7.19 -10.05
N GLU A 118 -7.32 7.42 -10.22
CA GLU A 118 -7.82 8.58 -10.96
C GLU A 118 -7.40 9.93 -10.36
N GLN A 119 -6.97 9.99 -9.09
CA GLN A 119 -6.53 11.22 -8.44
C GLN A 119 -5.02 11.16 -8.11
N TYR A 120 -4.55 10.03 -7.59
CA TYR A 120 -3.22 9.86 -7.02
C TYR A 120 -2.22 9.18 -7.96
N GLY A 121 -2.71 8.64 -9.08
CA GLY A 121 -1.89 7.95 -10.07
C GLY A 121 -0.80 8.88 -10.59
N LEU A 122 0.44 8.40 -10.74
CA LEU A 122 1.49 9.22 -11.35
C LEU A 122 1.14 9.46 -12.81
N GLY A 123 0.75 8.38 -13.48
CA GLY A 123 0.41 8.37 -14.90
C GLY A 123 -0.96 9.01 -15.06
N GLY B 1 -7.80 -21.28 7.42
CA GLY B 1 -8.87 -20.27 7.22
C GLY B 1 -8.36 -19.01 6.52
N ALA B 2 -8.71 -17.84 7.03
CA ALA B 2 -8.46 -16.52 6.42
C ALA B 2 -7.01 -16.03 6.54
N LYS B 3 -6.02 -16.90 6.31
CA LYS B 3 -4.61 -16.52 6.39
C LYS B 3 -4.18 -15.67 5.20
N ARG B 4 -3.09 -14.91 5.40
CA ARG B 4 -2.33 -14.09 4.44
C ARG B 4 -2.38 -14.78 3.07
N HIS B 5 -3.19 -14.18 2.18
CA HIS B 5 -3.65 -14.73 0.92
C HIS B 5 -2.82 -14.43 -0.34
N ARG B 6 -2.08 -13.32 -0.30
CA ARG B 6 -1.14 -12.80 -1.30
C ARG B 6 0.15 -12.55 -0.52
N VAL B 8 3.26 -10.32 0.99
CA VAL B 8 3.35 -9.14 1.85
C VAL B 8 4.61 -9.28 2.75
N LEU B 9 5.49 -10.23 2.42
CA LEU B 9 6.58 -10.66 3.28
C LEU B 9 7.63 -11.31 2.40
N ARG B 10 8.87 -11.42 2.86
CA ARG B 10 9.93 -12.04 2.08
C ARG B 10 10.97 -12.66 3.00
N ASP B 11 11.66 -13.68 2.50
CA ASP B 11 12.83 -14.32 3.10
C ASP B 11 13.73 -14.75 1.93
N ASN B 12 14.95 -15.25 2.20
CA ASN B 12 15.99 -15.47 1.20
C ASN B 12 15.64 -16.34 0.00
N ILE B 13 14.62 -17.17 0.14
CA ILE B 13 14.31 -18.19 -0.85
C ILE B 13 13.32 -17.70 -1.91
N GLN B 14 13.01 -16.40 -1.88
CA GLN B 14 11.94 -15.78 -2.63
C GLN B 14 12.56 -14.72 -3.55
N GLY A 1 16.68 18.76 -0.36
CA GLY A 1 15.25 19.10 -0.18
C GLY A 1 14.46 17.96 0.48
N HIS A 2 13.25 18.25 0.95
CA HIS A 2 12.39 17.26 1.62
C HIS A 2 11.88 16.18 0.65
N MET A 3 11.77 16.53 -0.64
CA MET A 3 11.17 15.69 -1.67
C MET A 3 12.06 15.68 -2.92
N ASN A 4 11.80 14.75 -3.84
CA ASN A 4 12.50 14.57 -5.11
C ASN A 4 11.51 14.00 -6.11
N SER A 5 11.74 14.22 -7.40
CA SER A 5 10.93 13.72 -8.49
C SER A 5 10.89 12.18 -8.48
N PHE A 6 9.81 11.63 -7.93
CA PHE A 6 9.45 10.22 -7.86
C PHE A 6 10.42 9.39 -7.03
N VAL A 7 11.68 9.28 -7.44
CA VAL A 7 12.64 8.38 -6.84
C VAL A 7 12.89 8.81 -5.38
N GLY A 8 12.58 7.92 -4.44
CA GLY A 8 12.71 8.12 -3.00
C GLY A 8 11.35 8.25 -2.30
N LEU A 9 10.30 8.67 -3.02
CA LEU A 9 8.97 8.90 -2.44
C LEU A 9 8.31 7.62 -2.01
N ARG A 10 7.77 7.61 -0.78
CA ARG A 10 6.90 6.54 -0.30
C ARG A 10 5.55 6.77 -0.96
N VAL A 11 4.99 5.71 -1.52
CA VAL A 11 3.79 5.73 -2.34
C VAL A 11 3.11 4.37 -2.15
N VAL A 12 2.01 4.14 -2.85
CA VAL A 12 1.39 2.82 -2.95
C VAL A 12 1.46 2.50 -4.44
N ALA A 13 1.51 1.23 -4.83
CA ALA A 13 1.67 0.84 -6.22
C ALA A 13 0.97 -0.48 -6.42
N LYS A 14 0.54 -0.78 -7.65
CA LYS A 14 -0.12 -2.05 -7.91
C LYS A 14 0.96 -3.09 -8.11
N TRP A 15 0.75 -4.28 -7.55
CA TRP A 15 1.58 -5.42 -7.83
C TRP A 15 1.01 -6.07 -9.10
N SER A 16 1.59 -5.78 -10.27
CA SER A 16 1.03 -6.16 -11.55
C SER A 16 0.87 -7.68 -11.73
N SER A 17 1.73 -8.49 -11.10
CA SER A 17 1.81 -9.93 -11.33
C SER A 17 0.65 -10.73 -10.72
N ASN A 18 -0.23 -10.12 -9.92
CA ASN A 18 -1.47 -10.75 -9.46
C ASN A 18 -2.61 -9.74 -9.30
N GLY A 19 -2.31 -8.57 -8.71
CA GLY A 19 -3.29 -7.55 -8.40
C GLY A 19 -2.99 -6.92 -7.05
N TYR A 20 -3.80 -5.93 -6.68
CA TYR A 20 -3.83 -5.18 -5.41
C TYR A 20 -2.69 -4.18 -5.32
N PHE A 21 -2.82 -3.22 -4.41
CA PHE A 21 -1.98 -2.05 -4.30
C PHE A 21 -1.35 -2.05 -2.92
N TYR A 22 -0.01 -1.98 -2.86
CA TYR A 22 0.78 -2.19 -1.65
C TYR A 22 1.73 -1.00 -1.48
N SER A 23 2.11 -0.71 -0.24
CA SER A 23 3.02 0.38 0.11
C SER A 23 4.43 0.10 -0.41
N GLY A 24 5.17 1.13 -0.81
CA GLY A 24 6.56 0.99 -1.24
C GLY A 24 7.24 2.33 -1.42
N LYS A 25 8.52 2.32 -1.77
CA LYS A 25 9.26 3.52 -2.17
C LYS A 25 9.66 3.34 -3.62
N ILE A 26 9.53 4.39 -4.43
CA ILE A 26 10.01 4.34 -5.82
C ILE A 26 11.53 4.27 -5.75
N THR A 27 12.14 3.23 -6.31
CA THR A 27 13.57 3.02 -6.24
C THR A 27 14.27 3.71 -7.40
N ARG A 28 13.57 3.78 -8.56
CA ARG A 28 14.16 4.26 -9.80
C ARG A 28 13.10 4.41 -10.89
N ASP A 29 13.19 5.44 -11.72
CA ASP A 29 12.39 5.51 -12.95
C ASP A 29 13.07 4.48 -13.85
N VAL A 30 12.39 3.38 -14.17
CA VAL A 30 12.93 2.33 -15.02
C VAL A 30 13.12 2.92 -16.42
N GLY A 31 12.06 3.51 -16.97
CA GLY A 31 12.02 4.11 -18.29
C GLY A 31 10.62 3.96 -18.85
N ALA A 32 10.30 4.71 -19.90
CA ALA A 32 9.02 4.67 -20.63
C ALA A 32 7.76 4.89 -19.79
N GLY A 33 7.89 5.29 -18.51
CA GLY A 33 6.80 5.52 -17.59
C GLY A 33 6.77 4.46 -16.51
N LYS A 34 7.57 3.38 -16.61
CA LYS A 34 7.72 2.43 -15.52
C LYS A 34 8.62 3.06 -14.47
N TYR A 35 8.28 2.86 -13.20
CA TYR A 35 9.11 3.17 -12.06
C TYR A 35 9.17 1.88 -11.24
N LYS A 36 10.36 1.47 -10.80
CA LYS A 36 10.50 0.30 -9.95
C LYS A 36 10.22 0.70 -8.51
N LEU A 37 9.66 -0.24 -7.76
CA LEU A 37 9.10 -0.02 -6.45
C LEU A 37 9.64 -1.07 -5.50
N LEU A 38 10.37 -0.62 -4.48
CA LEU A 38 10.77 -1.43 -3.35
C LEU A 38 9.57 -1.35 -2.43
N PHE A 39 8.68 -2.33 -2.56
CA PHE A 39 7.55 -2.48 -1.67
C PHE A 39 8.07 -2.63 -0.23
N ASP A 40 7.26 -2.26 0.76
CA ASP A 40 7.65 -2.30 2.18
C ASP A 40 7.95 -3.72 2.64
N ASP A 41 7.33 -4.70 1.97
CA ASP A 41 7.57 -6.13 2.15
C ASP A 41 8.90 -6.61 1.57
N GLY A 42 9.66 -5.76 0.88
CA GLY A 42 10.97 -6.07 0.36
C GLY A 42 10.93 -6.62 -1.07
N TYR A 43 9.75 -6.83 -1.66
CA TYR A 43 9.66 -7.13 -3.08
C TYR A 43 10.12 -5.90 -3.88
N GLU A 44 10.63 -6.12 -5.11
CA GLU A 44 11.12 -5.07 -5.99
C GLU A 44 10.79 -5.46 -7.43
N CYS A 45 9.81 -4.78 -8.03
CA CYS A 45 9.41 -4.96 -9.43
C CYS A 45 9.04 -3.59 -10.02
N ASP A 46 9.01 -3.53 -11.35
CA ASP A 46 8.51 -2.39 -12.10
C ASP A 46 6.99 -2.28 -11.96
N VAL A 47 6.50 -1.05 -12.00
CA VAL A 47 5.09 -0.70 -12.06
C VAL A 47 4.99 0.49 -13.03
N LEU A 48 3.98 0.53 -13.89
CA LEU A 48 3.77 1.67 -14.80
C LEU A 48 3.21 2.85 -14.03
N GLY A 49 3.50 4.08 -14.46
CA GLY A 49 3.15 5.32 -13.76
C GLY A 49 1.69 5.42 -13.38
N LYS A 50 0.78 4.95 -14.25
CA LYS A 50 -0.66 5.00 -13.96
C LYS A 50 -0.95 4.29 -12.63
N ASP A 51 -0.23 3.21 -12.36
CA ASP A 51 -0.50 2.29 -11.27
C ASP A 51 0.32 2.60 -10.00
N ILE A 52 0.83 3.83 -9.85
CA ILE A 52 1.57 4.25 -8.65
C ILE A 52 0.83 5.48 -8.12
N LEU A 53 0.46 5.44 -6.84
CA LEU A 53 -0.41 6.38 -6.16
C LEU A 53 0.48 7.11 -5.16
N LEU A 54 0.69 8.42 -5.31
CA LEU A 54 1.70 9.15 -4.51
C LEU A 54 1.16 10.25 -3.59
N CYS A 55 -0.17 10.40 -3.53
CA CYS A 55 -0.89 11.29 -2.60
C CYS A 55 -1.79 10.38 -1.77
N ASP A 56 -1.22 9.23 -1.41
CA ASP A 56 -1.81 8.02 -0.86
C ASP A 56 -2.03 7.79 0.65
N PRO A 57 -1.82 8.69 1.63
CA PRO A 57 -2.30 8.40 2.98
C PRO A 57 -3.81 8.07 2.87
N ILE A 58 -4.22 6.86 3.26
CA ILE A 58 -5.57 6.39 2.95
C ILE A 58 -6.60 7.33 3.60
N PRO A 59 -7.53 7.93 2.83
CA PRO A 59 -8.61 8.72 3.41
C PRO A 59 -9.55 7.84 4.22
N LEU A 60 -10.02 8.39 5.32
CA LEU A 60 -10.93 7.72 6.23
C LEU A 60 -12.26 7.50 5.47
N ASP A 61 -12.95 6.40 5.80
CA ASP A 61 -14.14 5.83 5.13
C ASP A 61 -13.80 5.04 3.86
N THR A 62 -12.55 5.07 3.38
CA THR A 62 -12.14 4.22 2.26
C THR A 62 -12.11 2.76 2.74
N GLU A 63 -12.63 1.87 1.89
CA GLU A 63 -12.56 0.43 2.09
C GLU A 63 -11.14 -0.01 1.76
N VAL A 64 -10.58 -0.90 2.57
CA VAL A 64 -9.24 -1.43 2.42
C VAL A 64 -9.20 -2.87 2.88
N THR A 65 -8.23 -3.61 2.35
CA THR A 65 -7.88 -4.92 2.82
C THR A 65 -6.81 -4.71 3.90
N ALA A 66 -6.76 -5.61 4.86
CA ALA A 66 -5.92 -5.56 6.04
C ALA A 66 -5.28 -6.95 6.18
N LEU A 67 -4.01 -7.05 6.60
CA LEU A 67 -3.41 -8.34 6.97
C LEU A 67 -2.93 -8.30 8.40
N SER A 68 -3.40 -9.27 9.18
CA SER A 68 -2.99 -9.47 10.56
C SER A 68 -1.54 -9.95 10.64
N GLU A 69 -1.00 -9.87 11.85
CA GLU A 69 0.36 -10.27 12.20
C GLU A 69 0.54 -11.79 12.06
N ASP A 70 -0.56 -12.55 12.00
CA ASP A 70 -0.58 -13.98 11.65
C ASP A 70 -1.26 -14.17 10.28
N GLU A 71 -1.01 -13.21 9.38
CA GLU A 71 -1.34 -13.14 7.95
C GLU A 71 -2.79 -13.38 7.54
N TYR A 72 -3.75 -13.33 8.46
CA TYR A 72 -5.15 -13.35 8.10
C TYR A 72 -5.47 -12.12 7.25
N PHE A 73 -5.70 -12.36 5.96
CA PHE A 73 -6.19 -11.37 5.00
C PHE A 73 -7.68 -11.19 5.27
N SER A 74 -8.12 -9.94 5.39
CA SER A 74 -9.53 -9.55 5.55
C SER A 74 -9.73 -8.17 4.93
N ALA A 75 -10.96 -7.64 4.91
CA ALA A 75 -11.20 -6.25 4.51
C ALA A 75 -12.18 -5.55 5.44
N GLY A 76 -12.09 -4.23 5.48
CA GLY A 76 -12.83 -3.34 6.36
C GLY A 76 -12.67 -1.91 5.85
N VAL A 77 -12.82 -0.90 6.72
CA VAL A 77 -12.78 0.51 6.31
C VAL A 77 -11.90 1.28 7.27
N VAL A 78 -11.11 2.22 6.75
CA VAL A 78 -10.33 3.12 7.58
C VAL A 78 -11.29 3.97 8.41
N LYS A 79 -11.13 4.00 9.74
CA LYS A 79 -11.86 4.92 10.62
C LYS A 79 -10.91 5.56 11.66
N GLY A 80 -9.65 5.76 11.30
CA GLY A 80 -8.70 6.54 12.08
C GLY A 80 -7.27 6.27 11.67
N HIS A 81 -6.33 6.90 12.36
CA HIS A 81 -4.90 6.96 12.06
C HIS A 81 -4.10 6.93 13.35
N ARG A 82 -2.87 6.42 13.28
CA ARG A 82 -1.89 6.47 14.35
C ARG A 82 -0.51 6.57 13.72
N LYS A 83 0.45 7.04 14.51
CA LYS A 83 1.87 7.03 14.17
C LYS A 83 2.57 6.38 15.36
N GLU A 84 3.39 5.37 15.11
CA GLU A 84 4.11 4.64 16.14
C GLU A 84 5.44 4.19 15.52
N SER A 85 6.54 4.36 16.25
CA SER A 85 7.88 4.01 15.80
C SER A 85 8.25 4.57 14.41
N GLY A 86 7.67 5.74 14.06
CA GLY A 86 7.89 6.38 12.77
C GLY A 86 7.29 5.55 11.62
N GLU A 87 6.15 4.89 11.83
CA GLU A 87 5.47 4.06 10.86
C GLU A 87 3.99 4.42 10.93
N LEU A 88 3.28 4.28 9.81
CA LEU A 88 1.91 4.75 9.70
C LEU A 88 0.97 3.60 10.03
N TYR A 89 -0.08 3.92 10.77
CA TYR A 89 -1.11 2.99 11.17
C TYR A 89 -2.47 3.59 10.85
N TYR A 90 -3.44 2.70 10.63
CA TYR A 90 -4.81 3.02 10.33
C TYR A 90 -5.65 2.12 11.21
N SER A 91 -6.65 2.66 11.89
CA SER A 91 -7.59 1.87 12.66
C SER A 91 -8.68 1.45 11.68
N ILE A 92 -8.57 0.23 11.16
CA ILE A 92 -9.51 -0.30 10.20
C ILE A 92 -10.67 -0.84 11.02
N GLU A 93 -11.87 -0.26 10.88
CA GLU A 93 -13.07 -0.86 11.43
C GLU A 93 -13.32 -2.13 10.63
N LYS A 94 -13.43 -3.24 11.33
CA LYS A 94 -13.67 -4.55 10.77
C LYS A 94 -14.56 -5.27 11.78
N GLU A 95 -15.58 -5.99 11.32
CA GLU A 95 -16.56 -6.66 12.17
C GLU A 95 -17.18 -5.70 13.21
N GLY A 96 -17.31 -4.41 12.86
CA GLY A 96 -17.97 -3.42 13.69
C GLY A 96 -17.12 -2.92 14.86
N GLN A 97 -15.80 -3.16 14.85
CA GLN A 97 -14.87 -2.68 15.87
C GLN A 97 -13.57 -2.25 15.19
N ARG A 98 -12.84 -1.29 15.76
CA ARG A 98 -11.60 -0.81 15.14
C ARG A 98 -10.44 -1.73 15.50
N LYS A 99 -9.57 -2.00 14.53
CA LYS A 99 -8.39 -2.86 14.66
C LYS A 99 -7.23 -2.07 14.05
N TRP A 100 -6.10 -1.96 14.73
CA TRP A 100 -4.95 -1.24 14.21
C TRP A 100 -4.20 -2.10 13.20
N TYR A 101 -3.94 -1.55 12.02
CA TYR A 101 -3.12 -2.16 10.98
C TYR A 101 -2.13 -1.12 10.49
N LYS A 102 -0.99 -1.57 9.94
CA LYS A 102 0.10 -0.68 9.51
C LYS A 102 0.05 -0.46 8.01
N ARG A 103 0.67 0.59 7.46
CA ARG A 103 0.53 0.93 6.04
C ARG A 103 0.69 -0.30 5.13
N MET A 104 1.74 -1.10 5.33
CA MET A 104 2.02 -2.21 4.41
C MET A 104 0.97 -3.33 4.50
N ALA A 105 0.28 -3.41 5.64
CA ALA A 105 -0.79 -4.36 5.88
C ALA A 105 -2.12 -3.80 5.37
N VAL A 106 -2.26 -2.48 5.26
CA VAL A 106 -3.45 -1.81 4.77
C VAL A 106 -3.28 -1.64 3.27
N ILE A 107 -3.77 -2.63 2.52
CA ILE A 107 -3.56 -2.70 1.09
C ILE A 107 -4.89 -2.40 0.43
N LEU A 108 -4.85 -1.80 -0.74
CA LEU A 108 -6.05 -1.39 -1.45
C LEU A 108 -6.28 -2.46 -2.51
N SER A 109 -7.39 -3.18 -2.43
CA SER A 109 -7.85 -4.07 -3.48
C SER A 109 -8.03 -3.27 -4.77
N LEU A 110 -7.92 -3.88 -5.95
CA LEU A 110 -7.86 -3.11 -7.21
C LEU A 110 -9.06 -2.20 -7.46
N GLU A 111 -10.26 -2.57 -7.03
CA GLU A 111 -11.45 -1.76 -7.20
C GLU A 111 -11.36 -0.51 -6.31
N GLN A 112 -10.74 -0.66 -5.13
CA GLN A 112 -10.50 0.41 -4.17
C GLN A 112 -9.39 1.31 -4.74
N GLY A 113 -8.25 0.72 -5.14
CA GLY A 113 -7.10 1.39 -5.74
C GLY A 113 -7.50 2.24 -6.95
N ASN A 114 -8.44 1.75 -7.76
CA ASN A 114 -8.95 2.49 -8.93
C ASN A 114 -9.46 3.86 -8.52
N ARG A 115 -10.27 3.94 -7.46
CA ARG A 115 -10.84 5.20 -6.98
C ARG A 115 -9.77 6.21 -6.59
N LEU A 116 -8.59 5.74 -6.17
CA LEU A 116 -7.47 6.64 -5.91
C LEU A 116 -6.70 6.93 -7.20
N ARG A 117 -6.63 6.00 -8.14
CA ARG A 117 -5.80 6.08 -9.35
C ARG A 117 -6.16 7.31 -10.18
N GLU A 118 -7.44 7.67 -10.24
CA GLU A 118 -7.88 8.86 -10.97
C GLU A 118 -7.33 10.18 -10.41
N GLN A 119 -6.87 10.23 -9.14
CA GLN A 119 -6.36 11.44 -8.52
C GLN A 119 -4.85 11.33 -8.24
N TYR A 120 -4.41 10.18 -7.69
CA TYR A 120 -3.07 9.97 -7.16
C TYR A 120 -2.15 9.25 -8.14
N GLY A 121 -2.71 8.64 -9.19
CA GLY A 121 -1.96 7.93 -10.22
C GLY A 121 -0.96 8.90 -10.86
N LEU A 122 0.32 8.53 -10.93
CA LEU A 122 1.34 9.42 -11.50
C LEU A 122 1.02 9.70 -12.96
N GLY A 123 0.71 8.60 -13.67
CA GLY A 123 0.58 8.53 -15.11
C GLY A 123 1.74 9.26 -15.78
N GLY B 1 -13.41 -19.41 6.71
CA GLY B 1 -11.94 -19.47 6.84
C GLY B 1 -11.25 -18.63 5.76
N ALA B 2 -10.13 -17.99 6.12
CA ALA B 2 -9.28 -17.20 5.22
C ALA B 2 -7.83 -17.26 5.72
N LYS B 3 -6.88 -16.86 4.89
CA LYS B 3 -5.45 -16.70 5.20
C LYS B 3 -4.81 -15.98 4.01
N ARG B 4 -3.56 -15.50 4.15
CA ARG B 4 -2.86 -14.66 3.18
C ARG B 4 -3.04 -15.10 1.71
N HIS B 5 -3.98 -14.41 1.08
CA HIS B 5 -4.38 -14.41 -0.32
C HIS B 5 -3.29 -14.16 -1.39
N ARG B 6 -2.33 -13.27 -1.11
CA ARG B 6 -1.34 -12.69 -2.04
C ARG B 6 -0.11 -12.41 -1.20
N VAL B 8 2.65 -10.26 0.70
CA VAL B 8 2.63 -8.95 1.38
C VAL B 8 3.77 -8.79 2.40
N LEU B 9 4.70 -9.75 2.46
CA LEU B 9 5.73 -9.79 3.47
C LEU B 9 6.87 -10.65 2.93
N ARG B 10 8.04 -10.61 3.57
CA ARG B 10 9.14 -11.53 3.33
C ARG B 10 9.71 -11.95 4.68
N ASP B 11 10.67 -12.88 4.68
CA ASP B 11 11.25 -13.51 5.87
C ASP B 11 12.74 -13.15 6.04
N ASN B 12 13.17 -12.05 5.43
CA ASN B 12 14.54 -11.51 5.54
C ASN B 12 14.65 -10.53 6.69
N ILE B 13 13.92 -10.84 7.75
CA ILE B 13 13.69 -9.94 8.85
C ILE B 13 14.74 -10.05 9.96
N GLN B 14 15.78 -10.86 9.73
CA GLN B 14 16.75 -11.27 10.71
C GLN B 14 18.15 -10.99 10.15
N GLY A 1 9.53 23.76 2.20
CA GLY A 1 9.48 22.31 1.93
C GLY A 1 9.59 22.01 0.43
N HIS A 2 10.38 20.99 0.08
CA HIS A 2 10.58 20.53 -1.31
C HIS A 2 10.89 19.03 -1.27
N MET A 3 10.68 18.33 -2.40
CA MET A 3 10.92 16.90 -2.55
C MET A 3 11.40 16.64 -3.98
N ASN A 4 12.24 15.63 -4.17
CA ASN A 4 12.70 15.22 -5.51
C ASN A 4 11.53 14.63 -6.29
N SER A 5 11.53 14.81 -7.61
CA SER A 5 10.50 14.26 -8.49
C SER A 5 10.50 12.73 -8.41
N PHE A 6 9.45 12.16 -7.81
CA PHE A 6 9.15 10.73 -7.71
C PHE A 6 10.15 9.95 -6.86
N VAL A 7 11.40 9.90 -7.29
CA VAL A 7 12.43 9.06 -6.73
C VAL A 7 12.66 9.44 -5.26
N GLY A 8 12.29 8.53 -4.36
CA GLY A 8 12.43 8.67 -2.91
C GLY A 8 11.08 8.80 -2.19
N LEU A 9 9.99 9.12 -2.91
CA LEU A 9 8.67 9.34 -2.30
C LEU A 9 8.09 8.01 -1.84
N ARG A 10 7.50 8.01 -0.63
CA ARG A 10 6.70 6.88 -0.13
C ARG A 10 5.35 7.00 -0.83
N VAL A 11 4.92 5.94 -1.49
CA VAL A 11 3.73 5.89 -2.32
C VAL A 11 3.11 4.50 -2.13
N VAL A 12 1.99 4.23 -2.80
CA VAL A 12 1.42 2.89 -2.88
C VAL A 12 1.48 2.54 -4.38
N ALA A 13 1.64 1.26 -4.74
CA ALA A 13 1.85 0.86 -6.12
C ALA A 13 1.18 -0.49 -6.33
N LYS A 14 0.76 -0.79 -7.55
CA LYS A 14 0.10 -2.07 -7.82
C LYS A 14 1.20 -3.10 -7.98
N TRP A 15 0.95 -4.28 -7.44
CA TRP A 15 1.79 -5.42 -7.69
C TRP A 15 1.26 -6.06 -8.98
N SER A 16 1.72 -5.59 -10.15
CA SER A 16 1.17 -5.93 -11.45
C SER A 16 1.14 -7.44 -11.73
N SER A 17 2.06 -8.22 -11.13
CA SER A 17 2.18 -9.65 -11.33
C SER A 17 0.99 -10.47 -10.79
N ASN A 18 0.11 -9.89 -9.96
CA ASN A 18 -1.15 -10.53 -9.57
C ASN A 18 -2.27 -9.51 -9.38
N GLY A 19 -2.04 -8.46 -8.58
CA GLY A 19 -3.08 -7.53 -8.17
C GLY A 19 -2.74 -6.89 -6.83
N TYR A 20 -3.61 -5.96 -6.42
CA TYR A 20 -3.58 -5.18 -5.17
C TYR A 20 -2.45 -4.17 -5.14
N PHE A 21 -2.57 -3.18 -4.25
CA PHE A 21 -1.67 -2.06 -4.14
C PHE A 21 -1.02 -2.12 -2.77
N TYR A 22 0.32 -2.14 -2.73
CA TYR A 22 1.12 -2.28 -1.53
C TYR A 22 1.99 -1.04 -1.41
N SER A 23 2.34 -0.68 -0.19
CA SER A 23 3.20 0.46 0.11
C SER A 23 4.62 0.23 -0.40
N GLY A 24 5.30 1.30 -0.82
CA GLY A 24 6.71 1.23 -1.22
C GLY A 24 7.29 2.61 -1.37
N LYS A 25 8.56 2.69 -1.80
CA LYS A 25 9.23 3.93 -2.14
C LYS A 25 9.71 3.80 -3.57
N ILE A 26 9.60 4.86 -4.36
CA ILE A 26 10.08 4.85 -5.75
C ILE A 26 11.59 4.85 -5.66
N THR A 27 12.24 3.81 -6.16
CA THR A 27 13.68 3.65 -6.06
C THR A 27 14.38 4.41 -7.18
N ARG A 28 13.79 4.38 -8.39
CA ARG A 28 14.36 4.96 -9.60
C ARG A 28 13.29 4.99 -10.71
N ASP A 29 13.21 6.09 -11.46
CA ASP A 29 12.40 6.17 -12.68
C ASP A 29 13.10 5.29 -13.72
N VAL A 30 12.54 4.12 -14.01
CA VAL A 30 13.14 3.13 -14.90
C VAL A 30 13.27 3.76 -16.30
N GLY A 31 12.14 4.27 -16.82
CA GLY A 31 12.06 4.93 -18.11
C GLY A 31 10.71 4.57 -18.73
N ALA A 32 10.32 5.28 -19.79
CA ALA A 32 9.12 5.02 -20.59
C ALA A 32 7.78 4.98 -19.83
N GLY A 33 7.77 5.38 -18.54
CA GLY A 33 6.61 5.39 -17.68
C GLY A 33 6.73 4.33 -16.58
N LYS A 34 7.70 3.43 -16.64
CA LYS A 34 8.00 2.54 -15.54
C LYS A 34 8.79 3.31 -14.49
N TYR A 35 8.47 3.09 -13.22
CA TYR A 35 9.21 3.54 -12.06
C TYR A 35 9.39 2.28 -11.21
N LYS A 36 10.59 1.99 -10.72
CA LYS A 36 10.82 0.83 -9.87
C LYS A 36 10.47 1.20 -8.45
N LEU A 37 9.90 0.24 -7.73
CA LEU A 37 9.29 0.43 -6.43
C LEU A 37 9.85 -0.59 -5.48
N LEU A 38 10.53 -0.13 -4.45
CA LEU A 38 10.95 -0.92 -3.31
C LEU A 38 9.73 -0.93 -2.43
N PHE A 39 8.90 -1.95 -2.59
CA PHE A 39 7.80 -2.20 -1.69
C PHE A 39 8.39 -2.37 -0.29
N ASP A 40 7.62 -2.03 0.75
CA ASP A 40 8.11 -2.08 2.13
C ASP A 40 8.35 -3.54 2.57
N ASP A 41 7.75 -4.49 1.87
CA ASP A 41 8.00 -5.92 2.04
C ASP A 41 9.27 -6.41 1.35
N GLY A 42 10.04 -5.51 0.73
CA GLY A 42 11.36 -5.80 0.21
C GLY A 42 11.33 -6.25 -1.24
N TYR A 43 10.16 -6.37 -1.89
CA TYR A 43 10.12 -6.58 -3.33
C TYR A 43 10.61 -5.32 -4.02
N GLU A 44 11.28 -5.45 -5.16
CA GLU A 44 11.76 -4.34 -5.98
C GLU A 44 11.51 -4.73 -7.43
N CYS A 45 10.50 -4.11 -8.04
CA CYS A 45 10.04 -4.42 -9.39
C CYS A 45 9.58 -3.11 -10.04
N ASP A 46 9.58 -3.09 -11.37
CA ASP A 46 8.99 -2.00 -12.14
C ASP A 46 7.48 -2.01 -11.97
N VAL A 47 6.89 -0.81 -11.96
CA VAL A 47 5.46 -0.57 -12.02
C VAL A 47 5.28 0.66 -12.91
N LEU A 48 4.21 0.70 -13.72
CA LEU A 48 3.98 1.83 -14.62
C LEU A 48 3.27 2.96 -13.89
N GLY A 49 3.46 4.20 -14.37
CA GLY A 49 3.03 5.42 -13.69
C GLY A 49 1.58 5.44 -13.27
N LYS A 50 0.67 4.90 -14.11
CA LYS A 50 -0.76 4.95 -13.76
C LYS A 50 -0.96 4.25 -12.42
N ASP A 51 -0.30 3.11 -12.26
CA ASP A 51 -0.49 2.17 -11.15
C ASP A 51 0.35 2.54 -9.91
N ILE A 52 0.80 3.78 -9.76
CA ILE A 52 1.50 4.24 -8.57
C ILE A 52 0.72 5.46 -8.06
N LEU A 53 0.37 5.45 -6.79
CA LEU A 53 -0.53 6.35 -6.11
C LEU A 53 0.35 7.12 -5.15
N LEU A 54 0.63 8.39 -5.42
CA LEU A 54 1.67 9.12 -4.67
C LEU A 54 1.19 10.13 -3.65
N CYS A 55 -0.12 10.37 -3.60
CA CYS A 55 -0.74 11.33 -2.70
C CYS A 55 -1.91 10.58 -2.08
N ASP A 56 -1.60 9.39 -1.56
CA ASP A 56 -2.58 8.39 -1.14
C ASP A 56 -2.53 8.00 0.34
N PRO A 57 -2.55 8.95 1.29
CA PRO A 57 -2.81 8.59 2.68
C PRO A 57 -4.27 8.11 2.60
N ILE A 58 -4.59 6.87 3.03
CA ILE A 58 -5.89 6.28 2.73
C ILE A 58 -7.01 7.18 3.29
N PRO A 59 -7.92 7.70 2.44
CA PRO A 59 -9.03 8.50 2.92
C PRO A 59 -9.98 7.62 3.72
N LEU A 60 -10.50 8.20 4.79
CA LEU A 60 -11.37 7.52 5.70
C LEU A 60 -12.66 7.13 4.95
N ASP A 61 -13.24 6.01 5.36
CA ASP A 61 -14.39 5.32 4.75
C ASP A 61 -14.02 4.51 3.49
N THR A 62 -12.78 4.58 3.01
CA THR A 62 -12.30 3.71 1.94
C THR A 62 -12.14 2.29 2.50
N GLU A 63 -12.55 1.30 1.69
CA GLU A 63 -12.34 -0.10 1.98
C GLU A 63 -10.88 -0.44 1.69
N VAL A 64 -10.30 -1.29 2.52
CA VAL A 64 -8.92 -1.74 2.40
C VAL A 64 -8.81 -3.16 2.92
N THR A 65 -7.78 -3.87 2.49
CA THR A 65 -7.40 -5.14 3.05
C THR A 65 -6.42 -4.82 4.18
N ALA A 66 -6.45 -5.61 5.26
CA ALA A 66 -5.61 -5.46 6.43
C ALA A 66 -4.94 -6.80 6.68
N LEU A 67 -3.66 -6.77 7.06
CA LEU A 67 -2.86 -7.96 7.35
C LEU A 67 -2.34 -7.85 8.78
N SER A 68 -2.79 -8.74 9.64
CA SER A 68 -2.22 -8.89 10.98
C SER A 68 -0.78 -9.41 10.86
N GLU A 69 0.07 -9.11 11.84
CA GLU A 69 1.46 -9.56 11.82
C GLU A 69 1.54 -11.08 12.07
N ASP A 70 0.46 -11.69 12.58
CA ASP A 70 0.29 -13.15 12.67
C ASP A 70 -0.35 -13.70 11.37
N GLU A 71 -0.19 -12.94 10.28
CA GLU A 71 -0.56 -13.21 8.90
C GLU A 71 -1.99 -13.68 8.64
N TYR A 72 -2.96 -13.00 9.24
CA TYR A 72 -4.36 -13.19 8.89
C TYR A 72 -4.74 -12.06 7.94
N PHE A 73 -5.49 -12.39 6.89
CA PHE A 73 -5.90 -11.48 5.83
C PHE A 73 -7.40 -11.26 5.99
N SER A 74 -7.83 -10.01 5.98
CA SER A 74 -9.24 -9.63 5.95
C SER A 74 -9.36 -8.29 5.22
N ALA A 75 -10.59 -7.82 4.98
CA ALA A 75 -10.85 -6.47 4.50
C ALA A 75 -11.88 -5.81 5.40
N GLY A 76 -11.81 -4.48 5.46
CA GLY A 76 -12.57 -3.61 6.34
C GLY A 76 -12.41 -2.19 5.84
N VAL A 77 -12.69 -1.18 6.65
CA VAL A 77 -12.74 0.21 6.21
C VAL A 77 -11.96 1.08 7.16
N VAL A 78 -11.20 2.04 6.62
CA VAL A 78 -10.52 3.04 7.42
C VAL A 78 -11.58 3.87 8.15
N LYS A 79 -11.45 4.07 9.46
CA LYS A 79 -12.27 5.00 10.23
C LYS A 79 -11.44 5.93 11.11
N GLY A 80 -10.10 5.92 10.96
CA GLY A 80 -9.24 6.84 11.68
C GLY A 80 -7.78 6.60 11.34
N HIS A 81 -6.91 7.33 12.04
CA HIS A 81 -5.47 7.46 11.79
C HIS A 81 -4.72 7.53 13.12
N ARG A 82 -3.46 7.09 13.10
CA ARG A 82 -2.54 7.22 14.22
C ARG A 82 -1.14 7.43 13.66
N LYS A 83 -0.25 7.99 14.46
CA LYS A 83 1.17 8.08 14.19
C LYS A 83 1.87 7.49 15.40
N GLU A 84 2.73 6.51 15.18
CA GLU A 84 3.40 5.75 16.24
C GLU A 84 4.75 5.33 15.69
N SER A 85 5.80 5.40 16.52
CA SER A 85 7.18 5.12 16.11
C SER A 85 7.62 5.91 14.85
N GLY A 86 7.02 7.09 14.63
CA GLY A 86 7.28 7.92 13.45
C GLY A 86 6.79 7.25 12.16
N GLU A 87 5.72 6.45 12.22
CA GLU A 87 5.22 5.64 11.12
C GLU A 87 3.68 5.75 11.16
N LEU A 88 3.05 5.56 10.00
CA LEU A 88 1.63 5.84 9.80
C LEU A 88 0.77 4.60 10.05
N TYR A 89 -0.35 4.81 10.74
CA TYR A 89 -1.31 3.78 11.12
C TYR A 89 -2.71 4.24 10.74
N TYR A 90 -3.60 3.27 10.57
CA TYR A 90 -5.00 3.46 10.26
C TYR A 90 -5.79 2.54 11.18
N SER A 91 -6.88 3.04 11.76
CA SER A 91 -7.82 2.21 12.48
C SER A 91 -8.77 1.67 11.43
N ILE A 92 -8.63 0.40 11.09
CA ILE A 92 -9.50 -0.28 10.15
C ILE A 92 -10.63 -0.85 10.99
N GLU A 93 -11.84 -0.33 10.81
CA GLU A 93 -13.02 -0.93 11.38
C GLU A 93 -13.29 -2.22 10.61
N LYS A 94 -13.51 -3.31 11.34
CA LYS A 94 -14.00 -4.56 10.82
C LYS A 94 -14.91 -5.15 11.89
N GLU A 95 -15.98 -5.85 11.50
CA GLU A 95 -16.94 -6.46 12.42
C GLU A 95 -17.49 -5.47 13.46
N GLY A 96 -17.60 -4.18 13.10
CA GLY A 96 -18.23 -3.17 13.94
C GLY A 96 -17.32 -2.67 15.06
N GLN A 97 -16.00 -2.91 14.97
CA GLN A 97 -15.03 -2.47 15.97
C GLN A 97 -13.74 -2.05 15.27
N ARG A 98 -13.03 -1.06 15.84
CA ARG A 98 -11.79 -0.53 15.25
C ARG A 98 -10.63 -1.45 15.61
N LYS A 99 -9.73 -1.69 14.65
CA LYS A 99 -8.51 -2.46 14.83
C LYS A 99 -7.37 -1.64 14.22
N TRP A 100 -6.27 -1.43 14.92
CA TRP A 100 -5.15 -0.65 14.39
C TRP A 100 -4.31 -1.52 13.46
N TYR A 101 -3.98 -0.97 12.28
CA TYR A 101 -3.05 -1.55 11.32
C TYR A 101 -2.09 -0.46 10.82
N LYS A 102 -0.92 -0.87 10.33
CA LYS A 102 0.13 0.04 9.87
C LYS A 102 0.05 0.22 8.37
N ARG A 103 0.56 1.31 7.79
CA ARG A 103 0.37 1.60 6.35
C ARG A 103 0.68 0.39 5.45
N MET A 104 1.80 -0.31 5.68
CA MET A 104 2.19 -1.41 4.78
C MET A 104 1.33 -2.66 5.00
N ALA A 105 0.64 -2.73 6.13
CA ALA A 105 -0.34 -3.78 6.42
C ALA A 105 -1.71 -3.42 5.86
N VAL A 106 -1.98 -2.15 5.57
CA VAL A 106 -3.22 -1.66 5.02
C VAL A 106 -2.98 -1.58 3.52
N ILE A 107 -3.27 -2.67 2.83
CA ILE A 107 -3.05 -2.79 1.40
C ILE A 107 -4.40 -2.49 0.75
N LEU A 108 -4.37 -1.89 -0.44
CA LEU A 108 -5.58 -1.47 -1.10
C LEU A 108 -5.91 -2.57 -2.08
N SER A 109 -7.05 -3.22 -1.84
CA SER A 109 -7.64 -4.20 -2.75
C SER A 109 -7.78 -3.52 -4.10
N LEU A 110 -7.64 -4.25 -5.21
CA LEU A 110 -7.51 -3.64 -6.55
C LEU A 110 -8.69 -2.74 -6.96
N GLU A 111 -9.92 -3.09 -6.60
CA GLU A 111 -11.08 -2.26 -6.92
C GLU A 111 -10.98 -0.91 -6.19
N GLN A 112 -10.43 -0.91 -4.97
CA GLN A 112 -10.34 0.28 -4.13
C GLN A 112 -9.17 1.14 -4.60
N GLY A 113 -8.01 0.52 -4.89
CA GLY A 113 -6.87 1.19 -5.51
C GLY A 113 -7.26 1.88 -6.82
N ASN A 114 -8.14 1.24 -7.60
CA ASN A 114 -8.60 1.79 -8.88
C ASN A 114 -9.27 3.14 -8.68
N ARG A 115 -10.22 3.22 -7.74
CA ARG A 115 -10.95 4.45 -7.43
C ARG A 115 -10.04 5.59 -6.96
N LEU A 116 -8.79 5.28 -6.61
CA LEU A 116 -7.81 6.25 -6.16
C LEU A 116 -6.85 6.57 -7.32
N ARG A 117 -6.61 5.60 -8.22
CA ARG A 117 -5.76 5.72 -9.40
C ARG A 117 -6.17 6.89 -10.28
N GLU A 118 -7.47 7.10 -10.45
CA GLU A 118 -8.01 8.19 -11.26
C GLU A 118 -7.58 9.58 -10.77
N GLN A 119 -7.16 9.73 -9.50
CA GLN A 119 -6.74 11.02 -8.93
C GLN A 119 -5.25 11.02 -8.61
N TYR A 120 -4.73 9.95 -8.02
CA TYR A 120 -3.40 9.85 -7.43
C TYR A 120 -2.39 9.12 -8.30
N GLY A 121 -2.84 8.50 -9.38
CA GLY A 121 -1.99 7.86 -10.37
C GLY A 121 -0.97 8.88 -10.89
N LEU A 122 0.31 8.49 -10.99
CA LEU A 122 1.33 9.38 -11.54
C LEU A 122 1.01 9.71 -13.00
N GLY A 123 0.55 8.71 -13.74
CA GLY A 123 0.36 8.76 -15.17
C GLY A 123 -0.84 9.65 -15.50
N GLY B 1 -8.83 -21.79 8.37
CA GLY B 1 -9.57 -20.58 7.93
C GLY B 1 -8.75 -19.73 6.95
N ALA B 2 -9.09 -18.44 6.85
CA ALA B 2 -8.36 -17.48 6.02
C ALA B 2 -6.94 -17.27 6.53
N LYS B 3 -6.02 -16.82 5.66
CA LYS B 3 -4.62 -16.51 6.00
C LYS B 3 -4.05 -15.63 4.89
N ARG B 4 -2.91 -14.95 5.14
CA ARG B 4 -2.19 -14.09 4.19
C ARG B 4 -2.27 -14.71 2.79
N HIS B 5 -3.08 -14.08 1.95
CA HIS B 5 -3.55 -14.60 0.67
C HIS B 5 -2.69 -14.29 -0.56
N ARG B 6 -1.89 -13.23 -0.50
CA ARG B 6 -1.01 -12.73 -1.56
C ARG B 6 0.37 -12.50 -0.93
N VAL B 8 3.44 -10.28 0.45
CA VAL B 8 3.53 -9.14 1.38
C VAL B 8 4.80 -9.27 2.25
N LEU B 9 5.72 -10.17 1.89
CA LEU B 9 6.83 -10.56 2.75
C LEU B 9 7.94 -11.19 1.93
N ARG B 10 9.18 -11.13 2.44
CA ARG B 10 10.31 -11.86 1.89
C ARG B 10 11.01 -12.55 3.07
N ASP B 11 10.24 -13.35 3.82
CA ASP B 11 10.64 -13.91 5.12
C ASP B 11 10.39 -15.42 5.14
N ASN B 12 10.49 -16.06 3.97
CA ASN B 12 10.25 -17.50 3.77
C ASN B 12 11.46 -18.35 4.13
N ILE B 13 12.25 -17.86 5.08
CA ILE B 13 13.56 -18.41 5.38
C ILE B 13 13.52 -19.43 6.52
N GLN B 14 12.32 -19.82 6.91
CA GLN B 14 12.01 -20.57 8.10
C GLN B 14 11.24 -21.83 7.70
N GLY A 1 19.58 17.46 -0.61
CA GLY A 1 18.14 17.14 -0.78
C GLY A 1 17.86 15.65 -0.59
N HIS A 2 17.01 15.30 0.38
CA HIS A 2 16.70 13.90 0.69
C HIS A 2 15.78 13.24 -0.35
N MET A 3 15.08 14.04 -1.16
CA MET A 3 14.08 13.57 -2.11
C MET A 3 14.35 14.17 -3.50
N ASN A 4 13.77 13.53 -4.52
CA ASN A 4 13.84 13.91 -5.93
C ASN A 4 12.50 13.55 -6.57
N SER A 5 12.21 14.12 -7.74
CA SER A 5 11.04 13.82 -8.55
C SER A 5 10.79 12.32 -8.61
N PHE A 6 9.72 11.85 -7.96
CA PHE A 6 9.33 10.45 -7.79
C PHE A 6 10.31 9.67 -6.93
N VAL A 7 11.56 9.58 -7.34
CA VAL A 7 12.58 8.74 -6.74
C VAL A 7 12.82 9.15 -5.27
N GLY A 8 12.40 8.28 -4.36
CA GLY A 8 12.54 8.45 -2.91
C GLY A 8 11.18 8.50 -2.18
N LEU A 9 10.12 8.93 -2.88
CA LEU A 9 8.81 9.20 -2.27
C LEU A 9 8.15 7.89 -1.82
N ARG A 10 7.57 7.91 -0.61
CA ARG A 10 6.70 6.83 -0.15
C ARG A 10 5.38 7.02 -0.88
N VAL A 11 4.89 5.95 -1.50
CA VAL A 11 3.72 5.95 -2.36
C VAL A 11 3.04 4.59 -2.17
N VAL A 12 1.97 4.32 -2.90
CA VAL A 12 1.36 3.01 -2.99
C VAL A 12 1.48 2.64 -4.48
N ALA A 13 1.60 1.37 -4.82
CA ALA A 13 1.73 0.92 -6.20
C ALA A 13 1.05 -0.41 -6.36
N LYS A 14 0.60 -0.75 -7.56
CA LYS A 14 -0.02 -2.05 -7.79
C LYS A 14 1.11 -3.03 -8.02
N TRP A 15 0.98 -4.20 -7.43
CA TRP A 15 1.85 -5.31 -7.72
C TRP A 15 1.45 -5.85 -9.10
N SER A 16 2.35 -5.67 -10.07
CA SER A 16 2.13 -5.90 -11.49
C SER A 16 1.68 -7.31 -11.89
N SER A 17 1.85 -8.33 -11.03
CA SER A 17 1.30 -9.67 -11.24
C SER A 17 -0.21 -9.71 -10.94
N ASN A 18 -0.94 -8.73 -11.50
CA ASN A 18 -2.36 -8.42 -11.31
C ASN A 18 -2.84 -8.61 -9.86
N GLY A 19 -2.13 -7.97 -8.92
CA GLY A 19 -2.46 -8.01 -7.50
C GLY A 19 -3.02 -6.69 -7.00
N TYR A 20 -3.01 -6.53 -5.68
CA TYR A 20 -3.48 -5.34 -4.98
C TYR A 20 -2.43 -4.24 -5.02
N PHE A 21 -2.67 -3.19 -4.25
CA PHE A 21 -1.88 -1.99 -4.19
C PHE A 21 -1.21 -1.99 -2.81
N TYR A 22 0.11 -1.87 -2.78
CA TYR A 22 0.91 -2.03 -1.56
C TYR A 22 1.80 -0.81 -1.40
N SER A 23 2.11 -0.45 -0.17
CA SER A 23 2.99 0.67 0.18
C SER A 23 4.41 0.39 -0.32
N GLY A 24 5.16 1.42 -0.71
CA GLY A 24 6.55 1.28 -1.10
C GLY A 24 7.21 2.63 -1.32
N LYS A 25 8.52 2.63 -1.63
CA LYS A 25 9.24 3.84 -2.02
C LYS A 25 9.70 3.65 -3.46
N ILE A 26 9.62 4.70 -4.27
CA ILE A 26 10.10 4.65 -5.64
C ILE A 26 11.62 4.60 -5.57
N THR A 27 12.23 3.54 -6.08
CA THR A 27 13.67 3.34 -5.98
C THR A 27 14.39 4.05 -7.12
N ARG A 28 13.79 4.02 -8.33
CA ARG A 28 14.38 4.56 -9.56
C ARG A 28 13.33 4.59 -10.66
N ASP A 29 13.28 5.68 -11.43
CA ASP A 29 12.49 5.77 -12.67
C ASP A 29 13.18 4.84 -13.67
N VAL A 30 12.60 3.67 -13.94
CA VAL A 30 13.16 2.65 -14.81
C VAL A 30 13.34 3.25 -16.21
N GLY A 31 12.26 3.80 -16.75
CA GLY A 31 12.22 4.42 -18.06
C GLY A 31 10.84 4.20 -18.67
N ALA A 32 10.50 4.95 -19.71
CA ALA A 32 9.26 4.83 -20.48
C ALA A 32 7.95 4.93 -19.67
N GLY A 33 8.03 5.34 -18.40
CA GLY A 33 6.91 5.50 -17.50
C GLY A 33 6.95 4.45 -16.40
N LYS A 34 7.80 3.41 -16.50
CA LYS A 34 7.99 2.47 -15.40
C LYS A 34 8.84 3.16 -14.34
N TYR A 35 8.50 2.94 -13.08
CA TYR A 35 9.29 3.30 -11.92
C TYR A 35 9.36 2.03 -11.09
N LYS A 36 10.53 1.68 -10.58
CA LYS A 36 10.68 0.53 -9.70
C LYS A 36 10.36 0.96 -8.29
N LEU A 37 9.79 0.04 -7.51
CA LEU A 37 9.23 0.30 -6.21
C LEU A 37 9.77 -0.74 -5.25
N LEU A 38 10.48 -0.28 -4.23
CA LEU A 38 10.86 -1.08 -3.09
C LEU A 38 9.63 -1.01 -2.21
N PHE A 39 8.74 -1.98 -2.38
CA PHE A 39 7.60 -2.15 -1.53
C PHE A 39 8.09 -2.26 -0.08
N ASP A 40 7.29 -1.74 0.85
CA ASP A 40 7.59 -1.82 2.29
C ASP A 40 7.56 -3.28 2.75
N ASP A 41 6.82 -4.09 2.01
CA ASP A 41 6.76 -5.55 2.12
C ASP A 41 8.07 -6.24 1.71
N GLY A 42 9.04 -5.48 1.19
CA GLY A 42 10.41 -5.90 0.95
C GLY A 42 10.68 -6.23 -0.52
N TYR A 43 9.65 -6.38 -1.34
CA TYR A 43 9.80 -6.71 -2.75
C TYR A 43 10.28 -5.50 -3.55
N GLU A 44 10.87 -5.73 -4.73
CA GLU A 44 11.34 -4.70 -5.64
C GLU A 44 11.03 -5.14 -7.07
N CYS A 45 10.06 -4.49 -7.72
CA CYS A 45 9.71 -4.70 -9.12
C CYS A 45 9.34 -3.36 -9.76
N ASP A 46 9.37 -3.32 -11.09
CA ASP A 46 8.85 -2.21 -11.88
C ASP A 46 7.33 -2.16 -11.78
N VAL A 47 6.78 -0.95 -11.83
CA VAL A 47 5.37 -0.66 -11.95
C VAL A 47 5.27 0.52 -12.92
N LEU A 48 4.30 0.50 -13.84
CA LEU A 48 4.06 1.64 -14.74
C LEU A 48 3.42 2.77 -13.95
N GLY A 49 3.71 4.03 -14.29
CA GLY A 49 3.27 5.22 -13.57
C GLY A 49 1.76 5.31 -13.38
N LYS A 50 0.96 4.79 -14.31
CA LYS A 50 -0.50 4.75 -14.15
C LYS A 50 -0.86 4.01 -12.86
N ASP A 51 -0.05 3.03 -12.47
CA ASP A 51 -0.30 2.08 -11.39
C ASP A 51 0.44 2.48 -10.10
N ILE A 52 0.90 3.73 -9.95
CA ILE A 52 1.57 4.20 -8.74
C ILE A 52 0.80 5.43 -8.29
N LEU A 53 0.43 5.48 -7.00
CA LEU A 53 -0.44 6.46 -6.38
C LEU A 53 0.42 7.17 -5.36
N LEU A 54 0.64 8.48 -5.48
CA LEU A 54 1.67 9.16 -4.68
C LEU A 54 1.21 10.20 -3.67
N CYS A 55 -0.09 10.43 -3.57
CA CYS A 55 -0.69 11.34 -2.59
C CYS A 55 -1.82 10.54 -1.95
N ASP A 56 -1.49 9.33 -1.47
CA ASP A 56 -2.49 8.34 -1.06
C ASP A 56 -2.44 7.85 0.40
N PRO A 57 -2.42 8.75 1.40
CA PRO A 57 -2.68 8.30 2.76
C PRO A 57 -4.16 7.89 2.68
N ILE A 58 -4.53 6.67 3.13
CA ILE A 58 -5.87 6.15 2.83
C ILE A 58 -6.95 7.08 3.42
N PRO A 59 -7.86 7.64 2.60
CA PRO A 59 -8.96 8.43 3.11
C PRO A 59 -9.94 7.54 3.87
N LEU A 60 -10.48 8.09 4.94
CA LEU A 60 -11.38 7.40 5.83
C LEU A 60 -12.67 7.08 5.06
N ASP A 61 -13.28 5.95 5.38
CA ASP A 61 -14.43 5.32 4.70
C ASP A 61 -14.02 4.51 3.46
N THR A 62 -12.76 4.58 3.01
CA THR A 62 -12.26 3.69 1.96
C THR A 62 -12.17 2.27 2.52
N GLU A 63 -12.61 1.29 1.72
CA GLU A 63 -12.43 -0.12 2.02
C GLU A 63 -10.98 -0.48 1.74
N VAL A 64 -10.41 -1.34 2.57
CA VAL A 64 -9.05 -1.81 2.45
C VAL A 64 -8.96 -3.23 2.97
N THR A 65 -7.93 -3.93 2.53
CA THR A 65 -7.54 -5.21 3.07
C THR A 65 -6.54 -4.88 4.18
N ALA A 66 -6.47 -5.72 5.19
CA ALA A 66 -5.65 -5.57 6.38
C ALA A 66 -4.95 -6.90 6.61
N LEU A 67 -3.67 -6.91 7.01
CA LEU A 67 -2.96 -8.13 7.42
C LEU A 67 -2.43 -7.99 8.83
N SER A 68 -2.71 -8.98 9.65
CA SER A 68 -2.24 -9.09 11.03
C SER A 68 -0.74 -9.38 11.07
N GLU A 69 -0.12 -9.25 12.25
CA GLU A 69 1.29 -9.61 12.45
C GLU A 69 1.50 -11.11 12.21
N ASP A 70 0.48 -11.93 12.48
CA ASP A 70 0.46 -13.36 12.12
C ASP A 70 -0.12 -13.58 10.72
N GLU A 71 -0.04 -12.54 9.88
CA GLU A 71 -0.32 -12.52 8.45
C GLU A 71 -1.76 -12.80 8.04
N TYR A 72 -2.69 -13.10 8.96
CA TYR A 72 -4.08 -13.37 8.60
C TYR A 72 -4.64 -12.16 7.84
N PHE A 73 -5.25 -12.43 6.69
CA PHE A 73 -5.74 -11.46 5.74
C PHE A 73 -7.23 -11.27 5.99
N SER A 74 -7.70 -10.03 5.99
CA SER A 74 -9.11 -9.69 6.06
C SER A 74 -9.35 -8.37 5.33
N ALA A 75 -10.59 -7.91 5.21
CA ALA A 75 -10.90 -6.57 4.72
C ALA A 75 -11.92 -5.88 5.61
N GLY A 76 -11.89 -4.56 5.59
CA GLY A 76 -12.67 -3.67 6.43
C GLY A 76 -12.53 -2.25 5.89
N VAL A 77 -12.81 -1.22 6.69
CA VAL A 77 -12.83 0.16 6.22
C VAL A 77 -12.02 1.04 7.17
N VAL A 78 -11.28 2.00 6.64
CA VAL A 78 -10.57 2.97 7.46
C VAL A 78 -11.59 3.81 8.22
N LYS A 79 -11.46 3.97 9.54
CA LYS A 79 -12.26 4.90 10.34
C LYS A 79 -11.40 5.73 11.29
N GLY A 80 -10.07 5.71 11.15
CA GLY A 80 -9.19 6.61 11.91
C GLY A 80 -7.74 6.40 11.54
N HIS A 81 -6.86 7.16 12.20
CA HIS A 81 -5.43 7.28 11.92
C HIS A 81 -4.64 7.37 13.23
N ARG A 82 -3.37 6.96 13.19
CA ARG A 82 -2.41 7.14 14.27
C ARG A 82 -1.03 7.27 13.65
N LYS A 83 -0.09 7.84 14.39
CA LYS A 83 1.32 7.87 14.07
C LYS A 83 2.05 7.32 15.29
N GLU A 84 2.94 6.36 15.09
CA GLU A 84 3.70 5.70 16.14
C GLU A 84 5.03 5.29 15.53
N SER A 85 6.14 5.56 16.24
CA SER A 85 7.49 5.14 15.84
C SER A 85 7.85 5.44 14.37
N GLY A 86 7.34 6.56 13.83
CA GLY A 86 7.60 6.97 12.46
C GLY A 86 6.92 6.05 11.45
N GLU A 87 5.74 5.51 11.76
CA GLU A 87 4.94 4.66 10.89
C GLU A 87 3.52 5.18 10.99
N LEU A 88 2.78 5.00 9.90
CA LEU A 88 1.39 5.37 9.77
C LEU A 88 0.56 4.17 10.15
N TYR A 89 -0.49 4.43 10.92
CA TYR A 89 -1.45 3.44 11.35
C TYR A 89 -2.83 3.93 10.96
N TYR A 90 -3.72 2.97 10.71
CA TYR A 90 -5.09 3.20 10.33
C TYR A 90 -5.90 2.31 11.25
N SER A 91 -6.93 2.85 11.88
CA SER A 91 -7.88 2.03 12.62
C SER A 91 -8.90 1.54 11.60
N ILE A 92 -8.75 0.29 11.16
CA ILE A 92 -9.64 -0.34 10.22
C ILE A 92 -10.81 -0.87 11.03
N GLU A 93 -11.99 -0.29 10.85
CA GLU A 93 -13.21 -0.86 11.39
C GLU A 93 -13.45 -2.15 10.64
N LYS A 94 -13.58 -3.24 11.39
CA LYS A 94 -13.82 -4.57 10.86
C LYS A 94 -14.74 -5.24 11.86
N GLU A 95 -15.73 -5.99 11.39
CA GLU A 95 -16.75 -6.61 12.25
C GLU A 95 -17.44 -5.58 13.17
N GLY A 96 -17.54 -4.31 12.73
CA GLY A 96 -18.23 -3.26 13.46
C GLY A 96 -17.45 -2.74 14.68
N GLN A 97 -16.14 -2.98 14.74
CA GLN A 97 -15.26 -2.50 15.81
C GLN A 97 -13.91 -2.10 15.22
N ARG A 98 -13.21 -1.14 15.83
CA ARG A 98 -11.96 -0.60 15.29
C ARG A 98 -10.80 -1.54 15.63
N LYS A 99 -9.89 -1.77 14.68
CA LYS A 99 -8.70 -2.61 14.84
C LYS A 99 -7.54 -1.82 14.21
N TRP A 100 -6.42 -1.65 14.91
CA TRP A 100 -5.28 -0.91 14.36
C TRP A 100 -4.49 -1.80 13.41
N TYR A 101 -4.12 -1.25 12.24
CA TYR A 101 -3.20 -1.86 11.29
C TYR A 101 -2.24 -0.78 10.77
N LYS A 102 -1.10 -1.18 10.22
CA LYS A 102 -0.01 -0.27 9.81
C LYS A 102 -0.02 -0.07 8.30
N ARG A 103 0.56 1.01 7.75
CA ARG A 103 0.47 1.33 6.31
C ARG A 103 0.66 0.08 5.43
N MET A 104 1.75 -0.67 5.64
CA MET A 104 2.10 -1.77 4.74
C MET A 104 1.19 -3.00 4.94
N ALA A 105 0.47 -3.06 6.06
CA ALA A 105 -0.54 -4.07 6.31
C ALA A 105 -1.88 -3.66 5.72
N VAL A 106 -2.12 -2.36 5.54
CA VAL A 106 -3.35 -1.82 5.01
C VAL A 106 -3.12 -1.72 3.51
N ILE A 107 -3.45 -2.81 2.80
CA ILE A 107 -3.21 -2.93 1.38
C ILE A 107 -4.55 -2.61 0.73
N LEU A 108 -4.51 -1.97 -0.44
CA LEU A 108 -5.71 -1.50 -1.10
C LEU A 108 -6.08 -2.56 -2.11
N SER A 109 -7.22 -3.20 -1.89
CA SER A 109 -7.82 -4.14 -2.81
C SER A 109 -7.96 -3.42 -4.17
N LEU A 110 -7.75 -4.10 -5.29
CA LEU A 110 -7.62 -3.43 -6.61
C LEU A 110 -8.80 -2.55 -7.01
N GLU A 111 -10.03 -2.90 -6.65
CA GLU A 111 -11.18 -2.04 -6.93
C GLU A 111 -11.06 -0.72 -6.16
N GLN A 112 -10.53 -0.77 -4.94
CA GLN A 112 -10.41 0.38 -4.06
C GLN A 112 -9.23 1.24 -4.54
N GLY A 113 -8.08 0.61 -4.83
CA GLY A 113 -6.92 1.26 -5.44
C GLY A 113 -7.32 2.01 -6.71
N ASN A 114 -8.21 1.43 -7.51
CA ASN A 114 -8.66 2.05 -8.76
C ASN A 114 -9.32 3.39 -8.51
N ARG A 115 -10.26 3.45 -7.55
CA ARG A 115 -10.97 4.69 -7.20
C ARG A 115 -10.04 5.78 -6.68
N LEU A 116 -8.78 5.46 -6.38
CA LEU A 116 -7.78 6.38 -5.90
C LEU A 116 -6.80 6.68 -7.03
N ARG A 117 -6.59 5.74 -7.96
CA ARG A 117 -5.72 5.87 -9.12
C ARG A 117 -6.15 7.07 -9.97
N GLU A 118 -7.44 7.29 -10.11
CA GLU A 118 -7.99 8.37 -10.93
C GLU A 118 -7.54 9.77 -10.45
N GLN A 119 -7.08 9.93 -9.20
CA GLN A 119 -6.60 11.20 -8.68
C GLN A 119 -5.11 11.15 -8.37
N TYR A 120 -4.64 10.04 -7.79
CA TYR A 120 -3.29 9.92 -7.23
C TYR A 120 -2.31 9.21 -8.16
N GLY A 121 -2.81 8.51 -9.17
CA GLY A 121 -2.02 7.87 -10.21
C GLY A 121 -1.06 8.89 -10.83
N LEU A 122 0.23 8.54 -10.92
CA LEU A 122 1.21 9.46 -11.51
C LEU A 122 0.87 9.67 -12.99
N GLY A 123 0.67 8.53 -13.66
CA GLY A 123 0.58 8.43 -15.09
C GLY A 123 1.98 8.15 -15.65
N GLY B 1 -10.41 -20.70 6.50
CA GLY B 1 -9.09 -20.38 5.90
C GLY B 1 -8.98 -18.90 5.54
N ALA B 2 -8.17 -18.14 6.29
CA ALA B 2 -8.03 -16.69 6.13
C ALA B 2 -6.57 -16.23 6.22
N LYS B 3 -5.60 -17.12 6.00
CA LYS B 3 -4.18 -16.73 5.98
C LYS B 3 -3.87 -15.84 4.77
N ARG B 4 -2.77 -15.08 4.87
CA ARG B 4 -2.16 -14.26 3.81
C ARG B 4 -2.46 -14.82 2.42
N HIS B 5 -3.00 -13.96 1.55
CA HIS B 5 -3.58 -14.38 0.30
C HIS B 5 -2.87 -13.93 -0.98
N ARG B 6 -2.14 -12.79 -0.95
CA ARG B 6 -1.56 -12.13 -2.13
C ARG B 6 -0.13 -11.70 -1.83
N VAL B 8 2.05 -10.30 -0.03
CA VAL B 8 2.50 -9.12 0.71
C VAL B 8 4.03 -9.25 0.99
N LEU B 9 4.41 -9.28 2.27
CA LEU B 9 5.75 -9.39 2.81
C LEU B 9 6.58 -10.55 2.27
N ARG B 10 7.89 -10.47 2.52
CA ARG B 10 8.81 -11.57 2.31
C ARG B 10 9.05 -12.23 3.67
N ASP B 11 9.17 -13.56 3.70
CA ASP B 11 9.30 -14.35 4.93
C ASP B 11 10.46 -15.34 4.87
N ASN B 12 11.08 -15.51 3.70
CA ASN B 12 12.34 -16.24 3.54
C ASN B 12 13.47 -15.26 3.69
N ILE B 13 13.74 -14.90 4.94
CA ILE B 13 14.65 -13.80 5.21
C ILE B 13 15.74 -14.17 6.21
N GLN B 14 15.77 -15.43 6.63
CA GLN B 14 16.59 -15.92 7.72
C GLN B 14 17.37 -17.14 7.24
N GLY A 1 19.11 13.03 0.53
CA GLY A 1 19.13 14.47 0.90
C GLY A 1 17.74 15.08 0.84
N HIS A 2 17.55 16.11 0.00
CA HIS A 2 16.25 16.72 -0.24
C HIS A 2 15.31 15.75 -0.99
N MET A 3 14.03 16.11 -1.06
CA MET A 3 13.04 15.42 -1.90
C MET A 3 13.50 15.43 -3.37
N ASN A 4 13.15 14.40 -4.13
CA ASN A 4 13.47 14.29 -5.54
C ASN A 4 12.28 13.68 -6.28
N SER A 5 12.16 13.98 -7.57
CA SER A 5 11.04 13.59 -8.40
C SER A 5 10.89 12.07 -8.40
N PHE A 6 9.78 11.58 -7.82
CA PHE A 6 9.39 10.17 -7.68
C PHE A 6 10.35 9.37 -6.80
N VAL A 7 11.60 9.25 -7.20
CA VAL A 7 12.62 8.45 -6.58
C VAL A 7 12.82 8.90 -5.13
N GLY A 8 12.44 8.03 -4.18
CA GLY A 8 12.56 8.23 -2.75
C GLY A 8 11.20 8.40 -2.04
N LEU A 9 10.13 8.67 -2.78
CA LEU A 9 8.80 8.93 -2.20
C LEU A 9 8.17 7.63 -1.73
N ARG A 10 7.55 7.65 -0.55
CA ARG A 10 6.69 6.56 -0.07
C ARG A 10 5.36 6.73 -0.79
N VAL A 11 4.88 5.66 -1.42
CA VAL A 11 3.71 5.66 -2.28
C VAL A 11 3.02 4.31 -2.10
N VAL A 12 1.88 4.09 -2.77
CA VAL A 12 1.24 2.79 -2.85
C VAL A 12 1.31 2.41 -4.32
N ALA A 13 1.52 1.14 -4.64
CA ALA A 13 1.83 0.65 -5.97
C ALA A 13 1.12 -0.67 -6.17
N LYS A 14 0.74 -1.00 -7.39
CA LYS A 14 0.11 -2.28 -7.68
C LYS A 14 1.21 -3.30 -7.88
N TRP A 15 1.02 -4.49 -7.33
CA TRP A 15 1.86 -5.63 -7.62
C TRP A 15 1.49 -6.10 -9.03
N SER A 16 2.40 -5.89 -9.98
CA SER A 16 2.21 -6.03 -11.42
C SER A 16 1.73 -7.41 -11.90
N SER A 17 1.82 -8.47 -11.09
CA SER A 17 1.25 -9.79 -11.38
C SER A 17 -0.28 -9.79 -11.19
N ASN A 18 -0.94 -8.78 -11.79
CA ASN A 18 -2.36 -8.42 -11.66
C ASN A 18 -2.93 -8.60 -10.25
N GLY A 19 -2.27 -7.99 -9.25
CA GLY A 19 -2.65 -8.10 -7.85
C GLY A 19 -3.10 -6.77 -7.25
N TYR A 20 -3.01 -6.68 -5.93
CA TYR A 20 -3.46 -5.55 -5.14
C TYR A 20 -2.39 -4.46 -5.05
N PHE A 21 -2.66 -3.44 -4.23
CA PHE A 21 -1.92 -2.21 -4.11
C PHE A 21 -1.33 -2.18 -2.70
N TYR A 22 0.01 -2.02 -2.61
CA TYR A 22 0.79 -2.17 -1.39
C TYR A 22 1.74 -0.97 -1.25
N SER A 23 2.12 -0.64 -0.03
CA SER A 23 3.04 0.45 0.26
C SER A 23 4.45 0.14 -0.24
N GLY A 24 5.18 1.14 -0.72
CA GLY A 24 6.60 1.00 -1.05
C GLY A 24 7.26 2.33 -1.23
N LYS A 25 8.57 2.33 -1.48
CA LYS A 25 9.34 3.52 -1.86
C LYS A 25 9.77 3.33 -3.28
N ILE A 26 9.69 4.38 -4.10
CA ILE A 26 10.18 4.34 -5.47
C ILE A 26 11.70 4.31 -5.37
N THR A 27 12.32 3.24 -5.85
CA THR A 27 13.76 3.05 -5.72
C THR A 27 14.49 3.77 -6.86
N ARG A 28 13.91 3.73 -8.07
CA ARG A 28 14.51 4.27 -9.29
C ARG A 28 13.46 4.30 -10.41
N ASP A 29 13.42 5.38 -11.18
CA ASP A 29 12.63 5.46 -12.43
C ASP A 29 13.32 4.51 -13.42
N VAL A 30 12.69 3.37 -13.68
CA VAL A 30 13.25 2.33 -14.55
C VAL A 30 13.44 2.93 -15.95
N GLY A 31 12.37 3.50 -16.50
CA GLY A 31 12.35 4.12 -17.81
C GLY A 31 10.96 3.94 -18.41
N ALA A 32 10.63 4.72 -19.44
CA ALA A 32 9.38 4.65 -20.20
C ALA A 32 8.07 4.77 -19.39
N GLY A 33 8.16 5.15 -18.11
CA GLY A 33 7.04 5.29 -17.20
C GLY A 33 7.05 4.20 -16.14
N LYS A 34 7.89 3.16 -16.26
CA LYS A 34 8.08 2.22 -15.17
C LYS A 34 8.93 2.89 -14.11
N TYR A 35 8.58 2.70 -12.85
CA TYR A 35 9.36 3.07 -11.70
C TYR A 35 9.47 1.79 -10.86
N LYS A 36 10.66 1.44 -10.39
CA LYS A 36 10.83 0.29 -9.52
C LYS A 36 10.48 0.69 -8.11
N LEU A 37 9.87 -0.25 -7.40
CA LEU A 37 9.25 -0.04 -6.12
C LEU A 37 9.77 -1.10 -5.17
N LEU A 38 10.48 -0.66 -4.14
CA LEU A 38 10.84 -1.49 -3.01
C LEU A 38 9.60 -1.40 -2.14
N PHE A 39 8.74 -2.39 -2.28
CA PHE A 39 7.61 -2.53 -1.39
C PHE A 39 8.14 -2.62 0.03
N ASP A 40 7.42 -2.04 0.99
CA ASP A 40 7.74 -2.19 2.42
C ASP A 40 7.52 -3.65 2.83
N ASP A 41 6.66 -4.33 2.08
CA ASP A 41 6.43 -5.77 2.11
C ASP A 41 7.70 -6.56 1.77
N GLY A 42 8.75 -5.91 1.26
CA GLY A 42 10.08 -6.47 1.11
C GLY A 42 10.32 -7.01 -0.30
N TYR A 43 9.32 -6.97 -1.19
CA TYR A 43 9.53 -7.27 -2.60
C TYR A 43 10.12 -6.03 -3.31
N GLU A 44 10.73 -6.20 -4.48
CA GLU A 44 11.24 -5.10 -5.33
C GLU A 44 10.86 -5.42 -6.77
N CYS A 45 10.07 -4.55 -7.41
CA CYS A 45 9.47 -4.85 -8.70
C CYS A 45 9.26 -3.55 -9.50
N ASP A 46 9.36 -3.60 -10.83
CA ASP A 46 8.94 -2.51 -11.69
C ASP A 46 7.42 -2.42 -11.64
N VAL A 47 6.90 -1.19 -11.64
CA VAL A 47 5.47 -0.88 -11.68
C VAL A 47 5.34 0.32 -12.63
N LEU A 48 4.36 0.32 -13.53
CA LEU A 48 4.13 1.41 -14.46
C LEU A 48 3.50 2.61 -13.74
N GLY A 49 3.71 3.83 -14.23
CA GLY A 49 3.25 5.06 -13.59
C GLY A 49 1.76 5.08 -13.29
N LYS A 50 0.92 4.57 -14.21
CA LYS A 50 -0.52 4.54 -13.94
C LYS A 50 -0.87 3.65 -12.75
N ASP A 51 0.01 2.74 -12.35
CA ASP A 51 -0.20 1.75 -11.30
C ASP A 51 0.44 2.19 -9.97
N ILE A 52 0.81 3.46 -9.79
CA ILE A 52 1.43 3.98 -8.55
C ILE A 52 0.66 5.22 -8.14
N LEU A 53 0.43 5.35 -6.84
CA LEU A 53 -0.44 6.31 -6.17
C LEU A 53 0.47 7.03 -5.18
N LEU A 54 0.75 8.31 -5.39
CA LEU A 54 1.81 8.99 -4.61
C LEU A 54 1.35 10.04 -3.60
N CYS A 55 0.04 10.26 -3.48
CA CYS A 55 -0.55 11.17 -2.52
C CYS A 55 -1.66 10.37 -1.85
N ASP A 56 -1.33 9.14 -1.40
CA ASP A 56 -2.32 8.16 -0.97
C ASP A 56 -2.29 7.71 0.50
N PRO A 57 -2.26 8.63 1.49
CA PRO A 57 -2.52 8.22 2.86
C PRO A 57 -4.02 7.82 2.78
N ILE A 58 -4.41 6.62 3.20
CA ILE A 58 -5.75 6.12 2.90
C ILE A 58 -6.80 7.07 3.50
N PRO A 59 -7.71 7.64 2.69
CA PRO A 59 -8.81 8.44 3.22
C PRO A 59 -9.74 7.59 4.06
N LEU A 60 -10.25 8.20 5.12
CA LEU A 60 -11.16 7.56 6.03
C LEU A 60 -12.46 7.24 5.27
N ASP A 61 -13.13 6.16 5.64
CA ASP A 61 -14.29 5.55 4.98
C ASP A 61 -13.94 4.74 3.71
N THR A 62 -12.68 4.78 3.26
CA THR A 62 -12.23 3.92 2.17
C THR A 62 -12.19 2.48 2.68
N GLU A 63 -12.69 1.56 1.84
CA GLU A 63 -12.61 0.14 2.08
C GLU A 63 -11.18 -0.29 1.78
N VAL A 64 -10.63 -1.18 2.60
CA VAL A 64 -9.27 -1.67 2.48
C VAL A 64 -9.24 -3.12 2.96
N THR A 65 -8.24 -3.86 2.50
CA THR A 65 -7.90 -5.17 3.00
C THR A 65 -6.87 -4.92 4.11
N ALA A 66 -6.83 -5.80 5.12
CA ALA A 66 -5.99 -5.70 6.28
C ALA A 66 -5.33 -7.06 6.49
N LEU A 67 -4.02 -7.09 6.74
CA LEU A 67 -3.25 -8.32 6.97
C LEU A 67 -2.61 -8.22 8.36
N SER A 68 -2.99 -9.10 9.27
CA SER A 68 -2.31 -9.25 10.55
C SER A 68 -0.86 -9.72 10.35
N GLU A 69 -0.01 -9.60 11.37
CA GLU A 69 1.37 -10.06 11.29
C GLU A 69 1.40 -11.60 11.20
N ASP A 70 0.41 -12.29 11.79
CA ASP A 70 0.18 -13.73 11.60
C ASP A 70 -0.62 -14.00 10.31
N GLU A 71 -0.48 -13.08 9.34
CA GLU A 71 -0.93 -13.11 7.95
C GLU A 71 -2.41 -13.48 7.73
N TYR A 72 -3.28 -13.32 8.72
CA TYR A 72 -4.72 -13.44 8.49
C TYR A 72 -5.17 -12.26 7.62
N PHE A 73 -5.90 -12.56 6.55
CA PHE A 73 -6.38 -11.62 5.54
C PHE A 73 -7.87 -11.38 5.83
N SER A 74 -8.28 -10.11 5.85
CA SER A 74 -9.68 -9.69 5.94
C SER A 74 -9.84 -8.34 5.23
N ALA A 75 -11.07 -7.84 5.08
CA ALA A 75 -11.31 -6.48 4.60
C ALA A 75 -12.29 -5.76 5.52
N GLY A 76 -12.22 -4.44 5.50
CA GLY A 76 -12.91 -3.53 6.41
C GLY A 76 -12.73 -2.11 5.90
N VAL A 77 -12.90 -1.10 6.75
CA VAL A 77 -12.88 0.30 6.33
C VAL A 77 -12.03 1.11 7.28
N VAL A 78 -11.26 2.06 6.76
CA VAL A 78 -10.53 3.02 7.59
C VAL A 78 -11.54 3.86 8.37
N LYS A 79 -11.34 4.05 9.68
CA LYS A 79 -12.12 5.01 10.49
C LYS A 79 -11.22 5.85 11.40
N GLY A 80 -9.90 5.81 11.24
CA GLY A 80 -8.99 6.68 11.95
C GLY A 80 -7.54 6.39 11.59
N HIS A 81 -6.64 7.08 12.28
CA HIS A 81 -5.21 7.15 12.02
C HIS A 81 -4.44 7.15 13.32
N ARG A 82 -3.19 6.67 13.29
CA ARG A 82 -2.24 6.74 14.40
C ARG A 82 -0.85 6.88 13.81
N LYS A 83 0.08 7.37 14.61
CA LYS A 83 1.51 7.37 14.30
C LYS A 83 2.20 6.74 15.51
N GLU A 84 3.02 5.73 15.27
CA GLU A 84 3.73 4.99 16.30
C GLU A 84 5.09 4.60 15.71
N SER A 85 6.16 4.74 16.48
CA SER A 85 7.53 4.46 16.05
C SER A 85 7.90 5.16 14.72
N GLY A 86 7.31 6.34 14.47
CA GLY A 86 7.53 7.11 13.26
C GLY A 86 6.97 6.40 12.02
N GLU A 87 5.87 5.64 12.15
CA GLU A 87 5.28 4.85 11.10
C GLU A 87 3.76 5.05 11.16
N LEU A 88 3.10 4.90 10.00
CA LEU A 88 1.70 5.24 9.80
C LEU A 88 0.79 4.04 10.02
N TYR A 89 -0.27 4.27 10.78
CA TYR A 89 -1.27 3.29 11.18
C TYR A 89 -2.65 3.83 10.86
N TYR A 90 -3.58 2.90 10.68
CA TYR A 90 -4.98 3.17 10.39
C TYR A 90 -5.78 2.27 11.30
N SER A 91 -6.82 2.80 11.93
CA SER A 91 -7.78 2.00 12.65
C SER A 91 -8.79 1.53 11.61
N ILE A 92 -8.69 0.27 11.22
CA ILE A 92 -9.61 -0.34 10.28
C ILE A 92 -10.79 -0.83 11.11
N GLU A 93 -11.95 -0.20 10.98
CA GLU A 93 -13.16 -0.74 11.55
C GLU A 93 -13.52 -1.96 10.71
N LYS A 94 -13.79 -3.06 11.41
CA LYS A 94 -14.21 -4.31 10.83
C LYS A 94 -15.19 -4.91 11.82
N GLU A 95 -16.29 -5.48 11.35
CA GLU A 95 -17.32 -6.08 12.22
C GLU A 95 -17.81 -5.11 13.31
N GLY A 96 -17.82 -3.82 13.00
CA GLY A 96 -18.35 -2.78 13.89
C GLY A 96 -17.42 -2.46 15.07
N GLN A 97 -16.13 -2.81 14.98
CA GLN A 97 -15.13 -2.48 16.00
C GLN A 97 -13.81 -2.10 15.33
N ARG A 98 -13.02 -1.22 15.94
CA ARG A 98 -11.77 -0.73 15.35
C ARG A 98 -10.64 -1.73 15.64
N LYS A 99 -9.77 -1.94 14.66
CA LYS A 99 -8.58 -2.78 14.78
C LYS A 99 -7.44 -1.98 14.16
N TRP A 100 -6.31 -1.83 14.85
CA TRP A 100 -5.18 -1.07 14.31
C TRP A 100 -4.39 -1.94 13.32
N TYR A 101 -4.06 -1.38 12.16
CA TYR A 101 -3.16 -1.97 11.18
C TYR A 101 -2.20 -0.89 10.66
N LYS A 102 -1.08 -1.32 10.08
CA LYS A 102 -0.01 -0.44 9.57
C LYS A 102 -0.13 -0.26 8.07
N ARG A 103 0.42 0.80 7.47
CA ARG A 103 0.19 1.06 6.04
C ARG A 103 0.44 -0.16 5.14
N MET A 104 1.55 -0.88 5.34
CA MET A 104 1.85 -2.01 4.45
C MET A 104 0.93 -3.20 4.68
N ALA A 105 0.23 -3.23 5.81
CA ALA A 105 -0.80 -4.20 6.12
C ALA A 105 -2.16 -3.73 5.61
N VAL A 106 -2.37 -2.43 5.43
CA VAL A 106 -3.60 -1.86 4.95
C VAL A 106 -3.40 -1.78 3.44
N ILE A 107 -3.74 -2.87 2.76
CA ILE A 107 -3.51 -3.03 1.35
C ILE A 107 -4.83 -2.66 0.68
N LEU A 108 -4.76 -2.02 -0.46
CA LEU A 108 -5.95 -1.63 -1.19
C LEU A 108 -6.12 -2.72 -2.24
N SER A 109 -7.35 -3.18 -2.44
CA SER A 109 -7.67 -4.04 -3.56
C SER A 109 -7.42 -3.27 -4.84
N LEU A 110 -7.45 -3.96 -5.98
CA LEU A 110 -7.35 -3.29 -7.27
C LEU A 110 -8.52 -2.34 -7.52
N GLU A 111 -9.71 -2.64 -7.04
CA GLU A 111 -10.87 -1.76 -7.27
C GLU A 111 -10.74 -0.54 -6.34
N GLN A 112 -10.31 -0.76 -5.10
CA GLN A 112 -10.15 0.29 -4.11
C GLN A 112 -9.03 1.23 -4.57
N GLY A 113 -7.88 0.68 -5.00
CA GLY A 113 -6.76 1.42 -5.60
C GLY A 113 -7.18 2.20 -6.84
N ASN A 114 -8.08 1.65 -7.66
CA ASN A 114 -8.53 2.31 -8.89
C ASN A 114 -9.22 3.62 -8.57
N ARG A 115 -10.11 3.64 -7.57
CA ARG A 115 -10.83 4.85 -7.17
C ARG A 115 -9.88 5.95 -6.69
N LEU A 116 -8.61 5.62 -6.47
CA LEU A 116 -7.59 6.51 -5.96
C LEU A 116 -6.64 6.85 -7.11
N ARG A 117 -6.48 5.97 -8.11
CA ARG A 117 -5.69 6.18 -9.33
C ARG A 117 -6.12 7.43 -10.06
N GLU A 118 -7.42 7.67 -10.13
CA GLU A 118 -8.00 8.83 -10.82
C GLU A 118 -7.50 10.17 -10.26
N GLN A 119 -6.99 10.22 -9.02
CA GLN A 119 -6.46 11.44 -8.41
C GLN A 119 -4.94 11.35 -8.18
N TYR A 120 -4.46 10.19 -7.73
CA TYR A 120 -3.10 9.99 -7.23
C TYR A 120 -2.17 9.28 -8.21
N GLY A 121 -2.72 8.74 -9.30
CA GLY A 121 -1.97 8.01 -10.32
C GLY A 121 -0.85 8.88 -10.89
N LEU A 122 0.37 8.33 -11.00
CA LEU A 122 1.47 9.09 -11.59
C LEU A 122 1.19 9.34 -13.07
N GLY A 123 0.73 8.28 -13.75
CA GLY A 123 0.55 8.24 -15.18
C GLY A 123 -0.73 9.00 -15.56
N GLY B 1 -7.76 -21.57 7.19
CA GLY B 1 -8.51 -20.58 6.37
C GLY B 1 -8.13 -19.13 6.69
N ALA B 2 -8.81 -18.18 6.03
CA ALA B 2 -8.68 -16.72 6.21
C ALA B 2 -7.24 -16.19 6.14
N LYS B 3 -6.33 -16.85 5.42
CA LYS B 3 -4.90 -16.53 5.44
C LYS B 3 -4.52 -15.79 4.16
N ARG B 4 -3.39 -15.06 4.21
CA ARG B 4 -2.75 -14.26 3.14
C ARG B 4 -3.10 -14.78 1.75
N HIS B 5 -4.11 -14.13 1.16
CA HIS B 5 -4.78 -14.56 -0.06
C HIS B 5 -4.01 -14.17 -1.33
N ARG B 6 -3.24 -13.09 -1.24
CA ARG B 6 -2.37 -12.50 -2.25
C ARG B 6 -1.12 -12.11 -1.45
N VAL B 8 1.95 -10.54 0.44
CA VAL B 8 2.39 -9.41 1.21
C VAL B 8 3.57 -9.98 2.01
N LEU B 9 4.32 -9.11 2.68
CA LEU B 9 5.42 -9.33 3.60
C LEU B 9 6.52 -10.33 3.15
N ARG B 10 7.68 -10.27 3.80
CA ARG B 10 8.81 -11.16 3.49
C ARG B 10 9.72 -11.20 4.71
N ASP B 11 10.46 -12.30 4.90
CA ASP B 11 11.44 -12.40 6.00
C ASP B 11 12.59 -11.39 5.78
N ASN B 12 12.86 -11.09 4.50
CA ASN B 12 13.71 -10.02 3.94
C ASN B 12 15.20 -10.16 4.01
N ILE B 13 15.70 -11.06 4.83
CA ILE B 13 17.12 -11.28 4.96
C ILE B 13 17.66 -12.20 3.85
N GLN B 14 16.80 -12.47 2.87
CA GLN B 14 16.93 -13.47 1.84
C GLN B 14 17.02 -12.76 0.50
N GLY A 1 18.25 16.87 1.03
CA GLY A 1 17.15 17.19 0.08
C GLY A 1 15.79 17.08 0.75
N HIS A 2 15.03 18.19 0.78
CA HIS A 2 13.70 18.24 1.40
C HIS A 2 12.69 17.36 0.66
N MET A 3 12.83 17.25 -0.67
CA MET A 3 12.02 16.42 -1.56
C MET A 3 12.92 15.94 -2.69
N ASN A 4 12.52 14.87 -3.39
CA ASN A 4 13.16 14.43 -4.62
C ASN A 4 12.10 13.90 -5.57
N SER A 5 12.33 14.06 -6.88
CA SER A 5 11.43 13.61 -7.91
C SER A 5 11.34 12.09 -7.91
N PHE A 6 10.22 11.55 -7.41
CA PHE A 6 9.82 10.14 -7.38
C PHE A 6 10.74 9.25 -6.56
N VAL A 7 12.01 9.13 -6.94
CA VAL A 7 12.92 8.17 -6.35
C VAL A 7 13.14 8.52 -4.87
N GLY A 8 12.83 7.58 -3.98
CA GLY A 8 12.93 7.71 -2.52
C GLY A 8 11.56 7.85 -1.85
N LEU A 9 10.52 8.31 -2.57
CA LEU A 9 9.20 8.60 -1.99
C LEU A 9 8.46 7.33 -1.65
N ARG A 10 7.89 7.29 -0.44
CA ARG A 10 6.95 6.23 -0.06
C ARG A 10 5.63 6.57 -0.74
N VAL A 11 5.04 5.59 -1.39
CA VAL A 11 3.86 5.68 -2.24
C VAL A 11 3.14 4.34 -2.11
N VAL A 12 2.00 4.18 -2.77
CA VAL A 12 1.34 2.90 -2.94
C VAL A 12 1.50 2.57 -4.41
N ALA A 13 1.49 1.30 -4.79
CA ALA A 13 1.62 0.89 -6.17
C ALA A 13 0.81 -0.37 -6.36
N LYS A 14 0.38 -0.65 -7.59
CA LYS A 14 -0.31 -1.90 -7.87
C LYS A 14 0.74 -2.95 -8.10
N TRP A 15 0.45 -4.14 -7.60
CA TRP A 15 1.22 -5.33 -7.90
C TRP A 15 0.52 -6.00 -9.08
N SER A 16 1.10 -5.87 -10.28
CA SER A 16 0.46 -6.28 -11.53
C SER A 16 0.01 -7.75 -11.52
N SER A 17 0.80 -8.64 -10.92
CA SER A 17 0.60 -10.07 -11.01
C SER A 17 -0.57 -10.61 -10.18
N ASN A 18 -1.12 -9.84 -9.21
CA ASN A 18 -2.28 -10.26 -8.41
C ASN A 18 -3.26 -9.12 -8.08
N GLY A 19 -3.12 -7.96 -8.72
CA GLY A 19 -4.13 -6.90 -8.70
C GLY A 19 -4.06 -5.86 -7.59
N TYR A 20 -3.74 -6.22 -6.36
CA TYR A 20 -3.89 -5.32 -5.22
C TYR A 20 -2.78 -4.28 -5.16
N PHE A 21 -2.96 -3.30 -4.28
CA PHE A 21 -2.14 -2.10 -4.22
C PHE A 21 -1.47 -2.10 -2.85
N TYR A 22 -0.14 -1.96 -2.84
CA TYR A 22 0.70 -2.16 -1.65
C TYR A 22 1.65 -0.96 -1.50
N SER A 23 2.02 -0.65 -0.26
CA SER A 23 2.98 0.42 0.03
C SER A 23 4.38 0.03 -0.46
N GLY A 24 5.16 1.01 -0.92
CA GLY A 24 6.55 0.80 -1.27
C GLY A 24 7.28 2.13 -1.41
N LYS A 25 8.60 2.08 -1.58
CA LYS A 25 9.42 3.25 -1.91
C LYS A 25 9.81 3.10 -3.37
N ILE A 26 9.72 4.18 -4.15
CA ILE A 26 10.21 4.15 -5.52
C ILE A 26 11.72 4.03 -5.43
N THR A 27 12.31 2.98 -6.00
CA THR A 27 13.74 2.73 -5.90
C THR A 27 14.46 3.45 -7.03
N ARG A 28 13.78 3.58 -8.19
CA ARG A 28 14.39 4.09 -9.42
C ARG A 28 13.34 4.31 -10.50
N ASP A 29 13.48 5.35 -11.31
CA ASP A 29 12.72 5.49 -12.54
C ASP A 29 13.39 4.48 -13.47
N VAL A 30 12.70 3.40 -13.83
CA VAL A 30 13.22 2.38 -14.70
C VAL A 30 13.47 3.01 -16.08
N GLY A 31 12.42 3.65 -16.63
CA GLY A 31 12.44 4.32 -17.91
C GLY A 31 11.05 4.21 -18.53
N ALA A 32 10.77 5.02 -19.54
CA ALA A 32 9.52 5.02 -20.31
C ALA A 32 8.23 5.20 -19.50
N GLY A 33 8.33 5.54 -18.22
CA GLY A 33 7.22 5.73 -17.31
C GLY A 33 7.15 4.63 -16.28
N LYS A 34 7.93 3.55 -16.40
CA LYS A 34 8.04 2.56 -15.34
C LYS A 34 8.93 3.15 -14.25
N TYR A 35 8.56 2.89 -13.00
CA TYR A 35 9.37 3.15 -11.82
C TYR A 35 9.38 1.84 -11.04
N LYS A 36 10.55 1.41 -10.57
CA LYS A 36 10.67 0.22 -9.75
C LYS A 36 10.36 0.58 -8.32
N LEU A 37 9.71 -0.35 -7.62
CA LEU A 37 9.12 -0.13 -6.31
C LEU A 37 9.61 -1.22 -5.39
N LEU A 38 10.33 -0.85 -4.34
CA LEU A 38 10.68 -1.70 -3.23
C LEU A 38 9.46 -1.62 -2.34
N PHE A 39 8.56 -2.57 -2.54
CA PHE A 39 7.40 -2.74 -1.67
C PHE A 39 7.91 -2.97 -0.25
N ASP A 40 7.12 -2.55 0.73
CA ASP A 40 7.44 -2.79 2.15
C ASP A 40 7.42 -4.30 2.45
N ASP A 41 6.83 -5.09 1.54
CA ASP A 41 6.83 -6.53 1.55
C ASP A 41 8.25 -7.09 1.48
N GLY A 42 9.18 -6.30 0.92
CA GLY A 42 10.52 -6.71 0.56
C GLY A 42 10.62 -7.06 -0.93
N TYR A 43 9.49 -7.16 -1.64
CA TYR A 43 9.47 -7.33 -3.11
C TYR A 43 10.03 -6.09 -3.82
N GLU A 44 10.54 -6.25 -5.04
CA GLU A 44 11.06 -5.18 -5.89
C GLU A 44 10.74 -5.53 -7.34
N CYS A 45 9.80 -4.81 -7.96
CA CYS A 45 9.43 -4.96 -9.36
C CYS A 45 9.12 -3.60 -9.96
N ASP A 46 9.13 -3.52 -11.28
CA ASP A 46 8.66 -2.36 -12.03
C ASP A 46 7.14 -2.23 -11.91
N VAL A 47 6.67 -0.99 -11.93
CA VAL A 47 5.26 -0.62 -12.03
C VAL A 47 5.22 0.60 -12.96
N LEU A 48 4.22 0.69 -13.85
CA LEU A 48 4.06 1.86 -14.72
C LEU A 48 3.51 3.03 -13.93
N GLY A 49 3.84 4.27 -14.33
CA GLY A 49 3.50 5.50 -13.62
C GLY A 49 2.02 5.61 -13.28
N LYS A 50 1.14 5.17 -14.18
CA LYS A 50 -0.30 5.25 -13.92
C LYS A 50 -0.66 4.50 -12.64
N ASP A 51 0.02 3.39 -12.40
CA ASP A 51 -0.27 2.42 -11.34
C ASP A 51 0.48 2.70 -10.03
N ILE A 52 1.05 3.90 -9.84
CA ILE A 52 1.76 4.27 -8.61
C ILE A 52 1.04 5.51 -8.09
N LEU A 53 0.64 5.49 -6.82
CA LEU A 53 -0.24 6.43 -6.17
C LEU A 53 0.60 7.14 -5.13
N LEU A 54 0.89 8.43 -5.32
CA LEU A 54 1.88 9.14 -4.48
C LEU A 54 1.29 10.20 -3.54
N CYS A 55 -0.03 10.37 -3.55
CA CYS A 55 -0.76 11.29 -2.69
C CYS A 55 -1.81 10.44 -1.95
N ASP A 56 -1.42 9.24 -1.48
CA ASP A 56 -2.37 8.23 -1.01
C ASP A 56 -2.36 7.80 0.47
N PRO A 57 -2.44 8.72 1.44
CA PRO A 57 -2.72 8.31 2.81
C PRO A 57 -4.20 7.88 2.71
N ILE A 58 -4.56 6.65 3.13
CA ILE A 58 -5.88 6.11 2.82
C ILE A 58 -6.96 7.04 3.40
N PRO A 59 -7.87 7.60 2.59
CA PRO A 59 -8.95 8.41 3.11
C PRO A 59 -9.92 7.55 3.90
N LEU A 60 -10.42 8.12 4.97
CA LEU A 60 -11.30 7.44 5.90
C LEU A 60 -12.60 7.10 5.16
N ASP A 61 -13.20 5.96 5.53
CA ASP A 61 -14.37 5.34 4.92
C ASP A 61 -14.04 4.53 3.65
N THR A 62 -12.79 4.57 3.15
CA THR A 62 -12.34 3.70 2.08
C THR A 62 -12.27 2.26 2.61
N GLU A 63 -12.71 1.31 1.80
CA GLU A 63 -12.56 -0.10 2.06
C GLU A 63 -11.12 -0.48 1.74
N VAL A 64 -10.54 -1.34 2.57
CA VAL A 64 -9.18 -1.82 2.44
C VAL A 64 -9.11 -3.25 2.96
N THR A 65 -8.12 -3.98 2.49
CA THR A 65 -7.76 -5.28 3.03
C THR A 65 -6.73 -4.99 4.13
N ALA A 66 -6.69 -5.84 5.15
CA ALA A 66 -5.85 -5.72 6.33
C ALA A 66 -5.15 -7.06 6.52
N LEU A 67 -3.84 -7.05 6.81
CA LEU A 67 -3.05 -8.26 7.06
C LEU A 67 -2.46 -8.15 8.45
N SER A 68 -2.86 -9.06 9.36
CA SER A 68 -2.26 -9.18 10.69
C SER A 68 -0.79 -9.57 10.62
N GLU A 69 -0.07 -9.43 11.75
CA GLU A 69 1.33 -9.84 11.84
C GLU A 69 1.46 -11.36 11.64
N ASP A 70 0.45 -12.13 12.09
CA ASP A 70 0.35 -13.57 11.80
C ASP A 70 -0.36 -13.81 10.46
N GLU A 71 -0.30 -12.83 9.56
CA GLU A 71 -0.69 -12.88 8.17
C GLU A 71 -2.20 -13.12 7.91
N TYR A 72 -3.08 -13.18 8.91
CA TYR A 72 -4.50 -13.34 8.64
C TYR A 72 -5.00 -12.16 7.80
N PHE A 73 -5.74 -12.48 6.74
CA PHE A 73 -6.17 -11.59 5.66
C PHE A 73 -7.68 -11.40 5.84
N SER A 74 -8.12 -10.14 5.87
CA SER A 74 -9.52 -9.77 5.90
C SER A 74 -9.69 -8.42 5.20
N ALA A 75 -10.92 -7.94 5.01
CA ALA A 75 -11.19 -6.58 4.56
C ALA A 75 -12.17 -5.89 5.50
N GLY A 76 -12.09 -4.57 5.52
CA GLY A 76 -12.80 -3.68 6.43
C GLY A 76 -12.62 -2.24 5.93
N VAL A 77 -12.86 -1.24 6.76
CA VAL A 77 -12.87 0.16 6.34
C VAL A 77 -12.06 1.01 7.29
N VAL A 78 -11.29 1.96 6.75
CA VAL A 78 -10.59 2.93 7.57
C VAL A 78 -11.62 3.77 8.32
N LYS A 79 -11.45 3.98 9.63
CA LYS A 79 -12.25 4.94 10.40
C LYS A 79 -11.37 5.84 11.28
N GLY A 80 -10.05 5.79 11.14
CA GLY A 80 -9.15 6.68 11.87
C GLY A 80 -7.69 6.41 11.53
N HIS A 81 -6.81 7.13 12.21
CA HIS A 81 -5.37 7.21 11.94
C HIS A 81 -4.55 7.28 13.23
N ARG A 82 -3.28 6.88 13.15
CA ARG A 82 -2.27 7.02 14.19
C ARG A 82 -0.91 7.19 13.51
N LYS A 83 0.06 7.78 14.22
CA LYS A 83 1.45 7.90 13.78
C LYS A 83 2.29 7.49 14.97
N GLU A 84 3.09 6.43 14.82
CA GLU A 84 3.88 5.87 15.90
C GLU A 84 5.13 5.23 15.31
N SER A 85 6.26 5.30 16.01
CA SER A 85 7.54 4.74 15.57
C SER A 85 7.94 5.21 14.15
N GLY A 86 7.49 6.41 13.75
CA GLY A 86 7.72 6.94 12.42
C GLY A 86 7.04 6.11 11.33
N GLU A 87 5.88 5.49 11.61
CA GLU A 87 5.13 4.71 10.65
C GLU A 87 3.66 5.10 10.83
N LEU A 88 2.91 4.97 9.74
CA LEU A 88 1.53 5.40 9.65
C LEU A 88 0.62 4.22 9.89
N TYR A 89 -0.43 4.46 10.67
CA TYR A 89 -1.37 3.46 11.13
C TYR A 89 -2.78 3.93 10.80
N TYR A 90 -3.68 2.97 10.65
CA TYR A 90 -5.08 3.20 10.35
C TYR A 90 -5.87 2.29 11.28
N SER A 91 -6.90 2.82 11.92
CA SER A 91 -7.85 2.01 12.65
C SER A 91 -8.86 1.52 11.62
N ILE A 92 -8.74 0.26 11.23
CA ILE A 92 -9.63 -0.38 10.28
C ILE A 92 -10.79 -0.90 11.11
N GLU A 93 -11.97 -0.32 10.97
CA GLU A 93 -13.17 -0.88 11.54
C GLU A 93 -13.48 -2.12 10.71
N LYS A 94 -13.75 -3.23 11.41
CA LYS A 94 -14.17 -4.48 10.81
C LYS A 94 -15.15 -5.10 11.78
N GLU A 95 -16.24 -5.66 11.28
CA GLU A 95 -17.29 -6.29 12.11
C GLU A 95 -17.79 -5.34 13.22
N GLY A 96 -17.80 -4.04 12.94
CA GLY A 96 -18.35 -3.02 13.84
C GLY A 96 -17.44 -2.71 15.04
N GLN A 97 -16.15 -3.06 14.97
CA GLN A 97 -15.18 -2.72 16.01
C GLN A 97 -13.86 -2.29 15.34
N ARG A 98 -13.10 -1.39 15.97
CA ARG A 98 -11.86 -0.86 15.40
C ARG A 98 -10.72 -1.84 15.67
N LYS A 99 -9.81 -1.97 14.71
CA LYS A 99 -8.60 -2.80 14.80
C LYS A 99 -7.48 -1.99 14.18
N TRP A 100 -6.34 -1.82 14.85
CA TRP A 100 -5.23 -1.05 14.30
C TRP A 100 -4.44 -1.92 13.32
N TYR A 101 -4.10 -1.34 12.17
CA TYR A 101 -3.18 -1.92 11.19
C TYR A 101 -2.22 -0.82 10.70
N LYS A 102 -1.06 -1.23 10.18
CA LYS A 102 -0.02 -0.30 9.69
C LYS A 102 -0.14 -0.13 8.19
N ARG A 103 0.41 0.93 7.60
CA ARG A 103 0.13 1.25 6.19
C ARG A 103 0.40 0.08 5.25
N MET A 104 1.52 -0.64 5.40
CA MET A 104 1.84 -1.73 4.48
C MET A 104 0.93 -2.95 4.72
N ALA A 105 0.32 -3.05 5.89
CA ALA A 105 -0.69 -4.07 6.20
C ALA A 105 -2.06 -3.65 5.67
N VAL A 106 -2.32 -2.35 5.49
CA VAL A 106 -3.56 -1.81 4.99
C VAL A 106 -3.36 -1.70 3.48
N ILE A 107 -3.69 -2.78 2.78
CA ILE A 107 -3.48 -2.88 1.35
C ILE A 107 -4.81 -2.54 0.69
N LEU A 108 -4.74 -1.92 -0.49
CA LEU A 108 -5.94 -1.45 -1.15
C LEU A 108 -6.31 -2.52 -2.15
N SER A 109 -7.47 -3.13 -1.96
CA SER A 109 -8.04 -4.08 -2.90
C SER A 109 -8.13 -3.36 -4.26
N LEU A 110 -7.99 -4.08 -5.37
CA LEU A 110 -7.80 -3.47 -6.68
C LEU A 110 -8.84 -2.47 -7.15
N GLU A 111 -10.12 -2.63 -6.83
CA GLU A 111 -11.12 -1.61 -7.23
C GLU A 111 -10.98 -0.37 -6.34
N GLN A 112 -10.60 -0.56 -5.06
CA GLN A 112 -10.44 0.54 -4.11
C GLN A 112 -9.22 1.36 -4.51
N GLY A 113 -8.11 0.69 -4.81
CA GLY A 113 -6.89 1.32 -5.35
C GLY A 113 -7.22 2.12 -6.61
N ASN A 114 -8.04 1.56 -7.49
CA ASN A 114 -8.42 2.19 -8.77
C ASN A 114 -9.08 3.55 -8.55
N ARG A 115 -10.07 3.62 -7.65
CA ARG A 115 -10.79 4.86 -7.36
C ARG A 115 -9.89 5.98 -6.84
N LEU A 116 -8.67 5.65 -6.43
CA LEU A 116 -7.67 6.58 -5.92
C LEU A 116 -6.62 6.83 -7.02
N ARG A 117 -6.37 5.82 -7.87
CA ARG A 117 -5.39 5.84 -8.95
C ARG A 117 -5.71 6.96 -9.93
N GLU A 118 -6.99 7.21 -10.19
CA GLU A 118 -7.42 8.29 -11.07
C GLU A 118 -6.95 9.69 -10.62
N GLN A 119 -6.57 9.87 -9.35
CA GLN A 119 -6.09 11.14 -8.83
C GLN A 119 -4.59 11.07 -8.49
N TYR A 120 -4.18 9.96 -7.88
CA TYR A 120 -2.85 9.81 -7.29
C TYR A 120 -1.84 9.15 -8.21
N GLY A 121 -2.31 8.47 -9.26
CA GLY A 121 -1.51 7.93 -10.35
C GLY A 121 -0.47 8.96 -10.80
N LEU A 122 0.81 8.57 -10.90
CA LEU A 122 1.86 9.48 -11.35
C LEU A 122 1.59 9.92 -12.79
N GLY A 123 1.14 8.96 -13.60
CA GLY A 123 0.98 9.11 -15.02
C GLY A 123 -0.32 9.84 -15.31
N GLY B 1 -8.48 -21.47 7.62
CA GLY B 1 -9.11 -20.41 6.80
C GLY B 1 -8.54 -19.02 7.07
N ALA B 2 -8.92 -18.04 6.24
CA ALA B 2 -8.60 -16.60 6.33
C ALA B 2 -7.10 -16.24 6.37
N LYS B 3 -6.19 -17.16 6.05
CA LYS B 3 -4.74 -16.85 5.99
C LYS B 3 -4.43 -16.03 4.75
N ARG B 4 -3.32 -15.27 4.82
CA ARG B 4 -2.75 -14.45 3.75
C ARG B 4 -3.01 -15.02 2.36
N HIS B 5 -3.53 -14.15 1.49
CA HIS B 5 -4.06 -14.52 0.20
C HIS B 5 -3.17 -14.10 -0.97
N ARG B 6 -2.17 -13.23 -0.72
CA ARG B 6 -1.28 -12.61 -1.71
C ARG B 6 0.10 -12.50 -1.04
N VAL B 8 2.19 -10.50 0.35
CA VAL B 8 2.33 -9.21 1.06
C VAL B 8 3.65 -9.00 1.84
N LEU B 9 4.44 -10.05 1.94
CA LEU B 9 5.69 -10.06 2.67
C LEU B 9 6.57 -11.14 2.06
N ARG B 10 7.86 -11.20 2.42
CA ARG B 10 8.76 -12.23 1.93
C ARG B 10 9.81 -12.57 2.99
N ASP B 11 10.62 -13.60 2.73
CA ASP B 11 11.75 -14.05 3.54
C ASP B 11 12.99 -13.12 3.45
N ASN B 12 12.78 -11.81 3.26
CA ASN B 12 13.84 -10.80 3.20
C ASN B 12 14.18 -10.28 4.58
N ILE B 13 14.09 -11.17 5.56
CA ILE B 13 14.15 -10.85 6.96
C ILE B 13 15.58 -10.87 7.51
N GLN B 14 16.55 -11.14 6.63
CA GLN B 14 17.93 -11.42 6.96
C GLN B 14 18.80 -10.49 6.13
N GLY A 1 10.34 22.22 -3.62
CA GLY A 1 10.07 20.75 -3.64
C GLY A 1 10.67 20.07 -2.40
N HIS A 2 9.82 19.45 -1.58
CA HIS A 2 10.24 18.80 -0.32
C HIS A 2 11.12 17.58 -0.56
N MET A 3 10.95 16.91 -1.69
CA MET A 3 11.69 15.69 -2.09
C MET A 3 11.91 15.75 -3.60
N ASN A 4 12.89 14.96 -4.08
CA ASN A 4 13.18 14.83 -5.52
C ASN A 4 12.02 14.18 -6.25
N SER A 5 11.81 14.56 -7.52
CA SER A 5 10.77 14.06 -8.40
C SER A 5 10.71 12.54 -8.37
N PHE A 6 9.62 11.99 -7.80
CA PHE A 6 9.31 10.56 -7.66
C PHE A 6 10.30 9.82 -6.76
N VAL A 7 11.56 9.76 -7.17
CA VAL A 7 12.60 8.97 -6.56
C VAL A 7 12.78 9.41 -5.10
N GLY A 8 12.40 8.54 -4.16
CA GLY A 8 12.51 8.73 -2.73
C GLY A 8 11.15 8.90 -2.03
N LEU A 9 10.07 9.17 -2.77
CA LEU A 9 8.74 9.39 -2.20
C LEU A 9 8.16 8.06 -1.72
N ARG A 10 7.54 8.09 -0.54
CA ARG A 10 6.74 6.98 -0.05
C ARG A 10 5.38 7.11 -0.72
N VAL A 11 4.92 6.05 -1.35
CA VAL A 11 3.74 6.01 -2.20
C VAL A 11 3.10 4.62 -1.99
N VAL A 12 2.00 4.34 -2.66
CA VAL A 12 1.42 3.00 -2.71
C VAL A 12 1.52 2.58 -4.18
N ALA A 13 1.69 1.31 -4.49
CA ALA A 13 2.00 0.85 -5.84
C ALA A 13 1.41 -0.52 -6.07
N LYS A 14 1.04 -0.87 -7.30
CA LYS A 14 0.46 -2.18 -7.57
C LYS A 14 1.59 -3.16 -7.69
N TRP A 15 1.43 -4.31 -7.08
CA TRP A 15 2.32 -5.43 -7.30
C TRP A 15 1.99 -6.00 -8.68
N SER A 16 2.91 -5.82 -9.64
CA SER A 16 2.74 -6.07 -11.06
C SER A 16 2.33 -7.51 -11.44
N SER A 17 2.47 -8.50 -10.55
CA SER A 17 1.94 -9.85 -10.73
C SER A 17 0.41 -9.88 -10.51
N ASN A 18 -0.29 -8.94 -11.15
CA ASN A 18 -1.72 -8.63 -11.03
C ASN A 18 -2.26 -8.74 -9.60
N GLY A 19 -1.60 -8.05 -8.65
CA GLY A 19 -1.97 -8.08 -7.25
C GLY A 19 -2.57 -6.76 -6.78
N TYR A 20 -2.59 -6.58 -5.46
CA TYR A 20 -3.09 -5.39 -4.79
C TYR A 20 -2.07 -4.26 -4.82
N PHE A 21 -2.42 -3.13 -4.18
CA PHE A 21 -1.55 -1.98 -4.04
C PHE A 21 -0.97 -2.00 -2.63
N TYR A 22 0.36 -1.89 -2.51
CA TYR A 22 1.12 -1.99 -1.26
C TYR A 22 1.99 -0.75 -1.12
N SER A 23 2.32 -0.36 0.11
CA SER A 23 3.18 0.78 0.41
C SER A 23 4.61 0.53 -0.09
N GLY A 24 5.31 1.57 -0.53
CA GLY A 24 6.72 1.46 -0.93
C GLY A 24 7.37 2.80 -1.19
N LYS A 25 8.68 2.79 -1.42
CA LYS A 25 9.50 3.96 -1.76
C LYS A 25 9.88 3.79 -3.21
N ILE A 26 9.74 4.83 -4.03
CA ILE A 26 10.24 4.79 -5.41
C ILE A 26 11.76 4.79 -5.33
N THR A 27 12.41 3.76 -5.84
CA THR A 27 13.86 3.61 -5.74
C THR A 27 14.54 4.34 -6.90
N ARG A 28 13.94 4.28 -8.10
CA ARG A 28 14.52 4.82 -9.34
C ARG A 28 13.46 4.80 -10.45
N ASP A 29 13.40 5.86 -11.25
CA ASP A 29 12.61 5.89 -12.49
C ASP A 29 13.31 4.96 -13.47
N VAL A 30 12.74 3.77 -13.70
CA VAL A 30 13.32 2.74 -14.55
C VAL A 30 13.48 3.31 -15.96
N GLY A 31 12.37 3.82 -16.52
CA GLY A 31 12.30 4.37 -17.86
C GLY A 31 10.92 4.09 -18.42
N ALA A 32 10.55 4.79 -19.49
CA ALA A 32 9.30 4.62 -20.23
C ALA A 32 8.01 4.76 -19.39
N GLY A 33 8.12 5.23 -18.14
CA GLY A 33 7.03 5.41 -17.20
C GLY A 33 7.07 4.36 -16.11
N LYS A 34 7.93 3.35 -16.18
CA LYS A 34 8.14 2.44 -15.07
C LYS A 34 8.99 3.15 -14.03
N TYR A 35 8.65 2.96 -12.76
CA TYR A 35 9.45 3.36 -11.62
C TYR A 35 9.59 2.10 -10.77
N LYS A 36 10.81 1.78 -10.31
CA LYS A 36 11.02 0.65 -9.43
C LYS A 36 10.67 1.06 -8.02
N LEU A 37 10.10 0.12 -7.28
CA LEU A 37 9.46 0.34 -6.00
C LEU A 37 10.03 -0.66 -5.01
N LEU A 38 10.74 -0.14 -4.01
CA LEU A 38 11.16 -0.89 -2.83
C LEU A 38 9.93 -0.82 -1.97
N PHE A 39 9.08 -1.84 -2.07
CA PHE A 39 7.93 -1.97 -1.23
C PHE A 39 8.41 -2.00 0.24
N ASP A 40 7.57 -1.49 1.13
CA ASP A 40 7.85 -1.47 2.57
C ASP A 40 7.88 -2.89 3.13
N ASP A 41 7.20 -3.80 2.41
CA ASP A 41 7.22 -5.24 2.61
C ASP A 41 8.56 -5.89 2.24
N GLY A 42 9.52 -5.12 1.70
CA GLY A 42 10.89 -5.54 1.46
C GLY A 42 11.16 -5.91 0.00
N TYR A 43 10.12 -6.12 -0.81
CA TYR A 43 10.28 -6.49 -2.22
C TYR A 43 10.74 -5.31 -3.07
N GLU A 44 11.31 -5.56 -4.26
CA GLU A 44 11.76 -4.53 -5.20
C GLU A 44 11.48 -5.00 -6.62
N CYS A 45 10.50 -4.38 -7.29
CA CYS A 45 10.15 -4.65 -8.69
C CYS A 45 9.73 -3.33 -9.36
N ASP A 46 9.75 -3.31 -10.70
CA ASP A 46 9.19 -2.23 -11.50
C ASP A 46 7.66 -2.21 -11.39
N VAL A 47 7.11 -1.00 -11.43
CA VAL A 47 5.67 -0.75 -11.51
C VAL A 47 5.51 0.40 -12.50
N LEU A 48 4.49 0.36 -13.35
CA LEU A 48 4.23 1.42 -14.33
C LEU A 48 3.58 2.62 -13.64
N GLY A 49 3.81 3.84 -14.14
CA GLY A 49 3.37 5.09 -13.53
C GLY A 49 1.88 5.12 -13.21
N LYS A 50 1.04 4.59 -14.10
CA LYS A 50 -0.41 4.56 -13.86
C LYS A 50 -0.75 3.82 -12.55
N ASP A 51 0.10 2.87 -12.14
CA ASP A 51 -0.14 1.94 -11.04
C ASP A 51 0.56 2.37 -9.74
N ILE A 52 1.03 3.62 -9.64
CA ILE A 52 1.69 4.14 -8.44
C ILE A 52 0.86 5.35 -8.02
N LEU A 53 0.57 5.44 -6.72
CA LEU A 53 -0.38 6.34 -6.08
C LEU A 53 0.43 7.16 -5.09
N LEU A 54 0.67 8.44 -5.39
CA LEU A 54 1.65 9.25 -4.62
C LEU A 54 1.05 10.34 -3.73
N CYS A 55 -0.28 10.45 -3.72
CA CYS A 55 -1.05 11.35 -2.86
C CYS A 55 -2.03 10.44 -2.09
N ASP A 56 -1.54 9.30 -1.59
CA ASP A 56 -2.40 8.23 -1.07
C ASP A 56 -2.33 7.85 0.41
N PRO A 57 -2.40 8.79 1.37
CA PRO A 57 -2.65 8.40 2.76
C PRO A 57 -4.10 7.88 2.65
N ILE A 58 -4.40 6.66 3.11
CA ILE A 58 -5.70 6.03 2.80
C ILE A 58 -6.84 6.94 3.31
N PRO A 59 -7.75 7.41 2.44
CA PRO A 59 -8.89 8.20 2.89
C PRO A 59 -9.81 7.35 3.74
N LEU A 60 -10.39 7.99 4.75
CA LEU A 60 -11.32 7.37 5.67
C LEU A 60 -12.58 7.00 4.87
N ASP A 61 -13.21 5.89 5.24
CA ASP A 61 -14.33 5.21 4.58
C ASP A 61 -13.90 4.38 3.36
N THR A 62 -12.63 4.43 2.95
CA THR A 62 -12.11 3.52 1.93
C THR A 62 -12.05 2.11 2.52
N GLU A 63 -12.50 1.13 1.74
CA GLU A 63 -12.34 -0.27 2.08
C GLU A 63 -10.90 -0.66 1.75
N VAL A 64 -10.30 -1.49 2.59
CA VAL A 64 -8.92 -1.92 2.48
C VAL A 64 -8.80 -3.32 3.05
N THR A 65 -7.74 -4.01 2.64
CA THR A 65 -7.35 -5.26 3.24
C THR A 65 -6.37 -4.90 4.37
N ALA A 66 -6.34 -5.71 5.41
CA ALA A 66 -5.52 -5.54 6.60
C ALA A 66 -4.81 -6.88 6.85
N LEU A 67 -3.51 -6.84 7.18
CA LEU A 67 -2.71 -8.01 7.50
C LEU A 67 -2.16 -7.85 8.91
N SER A 68 -2.54 -8.75 9.83
CA SER A 68 -1.92 -8.85 11.15
C SER A 68 -0.44 -9.25 11.03
N GLU A 69 0.32 -9.00 12.09
CA GLU A 69 1.74 -9.36 12.16
C GLU A 69 1.90 -10.88 12.06
N ASP A 70 0.90 -11.64 12.54
CA ASP A 70 0.85 -13.10 12.46
C ASP A 70 0.15 -13.55 11.15
N GLU A 71 0.31 -12.75 10.10
CA GLU A 71 -0.15 -12.94 8.72
C GLU A 71 -1.59 -13.44 8.54
N TYR A 72 -2.54 -12.95 9.33
CA TYR A 72 -3.97 -13.19 9.08
C TYR A 72 -4.45 -12.07 8.16
N PHE A 73 -5.13 -12.44 7.07
CA PHE A 73 -5.65 -11.51 6.06
C PHE A 73 -7.14 -11.33 6.32
N SER A 74 -7.60 -10.09 6.28
CA SER A 74 -9.02 -9.73 6.29
C SER A 74 -9.21 -8.43 5.52
N ALA A 75 -10.45 -7.97 5.30
CA ALA A 75 -10.74 -6.65 4.78
C ALA A 75 -11.78 -5.96 5.65
N GLY A 76 -11.77 -4.64 5.63
CA GLY A 76 -12.53 -3.75 6.50
C GLY A 76 -12.38 -2.33 5.97
N VAL A 77 -12.70 -1.31 6.78
CA VAL A 77 -12.74 0.08 6.30
C VAL A 77 -11.97 0.98 7.25
N VAL A 78 -11.20 1.91 6.71
CA VAL A 78 -10.55 2.96 7.50
C VAL A 78 -11.63 3.80 8.16
N LYS A 79 -11.55 4.05 9.47
CA LYS A 79 -12.42 5.03 10.15
C LYS A 79 -11.62 5.95 11.09
N GLY A 80 -10.29 5.97 10.98
CA GLY A 80 -9.45 6.91 11.71
C GLY A 80 -7.98 6.64 11.42
N HIS A 81 -7.12 7.39 12.11
CA HIS A 81 -5.68 7.49 11.88
C HIS A 81 -4.93 7.61 13.20
N ARG A 82 -3.66 7.20 13.21
CA ARG A 82 -2.73 7.37 14.33
C ARG A 82 -1.35 7.53 13.73
N LYS A 83 -0.43 8.10 14.51
CA LYS A 83 1.00 8.15 14.20
C LYS A 83 1.71 7.60 15.42
N GLU A 84 2.58 6.61 15.23
CA GLU A 84 3.27 5.91 16.31
C GLU A 84 4.61 5.43 15.78
N SER A 85 5.67 5.56 16.56
CA SER A 85 7.02 5.08 16.21
C SER A 85 7.50 5.50 14.80
N GLY A 86 7.06 6.67 14.31
CA GLY A 86 7.42 7.16 12.99
C GLY A 86 6.77 6.33 11.87
N GLU A 87 5.57 5.80 12.09
CA GLU A 87 4.82 4.96 11.18
C GLU A 87 3.37 5.45 11.25
N LEU A 88 2.67 5.34 10.14
CA LEU A 88 1.32 5.80 9.95
C LEU A 88 0.39 4.62 10.13
N TYR A 89 -0.64 4.82 10.95
CA TYR A 89 -1.59 3.81 11.35
C TYR A 89 -2.99 4.25 10.95
N TYR A 90 -3.85 3.27 10.76
CA TYR A 90 -5.23 3.43 10.34
C TYR A 90 -6.04 2.53 11.25
N SER A 91 -7.06 3.06 11.89
CA SER A 91 -8.01 2.24 12.63
C SER A 91 -8.97 1.68 11.59
N ILE A 92 -8.78 0.41 11.23
CA ILE A 92 -9.62 -0.30 10.29
C ILE A 92 -10.78 -0.83 11.13
N GLU A 93 -11.98 -0.29 10.97
CA GLU A 93 -13.16 -0.89 11.56
C GLU A 93 -13.40 -2.17 10.77
N LYS A 94 -13.62 -3.27 11.49
CA LYS A 94 -13.96 -4.54 10.92
C LYS A 94 -14.94 -5.19 11.89
N GLU A 95 -15.99 -5.82 11.40
CA GLU A 95 -17.02 -6.48 12.22
C GLU A 95 -17.57 -5.56 13.33
N GLY A 96 -17.65 -4.25 13.04
CA GLY A 96 -18.25 -3.26 13.92
C GLY A 96 -17.36 -2.87 15.10
N GLN A 97 -16.05 -3.15 15.04
CA GLN A 97 -15.09 -2.72 16.07
C GLN A 97 -13.80 -2.24 15.40
N ARG A 98 -13.10 -1.27 16.00
CA ARG A 98 -11.88 -0.70 15.44
C ARG A 98 -10.70 -1.62 15.73
N LYS A 99 -9.77 -1.73 14.77
CA LYS A 99 -8.53 -2.48 14.93
C LYS A 99 -7.43 -1.63 14.29
N TRP A 100 -6.33 -1.38 14.99
CA TRP A 100 -5.24 -0.58 14.44
C TRP A 100 -4.39 -1.45 13.51
N TYR A 101 -4.08 -0.95 12.31
CA TYR A 101 -3.12 -1.53 11.38
C TYR A 101 -2.20 -0.43 10.86
N LYS A 102 -1.03 -0.80 10.34
CA LYS A 102 0.01 0.15 9.92
C LYS A 102 0.06 0.25 8.41
N ARG A 103 0.65 1.30 7.82
CA ARG A 103 0.56 1.56 6.37
C ARG A 103 0.80 0.30 5.55
N MET A 104 1.90 -0.42 5.80
CA MET A 104 2.27 -1.54 4.93
C MET A 104 1.35 -2.74 5.12
N ALA A 105 0.63 -2.79 6.24
CA ALA A 105 -0.36 -3.81 6.54
C ALA A 105 -1.72 -3.43 5.96
N VAL A 106 -1.97 -2.15 5.69
CA VAL A 106 -3.22 -1.66 5.14
C VAL A 106 -3.01 -1.58 3.64
N ILE A 107 -3.33 -2.67 2.96
CA ILE A 107 -3.08 -2.84 1.54
C ILE A 107 -4.41 -2.57 0.83
N LEU A 108 -4.34 -1.95 -0.34
CA LEU A 108 -5.54 -1.53 -1.05
C LEU A 108 -5.84 -2.62 -2.03
N SER A 109 -6.96 -3.31 -1.81
CA SER A 109 -7.47 -4.34 -2.71
C SER A 109 -7.60 -3.69 -4.10
N LEU A 110 -7.38 -4.44 -5.19
CA LEU A 110 -7.24 -3.83 -6.53
C LEU A 110 -8.42 -3.01 -7.00
N GLU A 111 -9.66 -3.36 -6.64
CA GLU A 111 -10.84 -2.58 -6.98
C GLU A 111 -10.83 -1.24 -6.24
N GLN A 112 -10.34 -1.25 -4.99
CA GLN A 112 -10.26 -0.06 -4.15
C GLN A 112 -9.16 0.85 -4.71
N GLY A 113 -7.97 0.29 -4.96
CA GLY A 113 -6.83 1.03 -5.49
C GLY A 113 -7.08 1.60 -6.88
N ASN A 114 -7.91 0.94 -7.70
CA ASN A 114 -8.32 1.47 -9.00
C ASN A 114 -8.94 2.85 -8.85
N ARG A 115 -9.83 3.00 -7.88
CA ARG A 115 -10.52 4.27 -7.60
C ARG A 115 -9.55 5.37 -7.16
N LEU A 116 -8.33 5.02 -6.74
CA LEU A 116 -7.30 6.00 -6.45
C LEU A 116 -6.43 6.28 -7.68
N ARG A 117 -6.25 5.35 -8.63
CA ARG A 117 -5.42 5.60 -9.82
C ARG A 117 -5.88 6.86 -10.56
N GLU A 118 -7.18 7.10 -10.64
CA GLU A 118 -7.74 8.24 -11.36
C GLU A 118 -7.36 9.61 -10.75
N GLN A 119 -6.92 9.68 -9.48
CA GLN A 119 -6.49 10.94 -8.87
C GLN A 119 -4.99 10.92 -8.56
N TYR A 120 -4.50 9.81 -7.97
CA TYR A 120 -3.15 9.70 -7.41
C TYR A 120 -2.16 9.00 -8.34
N GLY A 121 -2.67 8.38 -9.40
CA GLY A 121 -1.86 7.71 -10.41
C GLY A 121 -0.81 8.68 -10.96
N LEU A 122 0.45 8.26 -11.05
CA LEU A 122 1.49 9.10 -11.63
C LEU A 122 1.22 9.33 -13.12
N GLY A 123 0.76 8.27 -13.80
CA GLY A 123 0.61 8.24 -15.24
C GLY A 123 -0.41 9.28 -15.69
N GLY B 1 -9.55 -21.24 8.82
CA GLY B 1 -10.36 -20.04 8.46
C GLY B 1 -9.77 -19.31 7.26
N ALA B 2 -8.83 -18.39 7.50
CA ALA B 2 -8.18 -17.56 6.48
C ALA B 2 -6.72 -17.34 6.88
N LYS B 3 -5.87 -16.92 5.94
CA LYS B 3 -4.47 -16.52 6.18
C LYS B 3 -4.00 -15.68 5.01
N ARG B 4 -2.88 -14.95 5.14
CA ARG B 4 -2.21 -14.16 4.10
C ARG B 4 -2.43 -14.81 2.73
N HIS B 5 -3.24 -14.12 1.93
CA HIS B 5 -3.82 -14.60 0.68
C HIS B 5 -3.02 -14.26 -0.58
N ARG B 6 -2.16 -13.25 -0.49
CA ARG B 6 -1.27 -12.70 -1.51
C ARG B 6 0.06 -12.50 -0.79
N VAL B 8 3.01 -10.38 0.80
CA VAL B 8 3.17 -9.06 1.37
C VAL B 8 4.64 -9.05 1.84
N LEU B 9 4.88 -9.08 3.15
CA LEU B 9 6.16 -9.20 3.84
C LEU B 9 7.15 -10.21 3.23
N ARG B 10 8.44 -10.03 3.54
CA ARG B 10 9.52 -10.81 2.94
C ARG B 10 9.73 -12.18 3.60
N ASP B 11 8.70 -13.02 3.53
CA ASP B 11 8.74 -14.43 3.92
C ASP B 11 8.26 -15.36 2.80
N ASN B 12 7.57 -14.81 1.77
CA ASN B 12 7.10 -15.57 0.60
C ASN B 12 8.14 -15.59 -0.50
N ILE B 13 9.39 -15.63 -0.07
CA ILE B 13 10.55 -15.40 -0.91
C ILE B 13 11.01 -16.68 -1.63
N GLN B 14 10.26 -17.76 -1.48
CA GLN B 14 10.62 -19.10 -1.89
C GLN B 14 9.45 -19.67 -2.68
#